data_2MV9
#
_entry.id   2MV9
#
_entity_poly.entity_id   1
_entity_poly.type   'polypeptide(L)'
_entity_poly.pdbx_seq_one_letter_code
;MGSSHHHHHHSSGLVPRGSHMSNKPSKPKTNMKHVAGAAAAGAVVGGLGGYMLGSVMSRPLIHFGNDYEDRYYRENMYRY
PNQVYYRPVDQYSNQNNFVHDCVNITVKQHTVKGENFTETDIKIMERVVEQMCITQYQRESQAYYQRGAS
;
_entity_poly.pdbx_strand_id   A
#
# COMPACT_ATOMS: atom_id res chain seq x y z
N SER A 12 -49.51 -12.79 32.53
CA SER A 12 -48.37 -12.70 33.43
C SER A 12 -47.18 -13.49 32.86
N GLY A 13 -45.98 -13.17 33.34
CA GLY A 13 -44.79 -13.85 32.88
C GLY A 13 -43.51 -13.17 33.32
N LEU A 14 -42.98 -13.58 34.47
CA LEU A 14 -41.75 -12.99 34.99
C LEU A 14 -40.76 -14.08 35.38
N VAL A 15 -40.76 -15.17 34.62
CA VAL A 15 -39.85 -16.28 34.89
C VAL A 15 -38.41 -15.80 35.00
N PRO A 16 -37.57 -16.58 35.70
CA PRO A 16 -36.16 -16.24 35.91
C PRO A 16 -35.35 -16.37 34.62
N ARG A 17 -34.79 -15.25 34.17
CA ARG A 17 -33.99 -15.23 32.94
C ARG A 17 -32.92 -14.15 33.01
N GLY A 18 -31.77 -14.43 32.40
CA GLY A 18 -30.68 -13.47 32.41
C GLY A 18 -29.37 -14.09 32.85
N SER A 19 -29.09 -15.30 32.36
CA SER A 19 -27.86 -16.00 32.72
C SER A 19 -27.11 -16.45 31.47
N HIS A 20 -26.04 -15.75 31.15
CA HIS A 20 -25.22 -16.09 29.97
C HIS A 20 -23.75 -15.84 30.24
N MET A 21 -22.92 -16.85 29.98
CA MET A 21 -21.49 -16.74 30.18
C MET A 21 -20.74 -17.76 29.35
N SER A 22 -19.59 -17.35 28.79
CA SER A 22 -18.79 -18.24 27.97
C SER A 22 -17.32 -17.81 27.99
N ASN A 23 -16.50 -18.57 28.71
CA ASN A 23 -15.08 -18.28 28.82
C ASN A 23 -14.27 -19.55 29.06
N LYS A 24 -13.23 -19.75 28.26
CA LYS A 24 -12.38 -20.92 28.39
C LYS A 24 -10.98 -20.65 27.85
N PRO A 25 -10.22 -19.80 28.56
CA PRO A 25 -8.86 -19.44 28.18
C PRO A 25 -7.88 -20.61 28.32
N SER A 26 -7.77 -21.41 27.27
CA SER A 26 -6.87 -22.56 27.29
C SER A 26 -5.67 -22.33 26.37
N LYS A 27 -4.89 -21.30 26.69
CA LYS A 27 -3.71 -20.97 25.91
C LYS A 27 -2.57 -20.51 26.80
N PRO A 28 -2.03 -21.45 27.59
CA PRO A 28 -0.92 -21.17 28.51
C PRO A 28 0.39 -20.90 27.77
N LYS A 29 0.76 -19.62 27.68
CA LYS A 29 1.99 -19.22 27.01
C LYS A 29 3.09 -18.92 28.02
N THR A 30 3.94 -19.92 28.27
CA THR A 30 5.03 -19.76 29.21
C THR A 30 6.38 -19.79 28.51
N ASN A 31 6.38 -19.43 27.22
CA ASN A 31 7.61 -19.42 26.43
C ASN A 31 8.23 -18.02 26.42
N MET A 32 9.56 -17.99 26.35
CA MET A 32 10.28 -16.72 26.33
C MET A 32 11.31 -16.71 25.21
N LYS A 33 11.02 -17.42 24.14
CA LYS A 33 11.93 -17.49 22.99
C LYS A 33 11.30 -16.88 21.75
N HIS A 34 11.47 -15.58 21.58
CA HIS A 34 10.91 -14.87 20.44
C HIS A 34 12.01 -14.19 19.62
N VAL A 35 13.06 -14.94 19.31
CA VAL A 35 14.18 -14.41 18.54
C VAL A 35 13.81 -14.27 17.06
N ALA A 36 14.20 -13.15 16.47
CA ALA A 36 13.91 -12.90 15.06
C ALA A 36 15.21 -12.81 14.26
N GLY A 37 16.05 -13.82 14.39
CA GLY A 37 17.32 -13.82 13.66
C GLY A 37 18.23 -12.70 14.07
N ALA A 38 18.81 -12.02 13.09
CA ALA A 38 19.71 -10.90 13.35
C ALA A 38 19.51 -9.79 12.34
N ALA A 39 18.97 -8.66 12.80
CA ALA A 39 18.73 -7.51 11.94
C ALA A 39 18.43 -6.26 12.76
N ALA A 40 19.37 -5.33 12.77
CA ALA A 40 19.20 -4.08 13.52
C ALA A 40 20.21 -3.03 13.06
N ALA A 41 19.70 -1.85 12.71
CA ALA A 41 20.55 -0.76 12.27
C ALA A 41 19.75 0.53 12.13
N GLY A 42 20.22 1.58 12.81
CA GLY A 42 19.54 2.86 12.75
C GLY A 42 18.09 2.77 13.17
N ALA A 43 17.18 2.92 12.20
CA ALA A 43 15.76 2.85 12.48
C ALA A 43 14.95 2.80 11.19
N VAL A 44 14.03 1.84 11.11
CA VAL A 44 13.18 1.69 9.93
C VAL A 44 11.72 1.90 10.26
N VAL A 45 11.14 2.97 9.74
CA VAL A 45 9.74 3.30 9.98
C VAL A 45 8.83 2.17 9.49
N GLY A 46 7.58 2.19 9.94
CA GLY A 46 6.63 1.17 9.52
C GLY A 46 5.47 1.05 10.49
N GLY A 47 4.47 1.92 10.33
CA GLY A 47 3.31 1.89 11.19
C GLY A 47 2.06 2.37 10.50
N LEU A 48 1.33 1.43 9.89
CA LEU A 48 0.10 1.77 9.18
C LEU A 48 -1.12 1.24 9.93
N GLY A 49 -0.99 0.05 10.50
CA GLY A 49 -2.10 -0.54 11.25
C GLY A 49 -2.39 -1.96 10.81
N GLY A 50 -2.87 -2.10 9.56
CA GLY A 50 -3.20 -3.42 9.04
C GLY A 50 -3.95 -3.35 7.73
N TYR A 51 -3.29 -2.86 6.68
CA TYR A 51 -3.90 -2.74 5.38
C TYR A 51 -3.30 -3.74 4.40
N MET A 52 -4.18 -4.40 3.63
CA MET A 52 -3.73 -5.38 2.66
C MET A 52 -2.72 -4.79 1.70
N LEU A 53 -1.70 -5.57 1.35
CA LEU A 53 -0.66 -5.11 0.45
C LEU A 53 -0.64 -5.95 -0.82
N GLY A 54 -0.74 -5.29 -1.97
CA GLY A 54 -0.74 -5.99 -3.24
C GLY A 54 0.48 -6.89 -3.41
N SER A 55 0.24 -8.17 -3.61
CA SER A 55 1.32 -9.13 -3.78
C SER A 55 1.81 -9.16 -5.22
N VAL A 56 0.94 -9.61 -6.13
CA VAL A 56 1.28 -9.68 -7.55
C VAL A 56 0.10 -9.29 -8.43
N MET A 57 0.38 -8.66 -9.56
CA MET A 57 -0.66 -8.24 -10.48
C MET A 57 -0.15 -8.27 -11.92
N SER A 58 -1.09 -8.19 -12.87
CA SER A 58 -0.74 -8.22 -14.29
C SER A 58 -1.56 -7.20 -15.06
N ARG A 59 -2.87 -7.28 -14.95
CA ARG A 59 -3.77 -6.36 -15.64
C ARG A 59 -3.43 -4.92 -15.30
N PRO A 60 -3.89 -3.98 -16.14
CA PRO A 60 -3.65 -2.55 -15.95
C PRO A 60 -4.43 -1.99 -14.77
N LEU A 61 -3.93 -0.90 -14.21
CA LEU A 61 -4.58 -0.26 -13.06
C LEU A 61 -5.18 1.08 -13.45
N ILE A 62 -4.52 1.77 -14.38
CA ILE A 62 -5.00 3.07 -14.85
C ILE A 62 -4.94 3.16 -16.37
N HIS A 63 -5.98 3.72 -16.96
CA HIS A 63 -6.06 3.86 -18.41
C HIS A 63 -6.33 5.32 -18.79
N PHE A 64 -5.28 6.01 -19.26
CA PHE A 64 -5.40 7.41 -19.65
C PHE A 64 -6.07 7.52 -21.03
N GLY A 65 -5.33 7.20 -22.07
CA GLY A 65 -5.87 7.28 -23.42
C GLY A 65 -5.12 8.27 -24.29
N ASN A 66 -4.52 9.27 -23.65
CA ASN A 66 -3.78 10.30 -24.37
C ASN A 66 -2.31 9.92 -24.49
N ASP A 67 -1.67 10.36 -25.56
CA ASP A 67 -0.26 10.07 -25.80
C ASP A 67 0.59 10.49 -24.59
N TYR A 68 0.72 11.79 -24.40
CA TYR A 68 1.51 12.32 -23.29
C TYR A 68 1.12 11.65 -21.98
N GLU A 69 -0.17 11.69 -21.66
CA GLU A 69 -0.67 11.08 -20.43
C GLU A 69 -0.25 9.62 -20.33
N ASP A 70 -0.06 8.99 -21.50
CA ASP A 70 0.35 7.59 -21.54
C ASP A 70 1.85 7.45 -21.33
N ARG A 71 2.63 8.10 -22.18
CA ARG A 71 4.08 8.04 -22.09
C ARG A 71 4.55 8.47 -20.70
N TYR A 72 3.93 9.52 -20.17
CA TYR A 72 4.28 10.04 -18.86
C TYR A 72 4.15 8.95 -17.80
N TYR A 73 3.02 8.26 -17.80
CA TYR A 73 2.78 7.20 -16.84
C TYR A 73 3.88 6.16 -16.87
N ARG A 74 4.11 5.57 -18.05
CA ARG A 74 5.15 4.56 -18.21
C ARG A 74 6.53 5.15 -17.93
N GLU A 75 6.65 6.45 -18.10
CA GLU A 75 7.91 7.14 -17.86
C GLU A 75 8.22 7.22 -16.37
N ASN A 76 7.24 7.67 -15.60
CA ASN A 76 7.40 7.79 -14.16
C ASN A 76 7.06 6.48 -13.44
N MET A 77 6.82 5.44 -14.23
CA MET A 77 6.47 4.13 -13.68
C MET A 77 7.55 3.65 -12.71
N TYR A 78 8.81 3.83 -13.09
CA TYR A 78 9.93 3.41 -12.26
C TYR A 78 10.18 4.42 -11.14
N ARG A 79 9.72 5.65 -11.35
CA ARG A 79 9.89 6.71 -10.36
C ARG A 79 9.16 6.37 -9.07
N TYR A 80 7.91 5.91 -9.20
CA TYR A 80 7.10 5.56 -8.05
C TYR A 80 6.79 4.06 -8.04
N PRO A 81 6.46 3.53 -6.85
CA PRO A 81 6.13 2.11 -6.68
C PRO A 81 4.80 1.75 -7.32
N ASN A 82 4.43 0.47 -7.24
CA ASN A 82 3.18 -0.01 -7.81
C ASN A 82 2.24 -0.52 -6.73
N GLN A 83 2.82 -0.90 -5.59
CA GLN A 83 2.03 -1.41 -4.47
C GLN A 83 1.12 -0.33 -3.91
N VAL A 84 0.08 -0.74 -3.19
CA VAL A 84 -0.87 0.19 -2.60
C VAL A 84 -1.56 -0.42 -1.38
N TYR A 85 -1.84 0.42 -0.39
CA TYR A 85 -2.49 -0.05 0.83
C TYR A 85 -4.00 0.05 0.70
N TYR A 86 -4.69 -1.07 0.89
CA TYR A 86 -6.14 -1.12 0.80
C TYR A 86 -6.73 -2.12 1.79
N ARG A 87 -7.93 -1.83 2.27
CA ARG A 87 -8.61 -2.71 3.22
C ARG A 87 -9.62 -3.60 2.52
N PRO A 88 -10.01 -4.70 3.18
CA PRO A 88 -10.97 -5.66 2.65
C PRO A 88 -12.38 -5.09 2.58
N VAL A 89 -13.05 -5.29 1.45
CA VAL A 89 -14.41 -4.79 1.27
C VAL A 89 -15.34 -5.34 2.34
N ASP A 90 -16.60 -4.94 2.28
CA ASP A 90 -17.60 -5.39 3.24
C ASP A 90 -19.02 -5.20 2.69
N GLN A 91 -19.99 -5.81 3.37
CA GLN A 91 -21.38 -5.71 2.95
C GLN A 91 -22.06 -4.49 3.56
N TYR A 92 -21.54 -4.05 4.70
CA TYR A 92 -22.09 -2.89 5.39
C TYR A 92 -22.00 -1.64 4.52
N SER A 93 -20.87 -1.48 3.84
CA SER A 93 -20.67 -0.33 2.97
C SER A 93 -20.11 -0.76 1.62
N ASN A 94 -19.92 0.20 0.73
CA ASN A 94 -19.39 -0.08 -0.61
C ASN A 94 -17.87 -0.03 -0.61
N GLN A 95 -17.28 -0.13 -1.79
CA GLN A 95 -15.83 -0.10 -1.93
C GLN A 95 -15.25 1.16 -1.31
N ASN A 96 -16.01 2.25 -1.36
CA ASN A 96 -15.56 3.52 -0.79
C ASN A 96 -15.09 3.34 0.64
N ASN A 97 -15.66 2.35 1.34
CA ASN A 97 -15.29 2.07 2.71
C ASN A 97 -13.77 1.95 2.87
N PHE A 98 -13.14 1.29 1.90
CA PHE A 98 -11.70 1.11 1.92
C PHE A 98 -11.02 2.01 0.89
N VAL A 99 -11.70 2.24 -0.23
CA VAL A 99 -11.17 3.08 -1.29
C VAL A 99 -10.96 4.51 -0.80
N HIS A 100 -11.82 4.96 0.10
CA HIS A 100 -11.73 6.31 0.65
C HIS A 100 -10.37 6.53 1.30
N ASP A 101 -10.01 5.66 2.23
CA ASP A 101 -8.73 5.78 2.93
C ASP A 101 -7.59 5.23 2.06
N CYS A 102 -7.94 4.41 1.08
CA CYS A 102 -6.95 3.83 0.19
C CYS A 102 -6.11 4.91 -0.48
N VAL A 103 -6.79 5.93 -1.01
CA VAL A 103 -6.11 7.03 -1.67
C VAL A 103 -5.31 7.87 -0.68
N ASN A 104 -5.96 8.26 0.41
CA ASN A 104 -5.32 9.07 1.44
C ASN A 104 -4.02 8.42 1.90
N ILE A 105 -4.11 7.18 2.37
CA ILE A 105 -2.94 6.44 2.84
C ILE A 105 -1.83 6.45 1.78
N THR A 106 -2.20 6.12 0.55
CA THR A 106 -1.25 6.08 -0.55
C THR A 106 -0.58 7.43 -0.74
N VAL A 107 -1.37 8.50 -0.63
CA VAL A 107 -0.84 9.85 -0.79
C VAL A 107 0.20 10.17 0.28
N LYS A 108 0.01 9.59 1.46
CA LYS A 108 0.93 9.82 2.57
C LYS A 108 2.31 9.24 2.26
N GLN A 109 2.34 8.03 1.73
CA GLN A 109 3.59 7.37 1.39
C GLN A 109 4.12 7.87 0.05
N HIS A 110 3.22 8.40 -0.77
CA HIS A 110 3.60 8.92 -2.09
C HIS A 110 4.21 10.30 -1.97
N THR A 111 3.58 11.16 -1.17
CA THR A 111 4.07 12.52 -0.98
C THR A 111 5.10 12.57 0.16
N VAL A 112 5.47 11.41 0.67
CA VAL A 112 6.44 11.32 1.76
C VAL A 112 7.72 12.08 1.40
N LYS A 113 8.39 12.60 2.42
CA LYS A 113 9.62 13.35 2.22
C LYS A 113 10.65 12.50 1.46
N GLY A 114 10.53 11.19 1.57
CA GLY A 114 11.44 10.29 0.88
C GLY A 114 11.55 10.60 -0.59
N GLU A 115 10.44 11.03 -1.19
CA GLU A 115 10.43 11.35 -2.61
C GLU A 115 9.42 12.46 -2.91
N ASN A 116 9.80 13.37 -3.80
CA ASN A 116 8.93 14.49 -4.16
C ASN A 116 8.77 14.58 -5.68
N PHE A 117 7.63 15.08 -6.12
CA PHE A 117 7.35 15.23 -7.55
C PHE A 117 6.87 16.63 -7.87
N THR A 118 6.95 17.01 -9.14
CA THR A 118 6.53 18.33 -9.58
C THR A 118 5.01 18.47 -9.52
N GLU A 119 4.53 19.71 -9.50
CA GLU A 119 3.10 19.97 -9.44
C GLU A 119 2.37 19.25 -10.57
N THR A 120 3.05 19.10 -11.70
CA THR A 120 2.46 18.43 -12.86
C THR A 120 2.36 16.93 -12.64
N ASP A 121 3.37 16.36 -11.99
CA ASP A 121 3.39 14.93 -11.71
C ASP A 121 2.27 14.54 -10.76
N ILE A 122 2.01 15.40 -9.77
CA ILE A 122 0.96 15.15 -8.79
C ILE A 122 -0.38 14.92 -9.47
N LYS A 123 -0.57 15.52 -10.64
CA LYS A 123 -1.80 15.37 -11.39
C LYS A 123 -2.03 13.92 -11.77
N ILE A 124 -1.05 13.32 -12.45
CA ILE A 124 -1.14 11.93 -12.87
C ILE A 124 -0.99 10.98 -11.69
N MET A 125 -0.06 11.31 -10.80
CA MET A 125 0.20 10.50 -9.62
C MET A 125 -1.11 10.23 -8.85
N GLU A 126 -1.97 11.23 -8.81
CA GLU A 126 -3.25 11.10 -8.11
C GLU A 126 -4.19 10.17 -8.87
N ARG A 127 -4.06 10.15 -10.19
CA ARG A 127 -4.90 9.31 -11.03
C ARG A 127 -4.53 7.83 -10.86
N VAL A 128 -3.27 7.51 -11.09
CA VAL A 128 -2.79 6.14 -10.95
C VAL A 128 -3.16 5.56 -9.60
N VAL A 129 -3.07 6.39 -8.55
CA VAL A 129 -3.39 5.96 -7.21
C VAL A 129 -4.90 5.76 -7.04
N GLU A 130 -5.68 6.76 -7.44
CA GLU A 130 -7.12 6.70 -7.33
C GLU A 130 -7.67 5.48 -8.07
N GLN A 131 -7.32 5.37 -9.34
CA GLN A 131 -7.78 4.25 -10.17
C GLN A 131 -7.29 2.92 -9.59
N MET A 132 -6.14 2.95 -8.94
CA MET A 132 -5.57 1.75 -8.34
C MET A 132 -6.41 1.28 -7.16
N CYS A 133 -7.13 2.20 -6.54
CA CYS A 133 -7.98 1.88 -5.40
C CYS A 133 -9.25 1.17 -5.85
N ILE A 134 -9.92 1.75 -6.84
CA ILE A 134 -11.16 1.17 -7.36
C ILE A 134 -10.88 -0.13 -8.09
N THR A 135 -9.87 -0.13 -8.96
CA THR A 135 -9.51 -1.31 -9.73
C THR A 135 -9.26 -2.50 -8.80
N GLN A 136 -8.88 -2.21 -7.56
CA GLN A 136 -8.60 -3.26 -6.58
C GLN A 136 -9.90 -3.88 -6.07
N TYR A 137 -10.97 -3.09 -6.06
CA TYR A 137 -12.27 -3.56 -5.60
C TYR A 137 -12.68 -4.82 -6.34
N GLN A 138 -12.36 -4.89 -7.63
CA GLN A 138 -12.70 -6.04 -8.45
C GLN A 138 -12.12 -7.32 -7.86
N ARG A 139 -10.87 -7.25 -7.41
CA ARG A 139 -10.21 -8.40 -6.83
C ARG A 139 -10.74 -8.70 -5.43
N GLU A 140 -10.83 -7.66 -4.60
CA GLU A 140 -11.33 -7.80 -3.24
C GLU A 140 -12.67 -8.51 -3.23
N SER A 141 -13.54 -8.16 -4.18
CA SER A 141 -14.86 -8.76 -4.28
C SER A 141 -14.77 -10.23 -4.70
N GLN A 142 -13.85 -10.51 -5.62
CA GLN A 142 -13.65 -11.87 -6.11
C GLN A 142 -13.37 -12.83 -4.96
N ALA A 143 -12.50 -12.40 -4.04
CA ALA A 143 -12.15 -13.22 -2.89
C ALA A 143 -13.17 -13.08 -1.77
N TYR A 144 -13.76 -11.89 -1.68
CA TYR A 144 -14.77 -11.62 -0.64
C TYR A 144 -16.01 -12.47 -0.86
N TYR A 145 -16.43 -12.59 -2.11
CA TYR A 145 -17.62 -13.37 -2.44
C TYR A 145 -17.42 -14.84 -2.06
N GLN A 146 -16.25 -15.39 -2.39
CA GLN A 146 -15.94 -16.78 -2.08
C GLN A 146 -16.19 -17.07 -0.61
N ARG A 147 -17.11 -18.00 -0.34
CA ARG A 147 -17.44 -18.36 1.03
C ARG A 147 -17.03 -19.81 1.31
N GLY A 148 -16.07 -19.98 2.21
CA GLY A 148 -15.60 -21.31 2.56
C GLY A 148 -14.10 -21.37 2.73
N ALA A 149 -13.65 -21.40 3.98
CA ALA A 149 -12.22 -21.46 4.28
C ALA A 149 -11.79 -22.88 4.64
N SER A 150 -11.44 -23.66 3.62
CA SER A 150 -11.01 -25.04 3.83
C SER A 150 -9.56 -25.10 4.32
N SER A 12 64.34 81.62 5.51
CA SER A 12 63.13 81.20 6.19
C SER A 12 63.20 79.74 6.60
N GLY A 13 62.44 79.37 7.62
CA GLY A 13 62.44 77.99 8.08
C GLY A 13 63.11 77.83 9.44
N LEU A 14 62.52 77.00 10.29
CA LEU A 14 63.05 76.77 11.62
C LEU A 14 63.80 75.45 11.68
N VAL A 15 65.00 75.47 12.26
CA VAL A 15 65.82 74.28 12.39
C VAL A 15 66.04 73.92 13.85
N PRO A 16 64.97 73.46 14.52
CA PRO A 16 65.03 73.07 15.93
C PRO A 16 65.83 71.79 16.16
N ARG A 17 66.30 71.59 17.38
CA ARG A 17 67.07 70.41 17.72
C ARG A 17 66.23 69.39 18.47
N GLY A 18 66.16 68.18 17.94
CA GLY A 18 65.37 67.14 18.58
C GLY A 18 65.68 65.76 18.03
N SER A 19 66.44 64.98 18.79
CA SER A 19 66.82 63.63 18.36
C SER A 19 67.10 62.74 19.57
N HIS A 20 66.65 61.49 19.50
CA HIS A 20 66.85 60.54 20.58
C HIS A 20 66.67 59.10 20.09
N MET A 21 67.17 58.15 20.86
CA MET A 21 67.07 56.74 20.50
C MET A 21 66.25 55.97 21.53
N SER A 22 65.26 55.24 21.06
CA SER A 22 64.40 54.45 21.93
C SER A 22 63.62 53.39 21.15
N ASN A 23 63.82 52.13 21.53
CA ASN A 23 63.15 51.03 20.85
C ASN A 23 62.50 50.08 21.87
N LYS A 24 61.36 49.53 21.52
CA LYS A 24 60.64 48.61 22.39
C LYS A 24 59.67 47.74 21.60
N PRO A 25 60.22 46.81 20.82
CA PRO A 25 59.43 45.88 20.00
C PRO A 25 58.66 44.87 20.84
N SER A 26 57.44 45.23 21.22
CA SER A 26 56.61 44.36 22.03
C SER A 26 55.66 43.54 21.15
N LYS A 27 55.37 42.32 21.57
CA LYS A 27 54.48 41.44 20.83
C LYS A 27 53.44 40.81 21.75
N PRO A 28 52.51 41.64 22.26
CA PRO A 28 51.45 41.18 23.16
C PRO A 28 50.42 40.32 22.44
N LYS A 29 50.08 39.18 23.05
CA LYS A 29 49.11 38.27 22.48
C LYS A 29 47.69 38.66 22.88
N THR A 30 46.82 38.80 21.89
CA THR A 30 45.43 39.17 22.14
C THR A 30 44.47 38.30 21.33
N ASN A 31 44.23 37.08 21.81
CA ASN A 31 43.34 36.16 21.12
C ASN A 31 42.48 35.40 22.12
N MET A 32 41.20 35.23 21.78
CA MET A 32 40.27 34.52 22.65
C MET A 32 39.75 33.25 21.98
N LYS A 33 38.93 32.50 22.69
CA LYS A 33 38.37 31.27 22.17
C LYS A 33 37.30 30.71 23.10
N HIS A 34 36.13 30.41 22.54
CA HIS A 34 35.02 29.87 23.32
C HIS A 34 34.56 28.54 22.75
N VAL A 35 34.33 27.57 23.63
CA VAL A 35 33.88 26.25 23.22
C VAL A 35 32.47 26.30 22.64
N ALA A 36 32.24 25.51 21.60
CA ALA A 36 30.93 25.46 20.95
C ALA A 36 30.08 24.32 21.49
N GLY A 37 28.80 24.32 21.12
CA GLY A 37 27.91 23.28 21.59
C GLY A 37 26.90 22.85 20.53
N ALA A 38 26.71 21.56 20.39
CA ALA A 38 25.78 21.02 19.41
C ALA A 38 24.93 19.89 20.01
N ALA A 39 23.72 19.73 19.48
CA ALA A 39 22.82 18.69 19.95
C ALA A 39 22.47 17.71 18.84
N ALA A 40 21.65 16.71 19.17
CA ALA A 40 21.24 15.71 18.19
C ALA A 40 19.72 15.55 18.17
N ALA A 41 19.22 14.83 17.17
CA ALA A 41 17.79 14.61 17.04
C ALA A 41 17.49 13.15 16.76
N GLY A 42 16.21 12.81 16.71
CA GLY A 42 15.81 11.43 16.45
C GLY A 42 14.55 11.34 15.61
N ALA A 43 13.84 10.22 15.73
CA ALA A 43 12.60 10.02 14.98
C ALA A 43 11.80 8.85 15.54
N VAL A 44 10.48 8.92 15.41
CA VAL A 44 9.61 7.87 15.91
C VAL A 44 8.86 7.19 14.75
N VAL A 45 9.02 5.88 14.64
CA VAL A 45 8.36 5.12 13.59
C VAL A 45 7.37 4.11 14.17
N GLY A 46 6.17 4.09 13.61
CA GLY A 46 5.15 3.16 14.09
C GLY A 46 4.86 2.05 13.10
N GLY A 47 4.85 2.39 11.82
CA GLY A 47 4.58 1.40 10.80
C GLY A 47 3.24 1.61 10.13
N LEU A 48 2.91 0.74 9.17
CA LEU A 48 1.65 0.84 8.45
C LEU A 48 0.48 0.51 9.36
N GLY A 49 0.47 -0.70 9.91
CA GLY A 49 -0.60 -1.11 10.80
C GLY A 49 -1.15 -2.48 10.45
N GLY A 50 -1.09 -2.83 9.17
CA GLY A 50 -1.60 -4.12 8.73
C GLY A 50 -2.54 -4.00 7.55
N TYR A 51 -2.01 -3.52 6.42
CA TYR A 51 -2.81 -3.36 5.22
C TYR A 51 -2.61 -4.53 4.26
N MET A 52 -3.65 -4.87 3.52
CA MET A 52 -3.59 -5.97 2.57
C MET A 52 -3.28 -5.46 1.16
N LEU A 53 -2.01 -5.16 0.92
CA LEU A 53 -1.57 -4.66 -0.38
C LEU A 53 -1.75 -5.73 -1.46
N GLY A 54 -1.59 -5.33 -2.71
CA GLY A 54 -1.73 -6.26 -3.81
C GLY A 54 -0.48 -7.07 -4.06
N SER A 55 -0.57 -8.37 -3.84
CA SER A 55 0.57 -9.26 -4.03
C SER A 55 0.95 -9.36 -5.52
N VAL A 56 0.14 -10.09 -6.27
CA VAL A 56 0.38 -10.26 -7.70
C VAL A 56 -0.79 -9.73 -8.53
N MET A 57 -0.47 -9.02 -9.59
CA MET A 57 -1.50 -8.46 -10.47
C MET A 57 -0.98 -8.31 -11.89
N SER A 58 -1.48 -9.13 -12.80
CA SER A 58 -1.06 -9.09 -14.19
C SER A 58 -1.86 -8.04 -14.97
N ARG A 59 -3.12 -7.86 -14.58
CA ARG A 59 -3.98 -6.89 -15.24
C ARG A 59 -3.56 -5.47 -14.89
N PRO A 60 -4.00 -4.50 -15.71
CA PRO A 60 -3.67 -3.08 -15.52
C PRO A 60 -4.38 -2.49 -14.30
N LEU A 61 -3.91 -1.34 -13.84
CA LEU A 61 -4.50 -0.68 -12.69
C LEU A 61 -5.19 0.63 -13.09
N ILE A 62 -4.60 1.31 -14.07
CA ILE A 62 -5.16 2.57 -14.56
C ILE A 62 -5.24 2.58 -16.08
N HIS A 63 -6.35 3.07 -16.61
CA HIS A 63 -6.55 3.15 -18.05
C HIS A 63 -6.41 4.58 -18.55
N PHE A 64 -5.28 4.87 -19.19
CA PHE A 64 -5.02 6.20 -19.72
C PHE A 64 -5.60 6.36 -21.12
N GLY A 65 -5.00 5.66 -22.09
CA GLY A 65 -5.48 5.74 -23.45
C GLY A 65 -4.74 6.79 -24.26
N ASN A 66 -4.27 7.84 -23.59
CA ASN A 66 -3.55 8.91 -24.26
C ASN A 66 -2.10 8.51 -24.52
N ASP A 67 -1.36 9.39 -25.20
CA ASP A 67 0.04 9.13 -25.51
C ASP A 67 0.96 9.81 -24.50
N TYR A 68 0.69 11.09 -24.23
CA TYR A 68 1.49 11.85 -23.29
C TYR A 68 1.28 11.35 -21.86
N GLU A 69 0.02 11.25 -21.46
CA GLU A 69 -0.31 10.79 -20.12
C GLU A 69 0.21 9.38 -19.88
N ASP A 70 -0.01 8.50 -20.86
CA ASP A 70 0.44 7.12 -20.75
C ASP A 70 1.97 7.05 -20.71
N ARG A 71 2.60 7.63 -21.72
CA ARG A 71 4.07 7.63 -21.80
C ARG A 71 4.68 8.25 -20.55
N TYR A 72 4.07 9.33 -20.07
CA TYR A 72 4.57 10.01 -18.87
C TYR A 72 4.55 9.08 -17.67
N TYR A 73 3.43 8.38 -17.48
CA TYR A 73 3.28 7.46 -16.36
C TYR A 73 4.40 6.42 -16.37
N ARG A 74 4.51 5.69 -17.48
CA ARG A 74 5.53 4.66 -17.61
C ARG A 74 6.92 5.27 -17.56
N GLU A 75 7.04 6.52 -17.95
CA GLU A 75 8.32 7.23 -17.95
C GLU A 75 8.83 7.41 -16.53
N ASN A 76 7.99 7.97 -15.67
CA ASN A 76 8.35 8.21 -14.28
C ASN A 76 7.95 7.02 -13.40
N MET A 77 7.50 5.95 -14.04
CA MET A 77 7.09 4.75 -13.31
C MET A 77 8.21 4.25 -12.41
N TYR A 78 9.45 4.53 -12.80
CA TYR A 78 10.61 4.11 -12.01
C TYR A 78 10.89 5.09 -10.88
N ARG A 79 10.47 6.33 -11.07
CA ARG A 79 10.68 7.37 -10.07
C ARG A 79 9.86 7.08 -8.80
N TYR A 80 8.61 6.66 -9.01
CA TYR A 80 7.72 6.36 -7.88
C TYR A 80 7.36 4.88 -7.87
N PRO A 81 6.95 4.38 -6.70
CA PRO A 81 6.57 2.98 -6.52
C PRO A 81 5.26 2.64 -7.24
N ASN A 82 4.95 1.35 -7.33
CA ASN A 82 3.73 0.90 -7.98
C ASN A 82 2.80 0.21 -6.99
N GLN A 83 3.37 -0.27 -5.88
CA GLN A 83 2.60 -0.95 -4.86
C GLN A 83 1.59 0.00 -4.20
N VAL A 84 0.52 -0.56 -3.65
CA VAL A 84 -0.51 0.23 -3.00
C VAL A 84 -1.10 -0.51 -1.81
N TYR A 85 -1.44 0.24 -0.76
CA TYR A 85 -2.02 -0.35 0.44
C TYR A 85 -3.54 -0.19 0.44
N TYR A 86 -4.23 -1.20 0.97
CA TYR A 86 -5.69 -1.17 1.04
C TYR A 86 -6.21 -2.36 1.85
N ARG A 87 -7.48 -2.29 2.22
CA ARG A 87 -8.11 -3.35 3.00
C ARG A 87 -9.21 -4.04 2.20
N PRO A 88 -9.53 -5.28 2.60
CA PRO A 88 -10.56 -6.08 1.92
C PRO A 88 -11.96 -5.52 2.16
N VAL A 89 -12.76 -5.46 1.10
CA VAL A 89 -14.12 -4.97 1.18
C VAL A 89 -14.89 -5.66 2.29
N ASP A 90 -15.07 -4.96 3.41
CA ASP A 90 -15.80 -5.51 4.54
C ASP A 90 -16.70 -4.46 5.18
N GLN A 91 -17.78 -4.13 4.49
CA GLN A 91 -18.72 -3.13 4.98
C GLN A 91 -19.93 -3.01 4.05
N TYR A 92 -21.11 -2.90 4.64
CA TYR A 92 -22.34 -2.78 3.86
C TYR A 92 -22.24 -1.65 2.85
N SER A 93 -21.44 -0.63 3.17
CA SER A 93 -21.26 0.51 2.29
C SER A 93 -20.67 0.07 0.95
N ASN A 94 -20.31 1.05 0.13
CA ASN A 94 -19.73 0.77 -1.19
C ASN A 94 -18.21 0.72 -1.12
N GLN A 95 -17.58 0.53 -2.28
CA GLN A 95 -16.12 0.47 -2.34
C GLN A 95 -15.50 1.70 -1.72
N ASN A 96 -16.18 2.84 -1.83
CA ASN A 96 -15.69 4.10 -1.27
C ASN A 96 -15.30 3.92 0.19
N ASN A 97 -15.98 2.99 0.88
CA ASN A 97 -15.70 2.74 2.28
C ASN A 97 -14.20 2.50 2.50
N PHE A 98 -13.63 1.59 1.74
CA PHE A 98 -12.21 1.28 1.85
C PHE A 98 -11.38 2.12 0.90
N VAL A 99 -11.94 2.38 -0.29
CA VAL A 99 -11.25 3.18 -1.30
C VAL A 99 -10.90 4.56 -0.75
N HIS A 100 -11.81 5.14 0.01
CA HIS A 100 -11.59 6.46 0.59
C HIS A 100 -10.28 6.50 1.36
N ASP A 101 -10.03 5.47 2.15
CA ASP A 101 -8.81 5.39 2.94
C ASP A 101 -7.66 4.83 2.11
N CYS A 102 -8.00 4.06 1.07
CA CYS A 102 -7.00 3.46 0.20
C CYS A 102 -6.10 4.53 -0.40
N VAL A 103 -6.71 5.59 -0.93
CA VAL A 103 -5.97 6.67 -1.54
C VAL A 103 -5.14 7.43 -0.51
N ASN A 104 -5.74 7.67 0.65
CA ASN A 104 -5.07 8.39 1.73
C ASN A 104 -3.74 7.71 2.07
N ILE A 105 -3.79 6.44 2.45
CA ILE A 105 -2.60 5.69 2.80
C ILE A 105 -1.55 5.78 1.69
N THR A 106 -2.01 5.72 0.45
CA THR A 106 -1.11 5.79 -0.70
C THR A 106 -0.46 7.17 -0.80
N VAL A 107 -1.27 8.21 -0.66
CA VAL A 107 -0.78 9.59 -0.72
C VAL A 107 0.33 9.83 0.30
N LYS A 108 0.14 9.27 1.49
CA LYS A 108 1.12 9.43 2.56
C LYS A 108 2.40 8.66 2.25
N GLN A 109 2.25 7.38 1.89
CA GLN A 109 3.39 6.54 1.57
C GLN A 109 4.06 7.01 0.27
N HIS A 110 3.36 7.88 -0.46
CA HIS A 110 3.89 8.40 -1.72
C HIS A 110 4.94 9.46 -1.47
N THR A 111 4.62 10.43 -0.62
CA THR A 111 5.53 11.51 -0.30
C THR A 111 6.23 11.26 1.04
N VAL A 112 6.01 10.08 1.61
CA VAL A 112 6.61 9.72 2.88
C VAL A 112 8.11 9.95 2.87
N LYS A 113 8.74 9.69 1.72
CA LYS A 113 10.17 9.86 1.57
C LYS A 113 10.49 11.23 0.98
N GLY A 114 9.68 12.22 1.34
CA GLY A 114 9.89 13.57 0.84
C GLY A 114 9.70 13.67 -0.66
N GLU A 115 9.07 12.65 -1.24
CA GLU A 115 8.82 12.63 -2.68
C GLU A 115 7.86 13.75 -3.09
N ASN A 116 8.43 14.90 -3.44
CA ASN A 116 7.63 16.06 -3.84
C ASN A 116 7.53 16.14 -5.37
N PHE A 117 6.36 16.51 -5.86
CA PHE A 117 6.14 16.63 -7.30
C PHE A 117 5.29 17.86 -7.61
N THR A 118 5.54 18.46 -8.77
CA THR A 118 4.82 19.65 -9.19
C THR A 118 3.32 19.37 -9.26
N GLU A 119 2.51 20.42 -9.15
CA GLU A 119 1.06 20.29 -9.20
C GLU A 119 0.63 19.56 -10.47
N THR A 120 1.42 19.70 -11.53
CA THR A 120 1.12 19.05 -12.79
C THR A 120 1.38 17.55 -12.72
N ASP A 121 2.46 17.17 -12.07
CA ASP A 121 2.83 15.77 -11.92
C ASP A 121 1.82 15.04 -11.03
N ILE A 122 1.42 15.70 -9.95
CA ILE A 122 0.46 15.10 -9.02
C ILE A 122 -0.82 14.69 -9.72
N LYS A 123 -1.14 15.38 -10.82
CA LYS A 123 -2.34 15.08 -11.59
C LYS A 123 -2.38 13.59 -11.95
N ILE A 124 -1.32 13.11 -12.60
CA ILE A 124 -1.24 11.72 -13.01
C ILE A 124 -1.00 10.81 -11.80
N MET A 125 -0.19 11.29 -10.86
CA MET A 125 0.12 10.53 -9.66
C MET A 125 -1.15 10.12 -8.92
N GLU A 126 -2.07 11.07 -8.77
CA GLU A 126 -3.34 10.81 -8.09
C GLU A 126 -4.22 9.87 -8.92
N ARG A 127 -4.09 9.95 -10.24
CA ARG A 127 -4.88 9.12 -11.14
C ARG A 127 -4.55 7.64 -10.94
N VAL A 128 -3.27 7.29 -11.09
CA VAL A 128 -2.83 5.92 -10.92
C VAL A 128 -3.17 5.40 -9.53
N VAL A 129 -3.02 6.26 -8.52
CA VAL A 129 -3.31 5.90 -7.15
C VAL A 129 -4.81 5.65 -6.95
N GLU A 130 -5.61 6.67 -7.24
CA GLU A 130 -7.05 6.55 -7.09
C GLU A 130 -7.60 5.40 -7.92
N GLN A 131 -7.26 5.38 -9.20
CA GLN A 131 -7.71 4.33 -10.10
C GLN A 131 -7.30 2.96 -9.59
N MET A 132 -6.16 2.91 -8.91
CA MET A 132 -5.65 1.65 -8.36
C MET A 132 -6.51 1.18 -7.20
N CYS A 133 -7.18 2.12 -6.53
CA CYS A 133 -8.03 1.80 -5.40
C CYS A 133 -9.35 1.17 -5.86
N ILE A 134 -9.99 1.82 -6.83
CA ILE A 134 -11.26 1.32 -7.36
C ILE A 134 -11.06 0.01 -8.12
N THR A 135 -10.05 -0.01 -8.99
CA THR A 135 -9.75 -1.21 -9.77
C THR A 135 -9.55 -2.41 -8.88
N GLN A 136 -9.16 -2.17 -7.63
CA GLN A 136 -8.93 -3.23 -6.67
C GLN A 136 -10.25 -3.79 -6.13
N TYR A 137 -11.28 -2.96 -6.14
CA TYR A 137 -12.59 -3.36 -5.65
C TYR A 137 -13.07 -4.62 -6.36
N GLN A 138 -12.84 -4.69 -7.67
CA GLN A 138 -13.24 -5.84 -8.46
C GLN A 138 -12.66 -7.13 -7.89
N ARG A 139 -11.39 -7.07 -7.48
CA ARG A 139 -10.73 -8.24 -6.92
C ARG A 139 -11.21 -8.50 -5.49
N GLU A 140 -11.20 -7.47 -4.66
CA GLU A 140 -11.63 -7.59 -3.28
C GLU A 140 -13.02 -8.22 -3.20
N SER A 141 -13.91 -7.78 -4.07
CA SER A 141 -15.28 -8.29 -4.09
C SER A 141 -15.29 -9.77 -4.47
N GLN A 142 -14.47 -10.14 -5.46
CA GLN A 142 -14.38 -11.52 -5.91
C GLN A 142 -14.06 -12.45 -4.75
N ALA A 143 -12.97 -12.16 -4.05
CA ALA A 143 -12.56 -12.99 -2.92
C ALA A 143 -13.54 -12.84 -1.75
N TYR A 144 -13.89 -11.60 -1.43
CA TYR A 144 -14.82 -11.33 -0.34
C TYR A 144 -16.10 -12.13 -0.50
N TYR A 145 -16.67 -12.09 -1.70
CA TYR A 145 -17.90 -12.81 -1.99
C TYR A 145 -17.79 -14.27 -1.57
N GLN A 146 -16.78 -14.96 -2.08
CA GLN A 146 -16.56 -16.36 -1.77
C GLN A 146 -15.07 -16.71 -1.77
N ARG A 147 -14.68 -17.59 -0.88
CA ARG A 147 -13.27 -18.00 -0.78
C ARG A 147 -12.88 -18.88 -1.96
N GLY A 148 -12.58 -18.24 -3.09
CA GLY A 148 -12.19 -18.96 -4.28
C GLY A 148 -11.13 -18.24 -5.09
N ALA A 149 -10.36 -18.99 -5.85
CA ALA A 149 -9.30 -18.42 -6.67
C ALA A 149 -9.66 -18.46 -8.16
N SER A 150 -9.24 -17.45 -8.90
CA SER A 150 -9.53 -17.37 -10.33
C SER A 150 -8.25 -17.13 -11.13
N SER A 12 -65.84 -31.44 48.64
CA SER A 12 -64.68 -32.29 48.45
C SER A 12 -63.47 -31.46 48.00
N GLY A 13 -62.27 -31.97 48.27
CA GLY A 13 -61.06 -31.28 47.89
C GLY A 13 -60.52 -30.41 49.00
N LEU A 14 -59.25 -30.59 49.33
CA LEU A 14 -58.61 -29.82 50.39
C LEU A 14 -57.61 -28.82 49.81
N VAL A 15 -57.37 -27.74 50.54
CA VAL A 15 -56.43 -26.71 50.11
C VAL A 15 -55.22 -26.65 51.03
N PRO A 16 -54.34 -27.65 50.90
CA PRO A 16 -53.11 -27.74 51.71
C PRO A 16 -52.10 -26.66 51.33
N ARG A 17 -51.66 -25.89 52.33
CA ARG A 17 -50.69 -24.82 52.10
C ARG A 17 -49.38 -25.39 51.56
N GLY A 18 -48.51 -24.50 51.10
CA GLY A 18 -47.23 -24.92 50.57
C GLY A 18 -46.44 -23.78 49.95
N SER A 19 -45.66 -23.10 50.76
CA SER A 19 -44.86 -21.97 50.30
C SER A 19 -43.60 -21.81 51.14
N HIS A 20 -42.69 -20.96 50.67
CA HIS A 20 -41.44 -20.72 51.37
C HIS A 20 -41.61 -19.67 52.47
N MET A 21 -40.85 -19.81 53.55
CA MET A 21 -40.94 -18.89 54.67
C MET A 21 -39.95 -17.74 54.49
N SER A 22 -38.66 -18.05 54.63
CA SER A 22 -37.61 -17.04 54.50
C SER A 22 -36.58 -17.47 53.45
N ASN A 23 -35.63 -16.59 53.16
CA ASN A 23 -34.59 -16.88 52.18
C ASN A 23 -33.54 -15.77 52.17
N LYS A 24 -32.34 -16.10 52.62
CA LYS A 24 -31.25 -15.14 52.67
C LYS A 24 -29.93 -15.79 52.22
N PRO A 25 -29.82 -16.08 50.92
CA PRO A 25 -28.64 -16.70 50.34
C PRO A 25 -27.44 -15.75 50.32
N SER A 26 -26.41 -16.11 51.08
CA SER A 26 -25.20 -15.29 51.15
C SER A 26 -24.35 -15.45 49.90
N LYS A 27 -24.16 -14.36 49.17
CA LYS A 27 -23.38 -14.37 47.94
C LYS A 27 -21.88 -14.34 48.27
N PRO A 28 -21.06 -14.76 47.28
CA PRO A 28 -19.60 -14.78 47.44
C PRO A 28 -19.00 -13.39 47.49
N LYS A 29 -17.73 -13.32 47.89
CA LYS A 29 -17.04 -12.03 47.99
C LYS A 29 -16.16 -11.80 46.76
N THR A 30 -16.68 -11.00 45.82
CA THR A 30 -15.96 -10.70 44.60
C THR A 30 -15.19 -9.39 44.73
N ASN A 31 -14.59 -9.18 45.89
CA ASN A 31 -13.83 -7.96 46.16
C ASN A 31 -12.35 -8.17 45.84
N MET A 32 -11.90 -7.61 44.73
CA MET A 32 -10.51 -7.74 44.31
C MET A 32 -9.84 -6.37 44.22
N LYS A 33 -8.51 -6.35 44.27
CA LYS A 33 -7.75 -5.11 44.19
C LYS A 33 -7.28 -4.86 42.76
N HIS A 34 -7.19 -3.58 42.40
CA HIS A 34 -6.75 -3.20 41.06
C HIS A 34 -5.26 -2.86 41.05
N VAL A 35 -4.60 -3.08 39.92
CA VAL A 35 -3.18 -2.80 39.78
C VAL A 35 -2.94 -1.30 39.61
N ALA A 36 -1.81 -0.83 40.14
CA ALA A 36 -1.46 0.57 40.04
C ALA A 36 -0.08 0.75 39.42
N GLY A 37 -0.01 1.56 38.36
CA GLY A 37 1.25 1.80 37.69
C GLY A 37 1.19 2.97 36.74
N ALA A 38 2.32 3.30 36.13
CA ALA A 38 2.40 4.42 35.19
C ALA A 38 3.70 4.38 34.40
N ALA A 39 3.62 4.74 33.12
CA ALA A 39 4.79 4.74 32.25
C ALA A 39 4.82 6.00 31.39
N ALA A 40 6.00 6.34 30.89
CA ALA A 40 6.17 7.53 30.05
C ALA A 40 6.03 7.17 28.58
N ALA A 41 5.08 7.81 27.90
CA ALA A 41 4.85 7.56 26.49
C ALA A 41 3.83 8.55 25.92
N GLY A 42 4.16 9.14 24.78
CA GLY A 42 3.27 10.10 24.15
C GLY A 42 2.68 9.57 22.86
N ALA A 43 2.26 10.49 21.98
CA ALA A 43 1.67 10.11 20.71
C ALA A 43 2.72 10.10 19.60
N VAL A 44 3.09 8.90 19.15
CA VAL A 44 4.10 8.75 18.10
C VAL A 44 3.72 7.62 17.15
N VAL A 45 4.03 7.81 15.88
CA VAL A 45 3.73 6.80 14.87
C VAL A 45 5.02 6.17 14.32
N GLY A 46 4.93 4.91 13.93
CA GLY A 46 6.09 4.21 13.39
C GLY A 46 5.74 3.31 12.23
N GLY A 47 4.63 2.59 12.35
CA GLY A 47 4.21 1.69 11.30
C GLY A 47 2.69 1.54 11.24
N LEU A 48 2.15 1.51 10.03
CA LEU A 48 0.70 1.37 9.85
C LEU A 48 0.20 0.08 10.50
N GLY A 49 0.59 -1.05 9.93
CA GLY A 49 0.17 -2.33 10.46
C GLY A 49 -1.34 -2.41 10.65
N GLY A 50 -2.05 -2.66 9.55
CA GLY A 50 -3.50 -2.76 9.61
C GLY A 50 -4.13 -2.90 8.24
N TYR A 51 -3.48 -2.34 7.23
CA TYR A 51 -3.99 -2.40 5.87
C TYR A 51 -3.39 -3.58 5.12
N MET A 52 -4.25 -4.32 4.42
CA MET A 52 -3.80 -5.49 3.65
C MET A 52 -3.32 -5.07 2.27
N LEU A 53 -2.00 -5.13 2.08
CA LEU A 53 -1.40 -4.76 0.80
C LEU A 53 -0.87 -5.99 0.07
N GLY A 54 -0.45 -5.80 -1.18
CA GLY A 54 0.07 -6.90 -1.96
C GLY A 54 -1.02 -7.69 -2.65
N SER A 55 -0.91 -7.83 -3.97
CA SER A 55 -1.90 -8.56 -4.75
C SER A 55 -1.48 -8.64 -6.21
N VAL A 56 -1.65 -9.82 -6.81
CA VAL A 56 -1.28 -10.04 -8.20
C VAL A 56 -1.92 -8.99 -9.10
N MET A 57 -1.17 -8.54 -10.10
CA MET A 57 -1.66 -7.53 -11.04
C MET A 57 -1.51 -8.00 -12.47
N SER A 58 -2.62 -8.35 -13.11
CA SER A 58 -2.61 -8.82 -14.49
C SER A 58 -3.33 -7.83 -15.41
N ARG A 59 -4.27 -7.08 -14.84
CA ARG A 59 -5.03 -6.11 -15.61
C ARG A 59 -4.54 -4.69 -15.33
N PRO A 60 -4.86 -3.76 -16.23
CA PRO A 60 -4.46 -2.35 -16.11
C PRO A 60 -5.17 -1.63 -14.98
N LEU A 61 -4.41 -1.00 -14.11
CA LEU A 61 -4.98 -0.27 -12.97
C LEU A 61 -5.51 1.08 -13.40
N ILE A 62 -4.94 1.62 -14.48
CA ILE A 62 -5.36 2.91 -15.00
C ILE A 62 -5.26 2.96 -16.52
N HIS A 63 -6.24 3.58 -17.17
CA HIS A 63 -6.25 3.69 -18.62
C HIS A 63 -6.20 5.16 -19.05
N PHE A 64 -5.05 5.60 -19.53
CA PHE A 64 -4.89 6.98 -19.98
C PHE A 64 -5.40 7.15 -21.41
N GLY A 65 -4.77 6.45 -22.35
CA GLY A 65 -5.17 6.54 -23.74
C GLY A 65 -4.39 7.58 -24.50
N ASN A 66 -4.15 8.73 -23.85
CA ASN A 66 -3.40 9.82 -24.47
C ASN A 66 -1.96 9.41 -24.74
N ASP A 67 -1.20 10.31 -25.35
CA ASP A 67 0.20 10.04 -25.66
C ASP A 67 1.11 10.57 -24.56
N TYR A 68 0.90 11.82 -24.17
CA TYR A 68 1.70 12.44 -23.12
C TYR A 68 1.41 11.81 -21.76
N GLU A 69 0.12 11.75 -21.41
CA GLU A 69 -0.29 11.18 -20.14
C GLU A 69 0.19 9.73 -20.01
N ASP A 70 0.01 8.95 -21.07
CA ASP A 70 0.44 7.56 -21.08
C ASP A 70 1.95 7.45 -21.00
N ARG A 71 2.63 8.13 -21.93
CA ARG A 71 4.09 8.10 -21.97
C ARG A 71 4.69 8.53 -20.63
N TYR A 72 4.11 9.58 -20.05
CA TYR A 72 4.58 10.09 -18.77
C TYR A 72 4.43 9.04 -17.67
N TYR A 73 3.25 8.43 -17.60
CA TYR A 73 2.96 7.42 -16.60
C TYR A 73 3.99 6.30 -16.66
N ARG A 74 4.11 5.67 -17.83
CA ARG A 74 5.05 4.57 -18.01
C ARG A 74 6.49 5.06 -17.82
N GLU A 75 6.71 6.35 -18.05
CA GLU A 75 8.03 6.94 -17.90
C GLU A 75 8.41 7.06 -16.43
N ASN A 76 7.45 7.50 -15.61
CA ASN A 76 7.69 7.67 -14.18
C ASN A 76 7.30 6.41 -13.42
N MET A 77 6.97 5.36 -14.16
CA MET A 77 6.57 4.09 -13.55
C MET A 77 7.66 3.58 -12.60
N TYR A 78 8.90 3.64 -13.06
CA TYR A 78 10.03 3.18 -12.25
C TYR A 78 10.40 4.22 -11.20
N ARG A 79 10.02 5.46 -11.45
CA ARG A 79 10.32 6.55 -10.52
C ARG A 79 9.62 6.33 -9.18
N TYR A 80 8.34 5.98 -9.24
CA TYR A 80 7.55 5.75 -8.03
C TYR A 80 7.13 4.28 -7.93
N PRO A 81 6.82 3.84 -6.71
CA PRO A 81 6.39 2.46 -6.46
C PRO A 81 5.01 2.17 -7.01
N ASN A 82 4.61 0.90 -6.96
CA ASN A 82 3.30 0.49 -7.46
C ASN A 82 2.44 -0.08 -6.34
N GLN A 83 3.06 -0.36 -5.20
CA GLN A 83 2.36 -0.91 -4.05
C GLN A 83 1.34 0.09 -3.52
N VAL A 84 0.21 -0.42 -3.04
CA VAL A 84 -0.84 0.43 -2.48
C VAL A 84 -1.52 -0.24 -1.29
N TYR A 85 -1.90 0.57 -0.32
CA TYR A 85 -2.57 0.06 0.89
C TYR A 85 -4.07 0.04 0.71
N TYR A 86 -4.67 -1.13 0.92
CA TYR A 86 -6.11 -1.30 0.78
C TYR A 86 -6.65 -2.30 1.79
N ARG A 87 -7.97 -2.36 1.90
CA ARG A 87 -8.61 -3.28 2.84
C ARG A 87 -9.65 -4.14 2.12
N PRO A 88 -10.01 -5.28 2.75
CA PRO A 88 -10.99 -6.21 2.20
C PRO A 88 -12.41 -5.64 2.20
N VAL A 89 -13.09 -5.74 1.06
CA VAL A 89 -14.45 -5.23 0.94
C VAL A 89 -15.39 -5.96 1.90
N ASP A 90 -16.62 -5.46 2.01
CA ASP A 90 -17.62 -6.06 2.87
C ASP A 90 -18.93 -6.27 2.13
N GLN A 91 -19.94 -6.76 2.85
CA GLN A 91 -21.25 -7.01 2.25
C GLN A 91 -22.13 -5.77 2.35
N TYR A 92 -22.42 -5.34 3.57
CA TYR A 92 -23.26 -4.17 3.79
C TYR A 92 -22.46 -2.89 3.61
N SER A 93 -21.90 -2.71 2.41
CA SER A 93 -21.10 -1.53 2.11
C SER A 93 -20.59 -1.58 0.68
N ASN A 94 -19.87 -0.52 0.28
CA ASN A 94 -19.32 -0.45 -1.07
C ASN A 94 -17.80 -0.40 -1.04
N GLN A 95 -17.19 -0.22 -2.19
CA GLN A 95 -15.73 -0.15 -2.30
C GLN A 95 -15.19 1.08 -1.58
N ASN A 96 -15.95 2.16 -1.62
CA ASN A 96 -15.55 3.41 -0.97
C ASN A 96 -15.13 3.16 0.47
N ASN A 97 -15.73 2.14 1.08
CA ASN A 97 -15.41 1.79 2.47
C ASN A 97 -13.91 1.68 2.68
N PHE A 98 -13.24 1.07 1.72
CA PHE A 98 -11.78 0.90 1.80
C PHE A 98 -11.07 1.84 0.84
N VAL A 99 -11.71 2.11 -0.31
CA VAL A 99 -11.13 3.00 -1.31
C VAL A 99 -10.94 4.41 -0.75
N HIS A 100 -11.86 4.81 0.13
CA HIS A 100 -11.80 6.14 0.74
C HIS A 100 -10.49 6.32 1.50
N ASP A 101 -10.16 5.36 2.34
CA ASP A 101 -8.93 5.42 3.13
C ASP A 101 -7.73 4.98 2.30
N CYS A 102 -8.00 4.23 1.23
CA CYS A 102 -6.94 3.74 0.35
C CYS A 102 -6.10 4.90 -0.17
N VAL A 103 -6.77 5.93 -0.67
CA VAL A 103 -6.07 7.10 -1.21
C VAL A 103 -5.46 7.94 -0.09
N ASN A 104 -6.19 8.07 1.01
CA ASN A 104 -5.71 8.84 2.16
C ASN A 104 -4.40 8.29 2.69
N ILE A 105 -4.22 6.98 2.53
CA ILE A 105 -3.01 6.32 3.00
C ILE A 105 -1.90 6.40 1.95
N THR A 106 -2.25 6.11 0.70
CA THR A 106 -1.29 6.16 -0.40
C THR A 106 -0.68 7.54 -0.54
N VAL A 107 -1.53 8.57 -0.53
CA VAL A 107 -1.08 9.95 -0.66
C VAL A 107 0.02 10.25 0.35
N LYS A 108 -0.05 9.60 1.51
CA LYS A 108 0.95 9.80 2.55
C LYS A 108 2.31 9.26 2.13
N GLN A 109 2.34 7.99 1.73
CA GLN A 109 3.58 7.36 1.31
C GLN A 109 4.07 7.97 0.00
N HIS A 110 3.15 8.52 -0.78
CA HIS A 110 3.50 9.14 -2.06
C HIS A 110 4.10 10.52 -1.85
N THR A 111 3.49 11.30 -0.97
CA THR A 111 3.96 12.65 -0.68
C THR A 111 5.02 12.63 0.42
N VAL A 112 5.43 11.44 0.81
CA VAL A 112 6.45 11.29 1.84
C VAL A 112 7.69 12.11 1.52
N LYS A 113 8.41 12.53 2.57
CA LYS A 113 9.62 13.32 2.40
C LYS A 113 10.77 12.46 1.89
N GLY A 114 10.72 12.10 0.62
CA GLY A 114 11.77 11.28 0.04
C GLY A 114 11.92 11.50 -1.46
N GLU A 115 10.79 11.57 -2.16
CA GLU A 115 10.80 11.78 -3.60
C GLU A 115 9.73 12.78 -4.02
N ASN A 116 10.13 14.01 -4.24
CA ASN A 116 9.20 15.07 -4.64
C ASN A 116 8.93 15.01 -6.14
N PHE A 117 7.86 15.67 -6.57
CA PHE A 117 7.49 15.70 -7.98
C PHE A 117 7.08 17.09 -8.41
N THR A 118 6.70 17.23 -9.67
CA THR A 118 6.29 18.52 -10.22
C THR A 118 4.78 18.73 -10.06
N GLU A 119 4.34 19.97 -10.19
CA GLU A 119 2.92 20.30 -10.06
C GLU A 119 2.08 19.45 -11.00
N THR A 120 2.60 19.21 -12.21
CA THR A 120 1.89 18.41 -13.21
C THR A 120 1.92 16.93 -12.84
N ASP A 121 3.06 16.47 -12.32
CA ASP A 121 3.21 15.08 -11.93
C ASP A 121 2.13 14.67 -10.93
N ILE A 122 1.80 15.58 -10.02
CA ILE A 122 0.78 15.32 -9.02
C ILE A 122 -0.56 14.98 -9.66
N LYS A 123 -0.81 15.56 -10.83
CA LYS A 123 -2.05 15.32 -11.56
C LYS A 123 -2.20 13.84 -11.90
N ILE A 124 -1.21 13.28 -12.57
CA ILE A 124 -1.23 11.87 -12.95
C ILE A 124 -0.99 10.97 -11.74
N MET A 125 0.00 11.32 -10.94
CA MET A 125 0.33 10.55 -9.74
C MET A 125 -0.90 10.35 -8.87
N GLU A 126 -1.77 11.36 -8.84
CA GLU A 126 -2.99 11.29 -8.04
C GLU A 126 -4.02 10.38 -8.69
N ARG A 127 -3.99 10.32 -10.02
CA ARG A 127 -4.93 9.48 -10.76
C ARG A 127 -4.58 8.01 -10.60
N VAL A 128 -3.34 7.67 -10.87
CA VAL A 128 -2.87 6.29 -10.76
C VAL A 128 -3.20 5.71 -9.37
N VAL A 129 -3.03 6.54 -8.35
CA VAL A 129 -3.31 6.12 -6.98
C VAL A 129 -4.79 5.82 -6.78
N GLU A 130 -5.63 6.79 -7.12
CA GLU A 130 -7.08 6.65 -6.99
C GLU A 130 -7.58 5.45 -7.80
N GLN A 131 -7.23 5.43 -9.08
CA GLN A 131 -7.64 4.34 -9.97
C GLN A 131 -7.15 3.00 -9.44
N MET A 132 -6.01 3.01 -8.76
CA MET A 132 -5.44 1.79 -8.21
C MET A 132 -6.30 1.25 -7.08
N CYS A 133 -7.04 2.14 -6.42
CA CYS A 133 -7.90 1.75 -5.31
C CYS A 133 -9.17 1.06 -5.82
N ILE A 134 -9.81 1.68 -6.80
CA ILE A 134 -11.03 1.13 -7.38
C ILE A 134 -10.74 -0.15 -8.16
N THR A 135 -9.71 -0.09 -9.00
CA THR A 135 -9.33 -1.24 -9.80
C THR A 135 -9.05 -2.46 -8.94
N GLN A 136 -8.72 -2.22 -7.67
CA GLN A 136 -8.44 -3.30 -6.73
C GLN A 136 -9.74 -3.92 -6.22
N TYR A 137 -10.81 -3.14 -6.24
CA TYR A 137 -12.10 -3.61 -5.77
C TYR A 137 -12.51 -4.89 -6.48
N GLN A 138 -12.27 -4.94 -7.79
CA GLN A 138 -12.61 -6.11 -8.58
C GLN A 138 -12.04 -7.38 -7.96
N ARG A 139 -10.77 -7.33 -7.57
CA ARG A 139 -10.11 -8.48 -6.97
C ARG A 139 -10.58 -8.67 -5.53
N GLU A 140 -10.74 -7.57 -4.81
CA GLU A 140 -11.18 -7.62 -3.41
C GLU A 140 -12.52 -8.35 -3.30
N SER A 141 -13.47 -7.96 -4.15
CA SER A 141 -14.79 -8.56 -4.14
C SER A 141 -14.74 -10.00 -4.63
N GLN A 142 -13.94 -10.25 -5.67
CA GLN A 142 -13.79 -11.58 -6.22
C GLN A 142 -13.37 -12.59 -5.15
N ALA A 143 -12.35 -12.22 -4.38
CA ALA A 143 -11.84 -13.08 -3.32
C ALA A 143 -12.72 -12.98 -2.07
N TYR A 144 -13.37 -11.84 -1.91
CA TYR A 144 -14.25 -11.61 -0.76
C TYR A 144 -15.23 -12.76 -0.58
N TYR A 145 -15.79 -13.23 -1.69
CA TYR A 145 -16.74 -14.32 -1.67
C TYR A 145 -16.05 -15.66 -1.93
N GLN A 146 -14.98 -15.61 -2.70
CA GLN A 146 -14.22 -16.82 -3.03
C GLN A 146 -13.43 -17.31 -1.83
N ARG A 147 -13.05 -18.59 -1.85
CA ARG A 147 -12.29 -19.18 -0.75
C ARG A 147 -11.25 -20.16 -1.29
N GLY A 148 -9.98 -19.80 -1.13
CA GLY A 148 -8.91 -20.65 -1.60
C GLY A 148 -7.54 -20.05 -1.38
N ALA A 149 -6.65 -20.81 -0.74
CA ALA A 149 -5.31 -20.34 -0.46
C ALA A 149 -4.26 -21.17 -1.21
N SER A 150 -4.14 -20.94 -2.51
CA SER A 150 -3.20 -21.67 -3.34
C SER A 150 -1.76 -21.22 -3.05
N SER A 12 -38.85 20.03 67.46
CA SER A 12 -38.89 19.03 66.40
C SER A 12 -39.59 17.77 66.87
N GLY A 13 -40.36 17.14 65.98
CA GLY A 13 -41.08 15.93 66.33
C GLY A 13 -41.98 15.45 65.21
N LEU A 14 -41.54 14.43 64.49
CA LEU A 14 -42.30 13.88 63.39
C LEU A 14 -41.98 12.40 63.18
N VAL A 15 -42.99 11.64 62.77
CA VAL A 15 -42.81 10.21 62.54
C VAL A 15 -43.48 9.78 61.23
N PRO A 16 -42.85 10.14 60.10
CA PRO A 16 -43.37 9.80 58.78
C PRO A 16 -43.25 8.31 58.47
N ARG A 17 -44.40 7.65 58.34
CA ARG A 17 -44.42 6.22 58.05
C ARG A 17 -45.16 5.94 56.75
N GLY A 18 -44.86 4.80 56.14
CA GLY A 18 -45.52 4.44 54.89
C GLY A 18 -44.59 4.61 53.69
N SER A 19 -43.30 4.43 53.92
CA SER A 19 -42.31 4.58 52.86
C SER A 19 -41.52 3.28 52.66
N HIS A 20 -41.19 2.98 51.41
CA HIS A 20 -40.43 1.77 51.09
C HIS A 20 -40.01 1.78 49.63
N MET A 21 -38.72 1.58 49.39
CA MET A 21 -38.17 1.56 48.05
C MET A 21 -37.96 0.12 47.56
N SER A 22 -39.06 -0.61 47.37
CA SER A 22 -38.99 -1.98 46.92
C SER A 22 -38.60 -2.06 45.45
N ASN A 23 -37.36 -2.44 45.19
CA ASN A 23 -36.86 -2.55 43.82
C ASN A 23 -35.71 -3.56 43.73
N LYS A 24 -35.73 -4.39 42.70
CA LYS A 24 -34.69 -5.39 42.51
C LYS A 24 -34.55 -5.75 41.03
N PRO A 25 -33.98 -4.81 40.25
CA PRO A 25 -33.78 -5.00 38.81
C PRO A 25 -32.69 -6.03 38.51
N SER A 26 -32.95 -6.89 37.53
CA SER A 26 -32.00 -7.93 37.15
C SER A 26 -31.10 -7.45 36.02
N LYS A 27 -29.80 -7.69 36.17
CA LYS A 27 -28.84 -7.29 35.15
C LYS A 27 -27.74 -8.34 35.01
N PRO A 28 -28.10 -9.50 34.43
CA PRO A 28 -27.16 -10.60 34.22
C PRO A 28 -26.13 -10.29 33.14
N LYS A 29 -24.85 -10.43 33.49
CA LYS A 29 -23.77 -10.15 32.55
C LYS A 29 -23.09 -11.45 32.11
N THR A 30 -23.29 -11.80 30.84
CA THR A 30 -22.71 -13.02 30.29
C THR A 30 -21.35 -12.73 29.65
N ASN A 31 -20.30 -12.84 30.45
CA ASN A 31 -18.94 -12.59 29.96
C ASN A 31 -17.91 -13.35 30.79
N MET A 32 -16.87 -13.84 30.14
CA MET A 32 -15.82 -14.58 30.83
C MET A 32 -14.45 -13.99 30.51
N LYS A 33 -13.40 -14.64 31.02
CA LYS A 33 -12.04 -14.17 30.80
C LYS A 33 -11.30 -15.10 29.84
N HIS A 34 -10.78 -14.53 28.75
CA HIS A 34 -10.05 -15.30 27.75
C HIS A 34 -8.65 -15.64 28.25
N VAL A 35 -8.12 -16.78 27.80
CA VAL A 35 -6.79 -17.22 28.20
C VAL A 35 -5.94 -17.57 26.98
N ALA A 36 -4.66 -17.22 27.03
CA ALA A 36 -3.74 -17.51 25.94
C ALA A 36 -2.31 -17.11 26.31
N GLY A 37 -1.34 -17.82 25.75
CA GLY A 37 0.05 -17.52 26.02
C GLY A 37 0.72 -16.78 24.88
N ALA A 38 1.98 -16.42 25.08
CA ALA A 38 2.74 -15.69 24.07
C ALA A 38 4.21 -15.58 24.46
N ALA A 39 5.05 -15.21 23.49
CA ALA A 39 6.48 -15.07 23.74
C ALA A 39 7.18 -14.50 22.50
N ALA A 40 7.73 -13.29 22.65
CA ALA A 40 8.43 -12.64 21.56
C ALA A 40 9.14 -11.38 22.03
N ALA A 41 10.35 -11.16 21.54
CA ALA A 41 11.14 -9.99 21.92
C ALA A 41 11.09 -8.93 20.82
N GLY A 42 11.36 -7.69 21.21
CA GLY A 42 11.34 -6.60 20.25
C GLY A 42 10.48 -5.44 20.70
N ALA A 43 10.89 -4.22 20.34
CA ALA A 43 10.14 -3.03 20.72
C ALA A 43 9.72 -2.23 19.49
N VAL A 44 8.50 -2.47 19.02
CA VAL A 44 7.99 -1.78 17.85
C VAL A 44 6.47 -1.63 17.91
N VAL A 45 6.01 -0.38 17.95
CA VAL A 45 4.58 -0.11 18.02
C VAL A 45 4.19 1.02 17.06
N GLY A 46 3.06 0.85 16.39
CA GLY A 46 2.60 1.85 15.45
C GLY A 46 2.12 1.26 14.14
N GLY A 47 3.07 0.77 13.33
CA GLY A 47 2.72 0.18 12.06
C GLY A 47 1.84 1.09 11.22
N LEU A 48 1.00 0.49 10.38
CA LEU A 48 0.11 1.25 9.52
C LEU A 48 -1.35 1.05 9.92
N GLY A 49 -1.62 -0.08 10.58
CA GLY A 49 -2.97 -0.36 11.02
C GLY A 49 -3.42 -1.76 10.62
N GLY A 50 -4.20 -1.84 9.54
CA GLY A 50 -4.69 -3.12 9.08
C GLY A 50 -4.90 -3.15 7.57
N TYR A 51 -4.10 -2.38 6.85
CA TYR A 51 -4.22 -2.32 5.40
C TYR A 51 -3.61 -3.55 4.74
N MET A 52 -4.46 -4.50 4.38
CA MET A 52 -4.02 -5.74 3.75
C MET A 52 -3.14 -5.44 2.54
N LEU A 53 -1.84 -5.67 2.67
CA LEU A 53 -0.90 -5.43 1.59
C LEU A 53 -1.13 -6.41 0.44
N GLY A 54 -1.26 -5.86 -0.77
CA GLY A 54 -1.47 -6.70 -1.93
C GLY A 54 -0.22 -7.45 -2.36
N SER A 55 0.28 -7.12 -3.56
CA SER A 55 1.48 -7.75 -4.08
C SER A 55 1.93 -7.08 -5.37
N VAL A 56 2.88 -7.70 -6.06
CA VAL A 56 3.41 -7.17 -7.30
C VAL A 56 2.56 -7.61 -8.49
N MET A 57 2.47 -6.75 -9.50
CA MET A 57 1.70 -7.05 -10.70
C MET A 57 2.41 -6.56 -11.95
N SER A 58 1.71 -6.59 -13.08
CA SER A 58 2.29 -6.16 -14.35
C SER A 58 1.22 -5.58 -15.27
N ARG A 59 0.06 -6.25 -15.30
CA ARG A 59 -1.05 -5.79 -16.14
C ARG A 59 -1.36 -4.32 -15.88
N PRO A 60 -2.07 -3.69 -16.84
CA PRO A 60 -2.44 -2.28 -16.74
C PRO A 60 -3.49 -2.03 -15.67
N LEU A 61 -3.21 -1.09 -14.78
CA LEU A 61 -4.12 -0.75 -13.69
C LEU A 61 -4.88 0.54 -14.00
N ILE A 62 -4.18 1.49 -14.63
CA ILE A 62 -4.79 2.77 -14.97
C ILE A 62 -4.80 2.97 -16.49
N HIS A 63 -5.98 3.28 -17.02
CA HIS A 63 -6.13 3.50 -18.46
C HIS A 63 -6.11 4.99 -18.78
N PHE A 64 -4.99 5.47 -19.31
CA PHE A 64 -4.84 6.87 -19.65
C PHE A 64 -5.53 7.19 -20.98
N GLY A 65 -5.08 6.50 -22.04
CA GLY A 65 -5.67 6.71 -23.35
C GLY A 65 -4.90 7.73 -24.17
N ASN A 66 -4.27 8.68 -23.48
CA ASN A 66 -3.51 9.72 -24.15
C ASN A 66 -2.08 9.24 -24.46
N ASP A 67 -1.31 10.10 -25.10
CA ASP A 67 0.07 9.76 -25.45
C ASP A 67 1.03 10.27 -24.39
N TYR A 68 0.97 11.56 -24.09
CA TYR A 68 1.84 12.17 -23.09
C TYR A 68 1.48 11.69 -21.69
N GLU A 69 0.19 11.81 -21.36
CA GLU A 69 -0.28 11.39 -20.03
C GLU A 69 0.08 9.95 -19.76
N ASP A 70 0.08 9.12 -20.80
CA ASP A 70 0.42 7.71 -20.68
C ASP A 70 1.93 7.51 -20.65
N ARG A 71 2.60 7.99 -21.69
CA ARG A 71 4.05 7.86 -21.79
C ARG A 71 4.73 8.37 -20.52
N TYR A 72 4.23 9.49 -20.00
CA TYR A 72 4.79 10.09 -18.80
C TYR A 72 4.67 9.14 -17.61
N TYR A 73 3.48 8.55 -17.45
CA TYR A 73 3.23 7.62 -16.36
C TYR A 73 4.00 6.32 -16.57
N ARG A 74 4.21 5.95 -17.83
CA ARG A 74 4.93 4.72 -18.15
C ARG A 74 6.43 4.92 -17.99
N GLU A 75 6.88 6.16 -18.16
CA GLU A 75 8.30 6.47 -18.04
C GLU A 75 8.66 6.84 -16.59
N ASN A 76 7.69 7.41 -15.88
CA ASN A 76 7.90 7.81 -14.49
C ASN A 76 7.46 6.69 -13.54
N MET A 77 7.13 5.53 -14.11
CA MET A 77 6.70 4.39 -13.30
C MET A 77 7.76 4.03 -12.26
N TYR A 78 9.01 4.31 -12.58
CA TYR A 78 10.12 4.01 -11.68
C TYR A 78 10.27 5.10 -10.62
N ARG A 79 9.70 6.27 -10.90
CA ARG A 79 9.77 7.40 -9.97
C ARG A 79 9.06 7.07 -8.67
N TYR A 80 7.89 6.45 -8.77
CA TYR A 80 7.11 6.07 -7.60
C TYR A 80 6.80 4.59 -7.60
N PRO A 81 6.49 4.05 -6.41
CA PRO A 81 6.16 2.63 -6.23
C PRO A 81 4.82 2.27 -6.87
N ASN A 82 4.56 0.97 -6.97
CA ASN A 82 3.30 0.49 -7.56
C ASN A 82 2.40 -0.10 -6.48
N GLN A 83 2.99 -0.47 -5.35
CA GLN A 83 2.25 -1.05 -4.25
C GLN A 83 1.25 -0.05 -3.67
N VAL A 84 0.12 -0.56 -3.19
CA VAL A 84 -0.91 0.30 -2.61
C VAL A 84 -1.56 -0.36 -1.40
N TYR A 85 -1.78 0.42 -0.36
CA TYR A 85 -2.38 -0.08 0.87
C TYR A 85 -3.91 -0.08 0.77
N TYR A 86 -4.53 -1.16 1.23
CA TYR A 86 -5.99 -1.28 1.18
C TYR A 86 -6.44 -2.56 1.88
N ARG A 87 -7.73 -2.62 2.20
CA ARG A 87 -8.30 -3.78 2.88
C ARG A 87 -9.42 -4.40 2.05
N PRO A 88 -9.71 -5.68 2.31
CA PRO A 88 -10.77 -6.41 1.60
C PRO A 88 -12.16 -5.92 1.96
N VAL A 89 -12.98 -5.69 0.94
CA VAL A 89 -14.35 -5.22 1.15
C VAL A 89 -15.08 -6.08 2.18
N ASP A 90 -16.08 -5.51 2.81
CA ASP A 90 -16.87 -6.23 3.82
C ASP A 90 -18.37 -6.01 3.60
N GLN A 91 -19.18 -6.61 4.46
CA GLN A 91 -20.63 -6.48 4.36
C GLN A 91 -21.08 -5.12 4.88
N TYR A 92 -22.21 -4.64 4.35
CA TYR A 92 -22.75 -3.35 4.76
C TYR A 92 -21.69 -2.26 4.67
N SER A 93 -21.08 -2.12 3.50
CA SER A 93 -20.05 -1.12 3.29
C SER A 93 -19.53 -1.17 1.84
N ASN A 94 -19.81 -0.11 1.09
CA ASN A 94 -19.37 -0.04 -0.30
C ASN A 94 -17.85 -0.06 -0.40
N GLN A 95 -17.34 0.09 -1.62
CA GLN A 95 -15.90 0.09 -1.84
C GLN A 95 -15.23 1.29 -1.18
N ASN A 96 -15.96 2.40 -1.12
CA ASN A 96 -15.44 3.62 -0.51
C ASN A 96 -14.89 3.33 0.88
N ASN A 97 -15.45 2.33 1.55
CA ASN A 97 -15.03 1.96 2.89
C ASN A 97 -13.51 1.79 2.94
N PHE A 98 -12.95 1.16 1.91
CA PHE A 98 -11.52 0.93 1.84
C PHE A 98 -10.86 1.86 0.82
N VAL A 99 -11.60 2.17 -0.24
CA VAL A 99 -11.08 3.05 -1.28
C VAL A 99 -10.80 4.44 -0.74
N HIS A 100 -11.61 4.87 0.22
CA HIS A 100 -11.43 6.19 0.84
C HIS A 100 -10.02 6.34 1.42
N ASP A 101 -9.66 5.44 2.33
CA ASP A 101 -8.35 5.47 2.95
C ASP A 101 -7.28 4.93 2.01
N CYS A 102 -7.72 4.15 1.02
CA CYS A 102 -6.80 3.56 0.04
C CYS A 102 -5.98 4.65 -0.64
N VAL A 103 -6.66 5.69 -1.11
CA VAL A 103 -5.99 6.80 -1.78
C VAL A 103 -5.17 7.64 -0.80
N ASN A 104 -5.78 7.97 0.34
CA ASN A 104 -5.10 8.76 1.36
C ASN A 104 -3.77 8.14 1.73
N ILE A 105 -3.80 6.89 2.19
CA ILE A 105 -2.59 6.19 2.57
C ILE A 105 -1.56 6.20 1.45
N THR A 106 -2.02 5.95 0.23
CA THR A 106 -1.14 5.92 -0.93
C THR A 106 -0.51 7.29 -1.16
N VAL A 107 -1.31 8.34 -1.02
CA VAL A 107 -0.81 9.70 -1.21
C VAL A 107 0.28 10.04 -0.20
N LYS A 108 0.19 9.45 0.99
CA LYS A 108 1.16 9.68 2.05
C LYS A 108 2.52 9.12 1.66
N GLN A 109 2.51 7.97 0.99
CA GLN A 109 3.74 7.32 0.57
C GLN A 109 4.16 7.79 -0.82
N HIS A 110 3.23 8.43 -1.52
CA HIS A 110 3.49 8.94 -2.87
C HIS A 110 4.05 10.35 -2.82
N THR A 111 3.50 11.17 -1.93
CA THR A 111 3.94 12.55 -1.79
C THR A 111 4.98 12.68 -0.68
N VAL A 112 5.42 11.54 -0.14
CA VAL A 112 6.41 11.54 0.92
C VAL A 112 7.63 12.37 0.54
N LYS A 113 8.33 12.88 1.54
CA LYS A 113 9.51 13.70 1.32
C LYS A 113 10.57 12.92 0.56
N GLY A 114 10.46 11.59 0.58
CA GLY A 114 11.41 10.76 -0.12
C GLY A 114 11.59 11.16 -1.57
N GLU A 115 10.54 11.74 -2.15
CA GLU A 115 10.59 12.17 -3.54
C GLU A 115 9.49 13.20 -3.83
N ASN A 116 9.86 14.27 -4.52
CA ASN A 116 8.91 15.32 -4.86
C ASN A 116 8.76 15.46 -6.37
N PHE A 117 7.60 15.93 -6.81
CA PHE A 117 7.33 16.10 -8.23
C PHE A 117 6.63 17.43 -8.49
N THR A 118 6.62 17.86 -9.75
CA THR A 118 5.99 19.11 -10.13
C THR A 118 4.48 19.05 -9.89
N GLU A 119 3.86 20.23 -9.79
CA GLU A 119 2.42 20.32 -9.56
C GLU A 119 1.65 19.51 -10.61
N THR A 120 2.21 19.42 -11.81
CA THR A 120 1.58 18.69 -12.90
C THR A 120 1.69 17.18 -12.68
N ASP A 121 2.85 16.74 -12.21
CA ASP A 121 3.07 15.32 -11.96
C ASP A 121 2.14 14.80 -10.86
N ILE A 122 1.93 15.62 -9.84
CA ILE A 122 1.06 15.26 -8.73
C ILE A 122 -0.33 14.87 -9.22
N LYS A 123 -0.74 15.46 -10.35
CA LYS A 123 -2.04 15.17 -10.94
C LYS A 123 -2.08 13.74 -11.50
N ILE A 124 -1.12 13.42 -12.36
CA ILE A 124 -1.05 12.11 -12.96
C ILE A 124 -1.00 11.01 -11.90
N MET A 125 -0.04 11.13 -10.98
CA MET A 125 0.10 10.15 -9.91
C MET A 125 -1.16 10.07 -9.06
N GLU A 126 -1.83 11.21 -8.91
CA GLU A 126 -3.06 11.27 -8.12
C GLU A 126 -4.16 10.41 -8.75
N ARG A 127 -4.12 10.29 -10.08
CA ARG A 127 -5.10 9.50 -10.81
C ARG A 127 -4.86 8.01 -10.60
N VAL A 128 -3.66 7.55 -10.94
CA VAL A 128 -3.31 6.14 -10.80
C VAL A 128 -3.57 5.66 -9.38
N VAL A 129 -3.36 6.54 -8.40
CA VAL A 129 -3.58 6.20 -7.00
C VAL A 129 -5.00 5.69 -6.78
N GLU A 130 -5.98 6.49 -7.18
CA GLU A 130 -7.39 6.12 -7.02
C GLU A 130 -7.78 5.04 -8.03
N GLN A 131 -7.25 5.17 -9.25
CA GLN A 131 -7.55 4.21 -10.31
C GLN A 131 -7.25 2.79 -9.86
N MET A 132 -6.19 2.63 -9.08
CA MET A 132 -5.80 1.32 -8.58
C MET A 132 -6.62 0.93 -7.36
N CYS A 133 -7.23 1.93 -6.73
CA CYS A 133 -8.06 1.68 -5.55
C CYS A 133 -9.41 1.07 -5.93
N ILE A 134 -10.05 1.68 -6.93
CA ILE A 134 -11.34 1.20 -7.39
C ILE A 134 -11.21 -0.13 -8.12
N THR A 135 -10.24 -0.21 -9.03
CA THR A 135 -10.00 -1.42 -9.79
C THR A 135 -9.81 -2.62 -8.88
N GLN A 136 -9.35 -2.36 -7.65
CA GLN A 136 -9.12 -3.42 -6.68
C GLN A 136 -10.44 -3.94 -6.13
N TYR A 137 -11.46 -3.09 -6.12
CA TYR A 137 -12.77 -3.47 -5.62
C TYR A 137 -13.28 -4.72 -6.31
N GLN A 138 -13.11 -4.77 -7.63
CA GLN A 138 -13.57 -5.91 -8.42
C GLN A 138 -12.89 -7.19 -7.95
N ARG A 139 -11.60 -7.09 -7.62
CA ARG A 139 -10.83 -8.23 -7.16
C ARG A 139 -11.22 -8.62 -5.73
N GLU A 140 -11.15 -7.64 -4.82
CA GLU A 140 -11.50 -7.88 -3.42
C GLU A 140 -12.87 -8.53 -3.31
N SER A 141 -13.79 -8.14 -4.18
CA SER A 141 -15.14 -8.67 -4.17
C SER A 141 -15.13 -10.16 -4.52
N GLN A 142 -14.33 -10.53 -5.52
CA GLN A 142 -14.23 -11.92 -5.94
C GLN A 142 -13.79 -12.82 -4.78
N ALA A 143 -12.68 -12.44 -4.15
CA ALA A 143 -12.15 -13.21 -3.03
C ALA A 143 -13.08 -13.12 -1.81
N TYR A 144 -13.56 -11.92 -1.53
CA TYR A 144 -14.45 -11.71 -0.40
C TYR A 144 -15.66 -12.63 -0.48
N TYR A 145 -16.31 -12.65 -1.65
CA TYR A 145 -17.48 -13.49 -1.86
C TYR A 145 -17.20 -14.93 -1.45
N GLN A 146 -16.04 -15.43 -1.88
CA GLN A 146 -15.66 -16.80 -1.56
C GLN A 146 -16.65 -17.80 -2.14
N ARG A 147 -17.42 -17.35 -3.13
CA ARG A 147 -18.41 -18.20 -3.78
C ARG A 147 -17.74 -19.34 -4.53
N GLY A 148 -17.68 -20.52 -3.90
CA GLY A 148 -17.07 -21.67 -4.53
C GLY A 148 -17.93 -22.92 -4.42
N ALA A 149 -17.46 -23.89 -3.64
CA ALA A 149 -18.18 -25.14 -3.44
C ALA A 149 -18.45 -25.82 -4.77
N SER A 150 -17.48 -25.75 -5.67
CA SER A 150 -17.61 -26.37 -6.98
C SER A 150 -16.63 -27.53 -7.15
N SER A 12 -47.37 -40.69 -19.74
CA SER A 12 -48.05 -41.99 -19.70
C SER A 12 -47.07 -43.12 -20.00
N GLY A 13 -46.74 -43.91 -18.98
CA GLY A 13 -45.82 -45.02 -19.17
C GLY A 13 -45.00 -45.30 -17.92
N LEU A 14 -44.99 -46.55 -17.50
CA LEU A 14 -44.24 -46.96 -16.32
C LEU A 14 -43.42 -48.21 -16.59
N VAL A 15 -42.10 -48.05 -16.67
CA VAL A 15 -41.20 -49.17 -16.93
C VAL A 15 -40.15 -49.30 -15.83
N PRO A 16 -39.61 -50.51 -15.67
CA PRO A 16 -38.59 -50.79 -14.65
C PRO A 16 -37.26 -50.13 -14.98
N ARG A 17 -36.72 -49.38 -14.02
CA ARG A 17 -35.44 -48.70 -14.20
C ARG A 17 -34.53 -48.93 -13.01
N GLY A 18 -33.24 -49.10 -13.28
CA GLY A 18 -32.28 -49.33 -12.22
C GLY A 18 -30.85 -49.42 -12.73
N SER A 19 -30.44 -48.42 -13.52
CA SER A 19 -29.10 -48.40 -14.08
C SER A 19 -28.20 -47.45 -13.29
N HIS A 20 -27.77 -47.89 -12.11
CA HIS A 20 -26.91 -47.08 -11.27
C HIS A 20 -25.46 -47.13 -11.76
N MET A 21 -25.09 -46.14 -12.57
CA MET A 21 -23.75 -46.06 -13.12
C MET A 21 -22.99 -44.87 -12.54
N SER A 22 -22.20 -45.13 -11.50
CA SER A 22 -21.42 -44.08 -10.84
C SER A 22 -19.98 -44.08 -11.34
N ASN A 23 -19.49 -42.91 -11.74
CA ASN A 23 -18.12 -42.78 -12.23
C ASN A 23 -17.71 -41.32 -12.30
N LYS A 24 -16.60 -40.98 -11.64
CA LYS A 24 -16.09 -39.62 -11.62
C LYS A 24 -14.64 -39.59 -11.16
N PRO A 25 -13.73 -40.07 -12.01
CA PRO A 25 -12.29 -40.11 -11.71
C PRO A 25 -11.68 -38.72 -11.69
N SER A 26 -10.61 -38.55 -10.92
CA SER A 26 -9.92 -37.27 -10.82
C SER A 26 -8.56 -37.44 -10.16
N LYS A 27 -7.54 -36.87 -10.79
CA LYS A 27 -6.17 -36.95 -10.27
C LYS A 27 -5.38 -35.69 -10.61
N PRO A 28 -5.71 -34.59 -9.92
CA PRO A 28 -5.04 -33.30 -10.12
C PRO A 28 -3.59 -33.30 -9.63
N LYS A 29 -2.66 -33.33 -10.57
CA LYS A 29 -1.24 -33.34 -10.23
C LYS A 29 -0.88 -32.15 -9.34
N THR A 30 0.31 -32.19 -8.76
CA THR A 30 0.78 -31.11 -7.90
C THR A 30 2.25 -30.83 -8.10
N ASN A 31 2.58 -29.58 -8.43
CA ASN A 31 3.97 -29.18 -8.66
C ASN A 31 4.31 -27.92 -7.87
N MET A 32 5.29 -28.04 -6.98
CA MET A 32 5.72 -26.91 -6.16
C MET A 32 7.21 -26.66 -6.32
N LYS A 33 7.57 -25.54 -6.93
CA LYS A 33 8.97 -25.19 -7.14
C LYS A 33 9.24 -23.77 -6.66
N HIS A 34 10.36 -23.58 -5.97
CA HIS A 34 10.74 -22.28 -5.46
C HIS A 34 12.25 -22.04 -5.63
N VAL A 35 12.62 -20.82 -5.99
CA VAL A 35 14.01 -20.46 -6.19
C VAL A 35 14.45 -19.39 -5.19
N ALA A 36 15.74 -19.39 -4.87
CA ALA A 36 16.29 -18.40 -3.94
C ALA A 36 17.82 -18.48 -3.90
N GLY A 37 18.43 -17.47 -3.31
CA GLY A 37 19.88 -17.44 -3.20
C GLY A 37 20.37 -16.62 -2.04
N ALA A 38 21.63 -16.21 -2.08
CA ALA A 38 22.22 -15.41 -1.00
C ALA A 38 22.76 -14.09 -1.54
N ALA A 39 22.48 -13.01 -0.80
CA ALA A 39 22.93 -11.69 -1.20
C ALA A 39 23.02 -10.75 0.00
N ALA A 40 23.93 -9.78 -0.07
CA ALA A 40 24.12 -8.84 1.01
C ALA A 40 22.84 -8.05 1.28
N ALA A 41 22.46 -7.96 2.56
CA ALA A 41 21.25 -7.24 2.94
C ALA A 41 21.60 -6.00 3.76
N GLY A 42 20.57 -5.24 4.12
CA GLY A 42 20.78 -4.03 4.90
C GLY A 42 19.84 -3.92 6.07
N ALA A 43 18.99 -2.89 6.06
CA ALA A 43 18.03 -2.68 7.13
C ALA A 43 16.99 -1.64 6.74
N VAL A 44 15.75 -2.09 6.56
CA VAL A 44 14.66 -1.20 6.18
C VAL A 44 13.52 -1.25 7.19
N VAL A 45 12.90 -0.11 7.44
CA VAL A 45 11.79 -0.03 8.39
C VAL A 45 10.72 0.92 7.90
N GLY A 46 9.45 0.56 8.15
CA GLY A 46 8.34 1.40 7.72
C GLY A 46 7.37 1.69 8.84
N GLY A 47 6.40 0.80 9.03
CA GLY A 47 5.41 0.97 10.07
C GLY A 47 4.21 1.77 9.60
N LEU A 48 3.17 1.07 9.19
CA LEU A 48 1.94 1.72 8.71
C LEU A 48 0.77 1.44 9.65
N GLY A 49 0.74 0.23 10.19
CA GLY A 49 -0.33 -0.14 11.11
C GLY A 49 -1.00 -1.43 10.71
N GLY A 50 -2.12 -1.33 10.01
CA GLY A 50 -2.84 -2.52 9.58
C GLY A 50 -3.59 -2.31 8.27
N TYR A 51 -2.83 -2.23 7.17
CA TYR A 51 -3.42 -2.02 5.85
C TYR A 51 -3.00 -3.14 4.89
N MET A 52 -3.97 -3.90 4.41
CA MET A 52 -3.71 -4.98 3.48
C MET A 52 -2.87 -4.50 2.30
N LEU A 53 -2.01 -5.37 1.80
CA LEU A 53 -1.15 -5.03 0.67
C LEU A 53 -1.55 -5.83 -0.57
N GLY A 54 -1.57 -5.15 -1.71
CA GLY A 54 -1.94 -5.81 -2.96
C GLY A 54 -0.91 -6.83 -3.40
N SER A 55 -0.32 -6.61 -4.56
CA SER A 55 0.69 -7.54 -5.09
C SER A 55 1.22 -7.04 -6.44
N VAL A 56 2.41 -7.51 -6.80
CA VAL A 56 3.03 -7.12 -8.06
C VAL A 56 2.20 -7.57 -9.25
N MET A 57 2.08 -6.71 -10.25
CA MET A 57 1.31 -7.03 -11.45
C MET A 57 1.83 -6.24 -12.65
N SER A 58 1.46 -6.69 -13.84
CA SER A 58 1.89 -6.03 -15.08
C SER A 58 0.69 -5.67 -15.95
N ARG A 59 -0.47 -5.54 -15.32
CA ARG A 59 -1.69 -5.20 -16.04
C ARG A 59 -2.05 -3.73 -15.83
N PRO A 60 -2.88 -3.19 -16.74
CA PRO A 60 -3.31 -1.79 -16.68
C PRO A 60 -4.27 -1.53 -15.53
N LEU A 61 -3.96 -0.53 -14.73
CA LEU A 61 -4.79 -0.18 -13.58
C LEU A 61 -5.53 1.13 -13.82
N ILE A 62 -4.89 2.04 -14.55
CA ILE A 62 -5.49 3.33 -14.87
C ILE A 62 -5.55 3.56 -16.37
N HIS A 63 -6.65 4.14 -16.83
CA HIS A 63 -6.84 4.42 -18.25
C HIS A 63 -7.01 5.92 -18.50
N PHE A 64 -5.96 6.55 -19.01
CA PHE A 64 -5.99 7.98 -19.29
C PHE A 64 -6.74 8.26 -20.59
N GLY A 65 -6.59 7.36 -21.56
CA GLY A 65 -7.26 7.54 -22.84
C GLY A 65 -6.37 8.24 -23.86
N ASN A 66 -5.32 8.88 -23.38
CA ASN A 66 -4.40 9.59 -24.26
C ASN A 66 -3.08 8.83 -24.40
N ASP A 67 -2.19 9.34 -25.24
CA ASP A 67 -0.89 8.72 -25.46
C ASP A 67 0.18 9.35 -24.56
N TYR A 68 0.07 10.65 -24.34
CA TYR A 68 1.03 11.36 -23.51
C TYR A 68 0.87 10.97 -22.04
N GLU A 69 -0.37 10.99 -21.56
CA GLU A 69 -0.66 10.64 -20.18
C GLU A 69 -0.26 9.20 -19.90
N ASP A 70 -0.43 8.34 -20.89
CA ASP A 70 -0.10 6.92 -20.76
C ASP A 70 1.42 6.73 -20.73
N ARG A 71 2.12 7.43 -21.61
CA ARG A 71 3.56 7.34 -21.70
C ARG A 71 4.23 8.00 -20.50
N TYR A 72 3.62 9.06 -19.99
CA TYR A 72 4.15 9.78 -18.84
C TYR A 72 4.20 8.88 -17.62
N TYR A 73 3.06 8.30 -17.26
CA TYR A 73 2.98 7.41 -16.10
C TYR A 73 3.99 6.28 -16.21
N ARG A 74 4.02 5.62 -17.37
CA ARG A 74 4.93 4.51 -17.61
C ARG A 74 6.38 4.97 -17.49
N GLU A 75 6.65 6.20 -17.95
CA GLU A 75 8.00 6.75 -17.90
C GLU A 75 8.46 6.94 -16.45
N ASN A 76 7.58 7.52 -15.64
CA ASN A 76 7.89 7.75 -14.23
C ASN A 76 7.52 6.54 -13.38
N MET A 77 7.13 5.46 -14.04
CA MET A 77 6.74 4.24 -13.34
C MET A 77 7.85 3.78 -12.40
N TYR A 78 9.09 4.02 -12.78
CA TYR A 78 10.23 3.63 -11.96
C TYR A 78 10.53 4.70 -10.90
N ARG A 79 10.14 5.93 -11.19
CA ARG A 79 10.37 7.04 -10.26
C ARG A 79 9.58 6.83 -8.97
N TYR A 80 8.31 6.47 -9.11
CA TYR A 80 7.44 6.24 -7.96
C TYR A 80 6.89 4.82 -7.96
N PRO A 81 6.49 4.33 -6.78
CA PRO A 81 5.94 2.99 -6.62
C PRO A 81 4.56 2.85 -7.26
N ASN A 82 4.10 1.60 -7.38
CA ASN A 82 2.79 1.34 -7.98
C ASN A 82 1.85 0.70 -6.96
N GLN A 83 2.43 0.03 -5.97
CA GLN A 83 1.64 -0.62 -4.94
C GLN A 83 0.92 0.41 -4.07
N VAL A 84 -0.07 -0.06 -3.29
CA VAL A 84 -0.83 0.82 -2.42
C VAL A 84 -1.33 0.08 -1.18
N TYR A 85 -1.93 0.81 -0.26
CA TYR A 85 -2.44 0.22 0.97
C TYR A 85 -3.95 0.39 1.06
N TYR A 86 -4.63 -0.66 1.53
CA TYR A 86 -6.08 -0.62 1.67
C TYR A 86 -6.60 -1.89 2.34
N ARG A 87 -7.87 -1.90 2.69
CA ARG A 87 -8.49 -3.05 3.34
C ARG A 87 -9.43 -3.79 2.39
N PRO A 88 -9.67 -5.07 2.67
CA PRO A 88 -10.55 -5.91 1.85
C PRO A 88 -12.02 -5.50 1.97
N VAL A 89 -12.72 -5.49 0.83
CA VAL A 89 -14.13 -5.12 0.81
C VAL A 89 -14.91 -5.91 1.84
N ASP A 90 -16.16 -5.50 2.06
CA ASP A 90 -17.03 -6.18 3.02
C ASP A 90 -18.49 -6.00 2.64
N GLN A 91 -19.37 -6.66 3.39
CA GLN A 91 -20.81 -6.58 3.14
C GLN A 91 -21.47 -5.53 4.03
N TYR A 92 -20.76 -4.44 4.26
CA TYR A 92 -21.27 -3.35 5.10
C TYR A 92 -21.37 -2.06 4.31
N SER A 93 -20.46 -1.86 3.38
CA SER A 93 -20.44 -0.65 2.55
C SER A 93 -19.83 -0.94 1.19
N ASN A 94 -19.96 0.02 0.28
CA ASN A 94 -19.41 -0.12 -1.06
C ASN A 94 -17.89 -0.07 -1.04
N GLN A 95 -17.29 -0.10 -2.23
CA GLN A 95 -15.84 -0.05 -2.34
C GLN A 95 -15.27 1.17 -1.64
N ASN A 96 -16.02 2.27 -1.65
CA ASN A 96 -15.59 3.50 -1.01
C ASN A 96 -15.14 3.24 0.42
N ASN A 97 -15.73 2.23 1.05
CA ASN A 97 -15.39 1.88 2.42
C ASN A 97 -13.88 1.74 2.59
N PHE A 98 -13.23 1.13 1.61
CA PHE A 98 -11.79 0.94 1.65
C PHE A 98 -11.08 1.89 0.69
N VAL A 99 -11.75 2.18 -0.43
CA VAL A 99 -11.19 3.07 -1.44
C VAL A 99 -10.98 4.47 -0.88
N HIS A 100 -11.87 4.88 0.02
CA HIS A 100 -11.80 6.20 0.64
C HIS A 100 -10.48 6.37 1.39
N ASP A 101 -10.23 5.48 2.34
CA ASP A 101 -9.01 5.53 3.14
C ASP A 101 -7.81 5.07 2.32
N CYS A 102 -8.08 4.30 1.27
CA CYS A 102 -7.02 3.79 0.40
C CYS A 102 -6.17 4.92 -0.14
N VAL A 103 -6.83 5.96 -0.65
CA VAL A 103 -6.13 7.11 -1.21
C VAL A 103 -5.47 7.94 -0.11
N ASN A 104 -6.11 7.97 1.06
CA ASN A 104 -5.60 8.73 2.19
C ASN A 104 -4.28 8.13 2.69
N ILE A 105 -4.16 6.81 2.58
CA ILE A 105 -2.96 6.11 3.02
C ILE A 105 -1.89 6.10 1.93
N THR A 106 -2.34 6.01 0.67
CA THR A 106 -1.44 5.98 -0.46
C THR A 106 -0.74 7.33 -0.64
N VAL A 107 -1.52 8.40 -0.58
CA VAL A 107 -0.98 9.75 -0.73
C VAL A 107 0.12 10.02 0.28
N LYS A 108 -0.07 9.50 1.50
CA LYS A 108 0.91 9.69 2.57
C LYS A 108 2.17 8.88 2.29
N GLN A 109 1.99 7.59 2.01
CA GLN A 109 3.12 6.70 1.73
C GLN A 109 3.78 7.07 0.41
N HIS A 110 3.12 7.91 -0.37
CA HIS A 110 3.64 8.36 -1.66
C HIS A 110 4.80 9.34 -1.47
N THR A 111 4.68 10.20 -0.46
CA THR A 111 5.71 11.18 -0.17
C THR A 111 6.32 10.95 1.20
N VAL A 112 5.95 9.85 1.84
CA VAL A 112 6.47 9.50 3.16
C VAL A 112 7.99 9.59 3.20
N LYS A 113 8.63 9.18 2.11
CA LYS A 113 10.07 9.21 2.01
C LYS A 113 10.55 10.52 1.40
N GLY A 114 9.85 11.61 1.72
CA GLY A 114 10.22 12.91 1.20
C GLY A 114 10.36 12.92 -0.30
N GLU A 115 9.71 11.96 -0.96
CA GLU A 115 9.76 11.86 -2.41
C GLU A 115 8.56 12.56 -3.05
N ASN A 116 8.62 13.88 -3.15
CA ASN A 116 7.55 14.66 -3.74
C ASN A 116 7.68 14.70 -5.26
N PHE A 117 6.73 15.39 -5.91
CA PHE A 117 6.74 15.51 -7.36
C PHE A 117 6.19 16.86 -7.80
N THR A 118 6.58 17.31 -8.99
CA THR A 118 6.12 18.57 -9.52
C THR A 118 4.60 18.63 -9.59
N GLU A 119 4.07 19.85 -9.63
CA GLU A 119 2.62 20.03 -9.71
C GLU A 119 2.03 19.25 -10.87
N THR A 120 2.81 19.09 -11.92
CA THR A 120 2.36 18.37 -13.11
C THR A 120 2.30 16.86 -12.85
N ASP A 121 3.35 16.34 -12.21
CA ASP A 121 3.42 14.91 -11.89
C ASP A 121 2.28 14.51 -10.96
N ILE A 122 2.00 15.36 -9.98
CA ILE A 122 0.94 15.10 -9.01
C ILE A 122 -0.39 14.83 -9.71
N LYS A 123 -0.57 15.44 -10.88
CA LYS A 123 -1.78 15.27 -11.66
C LYS A 123 -2.00 13.80 -12.03
N ILE A 124 -1.00 13.21 -12.69
CA ILE A 124 -1.07 11.81 -13.10
C ILE A 124 -0.88 10.88 -11.91
N MET A 125 0.00 11.28 -10.99
CA MET A 125 0.27 10.48 -9.81
C MET A 125 -1.01 10.24 -9.01
N GLU A 126 -1.75 11.31 -8.75
CA GLU A 126 -2.99 11.22 -7.99
C GLU A 126 -4.04 10.40 -8.76
N ARG A 127 -3.96 10.45 -10.09
CA ARG A 127 -4.90 9.72 -10.93
C ARG A 127 -4.71 8.21 -10.77
N VAL A 128 -3.47 7.75 -10.88
CA VAL A 128 -3.16 6.34 -10.74
C VAL A 128 -3.39 5.86 -9.31
N VAL A 129 -3.11 6.73 -8.34
CA VAL A 129 -3.30 6.41 -6.94
C VAL A 129 -4.76 6.10 -6.63
N GLU A 130 -5.63 7.06 -6.90
CA GLU A 130 -7.06 6.88 -6.65
C GLU A 130 -7.63 5.76 -7.51
N GLN A 131 -7.25 5.74 -8.78
CA GLN A 131 -7.72 4.72 -9.71
C GLN A 131 -7.25 3.33 -9.28
N MET A 132 -6.10 3.28 -8.62
CA MET A 132 -5.54 2.02 -8.15
C MET A 132 -6.41 1.42 -7.05
N CYS A 133 -7.16 2.27 -6.36
CA CYS A 133 -8.03 1.81 -5.28
C CYS A 133 -9.29 1.16 -5.84
N ILE A 134 -9.94 1.84 -6.78
CA ILE A 134 -11.15 1.33 -7.40
C ILE A 134 -10.86 0.10 -8.25
N THR A 135 -9.83 0.20 -9.08
CA THR A 135 -9.45 -0.90 -9.96
C THR A 135 -9.17 -2.17 -9.15
N GLN A 136 -8.83 -1.99 -7.88
CA GLN A 136 -8.54 -3.12 -7.01
C GLN A 136 -9.83 -3.75 -6.49
N TYR A 137 -10.90 -2.96 -6.47
CA TYR A 137 -12.19 -3.44 -5.98
C TYR A 137 -12.62 -4.71 -6.73
N GLN A 138 -12.30 -4.75 -8.02
CA GLN A 138 -12.65 -5.90 -8.85
C GLN A 138 -12.00 -7.17 -8.31
N ARG A 139 -10.73 -7.06 -7.91
CA ARG A 139 -9.99 -8.20 -7.38
C ARG A 139 -10.45 -8.54 -5.98
N GLU A 140 -10.49 -7.53 -5.11
CA GLU A 140 -10.92 -7.72 -3.73
C GLU A 140 -12.25 -8.45 -3.66
N SER A 141 -13.11 -8.18 -4.64
CA SER A 141 -14.43 -8.80 -4.70
C SER A 141 -14.32 -10.28 -5.02
N GLN A 142 -13.53 -10.60 -6.04
CA GLN A 142 -13.34 -11.99 -6.45
C GLN A 142 -12.77 -12.83 -5.31
N ALA A 143 -11.90 -12.21 -4.51
CA ALA A 143 -11.30 -12.90 -3.39
C ALA A 143 -12.21 -12.87 -2.17
N TYR A 144 -13.04 -11.84 -2.08
CA TYR A 144 -13.97 -11.68 -0.97
C TYR A 144 -15.12 -12.68 -1.08
N TYR A 145 -15.66 -12.83 -2.29
CA TYR A 145 -16.77 -13.74 -2.53
C TYR A 145 -16.46 -15.13 -1.99
N GLN A 146 -15.20 -15.53 -2.12
CA GLN A 146 -14.78 -16.85 -1.65
C GLN A 146 -14.13 -16.74 -0.26
N ARG A 147 -14.71 -17.44 0.70
CA ARG A 147 -14.19 -17.43 2.07
C ARG A 147 -13.11 -18.48 2.25
N GLY A 148 -12.30 -18.32 3.29
CA GLY A 148 -11.24 -19.28 3.56
C GLY A 148 -11.49 -20.08 4.82
N ALA A 149 -12.70 -20.60 4.97
CA ALA A 149 -13.06 -21.39 6.14
C ALA A 149 -12.42 -22.78 6.08
N SER A 150 -12.54 -23.53 7.17
CA SER A 150 -11.97 -24.87 7.24
C SER A 150 -12.49 -25.74 6.11
N SER A 12 68.80 17.61 -57.28
CA SER A 12 68.00 16.68 -56.50
C SER A 12 68.90 15.76 -55.67
N GLY A 13 69.25 16.22 -54.47
CA GLY A 13 70.11 15.43 -53.61
C GLY A 13 69.37 14.93 -52.37
N LEU A 14 69.49 13.63 -52.10
CA LEU A 14 68.82 13.03 -50.95
C LEU A 14 69.79 12.93 -49.77
N VAL A 15 69.25 13.14 -48.57
CA VAL A 15 70.07 13.07 -47.35
C VAL A 15 69.32 12.35 -46.23
N PRO A 16 69.28 11.02 -46.31
CA PRO A 16 68.60 10.19 -45.31
C PRO A 16 69.33 10.19 -43.97
N ARG A 17 68.73 9.52 -42.99
CA ARG A 17 69.33 9.45 -41.65
C ARG A 17 68.98 8.12 -40.98
N GLY A 18 69.93 7.59 -40.21
CA GLY A 18 69.71 6.32 -39.53
C GLY A 18 70.36 6.29 -38.16
N SER A 19 69.86 7.11 -37.24
CA SER A 19 70.39 7.17 -35.89
C SER A 19 70.16 5.86 -35.15
N HIS A 20 71.12 5.47 -34.32
CA HIS A 20 71.02 4.24 -33.55
C HIS A 20 70.73 4.55 -32.08
N MET A 21 69.49 4.94 -31.81
CA MET A 21 69.08 5.27 -30.43
C MET A 21 67.85 4.45 -30.03
N SER A 22 68.08 3.32 -29.37
CA SER A 22 67.00 2.46 -28.93
C SER A 22 66.43 2.93 -27.61
N ASN A 23 65.16 3.35 -27.63
CA ASN A 23 64.49 3.84 -26.43
C ASN A 23 63.65 2.73 -25.79
N LYS A 24 63.12 3.00 -24.60
CA LYS A 24 62.30 2.04 -23.88
C LYS A 24 60.99 2.67 -23.44
N PRO A 25 60.10 2.93 -24.41
CA PRO A 25 58.78 3.52 -24.14
C PRO A 25 57.85 2.57 -23.40
N SER A 26 56.79 3.11 -22.82
CA SER A 26 55.82 2.31 -22.08
C SER A 26 56.50 1.58 -20.92
N LYS A 27 57.18 2.34 -20.08
CA LYS A 27 57.87 1.77 -18.93
C LYS A 27 56.88 1.12 -17.96
N PRO A 28 57.38 0.23 -17.09
CA PRO A 28 56.57 -0.48 -16.11
C PRO A 28 56.05 0.45 -15.01
N LYS A 29 54.83 0.95 -15.18
CA LYS A 29 54.22 1.83 -14.20
C LYS A 29 52.94 1.24 -13.64
N THR A 30 52.82 1.26 -12.31
CA THR A 30 51.64 0.72 -11.64
C THR A 30 51.24 1.59 -10.46
N ASN A 31 49.93 1.77 -10.28
CA ASN A 31 49.41 2.57 -9.19
C ASN A 31 48.44 1.76 -8.33
N MET A 32 47.55 1.03 -8.98
CA MET A 32 46.58 0.20 -8.27
C MET A 32 45.80 1.04 -7.26
N LYS A 33 45.62 2.32 -7.55
CA LYS A 33 44.89 3.23 -6.67
C LYS A 33 43.39 3.16 -6.95
N HIS A 34 42.65 2.58 -6.00
CA HIS A 34 41.21 2.44 -6.14
C HIS A 34 40.52 2.52 -4.78
N VAL A 35 39.49 3.35 -4.69
CA VAL A 35 38.74 3.52 -3.44
C VAL A 35 37.71 2.42 -3.27
N ALA A 36 37.48 2.01 -2.03
CA ALA A 36 36.52 0.97 -1.72
C ALA A 36 35.20 1.57 -1.22
N GLY A 37 34.09 1.08 -1.76
CA GLY A 37 32.78 1.57 -1.35
C GLY A 37 32.31 0.96 -0.05
N ALA A 38 31.70 1.79 0.80
CA ALA A 38 31.20 1.32 2.09
C ALA A 38 29.73 0.91 1.99
N ALA A 39 29.44 -0.32 2.39
CA ALA A 39 28.08 -0.84 2.35
C ALA A 39 27.46 -0.87 3.74
N ALA A 40 26.14 -0.73 3.81
CA ALA A 40 25.43 -0.75 5.08
C ALA A 40 24.00 -1.25 4.90
N ALA A 41 23.48 -1.92 5.93
CA ALA A 41 22.13 -2.45 5.88
C ALA A 41 21.57 -2.66 7.29
N GLY A 42 20.27 -2.43 7.45
CA GLY A 42 19.65 -2.60 8.75
C GLY A 42 18.17 -2.95 8.64
N ALA A 43 17.45 -2.77 9.74
CA ALA A 43 16.02 -3.07 9.76
C ALA A 43 15.37 -2.57 11.05
N VAL A 44 14.48 -1.59 10.91
CA VAL A 44 13.79 -1.03 12.07
C VAL A 44 12.28 -1.21 11.94
N VAL A 45 11.62 -1.42 13.08
CA VAL A 45 10.18 -1.60 13.10
C VAL A 45 9.46 -0.32 12.71
N GLY A 46 8.26 -0.47 12.15
CA GLY A 46 7.48 0.68 11.73
C GLY A 46 6.07 0.65 12.28
N GLY A 47 5.14 0.15 11.48
CA GLY A 47 3.75 0.09 11.91
C GLY A 47 2.86 1.04 11.15
N LEU A 48 2.28 0.56 10.06
CA LEU A 48 1.39 1.38 9.24
C LEU A 48 0.05 1.61 9.93
N GLY A 49 -0.42 0.59 10.65
CA GLY A 49 -1.68 0.70 11.35
C GLY A 49 -2.56 -0.51 11.16
N GLY A 50 -2.28 -1.28 10.11
CA GLY A 50 -3.06 -2.47 9.84
C GLY A 50 -3.74 -2.42 8.49
N TYR A 51 -2.98 -2.06 7.46
CA TYR A 51 -3.51 -1.96 6.10
C TYR A 51 -3.08 -3.15 5.26
N MET A 52 -4.05 -3.99 4.89
CA MET A 52 -3.76 -5.17 4.08
C MET A 52 -2.97 -4.79 2.83
N LEU A 53 -2.23 -5.75 2.29
CA LEU A 53 -1.42 -5.53 1.10
C LEU A 53 -1.62 -6.66 0.08
N GLY A 54 -2.03 -6.28 -1.12
CA GLY A 54 -2.24 -7.28 -2.17
C GLY A 54 -0.98 -7.56 -2.96
N SER A 55 -1.12 -7.62 -4.29
CA SER A 55 0.01 -7.90 -5.16
C SER A 55 -0.13 -7.15 -6.48
N VAL A 56 0.95 -7.13 -7.26
CA VAL A 56 0.95 -6.43 -8.55
C VAL A 56 2.27 -6.64 -9.27
N MET A 57 2.20 -6.87 -10.58
CA MET A 57 3.39 -7.08 -11.40
C MET A 57 3.13 -6.69 -12.85
N SER A 58 3.51 -5.45 -13.19
CA SER A 58 3.32 -4.95 -14.54
C SER A 58 1.88 -5.19 -15.02
N ARG A 59 0.93 -5.04 -14.10
CA ARG A 59 -0.48 -5.24 -14.42
C ARG A 59 -1.20 -3.90 -14.57
N PRO A 60 -2.29 -3.90 -15.34
CA PRO A 60 -3.08 -2.69 -15.59
C PRO A 60 -3.85 -2.24 -14.35
N LEU A 61 -3.68 -0.96 -14.00
CA LEU A 61 -4.36 -0.41 -12.84
C LEU A 61 -5.12 0.86 -13.21
N ILE A 62 -4.53 1.67 -14.08
CA ILE A 62 -5.15 2.91 -14.51
C ILE A 62 -5.25 2.97 -16.03
N HIS A 63 -6.39 3.45 -16.53
CA HIS A 63 -6.60 3.56 -17.97
C HIS A 63 -6.58 5.02 -18.41
N PHE A 64 -5.60 5.39 -19.22
CA PHE A 64 -5.47 6.75 -19.72
C PHE A 64 -6.10 6.90 -21.09
N GLY A 65 -5.52 6.22 -22.07
CA GLY A 65 -6.04 6.29 -23.43
C GLY A 65 -5.33 7.32 -24.27
N ASN A 66 -4.67 8.27 -23.61
CA ASN A 66 -3.95 9.33 -24.31
C ASN A 66 -2.51 8.91 -24.59
N ASP A 67 -1.77 9.79 -25.25
CA ASP A 67 -0.37 9.51 -25.58
C ASP A 67 0.55 10.07 -24.52
N TYR A 68 0.40 11.35 -24.22
CA TYR A 68 1.23 12.01 -23.22
C TYR A 68 0.91 11.50 -21.81
N GLU A 69 -0.38 11.52 -21.48
CA GLU A 69 -0.83 11.07 -20.17
C GLU A 69 -0.34 9.65 -19.89
N ASP A 70 -0.42 8.80 -20.91
CA ASP A 70 0.02 7.41 -20.78
C ASP A 70 1.54 7.32 -20.76
N ARG A 71 2.17 7.90 -21.77
CA ARG A 71 3.63 7.88 -21.87
C ARG A 71 4.28 8.37 -20.57
N TYR A 72 3.72 9.45 -20.01
CA TYR A 72 4.25 10.01 -18.78
C TYR A 72 4.14 9.01 -17.63
N TYR A 73 2.98 8.38 -17.50
CA TYR A 73 2.75 7.40 -16.45
C TYR A 73 3.80 6.29 -16.49
N ARG A 74 3.91 5.64 -17.65
CA ARG A 74 4.87 4.56 -17.83
C ARG A 74 6.30 5.09 -17.73
N GLU A 75 6.48 6.35 -18.09
CA GLU A 75 7.81 6.97 -18.04
C GLU A 75 8.27 7.15 -16.61
N ASN A 76 7.40 7.71 -15.77
CA ASN A 76 7.72 7.93 -14.37
C ASN A 76 7.30 6.74 -13.51
N MET A 77 6.87 5.67 -14.17
CA MET A 77 6.43 4.46 -13.47
C MET A 77 7.60 3.83 -12.71
N TYR A 78 8.77 3.81 -13.34
CA TYR A 78 9.96 3.23 -12.73
C TYR A 78 10.50 4.14 -11.63
N ARG A 79 9.94 5.33 -11.53
CA ARG A 79 10.37 6.30 -10.52
C ARG A 79 9.69 6.02 -9.18
N TYR A 80 8.38 5.82 -9.21
CA TYR A 80 7.62 5.55 -8.00
C TYR A 80 7.08 4.12 -8.01
N PRO A 81 6.78 3.59 -6.81
CA PRO A 81 6.25 2.24 -6.65
C PRO A 81 4.83 2.11 -7.17
N ASN A 82 4.33 0.88 -7.22
CA ASN A 82 2.98 0.61 -7.70
C ASN A 82 2.11 0.04 -6.58
N GLN A 83 2.75 -0.52 -5.57
CA GLN A 83 2.04 -1.11 -4.44
C GLN A 83 1.28 -0.05 -3.67
N VAL A 84 0.07 -0.38 -3.21
CA VAL A 84 -0.75 0.54 -2.46
C VAL A 84 -1.38 -0.14 -1.26
N TYR A 85 -1.52 0.61 -0.16
CA TYR A 85 -2.12 0.08 1.06
C TYR A 85 -3.64 0.19 1.03
N TYR A 86 -4.31 -0.85 1.51
CA TYR A 86 -5.76 -0.87 1.54
C TYR A 86 -6.29 -2.11 2.26
N ARG A 87 -7.58 -2.14 2.51
CA ARG A 87 -8.21 -3.27 3.19
C ARG A 87 -9.07 -4.08 2.23
N PRO A 88 -9.35 -5.35 2.60
CA PRO A 88 -10.16 -6.25 1.79
C PRO A 88 -11.62 -5.83 1.75
N VAL A 89 -12.18 -5.75 0.54
CA VAL A 89 -13.57 -5.36 0.36
C VAL A 89 -14.50 -6.24 1.19
N ASP A 90 -15.65 -5.69 1.55
CA ASP A 90 -16.63 -6.43 2.35
C ASP A 90 -18.02 -6.34 1.73
N GLN A 91 -19.02 -6.78 2.48
CA GLN A 91 -20.40 -6.75 1.99
C GLN A 91 -21.21 -5.71 2.75
N TYR A 92 -20.76 -5.36 3.94
CA TYR A 92 -21.45 -4.37 4.76
C TYR A 92 -21.69 -3.09 3.98
N SER A 93 -20.61 -2.46 3.54
CA SER A 93 -20.70 -1.22 2.77
C SER A 93 -20.16 -1.42 1.36
N ASN A 94 -20.06 -0.32 0.61
CA ASN A 94 -19.57 -0.36 -0.76
C ASN A 94 -18.04 -0.32 -0.79
N GLN A 95 -17.48 -0.22 -1.99
CA GLN A 95 -16.03 -0.17 -2.16
C GLN A 95 -15.47 1.15 -1.64
N ASN A 96 -16.27 2.21 -1.77
CA ASN A 96 -15.85 3.54 -1.31
C ASN A 96 -15.31 3.48 0.11
N ASN A 97 -15.83 2.54 0.90
CA ASN A 97 -15.40 2.38 2.28
C ASN A 97 -13.89 2.25 2.38
N PHE A 98 -13.33 1.33 1.60
CA PHE A 98 -11.89 1.11 1.61
C PHE A 98 -11.21 1.99 0.56
N VAL A 99 -11.90 2.23 -0.55
CA VAL A 99 -11.36 3.06 -1.61
C VAL A 99 -11.08 4.48 -1.13
N HIS A 100 -11.92 4.96 -0.21
CA HIS A 100 -11.75 6.30 0.35
C HIS A 100 -10.43 6.43 1.09
N ASP A 101 -10.22 5.57 2.08
CA ASP A 101 -9.00 5.59 2.88
C ASP A 101 -7.82 5.09 2.05
N CYS A 102 -8.11 4.32 1.01
CA CYS A 102 -7.07 3.77 0.14
C CYS A 102 -6.20 4.88 -0.43
N VAL A 103 -6.84 5.98 -0.84
CA VAL A 103 -6.11 7.11 -1.40
C VAL A 103 -5.35 7.87 -0.32
N ASN A 104 -6.03 8.15 0.79
CA ASN A 104 -5.42 8.88 1.90
C ASN A 104 -4.12 8.20 2.34
N ILE A 105 -4.22 6.93 2.70
CA ILE A 105 -3.06 6.16 3.14
C ILE A 105 -1.94 6.23 2.10
N THR A 106 -2.31 6.09 0.84
CA THR A 106 -1.34 6.13 -0.25
C THR A 106 -0.67 7.50 -0.35
N VAL A 107 -1.47 8.54 -0.15
CA VAL A 107 -0.95 9.91 -0.22
C VAL A 107 0.07 10.16 0.87
N LYS A 108 -0.10 9.49 2.01
CA LYS A 108 0.81 9.64 3.13
C LYS A 108 2.21 9.13 2.77
N GLN A 109 2.26 7.98 2.12
CA GLN A 109 3.53 7.38 1.71
C GLN A 109 4.03 7.99 0.40
N HIS A 110 3.10 8.55 -0.37
CA HIS A 110 3.44 9.15 -1.65
C HIS A 110 4.03 10.56 -1.44
N THR A 111 3.43 11.31 -0.53
CA THR A 111 3.89 12.66 -0.24
C THR A 111 4.96 12.66 0.84
N VAL A 112 5.34 11.47 1.29
CA VAL A 112 6.36 11.32 2.32
C VAL A 112 7.61 12.10 1.97
N LYS A 113 8.37 12.50 2.98
CA LYS A 113 9.59 13.26 2.78
C LYS A 113 10.71 12.35 2.26
N GLY A 114 10.61 11.97 0.99
CA GLY A 114 11.62 11.11 0.39
C GLY A 114 11.63 11.21 -1.12
N GLU A 115 10.45 11.31 -1.72
CA GLU A 115 10.34 11.41 -3.17
C GLU A 115 9.36 12.51 -3.57
N ASN A 116 9.88 13.72 -3.71
CA ASN A 116 9.07 14.88 -4.09
C ASN A 116 8.88 14.93 -5.61
N PHE A 117 7.64 15.17 -6.04
CA PHE A 117 7.32 15.25 -7.45
C PHE A 117 7.01 16.69 -7.86
N THR A 118 6.73 16.88 -9.15
CA THR A 118 6.42 18.20 -9.66
C THR A 118 4.92 18.47 -9.65
N GLU A 119 4.53 19.73 -9.77
CA GLU A 119 3.13 20.11 -9.77
C GLU A 119 2.36 19.33 -10.82
N THR A 120 2.97 19.13 -11.98
CA THR A 120 2.34 18.40 -13.08
C THR A 120 2.29 16.91 -12.78
N ASP A 121 3.28 16.42 -12.03
CA ASP A 121 3.34 15.00 -11.68
C ASP A 121 2.19 14.63 -10.75
N ILE A 122 1.87 15.51 -9.81
CA ILE A 122 0.80 15.26 -8.86
C ILE A 122 -0.51 14.97 -9.60
N LYS A 123 -0.66 15.54 -10.78
CA LYS A 123 -1.86 15.34 -11.57
C LYS A 123 -2.04 13.87 -11.95
N ILE A 124 -1.02 13.29 -12.56
CA ILE A 124 -1.05 11.90 -12.96
C ILE A 124 -0.91 10.97 -11.75
N MET A 125 0.06 11.28 -10.89
CA MET A 125 0.29 10.48 -9.70
C MET A 125 -0.99 10.31 -8.89
N GLU A 126 -1.82 11.34 -8.90
CA GLU A 126 -3.08 11.31 -8.16
C GLU A 126 -4.09 10.40 -8.86
N ARG A 127 -3.99 10.32 -10.18
CA ARG A 127 -4.90 9.48 -10.96
C ARG A 127 -4.56 8.01 -10.81
N VAL A 128 -3.28 7.68 -11.03
CA VAL A 128 -2.82 6.31 -10.91
C VAL A 128 -3.19 5.71 -9.55
N VAL A 129 -3.09 6.53 -8.51
CA VAL A 129 -3.42 6.09 -7.17
C VAL A 129 -4.92 5.88 -7.00
N GLU A 130 -5.69 6.92 -7.30
CA GLU A 130 -7.14 6.84 -7.19
C GLU A 130 -7.70 5.68 -8.00
N GLN A 131 -7.35 5.64 -9.29
CA GLN A 131 -7.80 4.58 -10.18
C GLN A 131 -7.36 3.21 -9.68
N MET A 132 -6.23 3.19 -8.98
CA MET A 132 -5.69 1.94 -8.44
C MET A 132 -6.52 1.46 -7.26
N CYS A 133 -7.22 2.38 -6.62
CA CYS A 133 -8.06 2.05 -5.47
C CYS A 133 -9.36 1.38 -5.92
N ILE A 134 -10.03 1.98 -6.89
CA ILE A 134 -11.27 1.43 -7.41
C ILE A 134 -11.03 0.12 -8.15
N THR A 135 -10.05 0.11 -9.04
CA THR A 135 -9.72 -1.08 -9.81
C THR A 135 -9.48 -2.28 -8.89
N GLN A 136 -9.06 -2.00 -7.66
CA GLN A 136 -8.80 -3.05 -6.69
C GLN A 136 -10.11 -3.72 -6.23
N TYR A 137 -11.18 -2.94 -6.23
CA TYR A 137 -12.48 -3.44 -5.82
C TYR A 137 -12.86 -4.69 -6.63
N GLN A 138 -12.67 -4.62 -7.94
CA GLN A 138 -13.00 -5.73 -8.81
C GLN A 138 -12.30 -7.01 -8.36
N ARG A 139 -11.03 -6.87 -7.94
CA ARG A 139 -10.25 -8.01 -7.48
C ARG A 139 -10.70 -8.45 -6.10
N GLU A 140 -10.80 -7.50 -5.18
CA GLU A 140 -11.22 -7.79 -3.81
C GLU A 140 -12.57 -8.50 -3.81
N SER A 141 -13.48 -8.04 -4.65
CA SER A 141 -14.81 -8.62 -4.73
C SER A 141 -14.74 -10.08 -5.18
N GLN A 142 -13.82 -10.36 -6.10
CA GLN A 142 -13.65 -11.72 -6.61
C GLN A 142 -13.24 -12.67 -5.50
N ALA A 143 -12.16 -12.34 -4.80
CA ALA A 143 -11.67 -13.17 -3.71
C ALA A 143 -12.62 -13.14 -2.53
N TYR A 144 -13.37 -12.04 -2.39
CA TYR A 144 -14.32 -11.89 -1.30
C TYR A 144 -15.53 -12.80 -1.51
N TYR A 145 -16.22 -12.59 -2.63
CA TYR A 145 -17.40 -13.38 -2.94
C TYR A 145 -17.11 -14.88 -2.84
N GLN A 146 -15.88 -15.26 -3.20
CA GLN A 146 -15.47 -16.65 -3.14
C GLN A 146 -16.43 -17.54 -3.95
N ARG A 147 -17.06 -16.94 -4.95
CA ARG A 147 -18.01 -17.67 -5.79
C ARG A 147 -17.31 -18.78 -6.56
N GLY A 148 -17.79 -20.01 -6.41
CA GLY A 148 -17.20 -21.13 -7.10
C GLY A 148 -17.64 -21.23 -8.55
N ALA A 149 -17.02 -20.44 -9.42
CA ALA A 149 -17.36 -20.44 -10.83
C ALA A 149 -16.29 -21.17 -11.66
N SER A 150 -16.74 -22.14 -12.45
CA SER A 150 -15.82 -22.91 -13.28
C SER A 150 -14.81 -23.67 -12.42
N SER A 12 72.66 -36.30 -61.34
CA SER A 12 73.73 -37.14 -60.81
C SER A 12 74.41 -36.47 -59.63
N GLY A 13 74.84 -37.28 -58.66
CA GLY A 13 75.51 -36.74 -57.49
C GLY A 13 75.04 -37.40 -56.20
N LEU A 14 75.14 -36.67 -55.09
CA LEU A 14 74.72 -37.20 -53.80
C LEU A 14 73.64 -36.32 -53.18
N VAL A 15 72.80 -36.93 -52.35
CA VAL A 15 71.72 -36.19 -51.69
C VAL A 15 71.48 -36.72 -50.28
N PRO A 16 72.44 -36.48 -49.38
CA PRO A 16 72.36 -36.93 -47.98
C PRO A 16 71.29 -36.17 -47.20
N ARG A 17 70.87 -36.75 -46.07
CA ARG A 17 69.86 -36.14 -45.23
C ARG A 17 70.41 -34.89 -44.54
N GLY A 18 69.66 -33.80 -44.61
CA GLY A 18 70.10 -32.56 -43.99
C GLY A 18 68.93 -31.72 -43.48
N SER A 19 67.81 -32.40 -43.20
CA SER A 19 66.62 -31.71 -42.71
C SER A 19 66.75 -31.40 -41.21
N HIS A 20 66.84 -30.12 -40.88
CA HIS A 20 66.96 -29.71 -39.49
C HIS A 20 66.01 -28.55 -39.18
N MET A 21 65.12 -28.76 -38.22
CA MET A 21 64.16 -27.73 -37.83
C MET A 21 64.60 -27.03 -36.55
N SER A 22 64.51 -25.70 -36.55
CA SER A 22 64.90 -24.90 -35.40
C SER A 22 63.74 -24.75 -34.43
N ASN A 23 63.62 -25.69 -33.49
CA ASN A 23 62.55 -25.65 -32.49
C ASN A 23 63.02 -24.98 -31.21
N LYS A 24 62.72 -23.70 -31.08
CA LYS A 24 63.11 -22.94 -29.89
C LYS A 24 61.92 -22.18 -29.31
N PRO A 25 60.99 -22.92 -28.69
CA PRO A 25 59.79 -22.34 -28.07
C PRO A 25 60.12 -21.51 -26.84
N SER A 26 59.17 -20.66 -26.44
CA SER A 26 59.36 -19.80 -25.28
C SER A 26 58.67 -20.39 -24.05
N LYS A 27 58.86 -19.76 -22.90
CA LYS A 27 58.25 -20.22 -21.66
C LYS A 27 57.94 -19.05 -20.73
N PRO A 28 56.92 -18.25 -21.09
CA PRO A 28 56.51 -17.09 -20.31
C PRO A 28 55.87 -17.49 -18.99
N LYS A 29 55.68 -16.50 -18.10
CA LYS A 29 55.08 -16.75 -16.80
C LYS A 29 53.66 -16.19 -16.75
N THR A 30 52.92 -16.56 -15.71
CA THR A 30 51.55 -16.10 -15.54
C THR A 30 51.24 -15.82 -14.07
N ASN A 31 50.45 -14.78 -13.84
CA ASN A 31 50.07 -14.39 -12.47
C ASN A 31 48.73 -13.67 -12.46
N MET A 32 47.99 -13.82 -11.37
CA MET A 32 46.69 -13.17 -11.23
C MET A 32 46.24 -13.16 -9.77
N LYS A 33 45.53 -12.11 -9.39
CA LYS A 33 45.03 -11.98 -8.02
C LYS A 33 44.02 -10.84 -7.91
N HIS A 34 43.01 -11.03 -7.08
CA HIS A 34 41.98 -10.02 -6.89
C HIS A 34 41.05 -10.40 -5.74
N VAL A 35 40.32 -9.42 -5.22
CA VAL A 35 39.38 -9.66 -4.13
C VAL A 35 37.98 -9.23 -4.50
N ALA A 36 36.98 -9.96 -4.02
CA ALA A 36 35.59 -9.65 -4.30
C ALA A 36 34.74 -9.73 -3.03
N GLY A 37 34.33 -8.57 -2.53
CA GLY A 37 33.52 -8.54 -1.33
C GLY A 37 32.78 -7.22 -1.16
N ALA A 38 31.50 -7.30 -0.81
CA ALA A 38 30.69 -6.11 -0.63
C ALA A 38 29.62 -6.33 0.43
N ALA A 39 29.08 -5.25 0.97
CA ALA A 39 28.04 -5.33 1.99
C ALA A 39 27.11 -4.12 1.94
N ALA A 40 25.87 -4.32 2.36
CA ALA A 40 24.88 -3.24 2.35
C ALA A 40 23.97 -3.33 3.56
N ALA A 41 23.58 -2.17 4.08
CA ALA A 41 22.70 -2.11 5.25
C ALA A 41 21.67 -1.01 5.12
N GLY A 42 20.51 -1.18 5.74
CA GLY A 42 19.47 -0.19 5.67
C GLY A 42 18.09 -0.77 5.95
N ALA A 43 17.54 -0.43 7.12
CA ALA A 43 16.22 -0.93 7.51
C ALA A 43 15.49 0.10 8.36
N VAL A 44 14.28 0.46 7.95
CA VAL A 44 13.47 1.43 8.67
C VAL A 44 12.03 0.97 8.80
N VAL A 45 11.53 0.89 10.03
CA VAL A 45 10.17 0.45 10.27
C VAL A 45 9.48 1.37 11.29
N GLY A 46 8.19 1.61 11.08
CA GLY A 46 7.43 2.47 11.97
C GLY A 46 6.15 1.81 12.47
N GLY A 47 5.16 1.72 11.59
CA GLY A 47 3.89 1.12 11.97
C GLY A 47 2.72 1.72 11.23
N LEU A 48 2.36 1.14 10.10
CA LEU A 48 1.24 1.62 9.29
C LEU A 48 -0.08 1.41 10.01
N GLY A 49 -0.16 0.33 10.78
CA GLY A 49 -1.38 0.03 11.51
C GLY A 49 -1.99 -1.30 11.11
N GLY A 50 -2.73 -1.30 10.01
CA GLY A 50 -3.35 -2.52 9.54
C GLY A 50 -4.02 -2.34 8.19
N TYR A 51 -3.21 -2.34 7.13
CA TYR A 51 -3.74 -2.17 5.78
C TYR A 51 -3.33 -3.35 4.89
N MET A 52 -4.32 -4.16 4.54
CA MET A 52 -4.08 -5.33 3.69
C MET A 52 -3.32 -4.94 2.43
N LEU A 53 -2.28 -5.69 2.11
CA LEU A 53 -1.48 -5.43 0.91
C LEU A 53 -1.56 -6.59 -0.07
N GLY A 54 -1.35 -6.28 -1.35
CA GLY A 54 -1.40 -7.30 -2.38
C GLY A 54 -0.03 -7.77 -2.80
N SER A 55 0.10 -8.19 -4.06
CA SER A 55 1.37 -8.67 -4.58
C SER A 55 1.58 -8.21 -6.01
N VAL A 56 2.60 -8.76 -6.66
CA VAL A 56 2.90 -8.40 -8.05
C VAL A 56 1.67 -8.52 -8.93
N MET A 57 1.57 -7.64 -9.92
CA MET A 57 0.43 -7.64 -10.83
C MET A 57 0.83 -7.04 -12.19
N SER A 58 0.35 -7.66 -13.26
CA SER A 58 0.66 -7.19 -14.61
C SER A 58 -0.62 -6.76 -15.34
N ARG A 59 -1.62 -6.36 -14.57
CA ARG A 59 -2.90 -5.93 -15.13
C ARG A 59 -3.01 -4.41 -15.12
N PRO A 60 -3.91 -3.88 -15.96
CA PRO A 60 -4.14 -2.43 -16.06
C PRO A 60 -4.82 -1.87 -14.82
N LEU A 61 -4.26 -0.79 -14.28
CA LEU A 61 -4.80 -0.15 -13.09
C LEU A 61 -5.42 1.21 -13.44
N ILE A 62 -4.92 1.83 -14.50
CA ILE A 62 -5.43 3.12 -14.93
C ILE A 62 -5.51 3.20 -16.45
N HIS A 63 -6.53 3.87 -16.96
CA HIS A 63 -6.72 4.02 -18.39
C HIS A 63 -6.66 5.49 -18.80
N PHE A 64 -5.59 5.88 -19.47
CA PHE A 64 -5.42 7.25 -19.92
C PHE A 64 -6.05 7.47 -21.30
N GLY A 65 -5.39 6.95 -22.33
CA GLY A 65 -5.90 7.09 -23.68
C GLY A 65 -5.19 8.19 -24.46
N ASN A 66 -4.69 9.18 -23.73
CA ASN A 66 -3.99 10.30 -24.36
C ASN A 66 -2.55 9.91 -24.71
N ASP A 67 -1.83 10.85 -25.33
CA ASP A 67 -0.45 10.60 -25.72
C ASP A 67 0.51 11.05 -24.62
N TYR A 68 0.36 12.29 -24.19
CA TYR A 68 1.21 12.84 -23.14
C TYR A 68 0.94 12.17 -21.80
N GLU A 69 -0.33 12.08 -21.44
CA GLU A 69 -0.73 11.46 -20.18
C GLU A 69 -0.29 10.00 -20.13
N ASP A 70 -0.20 9.38 -21.29
CA ASP A 70 0.22 7.98 -21.39
C ASP A 70 1.73 7.86 -21.31
N ARG A 71 2.43 8.52 -22.23
CA ARG A 71 3.88 8.48 -22.26
C ARG A 71 4.47 8.86 -20.90
N TYR A 72 3.90 9.90 -20.30
CA TYR A 72 4.37 10.36 -18.99
C TYR A 72 4.19 9.29 -17.93
N TYR A 73 3.02 8.67 -17.91
CA TYR A 73 2.72 7.62 -16.95
C TYR A 73 3.75 6.50 -17.02
N ARG A 74 3.89 5.91 -18.20
CA ARG A 74 4.85 4.83 -18.40
C ARG A 74 6.27 5.31 -18.17
N GLU A 75 6.49 6.61 -18.33
CA GLU A 75 7.81 7.20 -18.15
C GLU A 75 8.19 7.22 -16.66
N ASN A 76 7.23 7.62 -15.82
CA ASN A 76 7.47 7.69 -14.39
C ASN A 76 7.06 6.39 -13.70
N MET A 77 6.71 5.40 -14.51
CA MET A 77 6.29 4.10 -13.98
C MET A 77 7.37 3.51 -13.08
N TYR A 78 8.61 3.54 -13.56
CA TYR A 78 9.73 3.00 -12.79
C TYR A 78 10.15 3.96 -11.69
N ARG A 79 9.80 5.23 -11.86
CA ARG A 79 10.14 6.26 -10.87
C ARG A 79 9.46 5.97 -9.54
N TYR A 80 8.18 5.63 -9.59
CA TYR A 80 7.42 5.34 -8.38
C TYR A 80 6.96 3.89 -8.37
N PRO A 81 6.66 3.37 -7.16
CA PRO A 81 6.21 1.99 -6.98
C PRO A 81 4.81 1.76 -7.53
N ASN A 82 4.35 0.51 -7.48
CA ASN A 82 3.03 0.16 -7.97
C ASN A 82 2.14 -0.34 -6.84
N GLN A 83 2.78 -0.84 -5.77
CA GLN A 83 2.05 -1.36 -4.62
C GLN A 83 1.25 -0.25 -3.93
N VAL A 84 0.19 -0.63 -3.23
CA VAL A 84 -0.64 0.32 -2.52
C VAL A 84 -1.39 -0.34 -1.37
N TYR A 85 -1.66 0.43 -0.33
CA TYR A 85 -2.37 -0.08 0.84
C TYR A 85 -3.87 -0.03 0.64
N TYR A 86 -4.57 -1.03 1.18
CA TYR A 86 -6.02 -1.09 1.05
C TYR A 86 -6.61 -2.13 2.02
N ARG A 87 -7.93 -2.14 2.12
CA ARG A 87 -8.62 -3.08 3.01
C ARG A 87 -9.69 -3.86 2.25
N PRO A 88 -10.08 -5.02 2.80
CA PRO A 88 -11.10 -5.88 2.20
C PRO A 88 -12.49 -5.27 2.27
N VAL A 89 -13.18 -5.24 1.13
CA VAL A 89 -14.52 -4.69 1.07
C VAL A 89 -15.43 -5.33 2.12
N ASP A 90 -16.20 -4.51 2.82
CA ASP A 90 -17.11 -4.99 3.85
C ASP A 90 -18.05 -3.88 4.30
N GLN A 91 -18.74 -4.13 5.42
CA GLN A 91 -19.67 -3.15 5.96
C GLN A 91 -20.87 -2.95 5.03
N TYR A 92 -21.09 -3.92 4.15
CA TYR A 92 -22.19 -3.86 3.20
C TYR A 92 -22.19 -2.53 2.46
N SER A 93 -21.00 -1.97 2.26
CA SER A 93 -20.86 -0.69 1.56
C SER A 93 -20.15 -0.89 0.22
N ASN A 94 -20.17 0.16 -0.60
CA ASN A 94 -19.53 0.11 -1.91
C ASN A 94 -18.02 0.11 -1.78
N GLN A 95 -17.33 0.15 -2.91
CA GLN A 95 -15.87 0.16 -2.92
C GLN A 95 -15.32 1.40 -2.22
N ASN A 96 -16.02 2.51 -2.38
CA ASN A 96 -15.61 3.76 -1.75
C ASN A 96 -15.34 3.57 -0.27
N ASN A 97 -16.02 2.61 0.34
CA ASN A 97 -15.85 2.32 1.76
C ASN A 97 -14.38 2.16 2.10
N PHE A 98 -13.64 1.46 1.24
CA PHE A 98 -12.22 1.23 1.45
C PHE A 98 -11.38 2.10 0.51
N VAL A 99 -11.90 2.33 -0.69
CA VAL A 99 -11.21 3.14 -1.68
C VAL A 99 -11.00 4.57 -1.18
N HIS A 100 -11.96 5.06 -0.41
CA HIS A 100 -11.90 6.41 0.12
C HIS A 100 -10.61 6.60 0.94
N ASP A 101 -10.45 5.77 1.96
CA ASP A 101 -9.27 5.84 2.82
C ASP A 101 -8.04 5.27 2.12
N CYS A 102 -8.29 4.40 1.14
CA CYS A 102 -7.20 3.78 0.39
C CYS A 102 -6.30 4.84 -0.24
N VAL A 103 -6.91 5.82 -0.88
CA VAL A 103 -6.16 6.90 -1.53
C VAL A 103 -5.35 7.69 -0.51
N ASN A 104 -5.96 7.98 0.64
CA ASN A 104 -5.29 8.73 1.70
C ASN A 104 -3.99 8.05 2.10
N ILE A 105 -4.08 6.78 2.48
CA ILE A 105 -2.90 6.03 2.90
C ILE A 105 -1.80 6.11 1.83
N THR A 106 -2.18 5.96 0.57
CA THR A 106 -1.23 6.03 -0.53
C THR A 106 -0.59 7.40 -0.63
N VAL A 107 -1.42 8.44 -0.55
CA VAL A 107 -0.93 9.82 -0.63
C VAL A 107 0.11 10.09 0.44
N LYS A 108 -0.03 9.42 1.59
CA LYS A 108 0.91 9.59 2.69
C LYS A 108 2.29 9.06 2.32
N GLN A 109 2.33 7.79 1.91
CA GLN A 109 3.60 7.16 1.52
C GLN A 109 4.13 7.76 0.23
N HIS A 110 3.24 8.35 -0.55
CA HIS A 110 3.62 8.97 -1.82
C HIS A 110 4.25 10.34 -1.59
N THR A 111 3.62 11.13 -0.73
CA THR A 111 4.10 12.47 -0.42
C THR A 111 5.14 12.44 0.69
N VAL A 112 5.52 11.24 1.11
CA VAL A 112 6.51 11.07 2.17
C VAL A 112 7.79 11.83 1.85
N LYS A 113 8.45 12.34 2.88
CA LYS A 113 9.69 13.08 2.72
C LYS A 113 10.73 12.25 1.98
N GLY A 114 10.59 10.94 2.07
CA GLY A 114 11.53 10.04 1.40
C GLY A 114 11.63 10.32 -0.08
N GLU A 115 10.51 10.65 -0.70
CA GLU A 115 10.48 10.94 -2.14
C GLU A 115 9.46 12.04 -2.44
N ASN A 116 9.85 12.96 -3.32
CA ASN A 116 8.97 14.06 -3.71
C ASN A 116 8.85 14.16 -5.23
N PHE A 117 7.85 14.90 -5.69
CA PHE A 117 7.63 15.07 -7.11
C PHE A 117 7.28 16.52 -7.44
N THR A 118 6.85 16.76 -8.68
CA THR A 118 6.50 18.10 -9.11
C THR A 118 4.99 18.31 -9.08
N GLU A 119 4.56 19.57 -9.15
CA GLU A 119 3.15 19.89 -9.13
C GLU A 119 2.41 19.18 -10.26
N THR A 120 3.06 19.07 -11.41
CA THR A 120 2.46 18.41 -12.56
C THR A 120 2.40 16.90 -12.36
N ASP A 121 3.41 16.36 -11.69
CA ASP A 121 3.46 14.93 -11.43
C ASP A 121 2.29 14.48 -10.55
N ILE A 122 2.04 15.25 -9.50
CA ILE A 122 0.94 14.93 -8.58
C ILE A 122 -0.38 14.80 -9.33
N LYS A 123 -0.51 15.53 -10.44
CA LYS A 123 -1.72 15.49 -11.24
C LYS A 123 -2.00 14.08 -11.74
N ILE A 124 -1.02 13.49 -12.40
CA ILE A 124 -1.16 12.14 -12.93
C ILE A 124 -1.10 11.10 -11.82
N MET A 125 -0.21 11.33 -10.85
CA MET A 125 -0.06 10.41 -9.73
C MET A 125 -1.40 10.19 -9.03
N GLU A 126 -2.08 11.28 -8.70
CA GLU A 126 -3.37 11.19 -8.03
C GLU A 126 -4.35 10.33 -8.83
N ARG A 127 -4.19 10.34 -10.14
CA ARG A 127 -5.06 9.56 -11.03
C ARG A 127 -4.72 8.07 -10.93
N VAL A 128 -3.48 7.73 -11.25
CA VAL A 128 -3.02 6.35 -11.21
C VAL A 128 -3.24 5.74 -9.83
N VAL A 129 -3.01 6.54 -8.79
CA VAL A 129 -3.19 6.07 -7.41
C VAL A 129 -4.65 5.74 -7.14
N GLU A 130 -5.52 6.73 -7.30
CA GLU A 130 -6.94 6.54 -7.06
C GLU A 130 -7.47 5.33 -7.82
N GLN A 131 -7.25 5.32 -9.13
CA GLN A 131 -7.71 4.22 -9.97
C GLN A 131 -7.20 2.88 -9.44
N MET A 132 -6.03 2.92 -8.82
CA MET A 132 -5.43 1.70 -8.27
C MET A 132 -6.33 1.09 -7.20
N CYS A 133 -6.81 1.92 -6.29
CA CYS A 133 -7.68 1.46 -5.22
C CYS A 133 -8.92 0.76 -5.78
N ILE A 134 -9.36 1.21 -6.95
CA ILE A 134 -10.52 0.62 -7.60
C ILE A 134 -10.19 -0.75 -8.19
N THR A 135 -9.05 -0.85 -8.84
CA THR A 135 -8.62 -2.10 -9.45
C THR A 135 -8.57 -3.22 -8.42
N GLN A 136 -8.43 -2.85 -7.15
CA GLN A 136 -8.36 -3.82 -6.07
C GLN A 136 -9.77 -4.29 -5.67
N TYR A 137 -10.76 -3.43 -5.92
CA TYR A 137 -12.13 -3.76 -5.58
C TYR A 137 -12.56 -5.09 -6.21
N GLN A 138 -12.00 -5.38 -7.38
CA GLN A 138 -12.31 -6.61 -8.09
C GLN A 138 -11.68 -7.82 -7.40
N ARG A 139 -10.46 -7.63 -6.91
CA ARG A 139 -9.75 -8.70 -6.22
C ARG A 139 -10.32 -8.93 -4.82
N GLU A 140 -10.70 -7.83 -4.16
CA GLU A 140 -11.26 -7.91 -2.82
C GLU A 140 -12.66 -8.50 -2.84
N SER A 141 -13.39 -8.22 -3.92
CA SER A 141 -14.75 -8.73 -4.07
C SER A 141 -14.77 -10.25 -4.07
N GLN A 142 -13.92 -10.85 -4.90
CA GLN A 142 -13.84 -12.30 -4.99
C GLN A 142 -13.55 -12.92 -3.63
N ALA A 143 -12.46 -12.48 -3.00
CA ALA A 143 -12.08 -12.98 -1.70
C ALA A 143 -13.14 -12.67 -0.64
N TYR A 144 -13.88 -11.60 -0.86
CA TYR A 144 -14.93 -11.19 0.06
C TYR A 144 -16.13 -12.13 -0.02
N TYR A 145 -16.60 -12.36 -1.24
CA TYR A 145 -17.75 -13.24 -1.46
C TYR A 145 -17.54 -14.58 -0.77
N GLN A 146 -16.41 -15.22 -1.06
CA GLN A 146 -16.09 -16.52 -0.48
C GLN A 146 -15.71 -16.37 0.99
N ARG A 147 -16.27 -17.23 1.83
CA ARG A 147 -15.99 -17.19 3.26
C ARG A 147 -14.61 -17.78 3.56
N GLY A 148 -13.73 -16.96 4.13
CA GLY A 148 -12.40 -17.41 4.45
C GLY A 148 -11.32 -16.48 3.92
N ALA A 149 -10.14 -16.54 4.53
CA ALA A 149 -9.03 -15.70 4.11
C ALA A 149 -8.58 -16.03 2.69
N SER A 150 -7.51 -15.39 2.25
CA SER A 150 -6.98 -15.62 0.91
C SER A 150 -5.78 -16.58 0.95
N SER A 12 -64.53 -38.36 28.94
CA SER A 12 -63.36 -37.62 28.46
C SER A 12 -62.11 -38.05 29.20
N GLY A 13 -60.98 -38.06 28.49
CA GLY A 13 -59.72 -38.45 29.10
C GLY A 13 -58.55 -38.33 28.14
N LEU A 14 -58.06 -37.11 27.96
CA LEU A 14 -56.94 -36.87 27.06
C LEU A 14 -55.62 -37.30 27.71
N VAL A 15 -54.91 -38.21 27.04
CA VAL A 15 -53.64 -38.71 27.54
C VAL A 15 -52.94 -39.57 26.51
N PRO A 16 -52.32 -38.92 25.51
CA PRO A 16 -51.60 -39.61 24.44
C PRO A 16 -50.33 -40.28 24.94
N ARG A 17 -49.78 -41.19 24.13
CA ARG A 17 -48.56 -41.90 24.49
C ARG A 17 -47.39 -40.94 24.64
N GLY A 18 -46.63 -41.09 25.72
CA GLY A 18 -45.49 -40.22 25.95
C GLY A 18 -44.29 -40.97 26.47
N SER A 19 -43.89 -42.02 25.75
CA SER A 19 -42.74 -42.83 26.15
C SER A 19 -41.65 -42.78 25.09
N HIS A 20 -40.62 -41.99 25.34
CA HIS A 20 -39.51 -41.86 24.40
C HIS A 20 -38.19 -42.25 25.07
N MET A 21 -37.63 -43.38 24.65
CA MET A 21 -36.38 -43.86 25.19
C MET A 21 -35.21 -43.00 24.71
N SER A 22 -34.10 -43.06 25.46
CA SER A 22 -32.92 -42.28 25.12
C SER A 22 -31.66 -42.92 25.70
N ASN A 23 -30.52 -42.62 25.09
CA ASN A 23 -29.25 -43.18 25.54
C ASN A 23 -28.17 -42.10 25.56
N LYS A 24 -27.00 -42.44 26.10
CA LYS A 24 -25.88 -41.51 26.19
C LYS A 24 -24.60 -42.15 25.67
N PRO A 25 -24.55 -42.37 24.34
CA PRO A 25 -23.38 -42.97 23.69
C PRO A 25 -22.17 -42.04 23.69
N SER A 26 -21.04 -42.55 23.20
CA SER A 26 -19.81 -41.77 23.16
C SER A 26 -18.80 -42.41 22.21
N LYS A 27 -18.37 -41.65 21.21
CA LYS A 27 -17.39 -42.14 20.24
C LYS A 27 -16.24 -41.16 20.08
N PRO A 28 -15.38 -41.08 21.12
CA PRO A 28 -14.22 -40.19 21.12
C PRO A 28 -13.14 -40.64 20.14
N LYS A 29 -12.42 -39.68 19.57
CA LYS A 29 -11.36 -39.97 18.62
C LYS A 29 -10.35 -38.83 18.56
N THR A 30 -9.07 -39.17 18.61
CA THR A 30 -8.01 -38.17 18.56
C THR A 30 -6.65 -38.83 18.37
N ASN A 31 -5.69 -38.05 17.87
CA ASN A 31 -4.33 -38.56 17.64
C ASN A 31 -3.37 -37.42 17.34
N MET A 32 -2.20 -37.46 17.96
CA MET A 32 -1.19 -36.43 17.76
C MET A 32 0.18 -37.06 17.47
N LYS A 33 0.47 -37.31 16.20
CA LYS A 33 1.73 -37.91 15.80
C LYS A 33 2.40 -37.08 14.71
N HIS A 34 3.24 -36.14 15.12
CA HIS A 34 3.95 -35.28 14.17
C HIS A 34 5.34 -34.93 14.69
N VAL A 35 6.27 -34.72 13.76
CA VAL A 35 7.64 -34.37 14.12
C VAL A 35 8.17 -33.22 13.26
N ALA A 36 8.99 -32.36 13.86
CA ALA A 36 9.55 -31.23 13.16
C ALA A 36 10.58 -30.50 14.02
N GLY A 37 11.25 -29.52 13.44
CA GLY A 37 12.25 -28.75 14.18
C GLY A 37 12.79 -27.59 13.37
N ALA A 38 11.89 -26.83 12.76
CA ALA A 38 12.29 -25.68 11.95
C ALA A 38 11.89 -24.37 12.64
N ALA A 39 12.71 -23.34 12.45
CA ALA A 39 12.44 -22.04 13.05
C ALA A 39 12.96 -20.91 12.17
N ALA A 40 12.31 -19.76 12.25
CA ALA A 40 12.71 -18.60 11.46
C ALA A 40 12.06 -17.33 11.98
N ALA A 41 12.89 -16.38 12.42
CA ALA A 41 12.39 -15.12 12.95
C ALA A 41 12.29 -14.07 11.85
N GLY A 42 11.18 -13.34 11.84
CA GLY A 42 10.97 -12.32 10.83
C GLY A 42 10.33 -11.06 11.40
N ALA A 43 10.69 -9.91 10.85
CA ALA A 43 10.14 -8.63 11.31
C ALA A 43 10.48 -7.51 10.33
N VAL A 44 9.52 -6.63 10.10
CA VAL A 44 9.72 -5.51 9.19
C VAL A 44 9.41 -4.18 9.88
N VAL A 45 10.16 -3.14 9.52
CA VAL A 45 9.98 -1.82 10.10
C VAL A 45 8.97 -1.01 9.31
N GLY A 46 8.18 -0.21 10.00
CA GLY A 46 7.18 0.62 9.35
C GLY A 46 6.02 0.97 10.27
N GLY A 47 5.23 -0.03 10.63
CA GLY A 47 4.10 0.21 11.51
C GLY A 47 3.03 1.07 10.85
N LEU A 48 2.12 0.42 10.13
CA LEU A 48 1.05 1.14 9.45
C LEU A 48 -0.32 0.79 10.06
N GLY A 49 -0.38 -0.36 10.73
CA GLY A 49 -1.61 -0.79 11.36
C GLY A 49 -2.12 -2.10 10.79
N GLY A 50 -2.48 -2.09 9.51
CA GLY A 50 -2.98 -3.30 8.88
C GLY A 50 -3.76 -3.01 7.61
N TYR A 51 -3.05 -2.56 6.58
CA TYR A 51 -3.69 -2.24 5.30
C TYR A 51 -3.31 -3.25 4.24
N MET A 52 -4.23 -4.17 3.94
CA MET A 52 -3.99 -5.21 2.94
C MET A 52 -3.56 -4.58 1.61
N LEU A 53 -2.44 -5.06 1.08
CA LEU A 53 -1.92 -4.55 -0.18
C LEU A 53 -2.08 -5.58 -1.29
N GLY A 54 -1.79 -5.17 -2.52
CA GLY A 54 -1.91 -6.06 -3.66
C GLY A 54 -0.84 -7.13 -3.66
N SER A 55 -0.97 -8.10 -4.57
CA SER A 55 -0.01 -9.20 -4.67
C SER A 55 -0.37 -10.12 -5.82
N VAL A 56 0.65 -10.55 -6.57
CA VAL A 56 0.45 -11.44 -7.70
C VAL A 56 -0.36 -10.77 -8.80
N MET A 57 -0.48 -9.44 -8.71
CA MET A 57 -1.22 -8.68 -9.69
C MET A 57 -0.27 -7.87 -10.57
N SER A 58 -0.32 -8.12 -11.88
CA SER A 58 0.53 -7.42 -12.83
C SER A 58 -0.30 -6.59 -13.80
N ARG A 59 -1.58 -6.92 -13.90
CA ARG A 59 -2.49 -6.20 -14.79
C ARG A 59 -2.41 -4.70 -14.55
N PRO A 60 -2.85 -3.92 -15.56
CA PRO A 60 -2.84 -2.45 -15.48
C PRO A 60 -3.85 -1.92 -14.48
N LEU A 61 -3.42 -0.99 -13.65
CA LEU A 61 -4.30 -0.40 -12.64
C LEU A 61 -4.96 0.87 -13.18
N ILE A 62 -4.28 1.54 -14.09
CA ILE A 62 -4.81 2.76 -14.69
C ILE A 62 -4.67 2.74 -16.21
N HIS A 63 -5.74 3.11 -16.91
CA HIS A 63 -5.73 3.12 -18.36
C HIS A 63 -5.93 4.55 -18.88
N PHE A 64 -4.85 5.16 -19.35
CA PHE A 64 -4.90 6.51 -19.88
C PHE A 64 -5.40 6.51 -21.32
N GLY A 65 -4.53 6.10 -22.24
CA GLY A 65 -4.89 6.06 -23.64
C GLY A 65 -4.17 7.13 -24.46
N ASN A 66 -4.16 8.36 -23.94
CA ASN A 66 -3.51 9.47 -24.63
C ASN A 66 -2.03 9.17 -24.84
N ASP A 67 -1.34 10.10 -25.50
CA ASP A 67 0.09 9.95 -25.77
C ASP A 67 0.92 10.46 -24.60
N TYR A 68 0.70 11.71 -24.22
CA TYR A 68 1.43 12.33 -23.12
C TYR A 68 1.07 11.67 -21.79
N GLU A 69 -0.23 11.57 -21.52
CA GLU A 69 -0.70 10.97 -20.28
C GLU A 69 -0.15 9.55 -20.13
N ASP A 70 0.06 8.87 -21.25
CA ASP A 70 0.58 7.51 -21.24
C ASP A 70 2.10 7.52 -21.08
N ARG A 71 2.78 8.23 -21.98
CA ARG A 71 4.23 8.32 -21.94
C ARG A 71 4.72 8.73 -20.56
N TYR A 72 4.04 9.72 -19.97
CA TYR A 72 4.41 10.21 -18.64
C TYR A 72 4.30 9.11 -17.60
N TYR A 73 3.13 8.48 -17.55
CA TYR A 73 2.88 7.40 -16.59
C TYR A 73 3.93 6.30 -16.74
N ARG A 74 4.04 5.74 -17.95
CA ARG A 74 4.99 4.68 -18.22
C ARG A 74 6.41 5.12 -17.88
N GLU A 75 6.74 6.37 -18.24
CA GLU A 75 8.07 6.91 -17.98
C GLU A 75 8.36 6.94 -16.48
N ASN A 76 7.35 7.30 -15.70
CA ASN A 76 7.49 7.37 -14.25
C ASN A 76 7.09 6.05 -13.60
N MET A 77 6.84 5.05 -14.42
CA MET A 77 6.46 3.73 -13.93
C MET A 77 7.50 3.19 -12.95
N TYR A 78 8.77 3.37 -13.28
CA TYR A 78 9.86 2.91 -12.44
C TYR A 78 10.14 3.90 -11.31
N ARG A 79 9.71 5.15 -11.51
CA ARG A 79 9.92 6.19 -10.51
C ARG A 79 9.18 5.86 -9.22
N TYR A 80 7.95 5.40 -9.35
CA TYR A 80 7.14 5.05 -8.18
C TYR A 80 6.80 3.56 -8.18
N PRO A 81 6.47 3.04 -6.99
CA PRO A 81 6.12 1.62 -6.81
C PRO A 81 4.78 1.27 -7.45
N ASN A 82 4.37 0.02 -7.31
CA ASN A 82 3.10 -0.43 -7.87
C ASN A 82 2.14 -0.87 -6.76
N GLN A 83 2.70 -1.25 -5.62
CA GLN A 83 1.89 -1.68 -4.49
C GLN A 83 1.04 -0.55 -3.96
N VAL A 84 0.02 -0.89 -3.17
CA VAL A 84 -0.88 0.11 -2.60
C VAL A 84 -1.54 -0.42 -1.33
N TYR A 85 -1.74 0.48 -0.36
CA TYR A 85 -2.36 0.11 0.90
C TYR A 85 -3.87 0.32 0.85
N TYR A 86 -4.62 -0.74 1.10
CA TYR A 86 -6.08 -0.67 1.08
C TYR A 86 -6.69 -1.68 2.06
N ARG A 87 -7.99 -1.58 2.27
CA ARG A 87 -8.70 -2.48 3.18
C ARG A 87 -9.57 -3.45 2.39
N PRO A 88 -9.95 -4.56 3.05
CA PRO A 88 -10.80 -5.59 2.43
C PRO A 88 -12.23 -5.11 2.22
N VAL A 89 -12.87 -5.61 1.17
CA VAL A 89 -14.24 -5.23 0.86
C VAL A 89 -15.22 -5.96 1.77
N ASP A 90 -15.09 -5.74 3.08
CA ASP A 90 -15.97 -6.38 4.05
C ASP A 90 -16.72 -5.33 4.86
N GLN A 91 -17.82 -4.84 4.30
CA GLN A 91 -18.63 -3.83 4.98
C GLN A 91 -19.90 -3.52 4.19
N TYR A 92 -20.99 -3.26 4.90
CA TYR A 92 -22.26 -2.95 4.26
C TYR A 92 -22.09 -1.84 3.23
N SER A 93 -21.15 -0.94 3.48
CA SER A 93 -20.90 0.18 2.58
C SER A 93 -20.33 -0.32 1.25
N ASN A 94 -20.05 0.62 0.35
CA ASN A 94 -19.50 0.28 -0.96
C ASN A 94 -17.97 0.27 -0.92
N GLN A 95 -17.36 0.19 -2.10
CA GLN A 95 -15.90 0.17 -2.19
C GLN A 95 -15.29 1.37 -1.48
N ASN A 96 -16.00 2.49 -1.49
CA ASN A 96 -15.54 3.70 -0.85
C ASN A 96 -15.11 3.42 0.59
N ASN A 97 -15.74 2.43 1.20
CA ASN A 97 -15.42 2.06 2.58
C ASN A 97 -13.92 1.88 2.77
N PHE A 98 -13.28 1.24 1.79
CA PHE A 98 -11.84 1.00 1.85
C PHE A 98 -11.10 1.93 0.88
N VAL A 99 -11.73 2.22 -0.25
CA VAL A 99 -11.13 3.09 -1.26
C VAL A 99 -10.86 4.48 -0.69
N HIS A 100 -11.73 4.93 0.21
CA HIS A 100 -11.60 6.24 0.83
C HIS A 100 -10.27 6.35 1.58
N ASP A 101 -9.93 5.30 2.32
CA ASP A 101 -8.69 5.28 3.08
C ASP A 101 -7.52 4.82 2.21
N CYS A 102 -7.83 4.15 1.12
CA CYS A 102 -6.82 3.65 0.20
C CYS A 102 -5.93 4.80 -0.29
N VAL A 103 -6.56 5.89 -0.72
CA VAL A 103 -5.83 7.05 -1.20
C VAL A 103 -5.15 7.80 -0.06
N ASN A 104 -5.85 7.89 1.07
CA ASN A 104 -5.30 8.57 2.24
C ASN A 104 -3.94 8.00 2.62
N ILE A 105 -3.84 6.68 2.63
CA ILE A 105 -2.58 6.02 2.98
C ILE A 105 -1.55 6.17 1.87
N THR A 106 -2.01 6.00 0.63
CA THR A 106 -1.12 6.13 -0.53
C THR A 106 -0.44 7.49 -0.56
N VAL A 107 -1.23 8.55 -0.35
CA VAL A 107 -0.70 9.90 -0.36
C VAL A 107 0.50 10.03 0.57
N LYS A 108 0.42 9.36 1.73
CA LYS A 108 1.51 9.41 2.70
C LYS A 108 2.81 8.91 2.10
N GLN A 109 2.75 7.74 1.46
CA GLN A 109 3.93 7.16 0.83
C GLN A 109 4.29 7.89 -0.45
N HIS A 110 3.34 8.67 -0.97
CA HIS A 110 3.56 9.44 -2.19
C HIS A 110 4.44 10.65 -1.92
N THR A 111 4.15 11.35 -0.83
CA THR A 111 4.92 12.54 -0.46
C THR A 111 5.99 12.20 0.57
N VAL A 112 6.14 10.91 0.86
CA VAL A 112 7.14 10.45 1.83
C VAL A 112 8.51 11.02 1.52
N LYS A 113 9.34 11.15 2.55
CA LYS A 113 10.69 11.69 2.39
C LYS A 113 11.61 10.66 1.72
N GLY A 114 11.41 10.46 0.42
CA GLY A 114 12.23 9.51 -0.31
C GLY A 114 12.28 9.82 -1.79
N GLU A 115 11.15 10.24 -2.36
CA GLU A 115 11.07 10.56 -3.78
C GLU A 115 10.31 11.85 -4.00
N ASN A 116 10.86 12.75 -4.80
CA ASN A 116 10.22 14.02 -5.10
C ASN A 116 9.73 14.07 -6.55
N PHE A 117 8.73 14.89 -6.80
CA PHE A 117 8.17 15.03 -8.14
C PHE A 117 7.87 16.49 -8.47
N THR A 118 7.18 16.72 -9.57
CA THR A 118 6.83 18.07 -10.00
C THR A 118 5.33 18.29 -9.94
N GLU A 119 4.92 19.55 -9.97
CA GLU A 119 3.50 19.89 -9.93
C GLU A 119 2.73 19.18 -11.05
N THR A 120 3.42 18.91 -12.15
CA THR A 120 2.81 18.24 -13.29
C THR A 120 2.58 16.76 -12.99
N ASP A 121 3.53 16.15 -12.27
CA ASP A 121 3.43 14.74 -11.93
C ASP A 121 2.26 14.50 -10.98
N ILE A 122 2.09 15.39 -10.01
CA ILE A 122 1.00 15.27 -9.04
C ILE A 122 -0.35 15.17 -9.73
N LYS A 123 -0.46 15.76 -10.91
CA LYS A 123 -1.70 15.73 -11.68
C LYS A 123 -2.07 14.30 -12.05
N ILE A 124 -1.13 13.59 -12.68
CA ILE A 124 -1.37 12.21 -13.08
C ILE A 124 -1.34 11.28 -11.87
N MET A 125 -0.43 11.55 -10.95
CA MET A 125 -0.30 10.73 -9.75
C MET A 125 -1.65 10.57 -9.05
N GLU A 126 -2.33 11.69 -8.81
CA GLU A 126 -3.62 11.68 -8.15
C GLU A 126 -4.59 10.74 -8.88
N ARG A 127 -4.42 10.62 -10.18
CA ARG A 127 -5.27 9.76 -10.99
C ARG A 127 -4.93 8.29 -10.77
N VAL A 128 -3.68 7.93 -11.04
CA VAL A 128 -3.23 6.55 -10.87
C VAL A 128 -3.45 6.08 -9.44
N VAL A 129 -3.19 6.97 -8.49
CA VAL A 129 -3.35 6.65 -7.07
C VAL A 129 -4.79 6.22 -6.76
N GLU A 130 -5.74 6.97 -7.29
CA GLU A 130 -7.16 6.66 -7.07
C GLU A 130 -7.59 5.46 -7.91
N GLN A 131 -7.20 5.46 -9.18
CA GLN A 131 -7.55 4.38 -10.08
C GLN A 131 -7.11 3.03 -9.51
N MET A 132 -5.97 3.03 -8.84
CA MET A 132 -5.44 1.80 -8.23
C MET A 132 -6.33 1.33 -7.09
N CYS A 133 -7.06 2.26 -6.50
CA CYS A 133 -7.96 1.94 -5.38
C CYS A 133 -9.23 1.28 -5.89
N ILE A 134 -9.85 1.88 -6.90
CA ILE A 134 -11.08 1.34 -7.47
C ILE A 134 -10.81 0.03 -8.19
N THR A 135 -9.78 0.01 -9.02
CA THR A 135 -9.41 -1.19 -9.77
C THR A 135 -9.22 -2.38 -8.85
N GLN A 136 -8.89 -2.11 -7.59
CA GLN A 136 -8.68 -3.16 -6.61
C GLN A 136 -10.01 -3.74 -6.15
N TYR A 137 -11.06 -2.92 -6.17
CA TYR A 137 -12.38 -3.35 -5.75
C TYR A 137 -12.82 -4.60 -6.51
N GLN A 138 -12.48 -4.65 -7.80
CA GLN A 138 -12.84 -5.79 -8.63
C GLN A 138 -12.15 -7.06 -8.15
N ARG A 139 -10.89 -6.92 -7.73
CA ARG A 139 -10.12 -8.06 -7.24
C ARG A 139 -10.59 -8.47 -5.85
N GLU A 140 -10.65 -7.51 -4.94
CA GLU A 140 -11.08 -7.77 -3.57
C GLU A 140 -12.41 -8.51 -3.55
N SER A 141 -13.43 -7.89 -4.16
CA SER A 141 -14.76 -8.49 -4.20
C SER A 141 -14.72 -9.85 -4.88
N GLN A 142 -13.89 -9.97 -5.91
CA GLN A 142 -13.76 -11.22 -6.65
C GLN A 142 -13.41 -12.37 -5.71
N ALA A 143 -12.38 -12.19 -4.90
CA ALA A 143 -11.95 -13.21 -3.95
C ALA A 143 -12.95 -13.35 -2.81
N TYR A 144 -13.67 -12.27 -2.52
CA TYR A 144 -14.66 -12.27 -1.44
C TYR A 144 -15.62 -13.44 -1.60
N TYR A 145 -16.38 -13.44 -2.69
CA TYR A 145 -17.34 -14.50 -2.95
C TYR A 145 -16.67 -15.87 -2.90
N GLN A 146 -15.42 -15.92 -3.35
CA GLN A 146 -14.67 -17.17 -3.36
C GLN A 146 -14.46 -17.69 -1.94
N ARG A 147 -14.24 -19.00 -1.83
CA ARG A 147 -14.03 -19.63 -0.53
C ARG A 147 -12.78 -20.50 -0.55
N GLY A 148 -11.78 -20.07 -1.31
CA GLY A 148 -10.54 -20.83 -1.40
C GLY A 148 -9.54 -20.20 -2.36
N ALA A 149 -9.53 -18.88 -2.40
CA ALA A 149 -8.61 -18.16 -3.29
C ALA A 149 -7.16 -18.54 -3.01
N SER A 150 -6.31 -18.35 -4.01
CA SER A 150 -4.89 -18.67 -3.87
C SER A 150 -4.13 -17.51 -3.23
N SER A 12 -42.84 10.10 62.59
CA SER A 12 -43.00 9.16 63.70
C SER A 12 -41.66 8.54 64.07
N GLY A 13 -40.97 7.98 63.09
CA GLY A 13 -39.68 7.36 63.34
C GLY A 13 -39.47 6.11 62.49
N LEU A 14 -39.07 6.32 61.24
CA LEU A 14 -38.83 5.21 60.32
C LEU A 14 -37.39 4.70 60.45
N VAL A 15 -37.24 3.43 60.77
CA VAL A 15 -35.92 2.81 60.92
C VAL A 15 -35.75 1.65 59.95
N PRO A 16 -35.58 1.97 58.67
CA PRO A 16 -35.39 0.96 57.62
C PRO A 16 -34.04 0.24 57.74
N ARG A 17 -34.08 -1.04 58.07
CA ARG A 17 -32.86 -1.83 58.21
C ARG A 17 -32.31 -2.21 56.85
N GLY A 18 -31.00 -2.47 56.79
CA GLY A 18 -30.36 -2.84 55.55
C GLY A 18 -28.96 -3.37 55.75
N SER A 19 -28.76 -4.65 55.46
CA SER A 19 -27.45 -5.27 55.62
C SER A 19 -27.30 -6.46 54.66
N HIS A 20 -26.26 -6.43 53.85
CA HIS A 20 -26.00 -7.50 52.89
C HIS A 20 -24.50 -7.61 52.58
N MET A 21 -23.98 -8.83 52.59
CA MET A 21 -22.57 -9.07 52.31
C MET A 21 -22.37 -10.45 51.69
N SER A 22 -21.43 -10.53 50.76
CA SER A 22 -21.14 -11.79 50.08
C SER A 22 -19.63 -11.99 49.93
N ASN A 23 -19.18 -13.23 50.09
CA ASN A 23 -17.77 -13.55 49.97
C ASN A 23 -17.43 -14.04 48.57
N LYS A 24 -16.89 -13.16 47.75
CA LYS A 24 -16.53 -13.49 46.38
C LYS A 24 -15.38 -12.62 45.89
N PRO A 25 -14.17 -12.85 46.44
CA PRO A 25 -12.97 -12.09 46.08
C PRO A 25 -12.49 -12.42 44.67
N SER A 26 -11.47 -11.69 44.22
CA SER A 26 -10.92 -11.90 42.89
C SER A 26 -9.99 -13.11 42.87
N LYS A 27 -10.31 -14.07 42.00
CA LYS A 27 -9.50 -15.28 41.88
C LYS A 27 -8.93 -15.42 40.47
N PRO A 28 -7.99 -14.52 40.13
CA PRO A 28 -7.34 -14.53 38.81
C PRO A 28 -6.41 -15.72 38.62
N LYS A 29 -6.64 -16.47 37.55
CA LYS A 29 -5.82 -17.65 37.26
C LYS A 29 -5.80 -17.93 35.75
N THR A 30 -4.60 -18.02 35.18
CA THR A 30 -4.45 -18.28 33.76
C THR A 30 -3.21 -19.13 33.50
N ASN A 31 -3.17 -19.76 32.32
CA ASN A 31 -2.03 -20.59 31.93
C ASN A 31 -1.63 -20.32 30.49
N MET A 32 -0.34 -20.04 30.29
CA MET A 32 0.18 -19.77 28.96
C MET A 32 1.70 -19.66 28.97
N LYS A 33 2.37 -20.65 28.39
CA LYS A 33 3.82 -20.66 28.34
C LYS A 33 4.33 -20.76 26.90
N HIS A 34 5.26 -19.89 26.55
CA HIS A 34 5.83 -19.88 25.20
C HIS A 34 7.34 -20.10 25.24
N VAL A 35 7.92 -20.37 24.07
CA VAL A 35 9.35 -20.59 23.98
C VAL A 35 10.00 -19.65 22.97
N ALA A 36 11.04 -18.96 23.41
CA ALA A 36 11.75 -18.02 22.54
C ALA A 36 13.22 -18.41 22.37
N GLY A 37 13.69 -18.39 21.13
CA GLY A 37 15.07 -18.75 20.86
C GLY A 37 15.35 -18.89 19.38
N ALA A 38 14.90 -17.91 18.60
CA ALA A 38 15.10 -17.92 17.15
C ALA A 38 15.47 -16.54 16.64
N ALA A 39 16.55 -16.46 15.89
CA ALA A 39 17.01 -15.19 15.33
C ALA A 39 16.99 -15.23 13.81
N ALA A 40 16.21 -14.34 13.20
CA ALA A 40 16.11 -14.26 11.75
C ALA A 40 16.84 -13.04 11.21
N ALA A 41 17.65 -13.25 10.18
CA ALA A 41 18.40 -12.16 9.56
C ALA A 41 17.60 -11.49 8.46
N GLY A 42 17.23 -10.23 8.68
CA GLY A 42 16.47 -9.50 7.68
C GLY A 42 15.05 -9.20 8.15
N ALA A 43 14.77 -7.93 8.41
CA ALA A 43 13.45 -7.52 8.86
C ALA A 43 13.32 -6.00 8.84
N VAL A 44 12.43 -5.50 7.97
CA VAL A 44 12.20 -4.07 7.85
C VAL A 44 10.72 -3.73 7.98
N VAL A 45 10.43 -2.65 8.71
CA VAL A 45 9.04 -2.22 8.91
C VAL A 45 8.80 -0.86 8.27
N GLY A 46 7.59 -0.68 7.74
CA GLY A 46 7.24 0.58 7.11
C GLY A 46 6.56 1.54 8.07
N GLY A 47 5.76 1.00 8.98
CA GLY A 47 5.06 1.84 9.95
C GLY A 47 3.74 2.34 9.41
N LEU A 48 2.84 1.42 9.08
CA LEU A 48 1.53 1.77 8.55
C LEU A 48 0.44 1.50 9.58
N GLY A 49 0.63 0.44 10.38
CA GLY A 49 -0.34 0.08 11.39
C GLY A 49 -0.92 -1.30 11.18
N GLY A 50 -1.67 -1.46 10.09
CA GLY A 50 -2.28 -2.75 9.79
C GLY A 50 -3.27 -2.68 8.65
N TYR A 51 -2.76 -2.50 7.44
CA TYR A 51 -3.62 -2.40 6.25
C TYR A 51 -3.38 -3.59 5.33
N MET A 52 -4.47 -4.13 4.79
CA MET A 52 -4.39 -5.27 3.87
C MET A 52 -3.45 -4.97 2.71
N LEU A 53 -2.32 -5.64 2.66
CA LEU A 53 -1.33 -5.45 1.60
C LEU A 53 -1.50 -6.51 0.51
N GLY A 54 -1.65 -6.05 -0.73
CA GLY A 54 -1.82 -6.97 -1.84
C GLY A 54 -0.67 -7.95 -1.95
N SER A 55 -0.73 -8.81 -2.96
CA SER A 55 0.31 -9.81 -3.17
C SER A 55 0.99 -9.62 -4.52
N VAL A 56 0.22 -9.80 -5.59
CA VAL A 56 0.75 -9.65 -6.94
C VAL A 56 -0.36 -9.24 -7.92
N MET A 57 0.00 -8.48 -8.94
CA MET A 57 -0.95 -8.03 -9.94
C MET A 57 -0.26 -7.80 -11.28
N SER A 58 -0.99 -8.06 -12.37
CA SER A 58 -0.45 -7.88 -13.71
C SER A 58 -1.31 -6.92 -14.52
N ARG A 59 -2.63 -7.11 -14.44
CA ARG A 59 -3.57 -6.26 -15.16
C ARG A 59 -3.29 -4.78 -14.89
N PRO A 60 -3.79 -3.91 -15.78
CA PRO A 60 -3.61 -2.46 -15.66
C PRO A 60 -4.40 -1.88 -14.49
N LEU A 61 -4.00 -0.69 -14.04
CA LEU A 61 -4.67 -0.03 -12.94
C LEU A 61 -5.36 1.26 -13.41
N ILE A 62 -4.67 2.01 -14.27
CA ILE A 62 -5.21 3.25 -14.80
C ILE A 62 -5.14 3.28 -16.32
N HIS A 63 -6.26 3.61 -16.96
CA HIS A 63 -6.32 3.68 -18.42
C HIS A 63 -6.35 5.12 -18.89
N PHE A 64 -5.22 5.60 -19.41
CA PHE A 64 -5.11 6.96 -19.91
C PHE A 64 -5.63 7.07 -21.33
N GLY A 65 -5.01 6.32 -22.24
CA GLY A 65 -5.41 6.34 -23.63
C GLY A 65 -4.61 7.33 -24.46
N ASN A 66 -4.44 8.53 -23.94
CA ASN A 66 -3.68 9.56 -24.64
C ASN A 66 -2.23 9.13 -24.84
N ASP A 67 -1.46 9.97 -25.52
CA ASP A 67 -0.05 9.68 -25.79
C ASP A 67 0.84 10.20 -24.66
N TYR A 68 0.66 11.47 -24.32
CA TYR A 68 1.45 12.09 -23.26
C TYR A 68 1.08 11.52 -21.90
N GLU A 69 -0.21 11.49 -21.61
CA GLU A 69 -0.69 10.96 -20.32
C GLU A 69 -0.24 9.53 -20.14
N ASP A 70 -0.20 8.77 -21.22
CA ASP A 70 0.22 7.37 -21.17
C ASP A 70 1.73 7.26 -21.05
N ARG A 71 2.45 7.89 -21.98
CA ARG A 71 3.90 7.86 -21.97
C ARG A 71 4.45 8.30 -20.62
N TYR A 72 3.90 9.37 -20.07
CA TYR A 72 4.34 9.90 -18.79
C TYR A 72 4.19 8.84 -17.69
N TYR A 73 3.03 8.20 -17.65
CA TYR A 73 2.76 7.17 -16.66
C TYR A 73 3.81 6.06 -16.73
N ARG A 74 3.93 5.44 -17.88
CA ARG A 74 4.89 4.37 -18.08
C ARG A 74 6.32 4.87 -17.87
N GLU A 75 6.53 6.17 -18.06
CA GLU A 75 7.84 6.76 -17.89
C GLU A 75 8.22 6.81 -16.42
N ASN A 76 7.29 7.25 -15.58
CA ASN A 76 7.52 7.34 -14.15
C ASN A 76 7.20 6.03 -13.45
N MET A 77 6.89 5.01 -14.24
CA MET A 77 6.56 3.69 -13.70
C MET A 77 7.66 3.19 -12.77
N TYR A 78 8.90 3.46 -13.13
CA TYR A 78 10.05 3.04 -12.33
C TYR A 78 10.30 4.01 -11.19
N ARG A 79 9.85 5.25 -11.37
CA ARG A 79 10.03 6.27 -10.35
C ARG A 79 9.29 5.91 -9.07
N TYR A 80 8.07 5.39 -9.21
CA TYR A 80 7.26 5.01 -8.07
C TYR A 80 6.87 3.53 -8.15
N PRO A 81 6.55 2.94 -6.99
CA PRO A 81 6.16 1.53 -6.90
C PRO A 81 4.79 1.28 -7.53
N ASN A 82 4.34 0.03 -7.46
CA ASN A 82 3.04 -0.35 -8.03
C ASN A 82 2.08 -0.81 -6.93
N GLN A 83 2.64 -1.26 -5.81
CA GLN A 83 1.83 -1.73 -4.70
C GLN A 83 1.02 -0.59 -4.09
N VAL A 84 -0.03 -0.95 -3.36
CA VAL A 84 -0.89 0.05 -2.73
C VAL A 84 -1.61 -0.54 -1.52
N TYR A 85 -1.87 0.31 -0.53
CA TYR A 85 -2.56 -0.13 0.68
C TYR A 85 -4.07 -0.02 0.51
N TYR A 86 -4.79 -0.94 1.15
CA TYR A 86 -6.25 -0.96 1.07
C TYR A 86 -6.83 -1.97 2.04
N ARG A 87 -8.16 -1.94 2.20
CA ARG A 87 -8.84 -2.85 3.10
C ARG A 87 -9.72 -3.82 2.33
N PRO A 88 -10.08 -4.94 2.97
CA PRO A 88 -10.93 -5.97 2.36
C PRO A 88 -12.37 -5.50 2.17
N VAL A 89 -12.99 -5.95 1.08
CA VAL A 89 -14.38 -5.57 0.80
C VAL A 89 -15.36 -6.43 1.59
N ASP A 90 -15.22 -6.42 2.90
CA ASP A 90 -16.09 -7.20 3.77
C ASP A 90 -17.19 -6.32 4.36
N GLN A 91 -16.83 -5.11 4.76
CA GLN A 91 -17.79 -4.17 5.33
C GLN A 91 -19.01 -4.03 4.43
N TYR A 92 -20.19 -3.99 5.06
CA TYR A 92 -21.44 -3.86 4.31
C TYR A 92 -21.37 -2.67 3.35
N SER A 93 -20.64 -1.63 3.75
CA SER A 93 -20.50 -0.44 2.94
C SER A 93 -19.94 -0.77 1.56
N ASN A 94 -20.08 0.16 0.63
CA ASN A 94 -19.60 -0.04 -0.74
C ASN A 94 -18.07 -0.01 -0.78
N GLN A 95 -17.52 -0.10 -1.98
CA GLN A 95 -16.07 -0.07 -2.16
C GLN A 95 -15.46 1.16 -1.50
N ASN A 96 -16.20 2.26 -1.51
CA ASN A 96 -15.73 3.51 -0.92
C ASN A 96 -15.25 3.28 0.51
N ASN A 97 -15.83 2.29 1.17
CA ASN A 97 -15.45 1.96 2.55
C ASN A 97 -13.93 1.83 2.68
N PHE A 98 -13.32 1.17 1.69
CA PHE A 98 -11.88 0.97 1.70
C PHE A 98 -11.19 1.88 0.68
N VAL A 99 -11.89 2.15 -0.43
CA VAL A 99 -11.35 3.00 -1.47
C VAL A 99 -11.11 4.43 -0.97
N HIS A 100 -11.96 4.87 -0.04
CA HIS A 100 -11.84 6.19 0.53
C HIS A 100 -10.49 6.38 1.21
N ASP A 101 -10.10 5.40 2.01
CA ASP A 101 -8.83 5.45 2.72
C ASP A 101 -7.70 4.94 1.84
N CYS A 102 -8.06 4.21 0.79
CA CYS A 102 -7.07 3.65 -0.13
C CYS A 102 -6.18 4.74 -0.70
N VAL A 103 -6.80 5.86 -1.11
CA VAL A 103 -6.05 6.98 -1.67
C VAL A 103 -5.27 7.72 -0.59
N ASN A 104 -5.92 7.94 0.55
CA ASN A 104 -5.27 8.64 1.67
C ASN A 104 -3.97 7.96 2.06
N ILE A 105 -4.06 6.68 2.41
CA ILE A 105 -2.89 5.91 2.81
C ILE A 105 -1.80 5.98 1.74
N THR A 106 -2.21 5.88 0.48
CA THR A 106 -1.27 5.93 -0.64
C THR A 106 -0.58 7.29 -0.72
N VAL A 107 -1.34 8.35 -0.47
CA VAL A 107 -0.80 9.70 -0.51
C VAL A 107 0.20 9.93 0.61
N LYS A 108 -0.02 9.26 1.74
CA LYS A 108 0.87 9.39 2.89
C LYS A 108 2.24 8.78 2.58
N GLN A 109 2.22 7.63 1.92
CA GLN A 109 3.46 6.94 1.57
C GLN A 109 4.07 7.52 0.29
N HIS A 110 3.22 8.12 -0.53
CA HIS A 110 3.67 8.71 -1.79
C HIS A 110 4.32 10.07 -1.54
N THR A 111 3.69 10.88 -0.69
CA THR A 111 4.21 12.21 -0.37
C THR A 111 5.19 12.15 0.79
N VAL A 112 5.51 10.92 1.23
CA VAL A 112 6.44 10.74 2.33
C VAL A 112 7.74 11.51 2.09
N LYS A 113 8.42 11.86 3.17
CA LYS A 113 9.67 12.60 3.09
C LYS A 113 10.81 11.68 2.63
N GLY A 114 10.80 11.35 1.34
CA GLY A 114 11.84 10.49 0.80
C GLY A 114 11.95 10.60 -0.71
N GLU A 115 10.80 10.72 -1.37
CA GLU A 115 10.78 10.83 -2.83
C GLU A 115 9.84 11.94 -3.27
N ASN A 116 10.41 13.00 -3.84
CA ASN A 116 9.63 14.13 -4.31
C ASN A 116 9.39 14.05 -5.81
N PHE A 117 8.42 14.82 -6.30
CA PHE A 117 8.09 14.83 -7.72
C PHE A 117 7.83 16.25 -8.20
N THR A 118 7.54 16.38 -9.50
CA THR A 118 7.26 17.68 -10.09
C THR A 118 5.78 18.03 -10.02
N GLU A 119 5.46 19.30 -10.22
CA GLU A 119 4.07 19.76 -10.17
C GLU A 119 3.22 18.96 -11.15
N THR A 120 3.77 18.64 -12.32
CA THR A 120 3.06 17.89 -13.34
C THR A 120 2.93 16.42 -12.93
N ASP A 121 3.93 15.90 -12.25
CA ASP A 121 3.91 14.51 -11.81
C ASP A 121 2.77 14.27 -10.82
N ILE A 122 2.52 15.25 -9.96
CA ILE A 122 1.46 15.13 -8.97
C ILE A 122 0.10 15.00 -9.64
N LYS A 123 -0.03 15.61 -10.82
CA LYS A 123 -1.29 15.55 -11.57
C LYS A 123 -1.65 14.10 -11.92
N ILE A 124 -0.72 13.42 -12.59
CA ILE A 124 -0.94 12.03 -12.97
C ILE A 124 -0.86 11.10 -11.78
N MET A 125 0.12 11.36 -10.91
CA MET A 125 0.30 10.54 -9.71
C MET A 125 -1.00 10.40 -8.93
N GLU A 126 -1.66 11.53 -8.68
CA GLU A 126 -2.91 11.54 -7.95
C GLU A 126 -3.99 10.75 -8.70
N ARG A 127 -3.89 10.75 -10.02
CA ARG A 127 -4.86 10.04 -10.85
C ARG A 127 -4.65 8.53 -10.75
N VAL A 128 -3.46 8.07 -11.10
CA VAL A 128 -3.14 6.66 -11.04
C VAL A 128 -3.46 6.07 -9.67
N VAL A 129 -3.26 6.88 -8.63
CA VAL A 129 -3.53 6.45 -7.26
C VAL A 129 -5.02 6.29 -7.01
N GLU A 130 -5.81 7.21 -7.56
CA GLU A 130 -7.25 7.17 -7.41
C GLU A 130 -7.86 6.05 -8.27
N GLN A 131 -7.35 5.89 -9.48
CA GLN A 131 -7.84 4.86 -10.39
C GLN A 131 -7.46 3.47 -9.89
N MET A 132 -6.19 3.31 -9.51
CA MET A 132 -5.69 2.03 -9.02
C MET A 132 -6.43 1.61 -7.75
N CYS A 133 -7.10 2.58 -7.11
CA CYS A 133 -7.84 2.31 -5.88
C CYS A 133 -9.15 1.59 -6.19
N ILE A 134 -9.90 2.13 -7.14
CA ILE A 134 -11.19 1.54 -7.53
C ILE A 134 -10.98 0.24 -8.30
N THR A 135 -10.04 0.26 -9.24
CA THR A 135 -9.74 -0.93 -10.04
C THR A 135 -9.43 -2.13 -9.16
N GLN A 136 -8.99 -1.86 -7.93
CA GLN A 136 -8.65 -2.92 -6.99
C GLN A 136 -9.92 -3.57 -6.44
N TYR A 137 -11.00 -2.80 -6.35
CA TYR A 137 -12.26 -3.30 -5.84
C TYR A 137 -12.70 -4.55 -6.59
N GLN A 138 -12.53 -4.52 -7.91
CA GLN A 138 -12.90 -5.66 -8.75
C GLN A 138 -12.16 -6.92 -8.33
N ARG A 139 -10.89 -6.77 -8.00
CA ARG A 139 -10.06 -7.90 -7.57
C ARG A 139 -10.42 -8.33 -6.16
N GLU A 140 -10.37 -7.38 -5.23
CA GLU A 140 -10.69 -7.67 -3.84
C GLU A 140 -12.04 -8.37 -3.71
N SER A 141 -13.03 -7.88 -4.47
CA SER A 141 -14.36 -8.45 -4.43
C SER A 141 -14.33 -9.93 -4.84
N GLN A 142 -13.49 -10.25 -5.82
CA GLN A 142 -13.37 -11.63 -6.30
C GLN A 142 -12.75 -12.52 -5.22
N ALA A 143 -11.60 -12.10 -4.70
CA ALA A 143 -10.91 -12.86 -3.67
C ALA A 143 -11.75 -12.95 -2.41
N TYR A 144 -12.51 -11.90 -2.14
CA TYR A 144 -13.36 -11.86 -0.94
C TYR A 144 -14.26 -13.10 -0.88
N TYR A 145 -15.16 -13.22 -1.85
CA TYR A 145 -16.08 -14.35 -1.90
C TYR A 145 -15.37 -15.61 -2.42
N GLN A 146 -14.12 -15.45 -2.82
CA GLN A 146 -13.33 -16.56 -3.33
C GLN A 146 -13.89 -17.05 -4.66
N ARG A 147 -13.00 -17.34 -5.61
CA ARG A 147 -13.40 -17.80 -6.92
C ARG A 147 -13.12 -19.30 -7.07
N GLY A 148 -12.13 -19.78 -6.33
CA GLY A 148 -11.78 -21.19 -6.39
C GLY A 148 -10.31 -21.41 -6.68
N ALA A 149 -9.73 -20.52 -7.48
CA ALA A 149 -8.32 -20.62 -7.83
C ALA A 149 -7.45 -19.93 -6.80
N SER A 150 -7.58 -18.61 -6.69
CA SER A 150 -6.80 -17.84 -5.74
C SER A 150 -7.59 -17.60 -4.45
N SER A 12 16.44 -91.23 -39.53
CA SER A 12 16.13 -90.55 -38.28
C SER A 12 15.94 -89.06 -38.52
N GLY A 13 14.97 -88.47 -37.81
CA GLY A 13 14.70 -87.05 -37.96
C GLY A 13 13.63 -86.56 -37.00
N LEU A 14 12.74 -85.72 -37.49
CA LEU A 14 11.66 -85.17 -36.66
C LEU A 14 12.22 -84.55 -35.39
N VAL A 15 13.40 -83.94 -35.50
CA VAL A 15 14.03 -83.31 -34.35
C VAL A 15 14.26 -81.82 -34.60
N PRO A 16 13.16 -81.04 -34.57
CA PRO A 16 13.21 -79.60 -34.79
C PRO A 16 13.89 -78.85 -33.64
N ARG A 17 14.32 -77.62 -33.90
CA ARG A 17 14.98 -76.82 -32.88
C ARG A 17 14.05 -76.55 -31.71
N GLY A 18 14.37 -77.12 -30.55
CA GLY A 18 13.55 -76.93 -29.38
C GLY A 18 14.21 -76.03 -28.35
N SER A 19 14.07 -74.73 -28.54
CA SER A 19 14.66 -73.75 -27.62
C SER A 19 14.13 -72.35 -27.89
N HIS A 20 13.63 -71.71 -26.83
CA HIS A 20 13.08 -70.36 -26.96
C HIS A 20 13.76 -69.41 -25.97
N MET A 21 14.48 -68.44 -26.51
CA MET A 21 15.18 -67.46 -25.69
C MET A 21 14.86 -66.04 -26.12
N SER A 22 14.57 -65.18 -25.15
CA SER A 22 14.23 -63.79 -25.44
C SER A 22 14.69 -62.87 -24.31
N ASN A 23 15.67 -62.01 -24.63
CA ASN A 23 16.20 -61.09 -23.64
C ASN A 23 15.26 -59.90 -23.44
N LYS A 24 15.26 -59.34 -22.23
CA LYS A 24 14.41 -58.21 -21.91
C LYS A 24 15.25 -56.99 -21.54
N PRO A 25 15.92 -56.40 -22.55
CA PRO A 25 16.77 -55.23 -22.35
C PRO A 25 15.96 -53.98 -22.04
N SER A 26 15.88 -53.62 -20.76
CA SER A 26 15.14 -52.45 -20.33
C SER A 26 16.06 -51.40 -19.74
N LYS A 27 15.51 -50.23 -19.43
CA LYS A 27 16.29 -49.14 -18.85
C LYS A 27 15.59 -48.57 -17.62
N PRO A 28 16.37 -47.92 -16.75
CA PRO A 28 15.86 -47.32 -15.52
C PRO A 28 14.98 -46.10 -15.79
N LYS A 29 14.20 -45.71 -14.80
CA LYS A 29 13.32 -44.55 -14.93
C LYS A 29 14.02 -43.28 -14.49
N THR A 30 14.60 -42.56 -15.45
CA THR A 30 15.30 -41.32 -15.17
C THR A 30 14.33 -40.21 -14.81
N ASN A 31 14.47 -39.68 -13.58
CA ASN A 31 13.60 -38.61 -13.12
C ASN A 31 14.40 -37.33 -12.87
N MET A 32 15.66 -37.49 -12.47
CA MET A 32 16.52 -36.35 -12.20
C MET A 32 15.89 -35.40 -11.19
N LYS A 33 15.99 -35.76 -9.91
CA LYS A 33 15.43 -34.95 -8.84
C LYS A 33 16.48 -34.00 -8.26
N HIS A 34 16.03 -32.83 -7.82
CA HIS A 34 16.93 -31.84 -7.25
C HIS A 34 16.15 -30.66 -6.68
N VAL A 35 16.78 -29.92 -5.77
CA VAL A 35 16.13 -28.76 -5.15
C VAL A 35 17.10 -28.03 -4.23
N ALA A 36 17.06 -26.70 -4.27
CA ALA A 36 17.93 -25.88 -3.43
C ALA A 36 17.53 -24.42 -3.49
N GLY A 37 17.25 -23.83 -2.34
CA GLY A 37 16.85 -22.43 -2.28
C GLY A 37 15.72 -22.20 -1.30
N ALA A 38 15.90 -21.20 -0.43
CA ALA A 38 14.88 -20.87 0.56
C ALA A 38 15.21 -19.56 1.27
N ALA A 39 14.20 -18.73 1.50
CA ALA A 39 14.39 -17.46 2.17
C ALA A 39 13.06 -16.91 2.68
N ALA A 40 13.11 -16.22 3.83
CA ALA A 40 11.92 -15.65 4.42
C ALA A 40 12.27 -14.47 5.34
N ALA A 41 11.75 -13.30 5.02
CA ALA A 41 12.00 -12.10 5.81
C ALA A 41 11.07 -10.97 5.41
N GLY A 42 11.06 -9.91 6.21
CA GLY A 42 10.20 -8.77 5.93
C GLY A 42 10.33 -7.67 6.97
N ALA A 43 10.87 -6.53 6.56
CA ALA A 43 11.03 -5.40 7.47
C ALA A 43 10.85 -4.08 6.74
N VAL A 44 9.80 -3.35 7.11
CA VAL A 44 9.51 -2.06 6.49
C VAL A 44 9.10 -1.02 7.54
N VAL A 45 9.79 0.11 7.54
CA VAL A 45 9.50 1.17 8.50
C VAL A 45 8.13 1.78 8.23
N GLY A 46 7.42 2.14 9.30
CA GLY A 46 6.10 2.73 9.16
C GLY A 46 4.99 1.77 9.56
N GLY A 47 4.44 1.98 10.75
CA GLY A 47 3.38 1.12 11.23
C GLY A 47 2.03 1.46 10.61
N LEU A 48 1.74 0.85 9.47
CA LEU A 48 0.47 1.11 8.78
C LEU A 48 -0.71 0.61 9.61
N GLY A 49 -0.48 -0.44 10.37
CA GLY A 49 -1.54 -0.99 11.20
C GLY A 49 -2.00 -2.35 10.75
N GLY A 50 -2.98 -2.39 9.84
CA GLY A 50 -3.48 -3.65 9.34
C GLY A 50 -4.23 -3.49 8.03
N TYR A 51 -3.48 -3.34 6.94
CA TYR A 51 -4.08 -3.18 5.61
C TYR A 51 -3.61 -4.28 4.67
N MET A 52 -4.37 -4.49 3.59
CA MET A 52 -4.04 -5.50 2.61
C MET A 52 -3.17 -4.93 1.50
N LEU A 53 -1.98 -5.49 1.33
CA LEU A 53 -1.05 -5.04 0.31
C LEU A 53 -1.16 -5.89 -0.95
N GLY A 54 -0.86 -5.30 -2.10
CA GLY A 54 -0.92 -6.02 -3.35
C GLY A 54 0.25 -6.96 -3.53
N SER A 55 -0.03 -8.15 -4.06
CA SER A 55 1.00 -9.15 -4.29
C SER A 55 1.54 -9.07 -5.71
N VAL A 56 0.75 -9.55 -6.67
CA VAL A 56 1.16 -9.52 -8.07
C VAL A 56 -0.04 -9.27 -8.99
N MET A 57 0.15 -8.40 -9.97
CA MET A 57 -0.92 -8.07 -10.90
C MET A 57 -0.34 -7.62 -12.24
N SER A 58 -0.49 -8.45 -13.27
CA SER A 58 0.03 -8.14 -14.59
C SER A 58 -0.84 -7.08 -15.27
N ARG A 59 -2.13 -7.09 -14.96
CA ARG A 59 -3.07 -6.14 -15.53
C ARG A 59 -2.74 -4.72 -15.09
N PRO A 60 -3.25 -3.73 -15.85
CA PRO A 60 -3.02 -2.32 -15.56
C PRO A 60 -3.75 -1.86 -14.30
N LEU A 61 -3.23 -0.79 -13.67
CA LEU A 61 -3.84 -0.26 -12.47
C LEU A 61 -4.56 1.05 -12.75
N ILE A 62 -4.40 1.55 -13.96
CA ILE A 62 -5.05 2.80 -14.36
C ILE A 62 -5.19 2.88 -15.88
N HIS A 63 -6.31 3.44 -16.33
CA HIS A 63 -6.58 3.59 -17.76
C HIS A 63 -6.68 5.06 -18.15
N PHE A 64 -5.62 5.58 -18.78
CA PHE A 64 -5.60 6.96 -19.20
C PHE A 64 -6.37 7.16 -20.50
N GLY A 65 -6.02 6.38 -21.51
CA GLY A 65 -6.69 6.48 -22.80
C GLY A 65 -5.99 7.43 -23.75
N ASN A 66 -5.20 8.33 -23.20
CA ASN A 66 -4.46 9.31 -24.01
C ASN A 66 -3.08 8.79 -24.36
N ASP A 67 -2.33 9.58 -25.13
CA ASP A 67 -0.98 9.21 -25.55
C ASP A 67 0.05 9.73 -24.56
N TYR A 68 0.00 11.03 -24.29
CA TYR A 68 0.93 11.66 -23.37
C TYR A 68 0.67 11.21 -21.93
N GLU A 69 -0.59 11.33 -21.51
CA GLU A 69 -0.97 10.93 -20.15
C GLU A 69 -0.54 9.50 -19.87
N ASP A 70 -0.64 8.64 -20.87
CA ASP A 70 -0.26 7.24 -20.73
C ASP A 70 1.26 7.07 -20.82
N ARG A 71 1.84 7.56 -21.91
CA ARG A 71 3.28 7.47 -22.11
C ARG A 71 4.04 8.00 -20.89
N TYR A 72 3.55 9.10 -20.34
CA TYR A 72 4.19 9.70 -19.17
C TYR A 72 4.23 8.73 -18.00
N TYR A 73 3.10 8.09 -17.74
CA TYR A 73 2.99 7.12 -16.64
C TYR A 73 3.77 5.86 -16.96
N ARG A 74 3.85 5.52 -18.25
CA ARG A 74 4.56 4.32 -18.68
C ARG A 74 6.07 4.57 -18.69
N GLU A 75 6.46 5.83 -18.74
CA GLU A 75 7.88 6.20 -18.75
C GLU A 75 8.35 6.58 -17.35
N ASN A 76 7.44 7.11 -16.55
CA ASN A 76 7.76 7.52 -15.19
C ASN A 76 7.48 6.40 -14.20
N MET A 77 7.14 5.23 -14.72
CA MET A 77 6.85 4.07 -13.89
C MET A 77 8.04 3.70 -13.02
N TYR A 78 9.24 3.96 -13.54
CA TYR A 78 10.47 3.66 -12.81
C TYR A 78 10.82 4.78 -11.84
N ARG A 79 10.36 5.99 -12.15
CA ARG A 79 10.63 7.15 -11.31
C ARG A 79 9.99 6.97 -9.93
N TYR A 80 8.77 6.47 -9.91
CA TYR A 80 8.05 6.26 -8.65
C TYR A 80 7.49 4.84 -8.58
N PRO A 81 7.22 4.38 -7.35
CA PRO A 81 6.69 3.03 -7.11
C PRO A 81 5.25 2.90 -7.58
N ASN A 82 4.64 1.74 -7.31
CA ASN A 82 3.26 1.48 -7.72
C ASN A 82 2.50 0.78 -6.61
N GLN A 83 3.11 0.70 -5.43
CA GLN A 83 2.48 0.05 -4.28
C GLN A 83 1.26 0.84 -3.81
N VAL A 84 0.33 0.14 -3.16
CA VAL A 84 -0.89 0.78 -2.66
C VAL A 84 -1.48 -0.03 -1.51
N TYR A 85 -2.06 0.68 -0.54
CA TYR A 85 -2.66 0.04 0.62
C TYR A 85 -4.18 0.18 0.59
N TYR A 86 -4.88 -0.95 0.74
CA TYR A 86 -6.33 -0.95 0.72
C TYR A 86 -6.89 -1.91 1.77
N ARG A 87 -8.20 -1.87 1.99
CA ARG A 87 -8.85 -2.73 2.96
C ARG A 87 -9.87 -3.63 2.29
N PRO A 88 -10.25 -4.72 2.99
CA PRO A 88 -11.22 -5.68 2.47
C PRO A 88 -12.64 -5.11 2.41
N VAL A 89 -13.30 -5.27 1.27
CA VAL A 89 -14.65 -4.77 1.08
C VAL A 89 -15.58 -5.30 2.17
N ASP A 90 -16.83 -4.83 2.15
CA ASP A 90 -17.82 -5.25 3.13
C ASP A 90 -19.22 -5.20 2.53
N GLN A 91 -20.22 -5.43 3.37
CA GLN A 91 -21.61 -5.41 2.94
C GLN A 91 -22.36 -4.21 3.51
N TYR A 92 -21.87 -3.71 4.64
CA TYR A 92 -22.49 -2.57 5.30
C TYR A 92 -22.33 -1.31 4.46
N SER A 93 -21.31 -1.29 3.61
CA SER A 93 -21.04 -0.14 2.75
C SER A 93 -20.47 -0.59 1.41
N ASN A 94 -20.26 0.37 0.52
CA ASN A 94 -19.71 0.08 -0.80
C ASN A 94 -18.18 0.11 -0.78
N GLN A 95 -17.57 -0.05 -1.95
CA GLN A 95 -16.13 -0.04 -2.06
C GLN A 95 -15.55 1.26 -1.52
N ASN A 96 -16.27 2.36 -1.71
CA ASN A 96 -15.83 3.66 -1.23
C ASN A 96 -15.45 3.60 0.24
N ASN A 97 -16.09 2.70 0.99
CA ASN A 97 -15.82 2.54 2.40
C ASN A 97 -14.32 2.38 2.66
N PHE A 98 -13.66 1.62 1.78
CA PHE A 98 -12.23 1.39 1.91
C PHE A 98 -11.45 2.19 0.87
N VAL A 99 -12.03 2.34 -0.32
CA VAL A 99 -11.40 3.08 -1.39
C VAL A 99 -11.05 4.50 -0.96
N HIS A 100 -12.01 5.17 -0.33
CA HIS A 100 -11.82 6.53 0.13
C HIS A 100 -10.61 6.62 1.08
N ASP A 101 -10.41 5.56 1.85
CA ASP A 101 -9.29 5.51 2.79
C ASP A 101 -8.02 5.02 2.10
N CYS A 102 -8.19 4.31 0.99
CA CYS A 102 -7.05 3.80 0.23
C CYS A 102 -6.26 4.92 -0.41
N VAL A 103 -6.97 5.84 -1.06
CA VAL A 103 -6.33 6.97 -1.72
C VAL A 103 -5.55 7.82 -0.72
N ASN A 104 -6.10 7.97 0.48
CA ASN A 104 -5.46 8.76 1.53
C ASN A 104 -4.18 8.08 2.00
N ILE A 105 -4.28 6.81 2.38
CA ILE A 105 -3.13 6.05 2.85
C ILE A 105 -2.04 6.01 1.80
N THR A 106 -2.44 5.92 0.54
CA THR A 106 -1.50 5.87 -0.57
C THR A 106 -0.73 7.19 -0.71
N VAL A 107 -1.47 8.30 -0.69
CA VAL A 107 -0.86 9.62 -0.80
C VAL A 107 0.15 9.86 0.32
N LYS A 108 -0.13 9.29 1.48
CA LYS A 108 0.74 9.44 2.64
C LYS A 108 2.05 8.68 2.45
N GLN A 109 1.94 7.42 2.04
CA GLN A 109 3.11 6.59 1.82
C GLN A 109 3.81 6.97 0.53
N HIS A 110 3.13 7.75 -0.31
CA HIS A 110 3.69 8.20 -1.58
C HIS A 110 4.75 9.27 -1.35
N THR A 111 4.53 10.12 -0.36
CA THR A 111 5.47 11.19 -0.05
C THR A 111 6.05 11.01 1.35
N VAL A 112 5.73 9.89 1.98
CA VAL A 112 6.22 9.60 3.32
C VAL A 112 7.73 9.78 3.41
N LYS A 113 8.42 9.41 2.34
CA LYS A 113 9.89 9.53 2.29
C LYS A 113 10.30 10.87 1.68
N GLY A 114 9.52 11.91 1.98
CA GLY A 114 9.83 13.23 1.45
C GLY A 114 9.80 13.27 -0.07
N GLU A 115 9.18 12.26 -0.67
CA GLU A 115 9.09 12.18 -2.12
C GLU A 115 8.22 13.31 -2.67
N ASN A 116 8.86 14.44 -2.98
CA ASN A 116 8.14 15.60 -3.51
C ASN A 116 8.09 15.55 -5.03
N PHE A 117 6.93 15.88 -5.59
CA PHE A 117 6.74 15.88 -7.04
C PHE A 117 6.10 17.17 -7.51
N THR A 118 6.50 17.62 -8.70
CA THR A 118 5.97 18.86 -9.27
C THR A 118 4.45 18.80 -9.38
N GLU A 119 3.81 19.97 -9.37
CA GLU A 119 2.37 20.05 -9.47
C GLU A 119 1.87 19.32 -10.71
N THR A 120 2.72 19.25 -11.74
CA THR A 120 2.37 18.58 -12.98
C THR A 120 2.37 17.07 -12.81
N ASP A 121 3.40 16.55 -12.14
CA ASP A 121 3.51 15.12 -11.92
C ASP A 121 2.38 14.62 -11.02
N ILE A 122 2.04 15.41 -10.01
CA ILE A 122 0.97 15.05 -9.08
C ILE A 122 -0.33 14.75 -9.83
N LYS A 123 -0.50 15.40 -10.98
CA LYS A 123 -1.70 15.20 -11.79
C LYS A 123 -1.89 13.72 -12.14
N ILE A 124 -0.86 13.13 -12.74
CA ILE A 124 -0.90 11.72 -13.11
C ILE A 124 -0.78 10.82 -11.90
N MET A 125 0.11 11.19 -10.98
CA MET A 125 0.32 10.41 -9.77
C MET A 125 -0.99 10.21 -9.01
N GLU A 126 -1.72 11.30 -8.80
CA GLU A 126 -2.99 11.25 -8.09
C GLU A 126 -3.98 10.35 -8.83
N ARG A 127 -3.86 10.30 -10.15
CA ARG A 127 -4.75 9.50 -10.97
C ARG A 127 -4.45 8.01 -10.79
N VAL A 128 -3.19 7.65 -10.96
CA VAL A 128 -2.78 6.25 -10.81
C VAL A 128 -3.02 5.74 -9.40
N VAL A 129 -2.98 6.67 -8.43
CA VAL A 129 -3.19 6.31 -7.04
C VAL A 129 -4.66 5.98 -6.78
N GLU A 130 -5.54 6.94 -7.04
CA GLU A 130 -6.97 6.74 -6.83
C GLU A 130 -7.49 5.60 -7.71
N GLN A 131 -7.11 5.61 -8.98
CA GLN A 131 -7.55 4.58 -9.91
C GLN A 131 -7.07 3.20 -9.46
N MET A 132 -5.95 3.16 -8.76
CA MET A 132 -5.40 1.91 -8.26
C MET A 132 -6.23 1.36 -7.10
N CYS A 133 -6.94 2.26 -6.42
CA CYS A 133 -7.78 1.88 -5.29
C CYS A 133 -9.07 1.22 -5.77
N ILE A 134 -9.75 1.88 -6.70
CA ILE A 134 -11.00 1.37 -7.25
C ILE A 134 -10.77 0.06 -8.01
N THR A 135 -9.77 0.06 -8.87
CA THR A 135 -9.44 -1.13 -9.67
C THR A 135 -9.20 -2.34 -8.77
N GLN A 136 -8.84 -2.08 -7.51
CA GLN A 136 -8.59 -3.14 -6.56
C GLN A 136 -9.90 -3.74 -6.04
N TYR A 137 -10.96 -2.93 -6.05
CA TYR A 137 -12.26 -3.38 -5.59
C TYR A 137 -12.69 -4.66 -6.31
N GLN A 138 -12.54 -4.67 -7.63
CA GLN A 138 -12.91 -5.83 -8.43
C GLN A 138 -12.27 -7.10 -7.87
N ARG A 139 -11.02 -6.99 -7.43
CA ARG A 139 -10.29 -8.13 -6.89
C ARG A 139 -10.79 -8.46 -5.48
N GLU A 140 -10.95 -7.44 -4.65
CA GLU A 140 -11.43 -7.62 -3.29
C GLU A 140 -12.71 -8.43 -3.27
N SER A 141 -13.68 -8.02 -4.07
CA SER A 141 -14.97 -8.70 -4.14
C SER A 141 -14.81 -10.10 -4.70
N GLN A 142 -13.92 -10.25 -5.67
CA GLN A 142 -13.67 -11.55 -6.29
C GLN A 142 -13.29 -12.58 -5.24
N ALA A 143 -12.27 -12.27 -4.44
CA ALA A 143 -11.81 -13.17 -3.40
C ALA A 143 -12.75 -13.17 -2.21
N TYR A 144 -13.44 -12.05 -2.01
CA TYR A 144 -14.39 -11.90 -0.91
C TYR A 144 -15.51 -12.93 -1.01
N TYR A 145 -16.17 -12.98 -2.15
CA TYR A 145 -17.26 -13.90 -2.38
C TYR A 145 -16.83 -15.34 -2.06
N GLN A 146 -15.58 -15.65 -2.38
CA GLN A 146 -15.05 -16.99 -2.14
C GLN A 146 -14.59 -17.13 -0.68
N ARG A 147 -14.61 -18.36 -0.18
CA ARG A 147 -14.20 -18.62 1.20
C ARG A 147 -12.80 -18.09 1.46
N GLY A 148 -12.65 -17.31 2.53
CA GLY A 148 -11.36 -16.76 2.87
C GLY A 148 -10.38 -17.81 3.36
N ALA A 149 -9.88 -17.62 4.58
CA ALA A 149 -8.93 -18.56 5.16
C ALA A 149 -7.65 -18.65 4.33
N SER A 150 -7.21 -17.50 3.83
CA SER A 150 -6.00 -17.44 3.01
C SER A 150 -4.77 -17.82 3.83
N SER A 12 84.74 75.57 -6.18
CA SER A 12 84.40 74.52 -7.13
C SER A 12 84.46 73.14 -6.46
N GLY A 13 83.34 72.73 -5.87
CA GLY A 13 83.28 71.45 -5.20
C GLY A 13 81.96 70.75 -5.40
N LEU A 14 81.86 69.92 -6.43
CA LEU A 14 80.64 69.20 -6.72
C LEU A 14 80.57 67.90 -5.92
N VAL A 15 79.70 67.88 -4.92
CA VAL A 15 79.54 66.70 -4.07
C VAL A 15 78.12 66.13 -4.19
N PRO A 16 77.83 65.51 -5.34
CA PRO A 16 76.51 64.92 -5.60
C PRO A 16 76.27 63.67 -4.76
N ARG A 17 75.40 63.81 -3.76
CA ARG A 17 75.07 62.70 -2.88
C ARG A 17 73.71 62.10 -3.24
N GLY A 18 73.66 60.78 -3.32
CA GLY A 18 72.41 60.10 -3.65
C GLY A 18 72.22 58.83 -2.87
N SER A 19 72.82 58.76 -1.69
CA SER A 19 72.71 57.58 -0.84
C SER A 19 71.38 57.57 -0.09
N HIS A 20 70.41 56.85 -0.64
CA HIS A 20 69.09 56.75 -0.03
C HIS A 20 68.55 55.33 -0.11
N MET A 21 67.85 54.91 0.94
CA MET A 21 67.29 53.56 0.99
C MET A 21 66.26 53.45 2.11
N SER A 22 65.12 52.84 1.79
CA SER A 22 64.05 52.66 2.76
C SER A 22 62.92 51.82 2.19
N ASN A 23 62.75 50.61 2.71
CA ASN A 23 61.71 49.71 2.25
C ASN A 23 60.83 49.24 3.41
N LYS A 24 59.52 49.22 3.19
CA LYS A 24 58.58 48.80 4.22
C LYS A 24 57.71 47.65 3.71
N PRO A 25 58.32 46.46 3.58
CA PRO A 25 57.61 45.27 3.10
C PRO A 25 56.60 44.74 4.13
N SER A 26 55.42 44.36 3.65
CA SER A 26 54.38 43.85 4.52
C SER A 26 53.87 42.50 4.02
N LYS A 27 53.96 41.49 4.88
CA LYS A 27 53.51 40.14 4.53
C LYS A 27 52.40 39.67 5.48
N PRO A 28 51.22 40.29 5.36
CA PRO A 28 50.06 39.95 6.19
C PRO A 28 49.50 38.57 5.87
N LYS A 29 49.51 37.69 6.86
CA LYS A 29 48.99 36.33 6.68
C LYS A 29 47.77 36.09 7.56
N THR A 30 46.64 36.66 7.15
CA THR A 30 45.39 36.51 7.90
C THR A 30 44.37 35.72 7.09
N ASN A 31 43.84 34.66 7.69
CA ASN A 31 42.84 33.83 7.03
C ASN A 31 42.23 32.83 8.01
N MET A 32 41.03 32.35 7.69
CA MET A 32 40.34 31.40 8.54
C MET A 32 39.08 30.85 7.85
N LYS A 33 38.71 29.63 8.19
CA LYS A 33 37.53 29.00 7.61
C LYS A 33 37.25 27.65 8.26
N HIS A 34 36.02 27.48 8.73
CA HIS A 34 35.63 26.22 9.38
C HIS A 34 34.24 25.79 8.92
N VAL A 35 34.14 24.56 8.44
CA VAL A 35 32.87 24.02 7.97
C VAL A 35 32.19 23.18 9.06
N ALA A 36 30.88 23.07 8.97
CA ALA A 36 30.11 22.29 9.94
C ALA A 36 28.64 22.22 9.55
N GLY A 37 28.15 21.01 9.33
CA GLY A 37 26.76 20.82 8.95
C GLY A 37 26.29 19.39 9.15
N ALA A 38 25.45 19.17 10.15
CA ALA A 38 24.92 17.84 10.43
C ALA A 38 23.66 17.92 11.28
N ALA A 39 22.54 17.49 10.71
CA ALA A 39 21.27 17.50 11.42
C ALA A 39 20.34 16.40 10.91
N ALA A 40 19.91 15.54 11.82
CA ALA A 40 19.02 14.44 11.47
C ALA A 40 18.49 13.74 12.71
N ALA A 41 17.21 13.36 12.68
CA ALA A 41 16.59 12.68 13.80
C ALA A 41 16.58 11.17 13.59
N GLY A 42 17.50 10.68 12.78
CA GLY A 42 17.59 9.26 12.50
C GLY A 42 16.81 8.86 11.26
N ALA A 43 16.45 7.59 11.18
CA ALA A 43 15.70 7.08 10.05
C ALA A 43 14.96 5.79 10.40
N VAL A 44 13.64 5.85 10.38
CA VAL A 44 12.81 4.68 10.70
C VAL A 44 11.71 4.48 9.67
N VAL A 45 11.55 3.24 9.21
CA VAL A 45 10.53 2.92 8.23
C VAL A 45 9.84 1.60 8.56
N GLY A 46 8.56 1.50 8.19
CA GLY A 46 7.81 0.28 8.45
C GLY A 46 6.75 0.48 9.52
N GLY A 47 5.59 0.97 9.12
CA GLY A 47 4.51 1.20 10.06
C GLY A 47 3.35 1.97 9.45
N LEU A 48 2.42 1.25 8.84
CA LEU A 48 1.26 1.88 8.21
C LEU A 48 -0.03 1.52 8.96
N GLY A 49 0.02 0.43 9.71
CA GLY A 49 -1.15 0.00 10.46
C GLY A 49 -1.44 -1.48 10.29
N GLY A 50 -2.39 -1.79 9.41
CA GLY A 50 -2.74 -3.17 9.16
C GLY A 50 -3.58 -3.34 7.90
N TYR A 51 -3.11 -2.76 6.81
CA TYR A 51 -3.81 -2.85 5.53
C TYR A 51 -3.29 -4.00 4.69
N MET A 52 -4.01 -4.34 3.64
CA MET A 52 -3.62 -5.43 2.75
C MET A 52 -2.77 -4.91 1.60
N LEU A 53 -1.80 -5.71 1.17
CA LEU A 53 -0.91 -5.33 0.08
C LEU A 53 -1.28 -6.06 -1.21
N GLY A 54 -0.72 -5.60 -2.32
CA GLY A 54 -1.00 -6.23 -3.60
C GLY A 54 0.21 -6.91 -4.20
N SER A 55 0.53 -6.56 -5.43
CA SER A 55 1.68 -7.15 -6.11
C SER A 55 1.45 -8.64 -6.37
N VAL A 56 0.21 -9.08 -6.20
CA VAL A 56 -0.14 -10.47 -6.41
C VAL A 56 -0.72 -10.68 -7.81
N MET A 57 -0.62 -9.65 -8.65
CA MET A 57 -1.12 -9.72 -10.01
C MET A 57 -0.36 -8.77 -10.92
N SER A 58 -0.79 -8.69 -12.18
CA SER A 58 -0.15 -7.81 -13.15
C SER A 58 -1.18 -7.12 -14.03
N ARG A 59 -2.39 -6.97 -13.51
CA ARG A 59 -3.47 -6.33 -14.24
C ARG A 59 -3.31 -4.82 -14.24
N PRO A 60 -3.95 -4.15 -15.21
CA PRO A 60 -3.89 -2.69 -15.33
C PRO A 60 -4.64 -1.97 -14.21
N LEU A 61 -3.95 -1.04 -13.55
CA LEU A 61 -4.55 -0.29 -12.45
C LEU A 61 -5.07 1.06 -12.95
N ILE A 62 -4.46 1.58 -13.99
CA ILE A 62 -4.87 2.86 -14.57
C ILE A 62 -4.82 2.83 -16.09
N HIS A 63 -5.79 3.50 -16.72
CA HIS A 63 -5.86 3.55 -18.17
C HIS A 63 -6.00 4.98 -18.65
N PHE A 64 -4.90 5.54 -19.17
CA PHE A 64 -4.91 6.92 -19.67
C PHE A 64 -5.49 6.97 -21.08
N GLY A 65 -4.71 6.51 -22.06
CA GLY A 65 -5.16 6.52 -23.43
C GLY A 65 -4.43 7.55 -24.28
N ASN A 66 -4.18 8.72 -23.69
CA ASN A 66 -3.49 9.79 -24.40
C ASN A 66 -2.03 9.42 -24.65
N ASP A 67 -1.30 10.31 -25.33
CA ASP A 67 0.10 10.08 -25.63
C ASP A 67 1.00 10.59 -24.51
N TYR A 68 0.75 11.83 -24.08
CA TYR A 68 1.54 12.44 -23.02
C TYR A 68 1.25 11.77 -21.68
N GLU A 69 -0.04 11.66 -21.34
CA GLU A 69 -0.44 11.05 -20.09
C GLU A 69 0.07 9.62 -19.99
N ASP A 70 0.11 8.92 -21.12
CA ASP A 70 0.60 7.55 -21.16
C ASP A 70 2.12 7.50 -21.12
N ARG A 71 2.75 8.15 -22.10
CA ARG A 71 4.20 8.17 -22.18
C ARG A 71 4.81 8.65 -20.87
N TYR A 72 4.15 9.61 -20.22
CA TYR A 72 4.62 10.15 -18.96
C TYR A 72 4.56 9.11 -17.85
N TYR A 73 3.41 8.43 -17.75
CA TYR A 73 3.23 7.40 -16.74
C TYR A 73 4.22 6.25 -16.92
N ARG A 74 4.33 5.77 -18.16
CA ARG A 74 5.25 4.68 -18.47
C ARG A 74 6.70 5.10 -18.23
N GLU A 75 7.05 6.29 -18.72
CA GLU A 75 8.40 6.80 -18.56
C GLU A 75 8.74 7.02 -17.10
N ASN A 76 7.77 7.55 -16.35
CA ASN A 76 7.97 7.81 -14.92
C ASN A 76 7.60 6.58 -14.10
N MET A 77 7.33 5.47 -14.78
CA MET A 77 6.97 4.23 -14.10
C MET A 77 8.09 3.77 -13.17
N TYR A 78 9.33 3.92 -13.62
CA TYR A 78 10.48 3.51 -12.82
C TYR A 78 10.83 4.58 -11.78
N ARG A 79 10.37 5.81 -12.04
CA ARG A 79 10.63 6.91 -11.12
C ARG A 79 9.98 6.67 -9.77
N TYR A 80 8.72 6.24 -9.79
CA TYR A 80 7.98 5.96 -8.56
C TYR A 80 7.58 4.49 -8.49
N PRO A 81 7.31 4.02 -7.26
CA PRO A 81 6.91 2.63 -7.01
C PRO A 81 5.50 2.34 -7.55
N ASN A 82 5.02 1.13 -7.27
CA ASN A 82 3.70 0.72 -7.71
C ASN A 82 2.94 -0.01 -6.60
N GLN A 83 3.31 0.27 -5.36
CA GLN A 83 2.67 -0.36 -4.22
C GLN A 83 1.39 0.36 -3.83
N VAL A 84 0.43 -0.39 -3.30
CA VAL A 84 -0.86 0.18 -2.90
C VAL A 84 -1.43 -0.56 -1.69
N TYR A 85 -2.06 0.19 -0.80
CA TYR A 85 -2.64 -0.38 0.40
C TYR A 85 -4.17 -0.31 0.36
N TYR A 86 -4.82 -1.46 0.48
CA TYR A 86 -6.28 -1.52 0.46
C TYR A 86 -6.81 -2.45 1.55
N ARG A 87 -8.12 -2.43 1.74
CA ARG A 87 -8.76 -3.26 2.75
C ARG A 87 -9.87 -4.10 2.15
N PRO A 88 -10.27 -5.18 2.85
CA PRO A 88 -11.33 -6.08 2.40
C PRO A 88 -12.70 -5.42 2.45
N VAL A 89 -13.44 -5.51 1.36
CA VAL A 89 -14.78 -4.93 1.28
C VAL A 89 -15.67 -5.44 2.39
N ASP A 90 -16.09 -4.53 3.27
CA ASP A 90 -16.95 -4.89 4.40
C ASP A 90 -18.42 -4.73 4.02
N GLN A 91 -19.31 -5.02 4.98
CA GLN A 91 -20.74 -4.91 4.75
C GLN A 91 -21.26 -3.55 5.21
N TYR A 92 -22.53 -3.29 4.94
CA TYR A 92 -23.14 -2.03 5.33
C TYR A 92 -22.37 -0.84 4.76
N SER A 93 -21.70 -1.06 3.64
CA SER A 93 -20.92 -0.02 2.99
C SER A 93 -20.38 -0.51 1.65
N ASN A 94 -20.07 0.44 0.77
CA ASN A 94 -19.54 0.11 -0.55
C ASN A 94 -18.01 0.11 -0.53
N GLN A 95 -17.41 0.03 -1.72
CA GLN A 95 -15.96 0.01 -1.85
C GLN A 95 -15.35 1.29 -1.28
N ASN A 96 -16.08 2.39 -1.40
CA ASN A 96 -15.60 3.68 -0.89
C ASN A 96 -15.16 3.56 0.56
N ASN A 97 -15.77 2.64 1.29
CA ASN A 97 -15.44 2.41 2.69
C ASN A 97 -13.93 2.26 2.87
N PHE A 98 -13.30 1.53 1.96
CA PHE A 98 -11.86 1.31 2.01
C PHE A 98 -11.14 2.13 0.95
N VAL A 99 -11.79 2.30 -0.20
CA VAL A 99 -11.21 3.07 -1.30
C VAL A 99 -10.97 4.52 -0.88
N HIS A 100 -11.83 5.04 -0.02
CA HIS A 100 -11.70 6.42 0.45
C HIS A 100 -10.35 6.63 1.12
N ASP A 101 -10.05 5.82 2.11
CA ASP A 101 -8.78 5.93 2.84
C ASP A 101 -7.64 5.31 2.03
N CYS A 102 -7.99 4.45 1.08
CA CYS A 102 -7.00 3.79 0.24
C CYS A 102 -6.13 4.81 -0.47
N VAL A 103 -6.77 5.84 -1.03
CA VAL A 103 -6.05 6.89 -1.74
C VAL A 103 -5.21 7.73 -0.78
N ASN A 104 -5.83 8.18 0.29
CA ASN A 104 -5.15 8.99 1.29
C ASN A 104 -3.90 8.27 1.81
N ILE A 105 -4.09 7.08 2.34
CA ILE A 105 -2.98 6.28 2.87
C ILE A 105 -1.87 6.14 1.83
N THR A 106 -2.26 5.92 0.59
CA THR A 106 -1.28 5.76 -0.50
C THR A 106 -0.54 7.06 -0.76
N VAL A 107 -1.29 8.16 -0.85
CA VAL A 107 -0.70 9.47 -1.10
C VAL A 107 0.35 9.80 -0.05
N LYS A 108 0.10 9.39 1.19
CA LYS A 108 1.03 9.64 2.29
C LYS A 108 2.36 8.93 2.05
N GLN A 109 2.30 7.62 1.84
CA GLN A 109 3.48 6.82 1.61
C GLN A 109 4.06 7.10 0.22
N HIS A 110 3.31 7.83 -0.60
CA HIS A 110 3.74 8.17 -1.94
C HIS A 110 4.33 9.58 -1.99
N THR A 111 4.04 10.37 -0.97
CA THR A 111 4.53 11.74 -0.89
C THR A 111 5.56 11.89 0.23
N VAL A 112 5.93 10.77 0.85
CA VAL A 112 6.90 10.78 1.92
C VAL A 112 8.13 9.95 1.56
N LYS A 113 7.97 9.06 0.58
CA LYS A 113 9.06 8.21 0.15
C LYS A 113 10.03 8.98 -0.73
N GLY A 114 10.56 10.08 -0.21
CA GLY A 114 11.50 10.89 -0.96
C GLY A 114 10.83 11.67 -2.07
N GLU A 115 9.65 12.21 -1.79
CA GLU A 115 8.90 12.99 -2.77
C GLU A 115 9.80 14.04 -3.42
N ASN A 116 9.90 14.00 -4.75
CA ASN A 116 10.72 14.96 -5.48
C ASN A 116 10.06 15.31 -6.82
N PHE A 117 8.74 15.19 -6.88
CA PHE A 117 8.00 15.51 -8.09
C PHE A 117 7.61 16.98 -8.14
N THR A 118 6.76 17.34 -9.09
CA THR A 118 6.31 18.72 -9.24
C THR A 118 4.81 18.84 -8.98
N GLU A 119 4.34 20.08 -8.86
CA GLU A 119 2.92 20.33 -8.61
C GLU A 119 2.06 19.67 -9.67
N THR A 120 2.54 19.70 -10.92
CA THR A 120 1.80 19.11 -12.03
C THR A 120 1.86 17.58 -11.98
N ASP A 121 3.04 17.06 -11.66
CA ASP A 121 3.24 15.62 -11.57
C ASP A 121 2.18 14.98 -10.67
N ILE A 122 1.84 15.66 -9.58
CA ILE A 122 0.84 15.15 -8.65
C ILE A 122 -0.47 14.84 -9.36
N LYS A 123 -0.73 15.57 -10.44
CA LYS A 123 -1.96 15.37 -11.21
C LYS A 123 -2.09 13.92 -11.65
N ILE A 124 -1.07 13.41 -12.34
CA ILE A 124 -1.07 12.03 -12.81
C ILE A 124 -0.85 11.05 -11.65
N MET A 125 0.02 11.43 -10.72
CA MET A 125 0.31 10.59 -9.58
C MET A 125 -0.96 10.24 -8.81
N GLU A 126 -1.90 11.19 -8.78
CA GLU A 126 -3.17 10.98 -8.08
C GLU A 126 -4.07 10.03 -8.86
N ARG A 127 -3.93 10.05 -10.18
CA ARG A 127 -4.73 9.19 -11.04
C ARG A 127 -4.37 7.72 -10.83
N VAL A 128 -3.10 7.41 -11.02
CA VAL A 128 -2.61 6.03 -10.85
C VAL A 128 -3.01 5.48 -9.49
N VAL A 129 -2.92 6.32 -8.46
CA VAL A 129 -3.26 5.91 -7.11
C VAL A 129 -4.76 5.68 -6.97
N GLU A 130 -5.55 6.68 -7.36
CA GLU A 130 -7.00 6.58 -7.27
C GLU A 130 -7.50 5.36 -8.03
N GLN A 131 -7.13 5.26 -9.31
CA GLN A 131 -7.55 4.14 -10.15
C GLN A 131 -7.08 2.82 -9.56
N MET A 132 -5.96 2.85 -8.84
CA MET A 132 -5.40 1.66 -8.22
C MET A 132 -6.26 1.20 -7.05
N CYS A 133 -7.00 2.14 -6.46
CA CYS A 133 -7.87 1.84 -5.33
C CYS A 133 -9.14 1.12 -5.79
N ILE A 134 -9.70 1.59 -6.89
CA ILE A 134 -10.92 1.00 -7.44
C ILE A 134 -10.63 -0.35 -8.08
N THR A 135 -9.57 -0.40 -8.89
CA THR A 135 -9.19 -1.63 -9.56
C THR A 135 -9.02 -2.78 -8.57
N GLN A 136 -8.77 -2.43 -7.31
CA GLN A 136 -8.59 -3.43 -6.27
C GLN A 136 -9.93 -3.97 -5.80
N TYR A 137 -10.96 -3.13 -5.85
CA TYR A 137 -12.29 -3.52 -5.42
C TYR A 137 -12.76 -4.77 -6.16
N GLN A 138 -12.55 -4.77 -7.48
CA GLN A 138 -12.95 -5.91 -8.30
C GLN A 138 -12.41 -7.21 -7.73
N ARG A 139 -11.16 -7.17 -7.25
CA ARG A 139 -10.53 -8.35 -6.68
C ARG A 139 -11.10 -8.67 -5.30
N GLU A 140 -11.25 -7.63 -4.48
CA GLU A 140 -11.79 -7.80 -3.13
C GLU A 140 -13.13 -8.51 -3.17
N SER A 141 -13.99 -8.12 -4.11
CA SER A 141 -15.31 -8.71 -4.24
C SER A 141 -15.20 -10.17 -4.70
N GLN A 142 -14.25 -10.43 -5.58
CA GLN A 142 -14.04 -11.77 -6.10
C GLN A 142 -13.82 -12.77 -4.96
N ALA A 143 -12.91 -12.43 -4.05
CA ALA A 143 -12.60 -13.29 -2.91
C ALA A 143 -13.66 -13.15 -1.82
N TYR A 144 -14.20 -11.94 -1.68
CA TYR A 144 -15.21 -11.67 -0.66
C TYR A 144 -16.43 -12.57 -0.87
N TYR A 145 -16.91 -12.63 -2.10
CA TYR A 145 -18.07 -13.46 -2.43
C TYR A 145 -17.89 -14.88 -1.92
N GLN A 146 -16.66 -15.38 -2.00
CA GLN A 146 -16.35 -16.73 -1.55
C GLN A 146 -17.14 -17.76 -2.33
N ARG A 147 -17.63 -17.36 -3.51
CA ARG A 147 -18.41 -18.25 -4.36
C ARG A 147 -17.51 -19.27 -5.05
N GLY A 148 -18.12 -20.29 -5.63
CA GLY A 148 -17.36 -21.32 -6.32
C GLY A 148 -18.15 -21.98 -7.43
N ALA A 149 -18.52 -21.19 -8.44
CA ALA A 149 -19.29 -21.71 -9.57
C ALA A 149 -19.23 -20.75 -10.75
N SER A 150 -19.20 -21.31 -11.96
CA SER A 150 -19.13 -20.51 -13.17
C SER A 150 -20.49 -19.89 -13.48
N SER A 12 -39.19 -62.37 58.87
CA SER A 12 -38.69 -61.24 59.65
C SER A 12 -37.38 -61.59 60.34
N GLY A 13 -36.28 -61.45 59.62
CA GLY A 13 -34.97 -61.75 60.17
C GLY A 13 -33.85 -61.06 59.43
N LEU A 14 -33.95 -59.75 59.31
CA LEU A 14 -32.93 -58.97 58.62
C LEU A 14 -31.86 -58.49 59.59
N VAL A 15 -30.60 -58.58 59.17
CA VAL A 15 -29.48 -58.17 60.00
C VAL A 15 -29.33 -56.65 60.01
N PRO A 16 -29.16 -56.08 61.22
CA PRO A 16 -29.02 -54.63 61.39
C PRO A 16 -27.69 -54.11 60.84
N ARG A 17 -27.77 -53.22 59.87
CA ARG A 17 -26.58 -52.65 59.26
C ARG A 17 -25.66 -53.75 58.72
N GLY A 18 -26.25 -54.72 58.03
CA GLY A 18 -25.48 -55.81 57.48
C GLY A 18 -25.26 -55.67 55.98
N SER A 19 -26.12 -54.90 55.33
CA SER A 19 -26.02 -54.69 53.89
C SER A 19 -24.88 -53.74 53.56
N HIS A 20 -23.71 -54.30 53.29
CA HIS A 20 -22.53 -53.50 52.95
C HIS A 20 -21.69 -54.19 51.88
N MET A 21 -21.01 -53.39 51.06
CA MET A 21 -20.16 -53.92 50.00
C MET A 21 -18.72 -53.45 50.16
N SER A 22 -17.86 -53.87 49.25
CA SER A 22 -16.45 -53.50 49.29
C SER A 22 -16.01 -52.91 47.96
N ASN A 23 -14.93 -52.13 47.99
CA ASN A 23 -14.40 -51.50 46.79
C ASN A 23 -12.88 -51.36 46.87
N LYS A 24 -12.20 -51.71 45.77
CA LYS A 24 -10.75 -51.62 45.72
C LYS A 24 -10.30 -50.79 44.53
N PRO A 25 -10.52 -49.46 44.61
CA PRO A 25 -10.15 -48.53 43.55
C PRO A 25 -8.64 -48.36 43.43
N SER A 26 -8.00 -49.26 42.70
CA SER A 26 -6.56 -49.21 42.51
C SER A 26 -6.20 -48.79 41.10
N LYS A 27 -5.77 -47.53 40.95
CA LYS A 27 -5.39 -47.00 39.65
C LYS A 27 -4.39 -45.86 39.80
N PRO A 28 -3.16 -46.20 40.20
CA PRO A 28 -2.09 -45.22 40.39
C PRO A 28 -1.59 -44.64 39.08
N LYS A 29 -1.35 -43.34 39.06
CA LYS A 29 -0.88 -42.66 37.86
C LYS A 29 0.48 -42.00 38.12
N THR A 30 1.46 -42.36 37.30
CA THR A 30 2.81 -41.80 37.43
C THR A 30 3.56 -41.85 36.10
N ASN A 31 3.93 -40.68 35.59
CA ASN A 31 4.65 -40.59 34.34
C ASN A 31 5.38 -39.26 34.22
N MET A 32 6.49 -39.26 33.49
CA MET A 32 7.27 -38.04 33.30
C MET A 32 8.01 -38.08 31.96
N LYS A 33 8.23 -36.90 31.38
CA LYS A 33 8.92 -36.80 30.10
C LYS A 33 10.11 -35.83 30.20
N HIS A 34 11.06 -35.98 29.28
CA HIS A 34 12.23 -35.11 29.27
C HIS A 34 12.47 -34.54 27.87
N VAL A 35 12.17 -33.25 27.71
CA VAL A 35 12.35 -32.58 26.43
C VAL A 35 12.78 -31.13 26.63
N ALA A 36 13.63 -30.64 25.72
CA ALA A 36 14.11 -29.27 25.80
C ALA A 36 14.28 -28.68 24.40
N GLY A 37 14.65 -27.40 24.36
CA GLY A 37 14.85 -26.73 23.08
C GLY A 37 14.79 -25.23 23.20
N ALA A 38 14.93 -24.54 22.06
CA ALA A 38 14.90 -23.08 22.04
C ALA A 38 14.17 -22.56 20.81
N ALA A 39 13.60 -21.37 20.92
CA ALA A 39 12.88 -20.76 19.82
C ALA A 39 13.27 -19.30 19.64
N ALA A 40 13.64 -18.94 18.41
CA ALA A 40 14.03 -17.56 18.11
C ALA A 40 12.83 -16.64 18.10
N ALA A 41 12.89 -15.57 18.90
CA ALA A 41 11.81 -14.61 18.98
C ALA A 41 12.05 -13.44 18.03
N GLY A 42 10.98 -13.01 17.35
CA GLY A 42 11.10 -11.90 16.42
C GLY A 42 9.77 -11.55 15.77
N ALA A 43 9.64 -10.31 15.33
CA ALA A 43 8.41 -9.85 14.70
C ALA A 43 8.72 -9.00 13.46
N VAL A 44 7.69 -8.71 12.67
CA VAL A 44 7.85 -7.91 11.47
C VAL A 44 6.88 -6.72 11.46
N VAL A 45 7.42 -5.54 11.23
CA VAL A 45 6.60 -4.32 11.20
C VAL A 45 6.97 -3.45 9.99
N GLY A 46 5.96 -2.80 9.42
CA GLY A 46 6.20 -1.94 8.27
C GLY A 46 6.29 -0.47 8.65
N GLY A 47 5.33 -0.01 9.45
CA GLY A 47 5.33 1.39 9.87
C GLY A 47 4.19 2.17 9.27
N LEU A 48 3.16 1.46 8.81
CA LEU A 48 2.00 2.10 8.21
C LEU A 48 0.75 1.86 9.05
N GLY A 49 0.79 0.82 9.89
CA GLY A 49 -0.33 0.50 10.73
C GLY A 49 -0.83 -0.93 10.53
N GLY A 50 -1.35 -1.21 9.34
CA GLY A 50 -1.85 -2.53 9.04
C GLY A 50 -2.90 -2.54 7.96
N TYR A 51 -2.54 -2.00 6.79
CA TYR A 51 -3.48 -1.93 5.66
C TYR A 51 -3.29 -3.13 4.73
N MET A 52 -4.41 -3.72 4.31
CA MET A 52 -4.37 -4.87 3.42
C MET A 52 -3.59 -4.55 2.16
N LEU A 53 -2.35 -5.00 2.10
CA LEU A 53 -1.49 -4.76 0.95
C LEU A 53 -1.60 -5.91 -0.06
N GLY A 54 -1.39 -5.60 -1.33
CA GLY A 54 -1.47 -6.61 -2.37
C GLY A 54 -0.12 -7.23 -2.66
N SER A 55 0.02 -7.80 -3.86
CA SER A 55 1.27 -8.43 -4.26
C SER A 55 1.55 -8.20 -5.74
N VAL A 56 2.55 -8.92 -6.27
CA VAL A 56 2.90 -8.79 -7.67
C VAL A 56 1.69 -8.95 -8.57
N MET A 57 1.60 -8.11 -9.59
CA MET A 57 0.48 -8.15 -10.53
C MET A 57 0.89 -7.59 -11.89
N SER A 58 0.40 -8.22 -12.95
CA SER A 58 0.73 -7.80 -14.31
C SER A 58 -0.52 -7.27 -15.02
N ARG A 59 -1.48 -6.79 -14.24
CA ARG A 59 -2.73 -6.26 -14.79
C ARG A 59 -2.72 -4.73 -14.78
N PRO A 60 -3.57 -4.12 -15.62
CA PRO A 60 -3.69 -2.67 -15.72
C PRO A 60 -4.32 -2.04 -14.49
N LEU A 61 -3.77 -0.92 -14.05
CA LEU A 61 -4.27 -0.22 -12.87
C LEU A 61 -4.97 1.07 -13.27
N ILE A 62 -4.54 1.65 -14.38
CA ILE A 62 -5.12 2.89 -14.87
C ILE A 62 -5.08 2.96 -16.40
N HIS A 63 -6.19 3.37 -16.99
CA HIS A 63 -6.28 3.48 -18.45
C HIS A 63 -6.20 4.94 -18.88
N PHE A 64 -5.04 5.33 -19.40
CA PHE A 64 -4.84 6.71 -19.86
C PHE A 64 -5.38 6.89 -21.28
N GLY A 65 -4.66 6.35 -22.26
CA GLY A 65 -5.08 6.48 -23.65
C GLY A 65 -4.43 7.65 -24.35
N ASN A 66 -4.24 8.74 -23.62
CA ASN A 66 -3.62 9.94 -24.18
C ASN A 66 -2.17 9.68 -24.57
N ASP A 67 -1.52 10.69 -25.14
CA ASP A 67 -0.13 10.57 -25.55
C ASP A 67 0.81 11.13 -24.50
N TYR A 68 0.51 12.34 -24.03
CA TYR A 68 1.33 12.99 -23.01
C TYR A 68 1.20 12.29 -21.67
N GLU A 69 -0.03 12.08 -21.24
CA GLU A 69 -0.29 11.41 -19.96
C GLU A 69 0.30 10.00 -19.96
N ASP A 70 0.00 9.24 -21.00
CA ASP A 70 0.51 7.88 -21.12
C ASP A 70 2.03 7.86 -21.13
N ARG A 71 2.61 8.57 -22.08
CA ARG A 71 4.07 8.64 -22.19
C ARG A 71 4.71 9.01 -20.86
N TYR A 72 4.03 9.87 -20.11
CA TYR A 72 4.53 10.33 -18.81
C TYR A 72 4.42 9.21 -17.78
N TYR A 73 3.25 8.60 -17.69
CA TYR A 73 3.02 7.52 -16.74
C TYR A 73 4.00 6.38 -16.95
N ARG A 74 4.02 5.85 -18.17
CA ARG A 74 4.92 4.76 -18.51
C ARG A 74 6.38 5.14 -18.27
N GLU A 75 6.64 6.44 -18.31
CA GLU A 75 7.99 6.94 -18.10
C GLU A 75 8.33 7.00 -16.62
N ASN A 76 7.37 7.42 -15.81
CA ASN A 76 7.55 7.52 -14.37
C ASN A 76 7.21 6.21 -13.69
N MET A 77 6.96 5.18 -14.48
CA MET A 77 6.61 3.86 -13.96
C MET A 77 7.70 3.36 -13.01
N TYR A 78 8.96 3.59 -13.38
CA TYR A 78 10.09 3.16 -12.58
C TYR A 78 10.32 4.11 -11.40
N ARG A 79 9.82 5.34 -11.55
CA ARG A 79 9.97 6.35 -10.50
C ARG A 79 9.25 5.92 -9.23
N TYR A 80 8.02 5.43 -9.39
CA TYR A 80 7.21 4.99 -8.26
C TYR A 80 6.92 3.51 -8.34
N PRO A 81 6.59 2.89 -7.19
CA PRO A 81 6.28 1.47 -7.11
C PRO A 81 4.96 1.13 -7.78
N ASN A 82 4.55 -0.14 -7.66
CA ASN A 82 3.30 -0.60 -8.25
C ASN A 82 2.31 -1.04 -7.17
N GLN A 83 2.84 -1.36 -6.00
CA GLN A 83 2.01 -1.80 -4.88
C GLN A 83 1.08 -0.68 -4.42
N VAL A 84 0.01 -1.06 -3.74
CA VAL A 84 -0.96 -0.09 -3.24
C VAL A 84 -1.55 -0.53 -1.90
N TYR A 85 -1.92 0.45 -1.08
CA TYR A 85 -2.49 0.16 0.23
C TYR A 85 -4.01 0.32 0.21
N TYR A 86 -4.71 -0.63 0.83
CA TYR A 86 -6.17 -0.59 0.88
C TYR A 86 -6.69 -1.55 1.94
N ARG A 87 -8.00 -1.47 2.20
CA ARG A 87 -8.63 -2.34 3.19
C ARG A 87 -9.55 -3.34 2.52
N PRO A 88 -9.88 -4.43 3.24
CA PRO A 88 -10.76 -5.49 2.73
C PRO A 88 -12.20 -5.02 2.60
N VAL A 89 -12.93 -5.63 1.66
CA VAL A 89 -14.33 -5.27 1.44
C VAL A 89 -15.24 -6.00 2.43
N ASP A 90 -14.96 -5.83 3.71
CA ASP A 90 -15.76 -6.46 4.76
C ASP A 90 -16.87 -5.54 5.23
N GLN A 91 -16.56 -4.25 5.36
CA GLN A 91 -17.53 -3.27 5.82
C GLN A 91 -18.81 -3.34 4.99
N TYR A 92 -19.96 -3.28 5.66
CA TYR A 92 -21.24 -3.33 4.97
C TYR A 92 -21.31 -2.33 3.83
N SER A 93 -20.74 -1.15 4.06
CA SER A 93 -20.74 -0.10 3.05
C SER A 93 -20.16 -0.60 1.74
N ASN A 94 -20.23 0.23 0.70
CA ASN A 94 -19.70 -0.14 -0.61
C ASN A 94 -18.18 -0.08 -0.63
N GLN A 95 -17.60 -0.30 -1.80
CA GLN A 95 -16.15 -0.28 -1.95
C GLN A 95 -15.57 1.04 -1.42
N ASN A 96 -16.33 2.12 -1.58
CA ASN A 96 -15.90 3.43 -1.12
C ASN A 96 -15.43 3.38 0.33
N ASN A 97 -16.01 2.45 1.09
CA ASN A 97 -15.66 2.31 2.50
C ASN A 97 -14.14 2.21 2.67
N PHE A 98 -13.49 1.46 1.79
CA PHE A 98 -12.05 1.30 1.84
C PHE A 98 -11.36 2.09 0.74
N VAL A 99 -12.04 2.22 -0.40
CA VAL A 99 -11.49 2.96 -1.54
C VAL A 99 -11.30 4.43 -1.19
N HIS A 100 -12.19 4.96 -0.36
CA HIS A 100 -12.12 6.36 0.06
C HIS A 100 -10.79 6.64 0.78
N ASP A 101 -10.44 5.77 1.71
CA ASP A 101 -9.20 5.93 2.47
C ASP A 101 -8.02 5.38 1.70
N CYS A 102 -8.30 4.51 0.73
CA CYS A 102 -7.26 3.91 -0.09
C CYS A 102 -6.40 4.97 -0.75
N VAL A 103 -7.05 5.96 -1.36
CA VAL A 103 -6.33 7.05 -2.03
C VAL A 103 -5.52 7.86 -1.04
N ASN A 104 -6.06 8.04 0.16
CA ASN A 104 -5.37 8.80 1.21
C ASN A 104 -4.11 8.08 1.66
N ILE A 105 -4.27 6.82 2.07
CA ILE A 105 -3.14 6.02 2.52
C ILE A 105 -2.02 5.98 1.48
N THR A 106 -2.42 5.93 0.21
CA THR A 106 -1.45 5.89 -0.88
C THR A 106 -0.69 7.19 -0.99
N VAL A 107 -1.43 8.30 -1.00
CA VAL A 107 -0.82 9.63 -1.10
C VAL A 107 0.17 9.86 0.04
N LYS A 108 -0.16 9.32 1.21
CA LYS A 108 0.70 9.47 2.38
C LYS A 108 1.99 8.68 2.23
N GLN A 109 1.87 7.45 1.71
CA GLN A 109 3.02 6.59 1.51
C GLN A 109 3.82 7.03 0.29
N HIS A 110 3.17 7.79 -0.59
CA HIS A 110 3.83 8.27 -1.80
C HIS A 110 4.83 9.37 -1.48
N THR A 111 4.54 10.15 -0.44
CA THR A 111 5.42 11.23 -0.03
C THR A 111 5.94 11.01 1.39
N VAL A 112 5.66 9.83 1.93
CA VAL A 112 6.11 9.50 3.28
C VAL A 112 7.61 9.76 3.44
N LYS A 113 8.36 9.46 2.39
CA LYS A 113 9.81 9.67 2.42
C LYS A 113 10.18 11.05 1.88
N GLY A 114 9.30 12.01 2.10
CA GLY A 114 9.55 13.36 1.63
C GLY A 114 9.90 13.41 0.16
N GLU A 115 9.48 12.39 -0.58
CA GLU A 115 9.75 12.32 -2.01
C GLU A 115 8.66 13.01 -2.81
N ASN A 116 8.73 14.33 -2.88
CA ASN A 116 7.74 15.11 -3.62
C ASN A 116 8.01 15.07 -5.12
N PHE A 117 6.96 15.20 -5.91
CA PHE A 117 7.09 15.17 -7.37
C PHE A 117 6.70 16.53 -7.97
N THR A 118 7.02 16.71 -9.25
CA THR A 118 6.71 17.96 -9.94
C THR A 118 5.22 18.25 -9.89
N GLU A 119 4.86 19.53 -10.03
CA GLU A 119 3.47 19.94 -10.00
C GLU A 119 2.64 19.17 -11.02
N THR A 120 3.25 18.90 -12.17
CA THR A 120 2.57 18.16 -13.24
C THR A 120 2.44 16.68 -12.89
N ASP A 121 3.48 16.14 -12.25
CA ASP A 121 3.48 14.74 -11.85
C ASP A 121 2.34 14.44 -10.88
N ILE A 122 2.15 15.33 -9.91
CA ILE A 122 1.11 15.16 -8.91
C ILE A 122 -0.26 15.00 -9.58
N LYS A 123 -0.41 15.59 -10.76
CA LYS A 123 -1.67 15.51 -11.49
C LYS A 123 -1.91 14.08 -11.98
N ILE A 124 -0.89 13.47 -12.56
CA ILE A 124 -1.00 12.12 -13.08
C ILE A 124 -1.01 11.10 -11.93
N MET A 125 -0.16 11.33 -10.94
CA MET A 125 -0.07 10.43 -9.79
C MET A 125 -1.44 10.31 -9.11
N GLU A 126 -2.05 11.44 -8.80
CA GLU A 126 -3.35 11.45 -8.15
C GLU A 126 -4.36 10.62 -8.94
N ARG A 127 -4.19 10.56 -10.24
CA ARG A 127 -5.08 9.81 -11.11
C ARG A 127 -4.86 8.31 -10.94
N VAL A 128 -3.62 7.88 -11.15
CA VAL A 128 -3.27 6.47 -11.03
C VAL A 128 -3.52 5.96 -9.60
N VAL A 129 -3.28 6.83 -8.62
CA VAL A 129 -3.47 6.47 -7.23
C VAL A 129 -4.93 6.15 -6.94
N GLU A 130 -5.83 7.03 -7.40
CA GLU A 130 -7.25 6.83 -7.19
C GLU A 130 -7.80 5.75 -8.13
N GLN A 131 -7.20 5.64 -9.31
CA GLN A 131 -7.62 4.66 -10.29
C GLN A 131 -7.27 3.24 -9.83
N MET A 132 -6.04 3.06 -9.39
CA MET A 132 -5.58 1.76 -8.92
C MET A 132 -6.28 1.37 -7.61
N CYS A 133 -6.95 2.34 -7.01
CA CYS A 133 -7.66 2.10 -5.76
C CYS A 133 -8.97 1.36 -6.01
N ILE A 134 -9.70 1.79 -7.03
CA ILE A 134 -10.98 1.17 -7.38
C ILE A 134 -10.76 -0.19 -8.03
N THR A 135 -9.79 -0.26 -8.92
CA THR A 135 -9.48 -1.50 -9.63
C THR A 135 -9.23 -2.64 -8.64
N GLN A 136 -8.86 -2.29 -7.42
CA GLN A 136 -8.59 -3.28 -6.39
C GLN A 136 -9.89 -3.89 -5.87
N TYR A 137 -10.95 -3.09 -5.85
CA TYR A 137 -12.25 -3.55 -5.38
C TYR A 137 -12.68 -4.81 -6.12
N GLN A 138 -12.57 -4.77 -7.45
CA GLN A 138 -12.95 -5.91 -8.27
C GLN A 138 -12.30 -7.19 -7.77
N ARG A 139 -11.04 -7.08 -7.35
CA ARG A 139 -10.30 -8.23 -6.84
C ARG A 139 -10.79 -8.62 -5.45
N GLU A 140 -11.00 -7.62 -4.60
CA GLU A 140 -11.47 -7.85 -3.24
C GLU A 140 -12.82 -8.56 -3.24
N SER A 141 -13.71 -8.12 -4.13
CA SER A 141 -15.05 -8.70 -4.22
C SER A 141 -14.97 -10.16 -4.66
N GLN A 142 -14.03 -10.45 -5.57
CA GLN A 142 -13.86 -11.80 -6.08
C GLN A 142 -13.63 -12.78 -4.94
N ALA A 143 -12.62 -12.50 -4.12
CA ALA A 143 -12.28 -13.36 -2.99
C ALA A 143 -13.32 -13.23 -1.88
N TYR A 144 -13.72 -11.99 -1.59
CA TYR A 144 -14.70 -11.74 -0.54
C TYR A 144 -15.95 -12.58 -0.76
N TYR A 145 -16.44 -12.59 -1.99
CA TYR A 145 -17.64 -13.36 -2.33
C TYR A 145 -17.52 -14.80 -1.87
N GLN A 146 -16.29 -15.32 -1.89
CA GLN A 146 -16.04 -16.69 -1.48
C GLN A 146 -16.77 -17.68 -2.37
N ARG A 147 -17.01 -17.29 -3.62
CA ARG A 147 -17.70 -18.13 -4.58
C ARG A 147 -16.74 -18.62 -5.66
N GLY A 148 -17.27 -19.37 -6.62
CA GLY A 148 -16.44 -19.90 -7.70
C GLY A 148 -16.41 -18.98 -8.89
N ALA A 149 -15.25 -18.36 -9.12
CA ALA A 149 -15.09 -17.45 -10.25
C ALA A 149 -14.93 -18.21 -11.56
N SER A 150 -15.79 -17.90 -12.53
CA SER A 150 -15.74 -18.56 -13.83
C SER A 150 -14.66 -17.94 -14.72
N SER A 12 31.49 -5.28 77.26
CA SER A 12 31.99 -4.01 76.73
C SER A 12 33.52 -3.95 76.81
N GLY A 13 34.18 -4.70 75.94
CA GLY A 13 35.63 -4.70 75.92
C GLY A 13 36.19 -6.04 75.46
N LEU A 14 36.47 -6.14 74.17
CA LEU A 14 37.02 -7.38 73.60
C LEU A 14 38.29 -7.09 72.82
N VAL A 15 39.01 -8.14 72.46
CA VAL A 15 40.25 -8.01 71.70
C VAL A 15 40.26 -8.96 70.50
N PRO A 16 39.48 -8.61 69.47
CA PRO A 16 39.38 -9.41 68.24
C PRO A 16 40.66 -9.35 67.41
N ARG A 17 40.89 -10.40 66.61
CA ARG A 17 42.07 -10.46 65.77
C ARG A 17 41.70 -10.33 64.29
N GLY A 18 41.53 -9.09 63.85
CA GLY A 18 41.17 -8.86 62.45
C GLY A 18 42.38 -8.67 61.57
N SER A 19 43.09 -9.77 61.30
CA SER A 19 44.29 -9.72 60.47
C SER A 19 44.01 -10.33 59.09
N HIS A 20 43.07 -9.72 58.36
CA HIS A 20 42.72 -10.19 57.03
C HIS A 20 43.78 -9.81 56.01
N MET A 21 44.67 -10.75 55.71
CA MET A 21 45.74 -10.51 54.74
C MET A 21 45.93 -11.71 53.84
N SER A 22 45.71 -11.51 52.53
CA SER A 22 45.85 -12.58 51.56
C SER A 22 46.77 -12.16 50.42
N ASN A 23 47.34 -13.14 49.72
CA ASN A 23 48.23 -12.86 48.60
C ASN A 23 47.60 -13.28 47.28
N LYS A 24 48.04 -12.66 46.20
CA LYS A 24 47.51 -12.97 44.87
C LYS A 24 48.63 -12.97 43.83
N PRO A 25 48.39 -13.67 42.72
CA PRO A 25 49.37 -13.78 41.62
C PRO A 25 49.55 -12.45 40.88
N SER A 26 50.80 -12.12 40.58
CA SER A 26 51.10 -10.87 39.86
C SER A 26 51.57 -11.17 38.44
N LYS A 27 50.71 -11.84 37.67
CA LYS A 27 51.04 -12.18 36.30
C LYS A 27 49.80 -12.05 35.40
N PRO A 28 49.38 -10.81 35.16
CA PRO A 28 48.21 -10.51 34.32
C PRO A 28 48.46 -10.82 32.84
N LYS A 29 47.57 -11.59 32.24
CA LYS A 29 47.69 -11.95 30.83
C LYS A 29 47.63 -10.71 29.94
N THR A 30 48.28 -10.79 28.78
CA THR A 30 48.30 -9.68 27.85
C THR A 30 46.99 -9.59 27.06
N ASN A 31 46.75 -8.44 26.45
CA ASN A 31 45.53 -8.23 25.68
C ASN A 31 45.85 -7.56 24.34
N MET A 32 45.00 -7.79 23.35
CA MET A 32 45.19 -7.20 22.03
C MET A 32 44.40 -5.91 21.88
N LYS A 33 45.04 -4.88 21.35
CA LYS A 33 44.40 -3.58 21.16
C LYS A 33 43.19 -3.71 20.24
N HIS A 34 42.26 -2.76 20.34
CA HIS A 34 41.06 -2.76 19.52
C HIS A 34 40.33 -1.43 19.60
N VAL A 35 39.26 -1.28 18.84
CA VAL A 35 38.48 -0.05 18.83
C VAL A 35 36.99 -0.34 18.63
N ALA A 36 36.15 0.46 19.27
CA ALA A 36 34.71 0.29 19.17
C ALA A 36 33.97 1.56 19.59
N GLY A 37 32.89 1.86 18.89
CA GLY A 37 32.11 3.05 19.20
C GLY A 37 31.08 3.36 18.13
N ALA A 38 29.88 2.81 18.29
CA ALA A 38 28.82 3.04 17.33
C ALA A 38 27.50 2.45 17.81
N ALA A 39 26.49 3.29 18.00
CA ALA A 39 25.19 2.85 18.46
C ALA A 39 24.17 3.98 18.43
N ALA A 40 23.13 3.81 17.62
CA ALA A 40 22.09 4.83 17.50
C ALA A 40 20.72 4.25 17.83
N ALA A 41 19.83 5.10 18.34
CA ALA A 41 18.49 4.67 18.70
C ALA A 41 17.58 5.87 18.92
N GLY A 42 16.27 5.60 19.01
CA GLY A 42 15.31 6.67 19.22
C GLY A 42 14.49 6.96 17.98
N ALA A 43 13.18 6.76 18.09
CA ALA A 43 12.28 7.01 16.96
C ALA A 43 10.82 6.83 17.38
N VAL A 44 9.91 7.20 16.49
CA VAL A 44 8.48 7.09 16.77
C VAL A 44 7.84 5.96 15.94
N VAL A 45 7.60 4.83 16.60
CA VAL A 45 6.99 3.69 15.93
C VAL A 45 5.71 4.08 15.21
N GLY A 46 5.45 3.44 14.08
CA GLY A 46 4.25 3.73 13.30
C GLY A 46 3.98 2.70 12.24
N GLY A 47 4.46 2.95 11.03
CA GLY A 47 4.25 2.02 9.94
C GLY A 47 2.79 1.74 9.69
N LEU A 48 2.47 0.50 9.28
CA LEU A 48 1.09 0.11 9.02
C LEU A 48 0.72 -1.13 9.81
N GLY A 49 1.35 -2.25 9.48
CA GLY A 49 1.07 -3.49 10.19
C GLY A 49 -0.41 -3.82 10.21
N GLY A 50 -1.13 -3.39 9.19
CA GLY A 50 -2.56 -3.64 9.12
C GLY A 50 -3.07 -3.74 7.70
N TYR A 51 -2.65 -2.81 6.86
CA TYR A 51 -3.06 -2.79 5.46
C TYR A 51 -2.56 -4.02 4.73
N MET A 52 -3.28 -4.41 3.67
CA MET A 52 -2.90 -5.58 2.88
C MET A 52 -1.94 -5.18 1.76
N LEU A 53 -0.80 -5.87 1.69
CA LEU A 53 0.20 -5.60 0.68
C LEU A 53 0.10 -6.60 -0.47
N GLY A 54 -0.20 -6.09 -1.67
CA GLY A 54 -0.31 -6.96 -2.82
C GLY A 54 0.97 -7.70 -3.13
N SER A 55 0.91 -8.65 -4.05
CA SER A 55 2.07 -9.45 -4.43
C SER A 55 2.26 -9.44 -5.94
N VAL A 56 1.41 -10.19 -6.64
CA VAL A 56 1.49 -10.27 -8.09
C VAL A 56 0.62 -9.21 -8.76
N MET A 57 1.05 -8.75 -9.93
CA MET A 57 0.31 -7.72 -10.66
C MET A 57 0.47 -7.92 -12.17
N SER A 58 -0.66 -7.94 -12.87
CA SER A 58 -0.64 -8.11 -14.31
C SER A 58 -1.60 -7.14 -15.00
N ARG A 59 -2.87 -7.20 -14.61
CA ARG A 59 -3.88 -6.32 -15.17
C ARG A 59 -3.52 -4.86 -14.95
N PRO A 60 -4.04 -3.98 -15.83
CA PRO A 60 -3.78 -2.54 -15.77
C PRO A 60 -4.47 -1.89 -14.57
N LEU A 61 -3.75 -1.01 -13.89
CA LEU A 61 -4.30 -0.32 -12.73
C LEU A 61 -4.93 1.01 -13.13
N ILE A 62 -4.36 1.65 -14.15
CA ILE A 62 -4.88 2.91 -14.64
C ILE A 62 -5.05 2.90 -16.15
N HIS A 63 -6.10 3.54 -16.62
CA HIS A 63 -6.39 3.61 -18.05
C HIS A 63 -6.37 5.05 -18.55
N PHE A 64 -5.29 5.42 -19.24
CA PHE A 64 -5.15 6.77 -19.76
C PHE A 64 -5.75 6.87 -21.16
N GLY A 65 -5.24 6.06 -22.08
CA GLY A 65 -5.74 6.08 -23.44
C GLY A 65 -4.97 7.03 -24.34
N ASN A 66 -4.27 7.98 -23.72
CA ASN A 66 -3.49 8.96 -24.47
C ASN A 66 -2.05 8.48 -24.64
N ASP A 67 -1.25 9.28 -25.35
CA ASP A 67 0.15 8.95 -25.59
C ASP A 67 1.05 9.61 -24.56
N TYR A 68 0.81 10.89 -24.30
CA TYR A 68 1.60 11.64 -23.34
C TYR A 68 1.32 11.16 -21.91
N GLU A 69 0.05 11.11 -21.55
CA GLU A 69 -0.35 10.67 -20.21
C GLU A 69 0.15 9.26 -19.94
N ASP A 70 0.10 8.41 -20.95
CA ASP A 70 0.56 7.02 -20.82
C ASP A 70 2.08 6.95 -20.80
N ARG A 71 2.71 7.45 -21.84
CA ARG A 71 4.16 7.44 -21.95
C ARG A 71 4.80 8.07 -20.70
N TYR A 72 4.26 9.19 -20.27
CA TYR A 72 4.76 9.89 -19.10
C TYR A 72 4.69 8.99 -17.86
N TYR A 73 3.55 8.34 -17.67
CA TYR A 73 3.36 7.47 -16.53
C TYR A 73 4.46 6.41 -16.47
N ARG A 74 4.56 5.62 -17.53
CA ARG A 74 5.57 4.56 -17.61
C ARG A 74 6.97 5.16 -17.64
N GLU A 75 7.07 6.42 -18.02
CA GLU A 75 8.36 7.11 -18.09
C GLU A 75 8.87 7.44 -16.70
N ASN A 76 8.05 8.13 -15.92
CA ASN A 76 8.43 8.53 -14.56
C ASN A 76 8.02 7.45 -13.56
N MET A 77 7.59 6.31 -14.07
CA MET A 77 7.17 5.20 -13.22
C MET A 77 8.28 4.80 -12.25
N TYR A 78 9.53 5.06 -12.65
CA TYR A 78 10.68 4.72 -11.83
C TYR A 78 10.80 5.69 -10.66
N ARG A 79 9.93 6.70 -10.63
CA ARG A 79 9.96 7.69 -9.56
C ARG A 79 9.17 7.21 -8.35
N TYR A 80 8.10 6.47 -8.60
CA TYR A 80 7.26 5.93 -7.53
C TYR A 80 7.08 4.43 -7.68
N PRO A 81 6.73 3.77 -6.57
CA PRO A 81 6.52 2.31 -6.54
C PRO A 81 5.25 1.91 -7.29
N ASN A 82 4.94 0.62 -7.25
CA ASN A 82 3.75 0.10 -7.92
C ASN A 82 2.77 -0.49 -6.91
N GLN A 83 3.30 -0.92 -5.77
CA GLN A 83 2.46 -1.50 -4.73
C GLN A 83 1.49 -0.46 -4.15
N VAL A 84 0.51 -0.93 -3.40
CA VAL A 84 -0.48 -0.05 -2.81
C VAL A 84 -1.12 -0.69 -1.57
N TYR A 85 -1.49 0.14 -0.61
CA TYR A 85 -2.10 -0.34 0.62
C TYR A 85 -3.63 -0.30 0.52
N TYR A 86 -4.26 -1.46 0.72
CA TYR A 86 -5.70 -1.56 0.65
C TYR A 86 -6.22 -2.63 1.61
N ARG A 87 -7.54 -2.68 1.78
CA ARG A 87 -8.16 -3.66 2.66
C ARG A 87 -9.34 -4.33 1.97
N PRO A 88 -9.75 -5.51 2.49
CA PRO A 88 -10.87 -6.28 1.94
C PRO A 88 -12.21 -5.60 2.19
N VAL A 89 -13.02 -5.51 1.15
CA VAL A 89 -14.34 -4.89 1.25
C VAL A 89 -15.14 -5.47 2.41
N ASP A 90 -15.79 -4.60 3.17
CA ASP A 90 -16.60 -5.03 4.30
C ASP A 90 -18.06 -5.16 3.91
N GLN A 91 -18.91 -5.47 4.90
CA GLN A 91 -20.34 -5.64 4.66
C GLN A 91 -21.10 -4.39 5.10
N TYR A 92 -22.37 -4.31 4.70
CA TYR A 92 -23.21 -3.17 5.04
C TYR A 92 -22.54 -1.86 4.66
N SER A 93 -21.92 -1.84 3.48
CA SER A 93 -21.24 -0.65 2.99
C SER A 93 -20.77 -0.84 1.55
N ASN A 94 -20.11 0.17 1.02
CA ASN A 94 -19.62 0.12 -0.36
C ASN A 94 -18.08 0.12 -0.38
N GLN A 95 -17.52 0.16 -1.58
CA GLN A 95 -16.08 0.16 -1.75
C GLN A 95 -15.45 1.37 -1.08
N ASN A 96 -16.17 2.48 -1.09
CA ASN A 96 -15.68 3.72 -0.49
C ASN A 96 -15.20 3.48 0.93
N ASN A 97 -15.79 2.49 1.59
CA ASN A 97 -15.42 2.15 2.96
C ASN A 97 -13.91 1.99 3.10
N PHE A 98 -13.30 1.34 2.12
CA PHE A 98 -11.87 1.12 2.11
C PHE A 98 -11.17 2.02 1.10
N VAL A 99 -11.85 2.28 -0.02
CA VAL A 99 -11.29 3.13 -1.06
C VAL A 99 -11.03 4.54 -0.54
N HIS A 100 -11.87 4.99 0.38
CA HIS A 100 -11.72 6.32 0.96
C HIS A 100 -10.34 6.50 1.56
N ASP A 101 -9.93 5.54 2.38
CA ASP A 101 -8.62 5.59 3.02
C ASP A 101 -7.53 5.04 2.09
N CYS A 102 -7.95 4.28 1.09
CA CYS A 102 -7.02 3.69 0.13
C CYS A 102 -6.17 4.77 -0.53
N VAL A 103 -6.82 5.83 -0.99
CA VAL A 103 -6.12 6.93 -1.64
C VAL A 103 -5.33 7.76 -0.63
N ASN A 104 -5.98 8.09 0.48
CA ASN A 104 -5.34 8.88 1.53
C ASN A 104 -4.02 8.25 1.96
N ILE A 105 -4.09 6.99 2.40
CA ILE A 105 -2.90 6.28 2.84
C ILE A 105 -1.82 6.29 1.76
N THR A 106 -2.24 6.06 0.51
CA THR A 106 -1.31 6.04 -0.61
C THR A 106 -0.66 7.41 -0.80
N VAL A 107 -1.44 8.46 -0.65
CA VAL A 107 -0.94 9.82 -0.79
C VAL A 107 0.10 10.15 0.28
N LYS A 108 -0.07 9.55 1.45
CA LYS A 108 0.85 9.78 2.56
C LYS A 108 2.23 9.22 2.24
N GLN A 109 2.26 8.03 1.69
CA GLN A 109 3.53 7.39 1.34
C GLN A 109 4.04 7.90 -0.01
N HIS A 110 3.13 8.37 -0.84
CA HIS A 110 3.49 8.89 -2.16
C HIS A 110 4.07 10.30 -2.05
N THR A 111 3.46 11.13 -1.20
CA THR A 111 3.92 12.49 -1.01
C THR A 111 4.94 12.57 0.12
N VAL A 112 5.34 11.42 0.64
CA VAL A 112 6.31 11.35 1.72
C VAL A 112 7.56 12.14 1.38
N LYS A 113 8.23 12.65 2.41
CA LYS A 113 9.45 13.43 2.22
C LYS A 113 10.47 12.66 1.40
N GLY A 114 10.39 11.33 1.46
CA GLY A 114 11.31 10.50 0.71
C GLY A 114 11.38 10.87 -0.76
N GLU A 115 10.28 11.41 -1.28
CA GLU A 115 10.22 11.80 -2.68
C GLU A 115 9.13 12.86 -2.89
N ASN A 116 9.45 13.86 -3.70
CA ASN A 116 8.50 14.94 -3.99
C ASN A 116 8.15 14.97 -5.48
N PHE A 117 7.11 15.72 -5.82
CA PHE A 117 6.68 15.83 -7.20
C PHE A 117 6.25 17.26 -7.52
N THR A 118 5.90 17.51 -8.78
CA THR A 118 5.47 18.83 -9.22
C THR A 118 3.96 18.94 -9.26
N GLU A 119 3.45 20.16 -9.33
CA GLU A 119 2.01 20.40 -9.37
C GLU A 119 1.37 19.61 -10.50
N THR A 120 2.05 19.55 -11.63
CA THR A 120 1.54 18.83 -12.79
C THR A 120 1.63 17.32 -12.59
N ASP A 121 2.64 16.89 -11.83
CA ASP A 121 2.83 15.47 -11.55
C ASP A 121 1.70 14.92 -10.68
N ILE A 122 1.29 15.70 -9.69
CA ILE A 122 0.22 15.30 -8.79
C ILE A 122 -1.05 14.94 -9.57
N LYS A 123 -1.23 15.58 -10.72
CA LYS A 123 -2.39 15.33 -11.55
C LYS A 123 -2.47 13.85 -11.94
N ILE A 124 -1.41 13.34 -12.54
CA ILE A 124 -1.35 11.95 -12.95
C ILE A 124 -1.20 11.02 -11.75
N MET A 125 -0.30 11.40 -10.83
CA MET A 125 -0.06 10.59 -9.64
C MET A 125 -1.36 10.38 -8.86
N GLU A 126 -2.22 11.39 -8.87
CA GLU A 126 -3.50 11.31 -8.16
C GLU A 126 -4.46 10.36 -8.87
N ARG A 127 -4.34 10.28 -10.19
CA ARG A 127 -5.20 9.41 -10.99
C ARG A 127 -4.79 7.95 -10.82
N VAL A 128 -3.51 7.67 -11.01
CA VAL A 128 -2.99 6.31 -10.89
C VAL A 128 -3.35 5.72 -9.53
N VAL A 129 -3.28 6.53 -8.49
CA VAL A 129 -3.59 6.09 -7.14
C VAL A 129 -5.08 5.83 -6.99
N GLU A 130 -5.89 6.60 -7.69
CA GLU A 130 -7.34 6.46 -7.63
C GLU A 130 -7.80 5.22 -8.40
N GLN A 131 -7.33 5.09 -9.64
CA GLN A 131 -7.69 3.95 -10.48
C GLN A 131 -7.30 2.64 -9.81
N MET A 132 -6.09 2.60 -9.26
CA MET A 132 -5.61 1.40 -8.58
C MET A 132 -6.42 1.12 -7.32
N CYS A 133 -7.04 2.15 -6.78
CA CYS A 133 -7.85 2.02 -5.57
C CYS A 133 -9.20 1.38 -5.89
N ILE A 134 -9.87 1.92 -6.90
CA ILE A 134 -11.18 1.40 -7.31
C ILE A 134 -11.03 0.04 -8.00
N THR A 135 -10.07 -0.06 -8.90
CA THR A 135 -9.82 -1.30 -9.63
C THR A 135 -9.65 -2.48 -8.67
N GLN A 136 -9.20 -2.18 -7.45
CA GLN A 136 -8.99 -3.21 -6.45
C GLN A 136 -10.32 -3.76 -5.94
N TYR A 137 -11.33 -2.91 -5.93
CA TYR A 137 -12.66 -3.31 -5.48
C TYR A 137 -13.15 -4.54 -6.22
N GLN A 138 -12.94 -4.56 -7.54
CA GLN A 138 -13.36 -5.67 -8.37
C GLN A 138 -12.77 -6.99 -7.85
N ARG A 139 -11.51 -6.93 -7.43
CA ARG A 139 -10.83 -8.12 -6.92
C ARG A 139 -11.34 -8.47 -5.53
N GLU A 140 -11.37 -7.48 -4.64
CA GLU A 140 -11.83 -7.69 -3.27
C GLU A 140 -13.19 -8.35 -3.26
N SER A 141 -14.08 -7.90 -4.14
CA SER A 141 -15.42 -8.45 -4.23
C SER A 141 -15.40 -9.87 -4.76
N GLN A 142 -14.53 -10.12 -5.73
CA GLN A 142 -14.42 -11.44 -6.33
C GLN A 142 -14.13 -12.50 -5.27
N ALA A 143 -13.18 -12.19 -4.39
CA ALA A 143 -12.81 -13.12 -3.32
C ALA A 143 -13.80 -13.04 -2.16
N TYR A 144 -14.20 -11.82 -1.82
CA TYR A 144 -15.15 -11.61 -0.73
C TYR A 144 -16.41 -12.46 -0.91
N TYR A 145 -17.05 -12.29 -2.06
CA TYR A 145 -18.27 -13.05 -2.36
C TYR A 145 -18.04 -14.54 -2.17
N GLN A 146 -16.90 -15.03 -2.62
CA GLN A 146 -16.55 -16.44 -2.50
C GLN A 146 -17.60 -17.30 -3.19
N ARG A 147 -18.26 -16.73 -4.19
CA ARG A 147 -19.29 -17.46 -4.94
C ARG A 147 -18.66 -18.43 -5.94
N GLY A 148 -17.32 -18.39 -6.03
CA GLY A 148 -16.62 -19.27 -6.94
C GLY A 148 -16.00 -18.52 -8.10
N ALA A 149 -14.79 -17.99 -7.89
CA ALA A 149 -14.09 -17.25 -8.92
C ALA A 149 -12.86 -18.02 -9.41
N SER A 150 -12.94 -18.53 -10.64
CA SER A 150 -11.84 -19.28 -11.22
C SER A 150 -11.27 -18.56 -12.43
N SER A 12 29.64 58.97 76.74
CA SER A 12 29.45 57.53 76.59
C SER A 12 28.59 56.96 77.70
N GLY A 13 28.24 55.69 77.59
CA GLY A 13 27.42 55.05 78.61
C GLY A 13 26.51 53.98 78.03
N LEU A 14 26.73 52.74 78.44
CA LEU A 14 25.92 51.62 77.96
C LEU A 14 25.53 50.69 79.11
N VAL A 15 24.26 50.37 79.19
CA VAL A 15 23.76 49.48 80.24
C VAL A 15 22.87 48.38 79.66
N PRO A 16 23.48 47.46 78.92
CA PRO A 16 22.77 46.35 78.29
C PRO A 16 22.28 45.33 79.31
N ARG A 17 21.23 44.58 78.95
CA ARG A 17 20.66 43.58 79.84
C ARG A 17 19.88 42.53 79.05
N GLY A 18 19.69 41.36 79.65
CA GLY A 18 18.96 40.30 78.99
C GLY A 18 19.43 38.92 79.43
N SER A 19 18.48 38.06 79.78
CA SER A 19 18.80 36.71 80.23
C SER A 19 17.61 35.79 80.03
N HIS A 20 17.78 34.78 79.18
CA HIS A 20 16.73 33.82 78.90
C HIS A 20 17.20 32.39 79.15
N MET A 21 16.61 31.75 80.17
CA MET A 21 16.98 30.38 80.52
C MET A 21 16.28 29.38 79.61
N SER A 22 16.55 29.47 78.31
CA SER A 22 15.94 28.57 77.34
C SER A 22 16.75 27.28 77.21
N ASN A 23 16.04 26.15 77.20
CA ASN A 23 16.69 24.85 77.08
C ASN A 23 15.66 23.74 76.93
N LYS A 24 15.91 22.82 76.01
CA LYS A 24 15.01 21.70 75.77
C LYS A 24 15.75 20.52 75.15
N PRO A 25 15.18 19.32 75.31
CA PRO A 25 15.77 18.09 74.77
C PRO A 25 15.70 18.03 73.24
N SER A 26 16.51 17.15 72.66
CA SER A 26 16.53 17.00 71.21
C SER A 26 16.04 15.62 70.79
N LYS A 27 14.73 15.44 70.78
CA LYS A 27 14.12 14.17 70.41
C LYS A 27 13.09 14.36 69.31
N PRO A 28 13.56 14.70 68.10
CA PRO A 28 12.69 14.92 66.94
C PRO A 28 12.06 13.62 66.45
N LYS A 29 10.73 13.63 66.30
CA LYS A 29 10.00 12.46 65.82
C LYS A 29 9.91 12.46 64.31
N THR A 30 10.47 11.44 63.68
CA THR A 30 10.45 11.31 62.22
C THR A 30 10.85 9.92 61.78
N ASN A 31 10.57 9.59 60.52
CA ASN A 31 10.90 8.28 59.98
C ASN A 31 10.63 8.23 58.48
N MET A 32 11.29 7.31 57.79
CA MET A 32 11.11 7.16 56.34
C MET A 32 11.71 5.85 55.86
N LYS A 33 11.33 5.44 54.66
CA LYS A 33 11.83 4.19 54.08
C LYS A 33 11.45 4.09 52.61
N HIS A 34 12.42 3.74 51.77
CA HIS A 34 12.18 3.61 50.34
C HIS A 34 13.39 2.96 49.65
N VAL A 35 13.11 2.05 48.72
CA VAL A 35 14.16 1.36 47.99
C VAL A 35 13.97 1.50 46.48
N ALA A 36 13.64 2.71 46.05
CA ALA A 36 13.42 2.97 44.63
C ALA A 36 12.32 2.08 44.06
N GLY A 37 11.21 2.00 44.78
CA GLY A 37 10.10 1.18 44.34
C GLY A 37 9.20 1.90 43.34
N ALA A 38 9.78 2.27 42.20
CA ALA A 38 9.04 2.97 41.16
C ALA A 38 9.79 2.93 39.83
N ALA A 39 9.19 2.28 38.83
CA ALA A 39 9.79 2.17 37.51
C ALA A 39 8.81 1.60 36.50
N ALA A 40 8.52 2.38 35.46
CA ALA A 40 7.60 1.96 34.43
C ALA A 40 7.63 2.90 33.23
N ALA A 41 8.15 2.41 32.10
CA ALA A 41 8.25 3.21 30.89
C ALA A 41 8.77 2.38 29.73
N GLY A 42 8.35 2.74 28.52
CA GLY A 42 8.78 2.02 27.34
C GLY A 42 7.62 1.64 26.43
N ALA A 43 7.69 2.07 25.17
CA ALA A 43 6.64 1.77 24.21
C ALA A 43 7.13 1.97 22.78
N VAL A 44 7.38 0.86 22.09
CA VAL A 44 7.85 0.92 20.71
C VAL A 44 6.87 0.23 19.76
N VAL A 45 6.13 1.02 19.00
CA VAL A 45 5.16 0.50 18.05
C VAL A 45 4.98 1.44 16.87
N GLY A 46 4.74 0.87 15.69
CA GLY A 46 4.55 1.68 14.50
C GLY A 46 3.95 0.88 13.35
N GLY A 47 4.80 0.43 12.44
CA GLY A 47 4.33 -0.34 11.30
C GLY A 47 3.21 0.35 10.56
N LEU A 48 2.57 -0.37 9.65
CA LEU A 48 1.47 0.19 8.87
C LEU A 48 0.18 0.17 9.65
N GLY A 49 -0.15 -1.00 10.22
CA GLY A 49 -1.37 -1.13 10.99
C GLY A 49 -2.19 -2.34 10.59
N GLY A 50 -1.92 -2.86 9.39
CA GLY A 50 -2.66 -4.00 8.90
C GLY A 50 -3.31 -3.75 7.56
N TYR A 51 -2.52 -3.27 6.61
CA TYR A 51 -3.02 -2.97 5.28
C TYR A 51 -2.51 -3.99 4.26
N MET A 52 -3.36 -4.37 3.32
CA MET A 52 -3.00 -5.34 2.29
C MET A 52 -1.75 -4.89 1.54
N LEU A 53 -1.28 -5.73 0.63
CA LEU A 53 -0.09 -5.42 -0.16
C LEU A 53 -0.15 -6.08 -1.53
N GLY A 54 0.10 -5.30 -2.57
CA GLY A 54 0.07 -5.82 -3.92
C GLY A 54 1.46 -6.10 -4.46
N SER A 55 1.89 -5.29 -5.43
CA SER A 55 3.21 -5.46 -6.04
C SER A 55 3.26 -6.74 -6.86
N VAL A 56 2.10 -7.35 -7.08
CA VAL A 56 2.01 -8.59 -7.85
C VAL A 56 1.57 -8.30 -9.29
N MET A 57 1.87 -9.24 -10.18
CA MET A 57 1.51 -9.08 -11.59
C MET A 57 0.06 -9.48 -11.83
N SER A 58 -0.71 -8.57 -12.39
CA SER A 58 -2.13 -8.82 -12.66
C SER A 58 -2.71 -7.72 -13.56
N ARG A 59 -4.03 -7.64 -13.60
CA ARG A 59 -4.72 -6.65 -14.42
C ARG A 59 -4.16 -5.26 -14.15
N PRO A 60 -4.37 -4.34 -15.11
CA PRO A 60 -3.89 -2.96 -14.99
C PRO A 60 -4.66 -2.17 -13.94
N LEU A 61 -4.12 -1.00 -13.57
CA LEU A 61 -4.75 -0.15 -12.58
C LEU A 61 -5.39 1.07 -13.23
N ILE A 62 -4.70 1.64 -14.21
CA ILE A 62 -5.20 2.80 -14.92
C ILE A 62 -4.91 2.71 -16.41
N HIS A 63 -5.89 3.10 -17.23
CA HIS A 63 -5.74 3.05 -18.68
C HIS A 63 -5.89 4.45 -19.28
N PHE A 64 -4.76 5.06 -19.66
CA PHE A 64 -4.77 6.38 -20.24
C PHE A 64 -5.16 6.33 -21.72
N GLY A 65 -4.31 5.69 -22.52
CA GLY A 65 -4.57 5.58 -23.94
C GLY A 65 -3.80 6.60 -24.76
N ASN A 66 -3.87 7.86 -24.35
CA ASN A 66 -3.17 8.93 -25.05
C ASN A 66 -1.67 8.65 -25.13
N ASP A 67 -0.93 9.53 -25.78
CA ASP A 67 0.51 9.38 -25.92
C ASP A 67 1.24 10.01 -24.75
N TYR A 68 0.91 11.26 -24.44
CA TYR A 68 1.55 11.97 -23.33
C TYR A 68 1.11 11.38 -21.99
N GLU A 69 -0.20 11.24 -21.81
CA GLU A 69 -0.75 10.69 -20.57
C GLU A 69 -0.16 9.31 -20.29
N ASP A 70 0.10 8.55 -21.35
CA ASP A 70 0.65 7.21 -21.22
C ASP A 70 2.16 7.26 -21.01
N ARG A 71 2.87 7.88 -21.94
CA ARG A 71 4.32 7.99 -21.85
C ARG A 71 4.74 8.58 -20.51
N TYR A 72 3.98 9.58 -20.05
CA TYR A 72 4.28 10.23 -18.78
C TYR A 72 4.21 9.23 -17.62
N TYR A 73 3.10 8.51 -17.54
CA TYR A 73 2.91 7.52 -16.49
C TYR A 73 4.06 6.52 -16.47
N ARG A 74 4.26 5.84 -17.59
CA ARG A 74 5.32 4.85 -17.71
C ARG A 74 6.68 5.48 -17.43
N GLU A 75 6.84 6.73 -17.83
CA GLU A 75 8.09 7.45 -17.63
C GLU A 75 8.38 7.64 -16.14
N ASN A 76 7.38 8.11 -15.41
CA ASN A 76 7.52 8.32 -13.97
C ASN A 76 7.19 7.06 -13.18
N MET A 77 6.98 5.96 -13.90
CA MET A 77 6.65 4.69 -13.28
C MET A 77 7.74 4.27 -12.30
N TYR A 78 8.99 4.45 -12.70
CA TYR A 78 10.12 4.09 -11.85
C TYR A 78 10.38 5.16 -10.80
N ARG A 79 9.89 6.38 -11.06
CA ARG A 79 10.07 7.49 -10.14
C ARG A 79 9.37 7.21 -8.81
N TYR A 80 8.13 6.71 -8.89
CA TYR A 80 7.35 6.41 -7.70
C TYR A 80 6.95 4.93 -7.67
N PRO A 81 6.64 4.43 -6.47
CA PRO A 81 6.24 3.03 -6.28
C PRO A 81 4.87 2.73 -6.87
N ASN A 82 4.65 1.47 -7.22
CA ASN A 82 3.38 1.05 -7.80
C ASN A 82 2.50 0.37 -6.76
N GLN A 83 3.14 -0.16 -5.71
CA GLN A 83 2.42 -0.84 -4.65
C GLN A 83 1.52 0.13 -3.90
N VAL A 84 0.34 -0.35 -3.50
CA VAL A 84 -0.61 0.48 -2.77
C VAL A 84 -1.24 -0.30 -1.62
N TYR A 85 -1.50 0.40 -0.52
CA TYR A 85 -2.11 -0.22 0.65
C TYR A 85 -3.63 -0.12 0.61
N TYR A 86 -4.30 -1.28 0.66
CA TYR A 86 -5.76 -1.31 0.62
C TYR A 86 -6.29 -2.32 1.63
N ARG A 87 -7.61 -2.30 1.82
CA ARG A 87 -8.25 -3.21 2.77
C ARG A 87 -9.33 -4.04 2.08
N PRO A 88 -9.71 -5.17 2.70
CA PRO A 88 -10.73 -6.07 2.16
C PRO A 88 -12.13 -5.46 2.21
N VAL A 89 -12.83 -5.52 1.08
CA VAL A 89 -14.18 -4.97 0.98
C VAL A 89 -15.12 -5.66 1.97
N ASP A 90 -16.23 -4.99 2.28
CA ASP A 90 -17.20 -5.55 3.22
C ASP A 90 -18.62 -5.30 2.71
N GLN A 91 -19.59 -5.90 3.38
CA GLN A 91 -21.00 -5.76 3.00
C GLN A 91 -21.69 -4.71 3.87
N TYR A 92 -20.95 -3.66 4.20
CA TYR A 92 -21.50 -2.58 5.02
C TYR A 92 -21.66 -1.30 4.21
N SER A 93 -20.81 -1.13 3.21
CA SER A 93 -20.86 0.04 2.35
C SER A 93 -20.23 -0.25 0.99
N ASN A 94 -20.18 0.77 0.13
CA ASN A 94 -19.62 0.62 -1.20
C ASN A 94 -18.10 0.57 -1.14
N GLN A 95 -17.46 0.48 -2.31
CA GLN A 95 -16.01 0.41 -2.40
C GLN A 95 -15.37 1.60 -1.68
N ASN A 96 -16.06 2.75 -1.72
CA ASN A 96 -15.56 3.96 -1.08
C ASN A 96 -15.16 3.68 0.36
N ASN A 97 -15.82 2.70 0.98
CA ASN A 97 -15.53 2.33 2.36
C ASN A 97 -14.03 2.11 2.57
N PHE A 98 -13.45 1.27 1.72
CA PHE A 98 -12.02 0.98 1.81
C PHE A 98 -11.22 1.87 0.88
N VAL A 99 -11.81 2.19 -0.27
CA VAL A 99 -11.14 3.06 -1.24
C VAL A 99 -10.81 4.41 -0.65
N HIS A 100 -11.67 4.90 0.25
CA HIS A 100 -11.46 6.18 0.89
C HIS A 100 -10.11 6.23 1.60
N ASP A 101 -9.89 5.28 2.50
CA ASP A 101 -8.63 5.21 3.24
C ASP A 101 -7.51 4.64 2.37
N CYS A 102 -7.90 3.91 1.33
CA CYS A 102 -6.93 3.32 0.41
C CYS A 102 -6.00 4.37 -0.18
N VAL A 103 -6.59 5.46 -0.65
CA VAL A 103 -5.82 6.55 -1.24
C VAL A 103 -5.05 7.31 -0.17
N ASN A 104 -5.66 7.47 1.00
CA ASN A 104 -5.04 8.18 2.10
C ASN A 104 -3.68 7.58 2.44
N ILE A 105 -3.68 6.29 2.75
CA ILE A 105 -2.44 5.58 3.10
C ILE A 105 -1.38 5.79 2.02
N THR A 106 -1.80 5.75 0.76
CA THR A 106 -0.88 5.93 -0.36
C THR A 106 -0.34 7.35 -0.40
N VAL A 107 -1.23 8.33 -0.28
CA VAL A 107 -0.82 9.73 -0.30
C VAL A 107 0.25 10.01 0.74
N LYS A 108 0.21 9.27 1.84
CA LYS A 108 1.18 9.43 2.91
C LYS A 108 2.58 9.03 2.45
N GLN A 109 2.69 7.83 1.89
CA GLN A 109 3.97 7.34 1.40
C GLN A 109 4.28 7.90 0.02
N HIS A 110 3.37 8.70 -0.51
CA HIS A 110 3.54 9.30 -1.83
C HIS A 110 4.04 10.74 -1.69
N THR A 111 3.40 11.51 -0.82
CA THR A 111 3.78 12.91 -0.60
C THR A 111 4.91 13.01 0.42
N VAL A 112 5.41 11.86 0.86
CA VAL A 112 6.49 11.84 1.85
C VAL A 112 7.67 12.70 1.40
N LYS A 113 8.33 13.33 2.36
CA LYS A 113 9.47 14.17 2.07
C LYS A 113 10.54 13.41 1.29
N GLY A 114 10.55 12.09 1.45
CA GLY A 114 11.52 11.26 0.76
C GLY A 114 11.53 11.51 -0.74
N GLU A 115 10.37 11.88 -1.28
CA GLU A 115 10.26 12.14 -2.71
C GLU A 115 9.20 13.21 -2.98
N ASN A 116 9.50 14.11 -3.93
CA ASN A 116 8.58 15.19 -4.28
C ASN A 116 8.28 15.18 -5.77
N PHE A 117 7.18 15.80 -6.15
CA PHE A 117 6.78 15.88 -7.56
C PHE A 117 6.24 17.26 -7.89
N THR A 118 6.15 17.55 -9.19
CA THR A 118 5.65 18.84 -9.65
C THR A 118 4.13 18.87 -9.66
N GLU A 119 3.56 20.07 -9.67
CA GLU A 119 2.11 20.23 -9.68
C GLU A 119 1.48 19.45 -10.82
N THR A 120 2.22 19.32 -11.92
CA THR A 120 1.74 18.60 -13.09
C THR A 120 1.72 17.09 -12.84
N ASP A 121 2.73 16.60 -12.14
CA ASP A 121 2.83 15.18 -11.82
C ASP A 121 1.70 14.75 -10.88
N ILE A 122 1.38 15.62 -9.93
CA ILE A 122 0.33 15.32 -8.96
C ILE A 122 -0.99 14.98 -9.66
N LYS A 123 -1.18 15.55 -10.85
CA LYS A 123 -2.39 15.30 -11.64
C LYS A 123 -2.52 13.83 -11.98
N ILE A 124 -1.49 13.28 -12.62
CA ILE A 124 -1.49 11.87 -13.00
C ILE A 124 -1.28 10.97 -11.80
N MET A 125 -0.29 11.32 -10.97
CA MET A 125 0.00 10.54 -9.78
C MET A 125 -1.25 10.33 -8.93
N GLU A 126 -2.13 11.32 -8.92
CA GLU A 126 -3.36 11.24 -8.16
C GLU A 126 -4.36 10.29 -8.82
N ARG A 127 -4.32 10.24 -10.16
CA ARG A 127 -5.21 9.39 -10.92
C ARG A 127 -4.79 7.93 -10.81
N VAL A 128 -3.51 7.68 -11.10
CA VAL A 128 -2.97 6.31 -11.04
C VAL A 128 -3.27 5.66 -9.69
N VAL A 129 -3.15 6.45 -8.63
CA VAL A 129 -3.41 5.95 -7.28
C VAL A 129 -4.89 5.64 -7.07
N GLU A 130 -5.74 6.64 -7.32
CA GLU A 130 -7.17 6.48 -7.16
C GLU A 130 -7.66 5.25 -7.93
N GLN A 131 -7.38 5.22 -9.23
CA GLN A 131 -7.79 4.11 -10.07
C GLN A 131 -7.31 2.77 -9.51
N MET A 132 -6.19 2.82 -8.80
CA MET A 132 -5.62 1.62 -8.20
C MET A 132 -6.52 1.08 -7.09
N CYS A 133 -7.15 2.00 -6.36
CA CYS A 133 -8.05 1.62 -5.27
C CYS A 133 -9.35 1.05 -5.80
N ILE A 134 -9.91 1.72 -6.82
CA ILE A 134 -11.16 1.26 -7.42
C ILE A 134 -10.96 0.00 -8.23
N THR A 135 -9.94 0.01 -9.10
CA THR A 135 -9.65 -1.15 -9.93
C THR A 135 -9.43 -2.40 -9.08
N GLN A 136 -9.05 -2.20 -7.83
CA GLN A 136 -8.82 -3.32 -6.92
C GLN A 136 -10.13 -3.85 -6.36
N TYR A 137 -11.15 -2.98 -6.34
CA TYR A 137 -12.46 -3.37 -5.82
C TYR A 137 -12.98 -4.61 -6.53
N GLN A 138 -12.67 -4.73 -7.81
CA GLN A 138 -13.11 -5.88 -8.59
C GLN A 138 -12.55 -7.19 -8.02
N ARG A 139 -11.28 -7.16 -7.65
CA ARG A 139 -10.63 -8.33 -7.08
C ARG A 139 -11.09 -8.58 -5.65
N GLU A 140 -11.00 -7.54 -4.82
CA GLU A 140 -11.41 -7.64 -3.42
C GLU A 140 -12.82 -8.21 -3.31
N SER A 141 -13.68 -7.85 -4.26
CA SER A 141 -15.06 -8.32 -4.26
C SER A 141 -15.12 -9.82 -4.53
N GLN A 142 -14.36 -10.26 -5.53
CA GLN A 142 -14.33 -11.67 -5.89
C GLN A 142 -13.84 -12.53 -4.73
N ALA A 143 -12.78 -12.06 -4.06
CA ALA A 143 -12.23 -12.79 -2.92
C ALA A 143 -13.14 -12.68 -1.71
N TYR A 144 -13.74 -11.51 -1.52
CA TYR A 144 -14.63 -11.28 -0.40
C TYR A 144 -15.88 -12.15 -0.51
N TYR A 145 -16.61 -11.99 -1.60
CA TYR A 145 -17.83 -12.77 -1.82
C TYR A 145 -17.57 -14.26 -1.65
N GLN A 146 -16.58 -14.77 -2.38
CA GLN A 146 -16.24 -16.18 -2.30
C GLN A 146 -14.73 -16.37 -2.24
N ARG A 147 -14.28 -17.31 -1.42
CA ARG A 147 -12.85 -17.59 -1.27
C ARG A 147 -12.32 -18.32 -2.49
N GLY A 148 -13.21 -18.72 -3.39
CA GLY A 148 -12.81 -19.44 -4.58
C GLY A 148 -12.67 -20.92 -4.35
N ALA A 149 -11.91 -21.59 -5.22
CA ALA A 149 -11.69 -23.02 -5.10
C ALA A 149 -10.22 -23.34 -4.87
N SER A 150 -9.41 -23.15 -5.91
CA SER A 150 -7.98 -23.42 -5.84
C SER A 150 -7.30 -22.45 -4.87
N SER A 12 -33.16 21.28 86.07
CA SER A 12 -32.45 20.01 86.21
C SER A 12 -31.92 19.53 84.86
N GLY A 13 -30.75 18.90 84.89
CA GLY A 13 -30.14 18.41 83.67
C GLY A 13 -28.67 18.77 83.56
N LEU A 14 -28.40 20.01 83.16
CA LEU A 14 -27.02 20.47 83.01
C LEU A 14 -26.24 20.29 84.31
N VAL A 15 -25.22 19.43 84.26
CA VAL A 15 -24.40 19.16 85.43
C VAL A 15 -22.92 19.17 85.07
N PRO A 16 -22.11 19.86 85.88
CA PRO A 16 -20.66 19.96 85.67
C PRO A 16 -19.95 18.65 85.94
N ARG A 17 -19.36 18.08 84.89
CA ARG A 17 -18.64 16.82 85.00
C ARG A 17 -17.16 16.99 84.64
N GLY A 18 -16.29 16.59 85.55
CA GLY A 18 -14.86 16.70 85.31
C GLY A 18 -14.18 15.36 85.14
N SER A 19 -13.18 15.30 84.27
CA SER A 19 -12.45 14.06 84.03
C SER A 19 -10.97 14.34 83.83
N HIS A 20 -10.14 13.38 84.24
CA HIS A 20 -8.69 13.52 84.12
C HIS A 20 -8.06 12.19 83.73
N MET A 21 -7.05 12.26 82.86
CA MET A 21 -6.34 11.06 82.42
C MET A 21 -4.87 11.34 82.19
N SER A 22 -4.02 10.54 82.82
CA SER A 22 -2.57 10.71 82.69
C SER A 22 -2.01 9.78 81.62
N ASN A 23 -1.12 10.30 80.79
CA ASN A 23 -0.50 9.52 79.72
C ASN A 23 0.99 9.82 79.63
N LYS A 24 1.80 8.83 79.99
CA LYS A 24 3.25 8.98 79.94
C LYS A 24 3.89 7.89 79.07
N PRO A 25 3.67 7.99 77.75
CA PRO A 25 4.20 7.03 76.79
C PRO A 25 5.71 7.14 76.64
N SER A 26 6.30 6.24 75.86
CA SER A 26 7.74 6.22 75.64
C SER A 26 8.07 6.52 74.17
N LYS A 27 9.36 6.51 73.85
CA LYS A 27 9.81 6.77 72.49
C LYS A 27 10.23 5.48 71.80
N PRO A 28 10.27 5.51 70.46
CA PRO A 28 10.65 4.35 69.65
C PRO A 28 12.13 4.00 69.79
N LYS A 29 12.46 2.73 69.62
CA LYS A 29 13.84 2.27 69.73
C LYS A 29 14.18 1.29 68.61
N THR A 30 15.47 1.05 68.41
CA THR A 30 15.93 0.13 67.37
C THR A 30 15.27 0.44 66.04
N ASN A 31 15.10 1.73 65.76
CA ASN A 31 14.49 2.17 64.50
C ASN A 31 15.21 1.56 63.30
N MET A 32 14.56 1.58 62.15
CA MET A 32 15.14 1.03 60.93
C MET A 32 15.28 2.12 59.87
N LYS A 33 16.04 1.81 58.81
CA LYS A 33 16.27 2.76 57.72
C LYS A 33 16.50 2.02 56.41
N HIS A 34 15.68 2.36 55.40
CA HIS A 34 15.80 1.73 54.09
C HIS A 34 15.12 2.59 53.03
N VAL A 35 15.34 2.23 51.76
CA VAL A 35 14.75 2.96 50.65
C VAL A 35 13.81 2.07 49.84
N ALA A 36 13.24 2.63 48.78
CA ALA A 36 12.33 1.89 47.92
C ALA A 36 12.79 1.92 46.47
N GLY A 37 12.35 0.94 45.69
CA GLY A 37 12.73 0.88 44.28
C GLY A 37 11.69 1.51 43.37
N ALA A 38 11.79 1.22 42.08
CA ALA A 38 10.85 1.76 41.11
C ALA A 38 10.81 0.89 39.85
N ALA A 39 9.71 0.95 39.13
CA ALA A 39 9.54 0.18 37.90
C ALA A 39 9.00 1.06 36.77
N ALA A 40 8.90 0.47 35.58
CA ALA A 40 8.40 1.20 34.41
C ALA A 40 7.82 0.24 33.38
N ALA A 41 7.31 0.79 32.29
CA ALA A 41 6.73 -0.02 31.22
C ALA A 41 7.28 0.39 29.86
N GLY A 42 6.83 -0.30 28.82
CA GLY A 42 7.29 0.01 27.47
C GLY A 42 6.15 0.20 26.50
N ALA A 43 6.48 0.32 25.21
CA ALA A 43 5.47 0.50 24.17
C ALA A 43 5.88 -0.21 22.89
N VAL A 44 4.89 -0.50 22.05
CA VAL A 44 5.14 -1.18 20.78
C VAL A 44 4.88 -0.25 19.60
N VAL A 45 5.66 -0.43 18.53
CA VAL A 45 5.52 0.39 17.33
C VAL A 45 5.30 -0.47 16.10
N GLY A 46 4.40 -0.02 15.22
CA GLY A 46 4.11 -0.77 14.01
C GLY A 46 4.62 -0.06 12.77
N GLY A 47 3.74 0.75 12.16
CA GLY A 47 4.11 1.47 10.96
C GLY A 47 2.93 2.14 10.30
N LEU A 48 2.06 1.33 9.70
CA LEU A 48 0.87 1.85 9.03
C LEU A 48 -0.40 1.54 9.82
N GLY A 49 -0.34 0.47 10.62
CA GLY A 49 -1.49 0.09 11.43
C GLY A 49 -1.85 -1.37 11.25
N GLY A 50 -1.92 -1.81 10.00
CA GLY A 50 -2.27 -3.20 9.73
C GLY A 50 -3.23 -3.34 8.56
N TYR A 51 -2.82 -2.86 7.39
CA TYR A 51 -3.65 -2.93 6.20
C TYR A 51 -3.28 -4.13 5.34
N MET A 52 -4.24 -4.63 4.58
CA MET A 52 -4.02 -5.78 3.71
C MET A 52 -3.68 -5.34 2.29
N LEU A 53 -2.44 -5.58 1.88
CA LEU A 53 -1.99 -5.19 0.55
C LEU A 53 -1.78 -6.43 -0.33
N GLY A 54 -1.52 -6.20 -1.61
CA GLY A 54 -1.29 -7.30 -2.53
C GLY A 54 0.17 -7.69 -2.62
N SER A 55 0.71 -7.66 -3.84
CA SER A 55 2.11 -8.02 -4.06
C SER A 55 2.50 -7.78 -5.51
N VAL A 56 2.05 -8.64 -6.40
CA VAL A 56 2.35 -8.52 -7.82
C VAL A 56 1.09 -8.54 -8.66
N MET A 57 1.10 -7.83 -9.79
CA MET A 57 -0.04 -7.77 -10.68
C MET A 57 0.40 -7.48 -12.11
N SER A 58 -0.52 -7.68 -13.06
CA SER A 58 -0.22 -7.45 -14.47
C SER A 58 -1.31 -6.60 -15.12
N ARG A 59 -2.56 -6.89 -14.78
CA ARG A 59 -3.68 -6.16 -15.34
C ARG A 59 -3.50 -4.65 -15.15
N PRO A 60 -4.18 -3.86 -16.00
CA PRO A 60 -4.10 -2.40 -15.95
C PRO A 60 -4.78 -1.82 -14.71
N LEU A 61 -4.19 -0.77 -14.16
CA LEU A 61 -4.75 -0.13 -12.97
C LEU A 61 -5.33 1.25 -13.32
N ILE A 62 -4.73 1.91 -14.29
CA ILE A 62 -5.18 3.22 -14.73
C ILE A 62 -5.35 3.28 -16.24
N HIS A 63 -6.37 4.01 -16.69
CA HIS A 63 -6.63 4.15 -18.12
C HIS A 63 -6.60 5.62 -18.53
N PHE A 64 -5.51 6.03 -19.18
CA PHE A 64 -5.36 7.41 -19.63
C PHE A 64 -6.03 7.62 -20.99
N GLY A 65 -5.62 6.83 -21.97
CA GLY A 65 -6.19 6.94 -23.30
C GLY A 65 -5.40 7.88 -24.18
N ASN A 66 -4.60 8.75 -23.57
CA ASN A 66 -3.80 9.71 -24.32
C ASN A 66 -2.40 9.17 -24.58
N ASP A 67 -1.60 9.94 -25.29
CA ASP A 67 -0.23 9.53 -25.61
C ASP A 67 0.75 10.02 -24.56
N TYR A 68 0.65 11.29 -24.19
CA TYR A 68 1.53 11.88 -23.20
C TYR A 68 1.22 11.32 -21.81
N GLU A 69 -0.05 11.34 -21.43
CA GLU A 69 -0.48 10.85 -20.13
C GLU A 69 -0.15 9.36 -19.98
N ASP A 70 -0.07 8.67 -21.10
CA ASP A 70 0.25 7.24 -21.11
C ASP A 70 1.75 7.02 -20.97
N ARG A 71 2.52 7.57 -21.90
CA ARG A 71 3.97 7.43 -21.88
C ARG A 71 4.55 8.00 -20.59
N TYR A 72 3.99 9.11 -20.13
CA TYR A 72 4.46 9.75 -18.91
C TYR A 72 4.30 8.83 -17.71
N TYR A 73 3.24 8.02 -17.75
CA TYR A 73 2.96 7.09 -16.66
C TYR A 73 3.97 5.94 -16.64
N ARG A 74 4.32 5.46 -17.84
CA ARG A 74 5.28 4.37 -17.96
C ARG A 74 6.70 4.84 -17.68
N GLU A 75 7.08 5.96 -18.30
CA GLU A 75 8.41 6.53 -18.12
C GLU A 75 8.68 6.82 -16.65
N ASN A 76 7.62 7.17 -15.92
CA ASN A 76 7.74 7.49 -14.50
C ASN A 76 7.46 6.25 -13.64
N MET A 77 7.09 5.15 -14.31
CA MET A 77 6.80 3.91 -13.60
C MET A 77 7.99 3.47 -12.75
N TYR A 78 9.18 3.63 -13.30
CA TYR A 78 10.40 3.24 -12.59
C TYR A 78 10.73 4.26 -11.49
N ARG A 79 9.98 5.35 -11.47
CA ARG A 79 10.18 6.39 -10.46
C ARG A 79 9.47 6.05 -9.17
N TYR A 80 8.21 5.63 -9.28
CA TYR A 80 7.41 5.29 -8.11
C TYR A 80 7.09 3.80 -8.11
N PRO A 81 6.77 3.27 -6.91
CA PRO A 81 6.44 1.85 -6.74
C PRO A 81 5.09 1.50 -7.36
N ASN A 82 4.61 0.29 -7.10
CA ASN A 82 3.33 -0.17 -7.62
C ASN A 82 2.50 -0.85 -6.53
N GLN A 83 2.77 -0.49 -5.28
CA GLN A 83 2.04 -1.06 -4.15
C GLN A 83 0.96 -0.11 -3.67
N VAL A 84 -0.17 -0.67 -3.22
CA VAL A 84 -1.28 0.12 -2.73
C VAL A 84 -1.92 -0.53 -1.51
N TYR A 85 -2.52 0.28 -0.65
CA TYR A 85 -3.16 -0.21 0.56
C TYR A 85 -4.68 -0.25 0.38
N TYR A 86 -5.29 -1.33 0.87
CA TYR A 86 -6.74 -1.50 0.76
C TYR A 86 -7.24 -2.53 1.76
N ARG A 87 -8.56 -2.63 1.89
CA ARG A 87 -9.17 -3.58 2.81
C ARG A 87 -10.08 -4.54 2.08
N PRO A 88 -10.39 -5.68 2.71
CA PRO A 88 -11.25 -6.72 2.13
C PRO A 88 -12.70 -6.27 2.04
N VAL A 89 -13.29 -6.44 0.86
CA VAL A 89 -14.68 -6.05 0.64
C VAL A 89 -15.64 -7.00 1.35
N ASP A 90 -16.93 -6.83 1.11
CA ASP A 90 -17.95 -7.67 1.73
C ASP A 90 -17.87 -7.60 3.25
N GLN A 91 -17.35 -6.48 3.75
CA GLN A 91 -17.22 -6.28 5.20
C GLN A 91 -17.63 -4.87 5.59
N TYR A 92 -18.41 -4.23 4.73
CA TYR A 92 -18.87 -2.86 5.00
C TYR A 92 -19.92 -2.43 3.97
N SER A 93 -20.34 -1.18 4.05
CA SER A 93 -21.33 -0.64 3.13
C SER A 93 -20.95 -0.93 1.69
N ASN A 94 -19.97 -0.19 1.18
CA ASN A 94 -19.50 -0.37 -0.19
C ASN A 94 -17.98 -0.29 -0.27
N GLN A 95 -17.44 -0.39 -1.48
CA GLN A 95 -16.01 -0.35 -1.68
C GLN A 95 -15.42 0.94 -1.11
N ASN A 96 -16.20 2.01 -1.17
CA ASN A 96 -15.75 3.30 -0.66
C ASN A 96 -15.22 3.17 0.76
N ASN A 97 -15.74 2.21 1.50
CA ASN A 97 -15.31 1.97 2.87
C ASN A 97 -13.79 1.87 2.96
N PHE A 98 -13.20 1.15 2.02
CA PHE A 98 -11.75 0.98 1.98
C PHE A 98 -11.11 1.86 0.91
N VAL A 99 -11.84 2.07 -0.18
CA VAL A 99 -11.36 2.89 -1.28
C VAL A 99 -11.12 4.33 -0.83
N HIS A 100 -11.96 4.79 0.10
CA HIS A 100 -11.86 6.15 0.63
C HIS A 100 -10.51 6.36 1.33
N ASP A 101 -10.16 5.42 2.20
CA ASP A 101 -8.90 5.49 2.94
C ASP A 101 -7.74 5.01 2.08
N CYS A 102 -8.05 4.26 1.04
CA CYS A 102 -7.03 3.74 0.14
C CYS A 102 -6.18 4.86 -0.43
N VAL A 103 -6.84 5.91 -0.92
CA VAL A 103 -6.15 7.05 -1.50
C VAL A 103 -5.39 7.83 -0.43
N ASN A 104 -6.07 8.13 0.67
CA ASN A 104 -5.46 8.87 1.77
C ASN A 104 -4.15 8.21 2.21
N ILE A 105 -4.24 6.94 2.59
CA ILE A 105 -3.06 6.20 3.04
C ILE A 105 -1.94 6.29 2.01
N THR A 106 -2.28 6.04 0.74
CA THR A 106 -1.30 6.09 -0.33
C THR A 106 -0.64 7.46 -0.40
N VAL A 107 -1.43 8.51 -0.27
CA VAL A 107 -0.91 9.87 -0.33
C VAL A 107 0.25 10.06 0.64
N LYS A 108 0.05 9.62 1.88
CA LYS A 108 1.08 9.73 2.90
C LYS A 108 2.39 9.11 2.43
N GLN A 109 2.31 7.92 1.84
CA GLN A 109 3.49 7.23 1.34
C GLN A 109 3.99 7.89 0.06
N HIS A 110 3.12 8.63 -0.62
CA HIS A 110 3.48 9.31 -1.84
C HIS A 110 4.31 10.56 -1.56
N THR A 111 3.87 11.34 -0.58
CA THR A 111 4.57 12.56 -0.20
C THR A 111 5.63 12.29 0.87
N VAL A 112 5.82 11.02 1.18
CA VAL A 112 6.80 10.63 2.19
C VAL A 112 8.16 11.26 1.91
N LYS A 113 8.94 11.46 2.96
CA LYS A 113 10.27 12.05 2.83
C LYS A 113 11.25 11.05 2.25
N GLY A 114 11.13 10.79 0.95
CA GLY A 114 12.03 9.85 0.29
C GLY A 114 12.30 10.22 -1.15
N GLU A 115 11.25 10.62 -1.87
CA GLU A 115 11.39 11.00 -3.26
C GLU A 115 10.32 12.03 -3.65
N ASN A 116 10.77 13.14 -4.22
CA ASN A 116 9.87 14.21 -4.64
C ASN A 116 9.55 14.11 -6.13
N PHE A 117 8.58 14.90 -6.58
CA PHE A 117 8.19 14.90 -7.99
C PHE A 117 7.94 16.31 -8.48
N THR A 118 7.52 16.44 -9.74
CA THR A 118 7.24 17.73 -10.33
C THR A 118 5.76 18.10 -10.20
N GLU A 119 5.45 19.36 -10.41
CA GLU A 119 4.08 19.85 -10.32
C GLU A 119 3.14 19.02 -11.21
N THR A 120 3.64 18.67 -12.39
CA THR A 120 2.85 17.88 -13.33
C THR A 120 2.73 16.43 -12.88
N ASP A 121 3.83 15.88 -12.38
CA ASP A 121 3.86 14.50 -11.90
C ASP A 121 2.74 14.26 -10.89
N ILE A 122 2.50 15.25 -10.03
CA ILE A 122 1.46 15.13 -9.02
C ILE A 122 0.08 14.97 -9.66
N LYS A 123 -0.07 15.53 -10.85
CA LYS A 123 -1.34 15.44 -11.57
C LYS A 123 -1.65 14.00 -11.96
N ILE A 124 -0.72 13.36 -12.65
CA ILE A 124 -0.89 11.98 -13.08
C ILE A 124 -0.80 11.02 -11.89
N MET A 125 0.23 11.21 -11.07
CA MET A 125 0.43 10.37 -9.90
C MET A 125 -0.83 10.32 -9.04
N GLU A 126 -1.55 11.43 -8.99
CA GLU A 126 -2.77 11.52 -8.21
C GLU A 126 -3.89 10.68 -8.83
N ARG A 127 -3.85 10.56 -10.16
CA ARG A 127 -4.86 9.79 -10.88
C ARG A 127 -4.63 8.29 -10.70
N VAL A 128 -3.41 7.84 -11.00
CA VAL A 128 -3.07 6.43 -10.86
C VAL A 128 -3.40 5.92 -9.47
N VAL A 129 -3.15 6.74 -8.45
CA VAL A 129 -3.44 6.38 -7.08
C VAL A 129 -4.93 6.23 -6.83
N GLU A 130 -5.72 7.09 -7.47
CA GLU A 130 -7.17 7.06 -7.32
C GLU A 130 -7.76 5.88 -8.10
N GLN A 131 -7.24 5.65 -9.30
CA GLN A 131 -7.72 4.55 -10.14
C GLN A 131 -7.33 3.21 -9.56
N MET A 132 -6.07 3.08 -9.16
CA MET A 132 -5.57 1.84 -8.60
C MET A 132 -6.36 1.46 -7.33
N CYS A 133 -7.02 2.46 -6.74
CA CYS A 133 -7.81 2.22 -5.54
C CYS A 133 -9.12 1.53 -5.88
N ILE A 134 -9.84 2.07 -6.86
CA ILE A 134 -11.11 1.49 -7.29
C ILE A 134 -10.90 0.17 -8.03
N THR A 135 -9.93 0.16 -8.94
CA THR A 135 -9.63 -1.03 -9.71
C THR A 135 -9.38 -2.24 -8.81
N GLN A 136 -8.96 -1.96 -7.57
CA GLN A 136 -8.69 -3.02 -6.61
C GLN A 136 -9.98 -3.66 -6.12
N TYR A 137 -11.05 -2.86 -6.07
CA TYR A 137 -12.35 -3.34 -5.61
C TYR A 137 -12.78 -4.58 -6.41
N GLN A 138 -12.58 -4.53 -7.72
CA GLN A 138 -12.95 -5.63 -8.60
C GLN A 138 -12.18 -6.90 -8.23
N ARG A 139 -10.91 -6.73 -7.87
CA ARG A 139 -10.06 -7.85 -7.49
C ARG A 139 -10.43 -8.37 -6.10
N GLU A 140 -10.63 -7.45 -5.17
CA GLU A 140 -10.99 -7.82 -3.80
C GLU A 140 -12.19 -8.77 -3.78
N SER A 141 -13.29 -8.31 -4.35
CA SER A 141 -14.52 -9.11 -4.40
C SER A 141 -14.30 -10.37 -5.23
N GLN A 142 -13.57 -10.24 -6.34
CA GLN A 142 -13.29 -11.37 -7.21
C GLN A 142 -12.64 -12.51 -6.44
N ALA A 143 -11.53 -12.20 -5.77
CA ALA A 143 -10.80 -13.20 -4.99
C ALA A 143 -11.60 -13.59 -3.74
N TYR A 144 -12.43 -12.68 -3.26
CA TYR A 144 -13.24 -12.94 -2.07
C TYR A 144 -13.99 -14.26 -2.20
N TYR A 145 -14.71 -14.42 -3.31
CA TYR A 145 -15.48 -15.63 -3.56
C TYR A 145 -14.56 -16.83 -3.75
N GLN A 146 -13.37 -16.58 -4.28
CA GLN A 146 -12.40 -17.63 -4.51
C GLN A 146 -12.94 -18.67 -5.50
N ARG A 147 -13.95 -18.26 -6.28
CA ARG A 147 -14.56 -19.16 -7.25
C ARG A 147 -13.63 -19.38 -8.44
N GLY A 148 -13.34 -20.63 -8.75
CA GLY A 148 -12.47 -20.95 -9.87
C GLY A 148 -13.12 -20.67 -11.20
N ALA A 149 -12.71 -19.59 -11.84
CA ALA A 149 -13.26 -19.20 -13.14
C ALA A 149 -12.28 -19.53 -14.27
N SER A 150 -12.75 -19.42 -15.50
CA SER A 150 -11.92 -19.71 -16.67
C SER A 150 -11.58 -18.43 -17.43
N SER A 12 6.25 38.05 84.93
CA SER A 12 6.05 38.02 83.48
C SER A 12 7.38 37.86 82.76
N GLY A 13 7.82 36.62 82.61
CA GLY A 13 9.08 36.35 81.93
C GLY A 13 10.20 36.02 82.90
N LEU A 14 11.26 36.81 82.86
CA LEU A 14 12.41 36.60 83.74
C LEU A 14 12.98 35.19 83.56
N VAL A 15 13.53 34.93 82.39
CA VAL A 15 14.12 33.64 82.09
C VAL A 15 15.01 33.70 80.84
N PRO A 16 16.23 34.25 81.01
CA PRO A 16 17.18 34.37 79.91
C PRO A 16 17.73 33.03 79.45
N ARG A 17 18.25 32.99 78.23
CA ARG A 17 18.81 31.77 77.68
C ARG A 17 19.89 32.07 76.64
N GLY A 18 20.40 31.04 75.99
CA GLY A 18 21.43 31.21 74.98
C GLY A 18 22.77 30.69 75.44
N SER A 19 23.10 29.47 75.01
CA SER A 19 24.36 28.84 75.37
C SER A 19 24.94 28.06 74.20
N HIS A 20 26.01 28.58 73.62
CA HIS A 20 26.66 27.92 72.48
C HIS A 20 28.06 27.44 72.86
N MET A 21 28.24 26.12 72.85
CA MET A 21 29.54 25.53 73.19
C MET A 21 29.87 24.38 72.24
N SER A 22 31.06 24.46 71.64
CA SER A 22 31.50 23.43 70.71
C SER A 22 33.02 23.45 70.56
N ASN A 23 33.66 22.32 70.82
CA ASN A 23 35.10 22.21 70.72
C ASN A 23 35.50 20.94 69.99
N LYS A 24 36.22 21.09 68.88
CA LYS A 24 36.66 19.96 68.08
C LYS A 24 38.11 20.15 67.63
N PRO A 25 39.06 20.02 68.57
CA PRO A 25 40.49 20.17 68.29
C PRO A 25 41.03 19.02 67.44
N SER A 26 42.00 19.33 66.59
CA SER A 26 42.61 18.33 65.72
C SER A 26 41.54 17.54 64.96
N LYS A 27 40.55 18.26 64.44
CA LYS A 27 39.47 17.65 63.69
C LYS A 27 40.00 16.98 62.42
N PRO A 28 39.49 15.77 62.13
CA PRO A 28 39.89 15.00 60.95
C PRO A 28 39.39 15.64 59.66
N LYS A 29 40.16 15.45 58.58
CA LYS A 29 39.79 16.00 57.28
C LYS A 29 39.94 14.95 56.19
N THR A 30 39.16 13.88 56.30
CA THR A 30 39.20 12.80 55.32
C THR A 30 37.83 12.57 54.69
N ASN A 31 37.57 13.25 53.57
CA ASN A 31 36.30 13.12 52.89
C ASN A 31 36.51 12.72 51.42
N MET A 32 35.74 11.75 50.97
CA MET A 32 35.84 11.28 49.59
C MET A 32 34.49 11.37 48.88
N LYS A 33 34.48 11.05 47.59
CA LYS A 33 33.26 11.10 46.81
C LYS A 33 33.36 10.18 45.59
N HIS A 34 32.24 9.58 45.20
CA HIS A 34 32.20 8.68 44.06
C HIS A 34 31.02 9.01 43.15
N VAL A 35 31.29 9.12 41.85
CA VAL A 35 30.25 9.43 40.88
C VAL A 35 29.89 8.20 40.05
N ALA A 36 28.66 8.16 39.56
CA ALA A 36 28.19 7.05 38.74
C ALA A 36 26.88 7.38 38.04
N GLY A 37 26.71 6.84 36.84
CA GLY A 37 25.49 7.10 36.08
C GLY A 37 25.73 7.12 34.59
N ALA A 38 25.32 6.06 33.91
CA ALA A 38 25.48 5.96 32.47
C ALA A 38 24.52 4.94 31.87
N ALA A 39 23.75 5.37 30.88
CA ALA A 39 22.78 4.50 30.22
C ALA A 39 22.37 5.05 28.86
N ALA A 40 22.67 4.31 27.81
CA ALA A 40 22.33 4.73 26.45
C ALA A 40 21.56 3.64 25.71
N ALA A 41 20.34 3.95 25.29
CA ALA A 41 19.51 3.00 24.56
C ALA A 41 18.44 3.71 23.74
N GLY A 42 17.67 2.93 23.00
CA GLY A 42 16.61 3.51 22.17
C GLY A 42 16.05 2.52 21.17
N ALA A 43 15.12 2.98 20.35
CA ALA A 43 14.51 2.12 19.34
C ALA A 43 14.02 2.95 18.15
N VAL A 44 13.66 2.26 17.07
CA VAL A 44 13.18 2.92 15.87
C VAL A 44 11.97 2.18 15.28
N VAL A 45 10.86 2.91 15.13
CA VAL A 45 9.64 2.32 14.58
C VAL A 45 9.02 3.25 13.53
N GLY A 46 8.46 2.64 12.49
CA GLY A 46 7.84 3.42 11.43
C GLY A 46 7.06 2.55 10.46
N GLY A 47 6.06 1.85 10.96
CA GLY A 47 5.25 0.98 10.12
C GLY A 47 3.99 1.69 9.62
N LEU A 48 3.07 0.90 9.07
CA LEU A 48 1.82 1.45 8.56
C LEU A 48 0.64 1.08 9.46
N GLY A 49 0.64 -0.16 9.95
CA GLY A 49 -0.42 -0.61 10.82
C GLY A 49 -1.01 -1.93 10.37
N GLY A 50 -2.08 -1.86 9.58
CA GLY A 50 -2.72 -3.06 9.10
C GLY A 50 -3.49 -2.84 7.80
N TYR A 51 -2.75 -2.59 6.72
CA TYR A 51 -3.36 -2.35 5.42
C TYR A 51 -3.01 -3.47 4.44
N MET A 52 -4.04 -4.08 3.86
CA MET A 52 -3.83 -5.16 2.90
C MET A 52 -2.88 -4.73 1.79
N LEU A 53 -1.76 -5.42 1.68
CA LEU A 53 -0.76 -5.11 0.67
C LEU A 53 -0.90 -6.05 -0.53
N GLY A 54 -0.91 -5.46 -1.73
CA GLY A 54 -1.04 -6.26 -2.93
C GLY A 54 0.17 -7.11 -3.20
N SER A 55 -0.05 -8.35 -3.63
CA SER A 55 1.04 -9.27 -3.92
C SER A 55 1.41 -9.24 -5.40
N VAL A 56 0.56 -9.84 -6.22
CA VAL A 56 0.80 -9.88 -7.66
C VAL A 56 -0.33 -9.19 -8.42
N MET A 57 0.03 -8.53 -9.53
CA MET A 57 -0.96 -7.83 -10.35
C MET A 57 -0.49 -7.74 -11.80
N SER A 58 -1.37 -8.09 -12.72
CA SER A 58 -1.05 -8.06 -14.14
C SER A 58 -1.97 -7.08 -14.88
N ARG A 59 -3.27 -7.24 -14.69
CA ARG A 59 -4.24 -6.37 -15.34
C ARG A 59 -3.92 -4.90 -15.10
N PRO A 60 -4.41 -4.03 -15.98
CA PRO A 60 -4.18 -2.58 -15.90
C PRO A 60 -4.91 -1.95 -14.72
N LEU A 61 -4.24 -1.04 -14.02
CA LEU A 61 -4.83 -0.36 -12.87
C LEU A 61 -5.36 1.01 -13.26
N ILE A 62 -4.74 1.61 -14.28
CA ILE A 62 -5.15 2.93 -14.75
C ILE A 62 -5.09 3.01 -16.28
N HIS A 63 -6.08 3.66 -16.87
CA HIS A 63 -6.14 3.81 -18.32
C HIS A 63 -6.03 5.28 -18.72
N PHE A 64 -4.85 5.66 -19.20
CA PHE A 64 -4.60 7.03 -19.62
C PHE A 64 -5.17 7.29 -21.02
N GLY A 65 -4.79 6.43 -21.96
CA GLY A 65 -5.27 6.58 -23.32
C GLY A 65 -4.38 7.48 -24.15
N ASN A 66 -4.04 8.65 -23.60
CA ASN A 66 -3.19 9.60 -24.30
C ASN A 66 -1.81 9.01 -24.56
N ASP A 67 -0.96 9.78 -25.23
CA ASP A 67 0.40 9.34 -25.54
C ASP A 67 1.40 9.92 -24.55
N TYR A 68 1.22 11.20 -24.22
CA TYR A 68 2.12 11.86 -23.29
C TYR A 68 1.94 11.34 -21.87
N GLU A 69 0.69 11.30 -21.41
CA GLU A 69 0.38 10.81 -20.08
C GLU A 69 0.73 9.33 -19.94
N ASP A 70 0.27 8.53 -20.90
CA ASP A 70 0.54 7.10 -20.88
C ASP A 70 2.04 6.83 -20.87
N ARG A 71 2.76 7.43 -21.82
CA ARG A 71 4.19 7.26 -21.91
C ARG A 71 4.90 7.78 -20.66
N TYR A 72 4.43 8.92 -20.16
CA TYR A 72 5.01 9.53 -18.97
C TYR A 72 4.82 8.63 -17.75
N TYR A 73 3.63 8.06 -17.62
CA TYR A 73 3.32 7.19 -16.50
C TYR A 73 4.27 6.00 -16.45
N ARG A 74 4.37 5.29 -17.57
CA ARG A 74 5.25 4.13 -17.67
C ARG A 74 6.71 4.55 -17.57
N GLU A 75 7.05 5.66 -18.21
CA GLU A 75 8.41 6.17 -18.21
C GLU A 75 8.87 6.48 -16.78
N ASN A 76 8.06 7.26 -16.06
CA ASN A 76 8.38 7.64 -14.69
C ASN A 76 7.85 6.59 -13.70
N MET A 77 7.36 5.48 -14.24
CA MET A 77 6.84 4.40 -13.41
C MET A 77 7.87 3.96 -12.38
N TYR A 78 9.14 4.12 -12.71
CA TYR A 78 10.23 3.73 -11.82
C TYR A 78 10.49 4.82 -10.79
N ARG A 79 10.17 6.07 -11.16
CA ARG A 79 10.40 7.20 -10.26
C ARG A 79 9.53 7.08 -9.01
N TYR A 80 8.31 6.61 -9.18
CA TYR A 80 7.38 6.45 -8.07
C TYR A 80 6.96 4.99 -7.91
N PRO A 81 6.50 4.64 -6.70
CA PRO A 81 6.06 3.27 -6.40
C PRO A 81 4.76 2.90 -7.12
N ASN A 82 4.52 1.60 -7.27
CA ASN A 82 3.32 1.12 -7.93
C ASN A 82 2.38 0.45 -6.94
N GLN A 83 2.91 0.06 -5.79
CA GLN A 83 2.11 -0.59 -4.76
C GLN A 83 1.05 0.35 -4.21
N VAL A 84 0.05 -0.22 -3.54
CA VAL A 84 -1.03 0.57 -2.96
C VAL A 84 -1.68 -0.16 -1.80
N TYR A 85 -1.94 0.58 -0.72
CA TYR A 85 -2.56 -0.01 0.47
C TYR A 85 -4.09 0.10 0.39
N TYR A 86 -4.76 -0.99 0.74
CA TYR A 86 -6.22 -1.03 0.71
C TYR A 86 -6.76 -2.03 1.73
N ARG A 87 -8.07 -2.01 1.93
CA ARG A 87 -8.72 -2.92 2.88
C ARG A 87 -9.75 -3.79 2.17
N PRO A 88 -10.11 -4.91 2.81
CA PRO A 88 -11.10 -5.85 2.26
C PRO A 88 -12.51 -5.28 2.26
N VAL A 89 -13.24 -5.51 1.17
CA VAL A 89 -14.60 -5.02 1.05
C VAL A 89 -15.51 -5.61 2.13
N ASP A 90 -16.78 -5.28 2.07
CA ASP A 90 -17.75 -5.77 3.05
C ASP A 90 -19.03 -6.24 2.36
N GLN A 91 -20.06 -6.53 3.16
CA GLN A 91 -21.33 -6.99 2.62
C GLN A 91 -22.39 -5.90 2.73
N TYR A 92 -22.22 -5.00 3.69
CA TYR A 92 -23.15 -3.90 3.89
C TYR A 92 -22.68 -2.64 3.20
N SER A 93 -21.62 -2.03 3.73
CA SER A 93 -21.07 -0.81 3.16
C SER A 93 -20.63 -1.03 1.72
N ASN A 94 -20.07 0.01 1.11
CA ASN A 94 -19.62 -0.07 -0.28
C ASN A 94 -18.09 -0.06 -0.33
N GLN A 95 -17.56 -0.11 -1.56
CA GLN A 95 -16.11 -0.10 -1.75
C GLN A 95 -15.47 1.09 -1.06
N ASN A 96 -16.19 2.20 -1.00
CA ASN A 96 -15.69 3.41 -0.36
C ASN A 96 -15.17 3.11 1.04
N ASN A 97 -15.75 2.09 1.68
CA ASN A 97 -15.36 1.69 3.02
C ASN A 97 -13.84 1.53 3.11
N PHE A 98 -13.26 0.92 2.08
CA PHE A 98 -11.81 0.69 2.05
C PHE A 98 -11.14 1.64 1.06
N VAL A 99 -11.84 1.95 -0.03
CA VAL A 99 -11.32 2.84 -1.05
C VAL A 99 -11.03 4.22 -0.47
N HIS A 100 -11.86 4.64 0.48
CA HIS A 100 -11.70 5.95 1.12
C HIS A 100 -10.30 6.09 1.70
N ASP A 101 -9.87 5.09 2.45
CA ASP A 101 -8.55 5.11 3.07
C ASP A 101 -7.48 4.63 2.09
N CYS A 102 -7.91 3.89 1.07
CA CYS A 102 -6.99 3.36 0.07
C CYS A 102 -6.19 4.49 -0.58
N VAL A 103 -6.89 5.56 -0.96
CA VAL A 103 -6.24 6.71 -1.58
C VAL A 103 -5.42 7.50 -0.58
N ASN A 104 -5.98 7.68 0.62
CA ASN A 104 -5.31 8.42 1.68
C ASN A 104 -3.92 7.84 1.94
N ILE A 105 -3.88 6.56 2.31
CA ILE A 105 -2.63 5.89 2.60
C ILE A 105 -1.65 6.02 1.43
N THR A 106 -2.15 5.80 0.22
CA THR A 106 -1.32 5.90 -0.97
C THR A 106 -0.68 7.28 -1.09
N VAL A 107 -1.47 8.31 -0.80
CA VAL A 107 -0.98 9.68 -0.88
C VAL A 107 0.11 9.94 0.15
N LYS A 108 0.00 9.27 1.30
CA LYS A 108 0.98 9.43 2.37
C LYS A 108 2.35 8.93 1.92
N GLN A 109 2.40 7.68 1.45
CA GLN A 109 3.65 7.09 0.99
C GLN A 109 4.17 7.81 -0.25
N HIS A 110 3.25 8.43 -1.00
CA HIS A 110 3.62 9.15 -2.21
C HIS A 110 4.24 10.51 -1.86
N THR A 111 3.62 11.21 -0.93
CA THR A 111 4.11 12.52 -0.51
C THR A 111 5.16 12.39 0.59
N VAL A 112 5.54 11.16 0.89
CA VAL A 112 6.55 10.90 1.92
C VAL A 112 7.79 11.75 1.70
N LYS A 113 8.52 12.01 2.77
CA LYS A 113 9.74 12.81 2.69
C LYS A 113 10.88 12.01 2.07
N GLY A 114 10.80 11.82 0.75
CA GLY A 114 11.83 11.07 0.05
C GLY A 114 11.96 11.48 -1.40
N GLU A 115 10.82 11.74 -2.05
CA GLU A 115 10.82 12.14 -3.44
C GLU A 115 9.70 13.15 -3.72
N ASN A 116 10.09 14.35 -4.17
CA ASN A 116 9.12 15.39 -4.46
C ASN A 116 8.68 15.34 -5.92
N PHE A 117 7.51 15.90 -6.20
CA PHE A 117 6.98 15.91 -7.56
C PHE A 117 6.34 17.26 -7.88
N THR A 118 6.51 17.72 -9.11
CA THR A 118 5.95 18.98 -9.54
C THR A 118 4.43 18.99 -9.43
N GLU A 119 3.84 20.18 -9.37
CA GLU A 119 2.40 20.32 -9.25
C GLU A 119 1.69 19.55 -10.36
N THR A 120 2.35 19.45 -11.52
CA THR A 120 1.78 18.74 -12.66
C THR A 120 1.80 17.23 -12.43
N ASP A 121 2.90 16.74 -11.90
CA ASP A 121 3.06 15.30 -11.64
C ASP A 121 2.01 14.83 -10.64
N ILE A 122 1.77 15.62 -9.61
CA ILE A 122 0.79 15.28 -8.59
C ILE A 122 -0.58 15.01 -9.21
N LYS A 123 -0.85 15.66 -10.33
CA LYS A 123 -2.12 15.49 -11.03
C LYS A 123 -2.27 14.06 -11.53
N ILE A 124 -1.30 13.59 -12.30
CA ILE A 124 -1.33 12.23 -12.84
C ILE A 124 -1.28 11.20 -11.72
N MET A 125 -0.27 11.32 -10.85
CA MET A 125 -0.10 10.40 -9.74
C MET A 125 -1.39 10.30 -8.92
N GLU A 126 -2.12 11.40 -8.82
CA GLU A 126 -3.37 11.44 -8.06
C GLU A 126 -4.42 10.56 -8.73
N ARG A 127 -4.34 10.43 -10.05
CA ARG A 127 -5.29 9.62 -10.79
C ARG A 127 -5.02 8.13 -10.58
N VAL A 128 -3.79 7.70 -10.86
CA VAL A 128 -3.41 6.31 -10.69
C VAL A 128 -3.73 5.81 -9.29
N VAL A 129 -3.63 6.72 -8.32
CA VAL A 129 -3.92 6.38 -6.93
C VAL A 129 -5.34 5.84 -6.77
N GLU A 130 -6.31 6.63 -7.23
CA GLU A 130 -7.72 6.24 -7.15
C GLU A 130 -8.05 5.15 -8.16
N GLN A 131 -7.53 5.31 -9.38
CA GLN A 131 -7.76 4.34 -10.43
C GLN A 131 -7.43 2.92 -9.97
N MET A 132 -6.30 2.79 -9.29
CA MET A 132 -5.86 1.49 -8.78
C MET A 132 -6.64 1.10 -7.54
N CYS A 133 -7.24 2.09 -6.89
CA CYS A 133 -8.02 1.85 -5.68
C CYS A 133 -9.37 1.22 -6.01
N ILE A 134 -10.08 1.82 -6.96
CA ILE A 134 -11.38 1.33 -7.38
C ILE A 134 -11.25 0.01 -8.15
N THR A 135 -10.30 -0.01 -9.07
CA THR A 135 -10.07 -1.21 -9.89
C THR A 135 -9.82 -2.43 -9.01
N GLN A 136 -9.37 -2.19 -7.79
CA GLN A 136 -9.08 -3.27 -6.86
C GLN A 136 -10.37 -3.85 -6.29
N TYR A 137 -11.41 -3.03 -6.23
CA TYR A 137 -12.70 -3.45 -5.70
C TYR A 137 -13.20 -4.69 -6.43
N GLN A 138 -13.12 -4.65 -7.76
CA GLN A 138 -13.57 -5.78 -8.58
C GLN A 138 -12.93 -7.08 -8.12
N ARG A 139 -11.63 -7.03 -7.84
CA ARG A 139 -10.90 -8.21 -7.40
C ARG A 139 -11.24 -8.53 -5.94
N GLU A 140 -11.29 -7.50 -5.10
CA GLU A 140 -11.61 -7.69 -3.68
C GLU A 140 -12.89 -8.49 -3.52
N SER A 141 -13.98 -7.99 -4.08
CA SER A 141 -15.27 -8.66 -3.99
C SER A 141 -15.23 -10.02 -4.70
N GLN A 142 -14.51 -10.08 -5.81
CA GLN A 142 -14.39 -11.32 -6.58
C GLN A 142 -13.87 -12.45 -5.70
N ALA A 143 -12.74 -12.21 -5.04
CA ALA A 143 -12.14 -13.21 -4.17
C ALA A 143 -12.92 -13.35 -2.87
N TYR A 144 -13.59 -12.28 -2.47
CA TYR A 144 -14.38 -12.28 -1.24
C TYR A 144 -15.34 -13.46 -1.21
N TYR A 145 -16.23 -13.51 -2.19
CA TYR A 145 -17.21 -14.59 -2.28
C TYR A 145 -16.53 -15.95 -2.26
N GLN A 146 -15.29 -16.00 -2.74
CA GLN A 146 -14.53 -17.24 -2.78
C GLN A 146 -13.91 -17.54 -1.42
N ARG A 147 -13.45 -18.77 -1.25
CA ARG A 147 -12.85 -19.19 0.02
C ARG A 147 -11.91 -20.37 -0.20
N GLY A 148 -10.91 -20.50 0.68
CA GLY A 148 -9.97 -21.59 0.57
C GLY A 148 -8.94 -21.36 -0.53
N ALA A 149 -8.40 -20.15 -0.58
CA ALA A 149 -7.41 -19.81 -1.58
C ALA A 149 -5.99 -19.93 -1.03
N SER A 150 -5.21 -20.83 -1.63
CA SER A 150 -3.84 -21.05 -1.19
C SER A 150 -2.84 -20.52 -2.21
N SER A 12 -20.41 -14.18 60.74
CA SER A 12 -20.59 -15.62 60.72
C SER A 12 -21.20 -16.08 59.40
N GLY A 13 -22.31 -15.47 59.03
CA GLY A 13 -22.98 -15.83 57.79
C GLY A 13 -22.21 -15.37 56.57
N LEU A 14 -21.67 -16.32 55.82
CA LEU A 14 -20.90 -16.01 54.62
C LEU A 14 -21.19 -17.04 53.51
N VAL A 15 -20.62 -16.79 52.34
CA VAL A 15 -20.80 -17.69 51.20
C VAL A 15 -19.47 -18.09 50.59
N PRO A 16 -19.30 -19.40 50.33
CA PRO A 16 -18.07 -19.94 49.74
C PRO A 16 -17.90 -19.52 48.28
N ARG A 17 -17.01 -18.57 48.05
CA ARG A 17 -16.74 -18.09 46.69
C ARG A 17 -15.25 -17.83 46.49
N GLY A 18 -14.73 -18.32 45.37
CA GLY A 18 -13.31 -18.14 45.07
C GLY A 18 -12.73 -19.30 44.30
N SER A 19 -13.20 -19.49 43.08
CA SER A 19 -12.72 -20.58 42.23
C SER A 19 -13.14 -20.37 40.77
N HIS A 20 -12.40 -20.99 39.86
CA HIS A 20 -12.70 -20.87 38.44
C HIS A 20 -11.80 -21.80 37.62
N MET A 21 -12.36 -22.38 36.57
CA MET A 21 -11.62 -23.30 35.71
C MET A 21 -12.38 -23.57 34.42
N SER A 22 -11.65 -23.93 33.37
CA SER A 22 -12.26 -24.23 32.08
C SER A 22 -11.27 -24.91 31.15
N ASN A 23 -11.78 -25.77 30.28
CA ASN A 23 -10.93 -26.51 29.34
C ASN A 23 -11.78 -27.19 28.27
N LYS A 24 -11.40 -27.02 27.01
CA LYS A 24 -12.11 -27.61 25.89
C LYS A 24 -11.17 -27.93 24.74
N PRO A 25 -10.33 -28.96 24.94
CA PRO A 25 -9.36 -29.40 23.92
C PRO A 25 -10.03 -30.04 22.71
N SER A 26 -9.89 -29.40 21.56
CA SER A 26 -10.49 -29.91 20.33
C SER A 26 -9.65 -29.52 19.11
N LYS A 27 -9.19 -30.51 18.37
CA LYS A 27 -8.38 -30.27 17.18
C LYS A 27 -7.98 -31.59 16.52
N PRO A 28 -7.24 -32.42 17.27
CA PRO A 28 -6.78 -33.72 16.78
C PRO A 28 -7.91 -34.73 16.61
N LYS A 29 -7.96 -35.39 15.47
CA LYS A 29 -9.00 -36.37 15.18
C LYS A 29 -8.48 -37.79 15.40
N THR A 30 -9.36 -38.77 15.22
CA THR A 30 -8.99 -40.17 15.40
C THR A 30 -9.01 -40.91 14.07
N ASN A 31 -8.01 -40.65 13.23
CA ASN A 31 -7.91 -41.30 11.92
C ASN A 31 -6.46 -41.63 11.60
N MET A 32 -6.26 -42.76 10.92
CA MET A 32 -4.92 -43.21 10.54
C MET A 32 -4.43 -42.45 9.31
N LYS A 33 -4.28 -41.14 9.46
CA LYS A 33 -3.81 -40.29 8.36
C LYS A 33 -2.62 -39.43 8.80
N HIS A 34 -1.42 -39.91 8.48
CA HIS A 34 -0.21 -39.18 8.83
C HIS A 34 -0.02 -37.95 7.94
N VAL A 35 0.29 -36.81 8.56
CA VAL A 35 0.49 -35.58 7.82
C VAL A 35 1.93 -35.09 7.96
N ALA A 36 2.42 -34.42 6.92
CA ALA A 36 3.78 -33.88 6.92
C ALA A 36 3.80 -32.41 6.54
N GLY A 37 4.99 -31.83 6.50
CA GLY A 37 5.12 -30.43 6.14
C GLY A 37 5.55 -29.57 7.31
N ALA A 38 6.66 -28.85 7.16
CA ALA A 38 7.16 -27.99 8.22
C ALA A 38 7.31 -26.55 7.72
N ALA A 39 6.49 -25.65 8.26
CA ALA A 39 6.54 -24.25 7.88
C ALA A 39 6.06 -23.35 9.02
N ALA A 40 6.84 -22.32 9.32
CA ALA A 40 6.51 -21.40 10.39
C ALA A 40 6.11 -20.03 9.82
N ALA A 41 5.07 -19.44 10.39
CA ALA A 41 4.59 -18.14 9.94
C ALA A 41 3.80 -17.43 11.04
N GLY A 42 4.02 -16.13 11.18
CA GLY A 42 3.31 -15.37 12.19
C GLY A 42 2.66 -14.12 11.63
N ALA A 43 3.23 -12.96 11.95
CA ALA A 43 2.69 -11.69 11.48
C ALA A 43 3.65 -10.54 11.77
N VAL A 44 3.74 -9.59 10.85
CA VAL A 44 4.62 -8.44 11.01
C VAL A 44 3.86 -7.13 10.81
N VAL A 45 3.87 -6.28 11.83
CA VAL A 45 3.20 -4.99 11.75
C VAL A 45 4.19 -3.85 11.60
N GLY A 46 3.89 -2.92 10.70
CA GLY A 46 4.76 -1.79 10.47
C GLY A 46 4.29 -0.54 11.17
N GLY A 47 3.01 -0.51 11.55
CA GLY A 47 2.45 0.64 12.23
C GLY A 47 1.43 1.38 11.39
N LEU A 48 0.64 0.62 10.64
CA LEU A 48 -0.39 1.21 9.79
C LEU A 48 -1.78 0.83 10.27
N GLY A 49 -1.87 -0.24 11.05
CA GLY A 49 -3.14 -0.69 11.57
C GLY A 49 -3.47 -2.11 11.18
N GLY A 50 -3.90 -2.30 9.93
CA GLY A 50 -4.25 -3.63 9.45
C GLY A 50 -4.89 -3.59 8.07
N TYR A 51 -4.14 -3.11 7.09
CA TYR A 51 -4.65 -3.03 5.72
C TYR A 51 -4.13 -4.19 4.88
N MET A 52 -4.97 -4.67 3.97
CA MET A 52 -4.60 -5.78 3.10
C MET A 52 -3.63 -5.32 2.01
N LEU A 53 -2.47 -5.95 1.95
CA LEU A 53 -1.46 -5.61 0.96
C LEU A 53 -1.49 -6.58 -0.21
N GLY A 54 -1.47 -6.03 -1.43
CA GLY A 54 -1.50 -6.87 -2.61
C GLY A 54 -1.13 -6.09 -3.87
N SER A 55 -0.83 -6.82 -4.94
CA SER A 55 -0.46 -6.20 -6.21
C SER A 55 -0.76 -7.13 -7.38
N VAL A 56 -0.77 -6.57 -8.58
CA VAL A 56 -1.05 -7.35 -9.78
C VAL A 56 0.25 -7.64 -10.55
N MET A 57 0.10 -8.24 -11.73
CA MET A 57 1.25 -8.57 -12.56
C MET A 57 1.04 -8.09 -13.99
N SER A 58 1.64 -6.96 -14.34
CA SER A 58 1.52 -6.40 -15.67
C SER A 58 0.05 -6.29 -16.08
N ARG A 59 -0.81 -5.99 -15.11
CA ARG A 59 -2.24 -5.85 -15.36
C ARG A 59 -2.65 -4.39 -15.40
N PRO A 60 -3.80 -4.11 -16.04
CA PRO A 60 -4.32 -2.75 -16.16
C PRO A 60 -4.81 -2.19 -14.82
N LEU A 61 -4.34 -1.01 -14.46
CA LEU A 61 -4.73 -0.38 -13.21
C LEU A 61 -5.28 1.03 -13.46
N ILE A 62 -4.65 1.74 -14.40
CA ILE A 62 -5.09 3.09 -14.74
C ILE A 62 -5.26 3.25 -16.24
N HIS A 63 -6.26 4.03 -16.63
CA HIS A 63 -6.54 4.27 -18.05
C HIS A 63 -6.57 5.77 -18.35
N PHE A 64 -5.51 6.25 -18.96
CA PHE A 64 -5.39 7.67 -19.31
C PHE A 64 -6.15 7.97 -20.61
N GLY A 65 -5.72 7.32 -21.69
CA GLY A 65 -6.35 7.53 -22.98
C GLY A 65 -5.56 8.45 -23.88
N ASN A 66 -4.67 9.23 -23.27
CA ASN A 66 -3.85 10.16 -24.03
C ASN A 66 -2.46 9.58 -24.30
N ASP A 67 -1.63 10.33 -25.01
CA ASP A 67 -0.28 9.88 -25.33
C ASP A 67 0.72 10.38 -24.29
N TYR A 68 0.61 11.66 -23.94
CA TYR A 68 1.51 12.26 -22.96
C TYR A 68 1.23 11.72 -21.55
N GLU A 69 -0.04 11.77 -21.16
CA GLU A 69 -0.45 11.28 -19.84
C GLU A 69 -0.08 9.82 -19.67
N ASP A 70 -0.23 9.04 -20.73
CA ASP A 70 0.10 7.62 -20.69
C ASP A 70 1.61 7.40 -20.73
N ARG A 71 2.25 7.90 -21.78
CA ARG A 71 3.69 7.77 -21.93
C ARG A 71 4.43 8.24 -20.67
N TYR A 72 3.97 9.37 -20.13
CA TYR A 72 4.59 9.92 -18.93
C TYR A 72 4.45 8.96 -17.74
N TYR A 73 3.32 8.25 -17.71
CA TYR A 73 3.06 7.30 -16.63
C TYR A 73 3.96 6.08 -16.76
N ARG A 74 4.21 5.66 -18.00
CA ARG A 74 5.05 4.49 -18.27
C ARG A 74 6.52 4.84 -18.06
N GLU A 75 6.94 5.98 -18.62
CA GLU A 75 8.32 6.42 -18.50
C GLU A 75 8.71 6.65 -17.04
N ASN A 76 7.74 7.07 -16.24
CA ASN A 76 7.97 7.33 -14.83
C ASN A 76 7.65 6.10 -13.99
N MET A 77 7.32 5.00 -14.67
CA MET A 77 6.98 3.76 -13.98
C MET A 77 8.09 3.35 -13.01
N TYR A 78 9.33 3.62 -13.40
CA TYR A 78 10.48 3.27 -12.57
C TYR A 78 10.74 4.36 -11.53
N ARG A 79 10.26 5.57 -11.81
CA ARG A 79 10.44 6.69 -10.90
C ARG A 79 9.73 6.42 -9.57
N TYR A 80 8.53 5.84 -9.65
CA TYR A 80 7.74 5.55 -8.46
C TYR A 80 7.30 4.08 -8.45
N PRO A 81 6.98 3.57 -7.26
CA PRO A 81 6.54 2.18 -7.09
C PRO A 81 5.15 1.94 -7.66
N ASN A 82 4.61 0.76 -7.41
CA ASN A 82 3.28 0.41 -7.91
C ASN A 82 2.47 -0.31 -6.83
N GLN A 83 2.79 -0.03 -5.58
CA GLN A 83 2.09 -0.66 -4.45
C GLN A 83 1.19 0.35 -3.75
N VAL A 84 0.14 -0.15 -3.12
CA VAL A 84 -0.80 0.72 -2.40
C VAL A 84 -1.44 -0.02 -1.23
N TYR A 85 -2.10 0.72 -0.36
CA TYR A 85 -2.75 0.14 0.81
C TYR A 85 -4.27 0.27 0.70
N TYR A 86 -4.97 -0.85 0.85
CA TYR A 86 -6.42 -0.87 0.76
C TYR A 86 -7.01 -1.87 1.76
N ARG A 87 -8.17 -1.52 2.31
CA ARG A 87 -8.84 -2.39 3.28
C ARG A 87 -9.72 -3.41 2.57
N PRO A 88 -10.07 -4.49 3.28
CA PRO A 88 -10.91 -5.57 2.74
C PRO A 88 -12.35 -5.12 2.54
N VAL A 89 -12.89 -5.39 1.36
CA VAL A 89 -14.26 -5.01 1.04
C VAL A 89 -15.24 -5.58 2.06
N ASP A 90 -16.39 -4.94 2.19
CA ASP A 90 -17.41 -5.38 3.14
C ASP A 90 -18.81 -5.01 2.63
N GLN A 91 -19.77 -5.91 2.87
CA GLN A 91 -21.15 -5.69 2.43
C GLN A 91 -21.86 -4.71 3.37
N TYR A 92 -21.36 -3.48 3.41
CA TYR A 92 -21.95 -2.46 4.27
C TYR A 92 -22.48 -1.30 3.45
N SER A 93 -21.69 -0.85 2.48
CA SER A 93 -22.08 0.26 1.61
C SER A 93 -21.56 0.05 0.19
N ASN A 94 -20.27 0.25 0.01
CA ASN A 94 -19.65 0.09 -1.30
C ASN A 94 -18.12 0.11 -1.19
N GLN A 95 -17.45 0.00 -2.32
CA GLN A 95 -15.99 0.00 -2.35
C GLN A 95 -15.44 1.24 -1.64
N ASN A 96 -16.17 2.34 -1.73
CA ASN A 96 -15.74 3.58 -1.10
C ASN A 96 -15.39 3.35 0.36
N ASN A 97 -16.03 2.37 0.98
CA ASN A 97 -15.77 2.04 2.38
C ASN A 97 -14.28 1.89 2.64
N PHE A 98 -13.58 1.25 1.72
CA PHE A 98 -12.14 1.03 1.85
C PHE A 98 -11.37 1.95 0.90
N VAL A 99 -11.95 2.19 -0.27
CA VAL A 99 -11.32 3.05 -1.28
C VAL A 99 -11.11 4.46 -0.73
N HIS A 100 -12.04 4.91 0.10
CA HIS A 100 -11.96 6.24 0.68
C HIS A 100 -10.65 6.43 1.45
N ASP A 101 -10.30 5.43 2.25
CA ASP A 101 -9.08 5.47 3.04
C ASP A 101 -7.88 5.01 2.22
N CYS A 102 -8.16 4.25 1.16
CA CYS A 102 -7.10 3.74 0.29
C CYS A 102 -6.25 4.88 -0.26
N VAL A 103 -6.90 5.93 -0.76
CA VAL A 103 -6.20 7.07 -1.30
C VAL A 103 -5.57 7.91 -0.19
N ASN A 104 -6.21 7.94 0.97
CA ASN A 104 -5.72 8.71 2.10
C ASN A 104 -4.42 8.08 2.63
N ILE A 105 -4.29 6.77 2.47
CA ILE A 105 -3.10 6.06 2.94
C ILE A 105 -1.99 6.12 1.91
N THR A 106 -2.36 6.00 0.64
CA THR A 106 -1.39 6.04 -0.45
C THR A 106 -0.73 7.40 -0.55
N VAL A 107 -1.54 8.45 -0.49
CA VAL A 107 -1.03 9.82 -0.57
C VAL A 107 0.07 10.06 0.45
N LYS A 108 -0.05 9.41 1.60
CA LYS A 108 0.94 9.55 2.67
C LYS A 108 2.29 8.99 2.24
N GLN A 109 2.28 7.72 1.81
CA GLN A 109 3.50 7.06 1.37
C GLN A 109 4.03 7.69 0.09
N HIS A 110 3.13 8.29 -0.68
CA HIS A 110 3.50 8.93 -1.94
C HIS A 110 4.16 10.28 -1.69
N THR A 111 3.56 11.06 -0.78
CA THR A 111 4.10 12.37 -0.46
C THR A 111 5.15 12.29 0.65
N VAL A 112 5.51 11.06 1.02
CA VAL A 112 6.51 10.83 2.05
C VAL A 112 7.78 11.63 1.77
N LYS A 113 8.53 11.94 2.82
CA LYS A 113 9.77 12.69 2.68
C LYS A 113 10.88 11.81 2.11
N GLY A 114 10.79 11.54 0.81
CA GLY A 114 11.79 10.71 0.17
C GLY A 114 11.96 11.05 -1.30
N GLU A 115 10.85 11.33 -1.98
CA GLU A 115 10.89 11.68 -3.40
C GLU A 115 9.84 12.73 -3.73
N ASN A 116 10.29 13.95 -3.99
CA ASN A 116 9.39 15.05 -4.33
C ASN A 116 9.09 15.08 -5.82
N PHE A 117 8.00 15.73 -6.18
CA PHE A 117 7.60 15.83 -7.58
C PHE A 117 7.15 17.25 -7.92
N THR A 118 6.66 17.44 -9.14
CA THR A 118 6.20 18.74 -9.59
C THR A 118 4.69 18.87 -9.46
N GLU A 119 4.19 20.10 -9.45
CA GLU A 119 2.76 20.35 -9.32
C GLU A 119 1.99 19.60 -10.41
N THR A 120 2.55 19.54 -11.60
CA THR A 120 1.91 18.86 -12.73
C THR A 120 1.98 17.35 -12.55
N ASP A 121 3.06 16.86 -11.93
CA ASP A 121 3.23 15.44 -11.70
C ASP A 121 2.17 14.91 -10.76
N ILE A 122 1.84 15.68 -9.74
CA ILE A 122 0.83 15.29 -8.76
C ILE A 122 -0.48 14.95 -9.44
N LYS A 123 -0.74 15.59 -10.58
CA LYS A 123 -1.97 15.35 -11.33
C LYS A 123 -2.10 13.88 -11.71
N ILE A 124 -1.08 13.35 -12.36
CA ILE A 124 -1.09 11.95 -12.78
C ILE A 124 -0.88 11.02 -11.58
N MET A 125 0.03 11.42 -10.69
CA MET A 125 0.32 10.62 -9.50
C MET A 125 -0.95 10.28 -8.75
N GLU A 126 -1.86 11.25 -8.66
CA GLU A 126 -3.12 11.04 -7.96
C GLU A 126 -4.03 10.09 -8.74
N ARG A 127 -3.90 10.11 -10.06
CA ARG A 127 -4.71 9.24 -10.92
C ARG A 127 -4.36 7.77 -10.68
N VAL A 128 -3.09 7.43 -10.88
CA VAL A 128 -2.63 6.06 -10.70
C VAL A 128 -3.02 5.53 -9.32
N VAL A 129 -3.00 6.41 -8.32
CA VAL A 129 -3.35 6.04 -6.96
C VAL A 129 -4.84 5.75 -6.84
N GLU A 130 -5.66 6.73 -7.16
CA GLU A 130 -7.11 6.59 -7.08
C GLU A 130 -7.58 5.41 -7.93
N GLN A 131 -7.17 5.39 -9.20
CA GLN A 131 -7.55 4.31 -10.11
C GLN A 131 -7.11 2.96 -9.56
N MET A 132 -6.01 2.96 -8.80
CA MET A 132 -5.49 1.73 -8.22
C MET A 132 -6.37 1.26 -7.05
N CYS A 133 -7.10 2.19 -6.46
CA CYS A 133 -7.98 1.87 -5.34
C CYS A 133 -9.24 1.18 -5.82
N ILE A 134 -9.88 1.76 -6.84
CA ILE A 134 -11.11 1.18 -7.39
C ILE A 134 -10.82 -0.14 -8.11
N THR A 135 -9.80 -0.14 -8.95
CA THR A 135 -9.42 -1.34 -9.69
C THR A 135 -9.20 -2.52 -8.76
N GLN A 136 -8.84 -2.22 -7.51
CA GLN A 136 -8.60 -3.25 -6.51
C GLN A 136 -9.90 -3.88 -6.04
N TYR A 137 -10.98 -3.09 -6.09
CA TYR A 137 -12.29 -3.56 -5.66
C TYR A 137 -12.68 -4.84 -6.40
N GLN A 138 -12.37 -4.89 -7.70
CA GLN A 138 -12.69 -6.05 -8.52
C GLN A 138 -12.07 -7.32 -7.92
N ARG A 139 -10.83 -7.21 -7.46
CA ARG A 139 -10.13 -8.34 -6.87
C ARG A 139 -10.67 -8.65 -5.47
N GLU A 140 -10.74 -7.61 -4.63
CA GLU A 140 -11.23 -7.76 -3.27
C GLU A 140 -12.59 -8.47 -3.26
N SER A 141 -13.44 -8.12 -4.22
CA SER A 141 -14.77 -8.71 -4.32
C SER A 141 -14.67 -10.19 -4.70
N GLN A 142 -13.71 -10.51 -5.55
CA GLN A 142 -13.51 -11.88 -6.00
C GLN A 142 -13.15 -12.79 -4.83
N ALA A 143 -12.22 -12.32 -4.00
CA ALA A 143 -11.78 -13.09 -2.84
C ALA A 143 -12.80 -12.99 -1.69
N TYR A 144 -13.48 -11.86 -1.61
CA TYR A 144 -14.48 -11.65 -0.57
C TYR A 144 -15.69 -12.54 -0.78
N TYR A 145 -16.21 -12.55 -2.01
CA TYR A 145 -17.37 -13.36 -2.35
C TYR A 145 -17.16 -14.82 -1.93
N GLN A 146 -15.93 -15.30 -2.09
CA GLN A 146 -15.60 -16.68 -1.72
C GLN A 146 -14.09 -16.90 -1.77
N ARG A 147 -13.59 -17.65 -0.80
CA ARG A 147 -12.16 -17.94 -0.72
C ARG A 147 -11.66 -18.55 -2.03
N GLY A 148 -10.35 -18.72 -2.13
CA GLY A 148 -9.76 -19.29 -3.33
C GLY A 148 -8.75 -20.38 -3.03
N ALA A 149 -9.13 -21.30 -2.14
CA ALA A 149 -8.25 -22.40 -1.77
C ALA A 149 -6.98 -21.89 -1.11
N SER A 150 -7.13 -20.87 -0.27
CA SER A 150 -5.98 -20.29 0.42
C SER A 150 -5.47 -21.22 1.51
N SER A 12 7.27 57.74 56.20
CA SER A 12 6.76 56.49 55.66
C SER A 12 7.85 55.43 55.63
N GLY A 13 7.50 54.24 55.13
CA GLY A 13 8.46 53.15 55.05
C GLY A 13 7.79 51.80 55.00
N LEU A 14 8.10 51.03 53.95
CA LEU A 14 7.53 49.70 53.77
C LEU A 14 8.62 48.67 53.48
N VAL A 15 8.46 47.49 54.05
CA VAL A 15 9.43 46.41 53.85
C VAL A 15 8.77 45.18 53.27
N PRO A 16 8.37 45.27 51.99
CA PRO A 16 7.71 44.17 51.27
C PRO A 16 8.66 43.02 50.99
N ARG A 17 8.54 41.95 51.77
CA ARG A 17 9.40 40.78 51.60
C ARG A 17 8.61 39.61 51.00
N GLY A 18 8.76 39.41 49.70
CA GLY A 18 8.05 38.34 49.03
C GLY A 18 8.90 37.66 47.97
N SER A 19 10.22 37.78 48.10
CA SER A 19 11.15 37.19 47.15
C SER A 19 11.37 35.71 47.47
N HIS A 20 10.55 34.85 46.88
CA HIS A 20 10.64 33.42 47.09
C HIS A 20 11.38 32.74 45.92
N MET A 21 12.47 33.37 45.49
CA MET A 21 13.26 32.83 44.39
C MET A 21 13.87 31.48 44.76
N SER A 22 13.34 30.41 44.18
CA SER A 22 13.84 29.06 44.44
C SER A 22 13.97 28.26 43.16
N ASN A 23 15.13 27.67 42.95
CA ASN A 23 15.39 26.86 41.75
C ASN A 23 15.77 25.44 42.14
N LYS A 24 15.40 24.49 41.29
CA LYS A 24 15.72 23.08 41.52
C LYS A 24 17.16 22.78 41.14
N PRO A 25 17.70 21.67 41.70
CA PRO A 25 19.07 21.25 41.43
C PRO A 25 19.26 20.74 40.01
N SER A 26 20.47 20.84 39.50
CA SER A 26 20.79 20.38 38.15
C SER A 26 21.39 18.98 38.17
N LYS A 27 20.89 18.12 37.29
CA LYS A 27 21.37 16.75 37.20
C LYS A 27 21.25 16.22 35.78
N PRO A 28 22.12 16.73 34.88
CA PRO A 28 22.12 16.31 33.47
C PRO A 28 22.62 14.88 33.28
N LYS A 29 21.68 13.95 33.17
CA LYS A 29 22.02 12.54 32.99
C LYS A 29 21.67 12.08 31.58
N THR A 30 22.63 11.44 30.92
CA THR A 30 22.42 10.94 29.56
C THR A 30 22.96 9.52 29.40
N ASN A 31 22.04 8.57 29.28
CA ASN A 31 22.42 7.17 29.13
C ASN A 31 22.66 6.83 27.66
N MET A 32 23.62 7.53 27.05
CA MET A 32 23.94 7.29 25.65
C MET A 32 25.45 7.35 25.43
N LYS A 33 25.89 6.86 24.27
CA LYS A 33 27.31 6.86 23.94
C LYS A 33 27.52 6.79 22.43
N HIS A 34 28.59 7.41 21.95
CA HIS A 34 28.90 7.41 20.53
C HIS A 34 30.18 6.63 20.25
N VAL A 35 30.02 5.36 19.86
CA VAL A 35 31.17 4.51 19.57
C VAL A 35 30.85 3.56 18.41
N ALA A 36 31.75 3.50 17.44
CA ALA A 36 31.57 2.63 16.29
C ALA A 36 32.86 2.54 15.46
N GLY A 37 32.99 1.46 14.70
CA GLY A 37 34.18 1.27 13.89
C GLY A 37 33.88 1.41 12.40
N ALA A 38 32.94 2.28 12.07
CA ALA A 38 32.56 2.51 10.68
C ALA A 38 31.57 3.66 10.56
N ALA A 39 31.78 4.53 9.58
CA ALA A 39 30.90 5.67 9.35
C ALA A 39 29.47 5.21 9.08
N ALA A 40 28.58 5.46 10.04
CA ALA A 40 27.18 5.07 9.91
C ALA A 40 26.32 5.78 10.95
N ALA A 41 25.19 6.34 10.51
CA ALA A 41 24.28 7.04 11.39
C ALA A 41 22.90 7.19 10.75
N GLY A 42 21.86 7.06 11.57
CA GLY A 42 20.51 7.20 11.06
C GLY A 42 19.56 6.17 11.66
N ALA A 43 18.34 6.61 11.97
CA ALA A 43 17.34 5.74 12.56
C ALA A 43 16.30 5.32 11.53
N VAL A 44 15.37 4.46 11.95
CA VAL A 44 14.32 3.99 11.06
C VAL A 44 13.00 3.81 11.81
N VAL A 45 11.94 4.43 11.29
CA VAL A 45 10.63 4.34 11.91
C VAL A 45 9.52 4.34 10.85
N GLY A 46 8.46 3.58 11.12
CA GLY A 46 7.36 3.51 10.18
C GLY A 46 6.07 3.10 10.85
N GLY A 47 5.70 1.82 10.72
CA GLY A 47 4.47 1.34 11.33
C GLY A 47 3.23 1.91 10.67
N LEU A 48 2.64 1.14 9.77
CA LEU A 48 1.44 1.57 9.07
C LEU A 48 0.19 1.28 9.89
N GLY A 49 0.19 0.15 10.58
CA GLY A 49 -0.94 -0.23 11.40
C GLY A 49 -1.58 -1.53 10.96
N GLY A 50 -2.53 -1.43 10.03
CA GLY A 50 -3.19 -2.62 9.53
C GLY A 50 -3.90 -2.37 8.21
N TYR A 51 -3.15 -2.40 7.12
CA TYR A 51 -3.70 -2.18 5.80
C TYR A 51 -3.33 -3.32 4.84
N MET A 52 -4.35 -3.96 4.27
CA MET A 52 -4.13 -5.06 3.34
C MET A 52 -3.54 -4.56 2.03
N LEU A 53 -2.23 -4.74 1.87
CA LEU A 53 -1.54 -4.31 0.66
C LEU A 53 -1.49 -5.43 -0.37
N GLY A 54 -1.66 -5.07 -1.64
CA GLY A 54 -1.65 -6.05 -2.70
C GLY A 54 -0.35 -6.84 -2.72
N SER A 55 -0.22 -7.74 -3.70
CA SER A 55 0.97 -8.56 -3.83
C SER A 55 1.40 -8.67 -5.29
N VAL A 56 0.67 -9.47 -6.05
CA VAL A 56 0.96 -9.68 -7.47
C VAL A 56 -0.23 -9.27 -8.33
N MET A 57 0.06 -8.50 -9.39
CA MET A 57 -0.98 -8.06 -10.30
C MET A 57 -0.41 -7.78 -11.68
N SER A 58 -0.95 -8.46 -12.70
CA SER A 58 -0.49 -8.30 -14.07
C SER A 58 -1.34 -7.28 -14.81
N ARG A 59 -2.66 -7.45 -14.73
CA ARG A 59 -3.59 -6.53 -15.39
C ARG A 59 -3.28 -5.09 -15.03
N PRO A 60 -3.79 -4.15 -15.85
CA PRO A 60 -3.58 -2.71 -15.63
C PRO A 60 -4.34 -2.20 -14.42
N LEU A 61 -3.86 -1.09 -13.85
CA LEU A 61 -4.49 -0.50 -12.68
C LEU A 61 -5.13 0.84 -13.03
N ILE A 62 -4.53 1.55 -13.97
CA ILE A 62 -5.04 2.84 -14.41
C ILE A 62 -5.23 2.88 -15.92
N HIS A 63 -6.29 3.54 -16.36
CA HIS A 63 -6.59 3.65 -17.78
C HIS A 63 -6.70 5.12 -18.19
N PHE A 64 -5.65 5.62 -18.85
CA PHE A 64 -5.63 7.01 -19.30
C PHE A 64 -6.34 7.15 -20.65
N GLY A 65 -5.68 6.75 -21.71
CA GLY A 65 -6.25 6.84 -23.04
C GLY A 65 -5.51 7.81 -23.93
N ASN A 66 -4.96 8.86 -23.33
CA ASN A 66 -4.21 9.86 -24.08
C ASN A 66 -2.76 9.45 -24.26
N ASP A 67 -2.15 9.89 -25.36
CA ASP A 67 -0.77 9.56 -25.65
C ASP A 67 0.14 9.97 -24.49
N TYR A 68 0.30 11.28 -24.31
CA TYR A 68 1.14 11.79 -23.24
C TYR A 68 0.82 11.13 -21.91
N GLU A 69 -0.47 11.17 -21.54
CA GLU A 69 -0.91 10.57 -20.28
C GLU A 69 -0.55 9.09 -20.23
N ASP A 70 -0.41 8.48 -21.39
CA ASP A 70 -0.05 7.06 -21.48
C ASP A 70 1.45 6.88 -21.34
N ARG A 71 2.21 7.47 -22.24
CA ARG A 71 3.66 7.37 -22.22
C ARG A 71 4.23 7.86 -20.90
N TYR A 72 3.73 9.00 -20.44
CA TYR A 72 4.19 9.58 -19.18
C TYR A 72 4.01 8.59 -18.03
N TYR A 73 2.90 7.86 -18.04
CA TYR A 73 2.61 6.87 -17.00
C TYR A 73 3.69 5.80 -16.98
N ARG A 74 3.87 5.11 -18.10
CA ARG A 74 4.86 4.06 -18.21
C ARG A 74 6.27 4.60 -18.01
N GLU A 75 6.44 5.89 -18.31
CA GLU A 75 7.74 6.54 -18.16
C GLU A 75 8.10 6.73 -16.69
N ASN A 76 7.19 7.35 -15.95
CA ASN A 76 7.40 7.60 -14.53
C ASN A 76 6.93 6.41 -13.69
N MET A 77 6.57 5.33 -14.36
CA MET A 77 6.09 4.13 -13.68
C MET A 77 7.13 3.63 -12.69
N TYR A 78 8.40 3.64 -13.10
CA TYR A 78 9.48 3.17 -12.24
C TYR A 78 9.87 4.26 -11.24
N ARG A 79 9.53 5.50 -11.55
CA ARG A 79 9.85 6.62 -10.69
C ARG A 79 9.11 6.49 -9.34
N TYR A 80 7.82 6.20 -9.41
CA TYR A 80 7.01 6.05 -8.21
C TYR A 80 6.42 4.65 -8.12
N PRO A 81 6.04 4.24 -6.90
CA PRO A 81 5.46 2.93 -6.65
C PRO A 81 4.05 2.80 -7.23
N ASN A 82 3.66 1.57 -7.55
CA ASN A 82 2.34 1.31 -8.12
C ASN A 82 1.42 0.69 -7.07
N GLN A 83 2.01 0.00 -6.11
CA GLN A 83 1.23 -0.64 -5.05
C GLN A 83 0.60 0.40 -4.13
N VAL A 84 -0.50 0.02 -3.49
CA VAL A 84 -1.20 0.92 -2.58
C VAL A 84 -1.85 0.15 -1.44
N TYR A 85 -2.02 0.82 -0.30
CA TYR A 85 -2.63 0.19 0.87
C TYR A 85 -4.15 0.34 0.83
N TYR A 86 -4.85 -0.79 0.97
CA TYR A 86 -6.31 -0.79 0.95
C TYR A 86 -6.86 -1.87 1.88
N ARG A 87 -8.18 -1.83 2.09
CA ARG A 87 -8.84 -2.80 2.95
C ARG A 87 -9.72 -3.75 2.15
N PRO A 88 -10.05 -4.90 2.75
CA PRO A 88 -10.90 -5.91 2.09
C PRO A 88 -12.34 -5.44 1.96
N VAL A 89 -12.98 -5.82 0.85
CA VAL A 89 -14.36 -5.44 0.59
C VAL A 89 -15.32 -6.31 1.41
N ASP A 90 -15.19 -6.25 2.73
CA ASP A 90 -16.04 -7.03 3.62
C ASP A 90 -16.96 -6.11 4.41
N GLN A 91 -16.49 -4.90 4.70
CA GLN A 91 -17.27 -3.93 5.46
C GLN A 91 -18.64 -3.72 4.83
N TYR A 92 -19.61 -3.33 5.65
CA TYR A 92 -20.97 -3.11 5.17
C TYR A 92 -21.09 -1.75 4.47
N SER A 93 -20.58 -1.69 3.24
CA SER A 93 -20.62 -0.46 2.46
C SER A 93 -20.00 -0.67 1.09
N ASN A 94 -20.13 0.34 0.23
CA ASN A 94 -19.58 0.27 -1.12
C ASN A 94 -18.05 0.24 -1.10
N GLN A 95 -17.44 0.24 -2.28
CA GLN A 95 -15.99 0.22 -2.37
C GLN A 95 -15.38 1.41 -1.65
N ASN A 96 -16.09 2.54 -1.66
CA ASN A 96 -15.61 3.74 -1.00
C ASN A 96 -15.18 3.46 0.43
N ASN A 97 -15.81 2.45 1.04
CA ASN A 97 -15.49 2.07 2.41
C ASN A 97 -13.99 1.89 2.59
N PHE A 98 -13.36 1.26 1.60
CA PHE A 98 -11.91 1.01 1.66
C PHE A 98 -11.18 1.95 0.70
N VAL A 99 -11.82 2.26 -0.41
CA VAL A 99 -11.21 3.14 -1.41
C VAL A 99 -10.96 4.53 -0.83
N HIS A 100 -11.84 4.96 0.07
CA HIS A 100 -11.71 6.27 0.69
C HIS A 100 -10.36 6.40 1.40
N ASP A 101 -10.07 5.46 2.28
CA ASP A 101 -8.81 5.47 3.03
C ASP A 101 -7.67 4.94 2.16
N CYS A 102 -8.02 4.20 1.12
CA CYS A 102 -7.01 3.63 0.22
C CYS A 102 -6.12 4.74 -0.36
N VAL A 103 -6.75 5.82 -0.81
CA VAL A 103 -6.01 6.94 -1.39
C VAL A 103 -5.27 7.72 -0.30
N ASN A 104 -5.94 7.93 0.83
CA ASN A 104 -5.34 8.66 1.93
C ASN A 104 -4.00 8.04 2.34
N ILE A 105 -4.04 6.76 2.71
CA ILE A 105 -2.83 6.05 3.13
C ILE A 105 -1.74 6.17 2.06
N THR A 106 -2.13 6.04 0.80
CA THR A 106 -1.19 6.13 -0.31
C THR A 106 -0.57 7.52 -0.38
N VAL A 107 -1.41 8.55 -0.32
CA VAL A 107 -0.94 9.93 -0.39
C VAL A 107 0.09 10.21 0.70
N LYS A 108 -0.05 9.52 1.83
CA LYS A 108 0.86 9.70 2.94
C LYS A 108 2.27 9.21 2.58
N GLN A 109 2.36 7.96 2.15
CA GLN A 109 3.63 7.37 1.77
C GLN A 109 4.15 8.00 0.48
N HIS A 110 3.30 8.76 -0.19
CA HIS A 110 3.68 9.41 -1.44
C HIS A 110 4.18 10.83 -1.18
N THR A 111 4.03 11.29 0.05
CA THR A 111 4.47 12.63 0.43
C THR A 111 5.55 12.58 1.51
N VAL A 112 5.66 11.42 2.16
CA VAL A 112 6.66 11.23 3.21
C VAL A 112 8.05 11.66 2.74
N LYS A 113 8.81 12.27 3.64
CA LYS A 113 10.15 12.75 3.32
C LYS A 113 10.97 11.63 2.68
N GLY A 114 11.11 11.68 1.35
CA GLY A 114 11.88 10.67 0.65
C GLY A 114 11.65 10.72 -0.84
N GLU A 115 10.41 10.99 -1.25
CA GLU A 115 10.07 11.07 -2.66
C GLU A 115 9.25 12.32 -2.96
N ASN A 116 9.90 13.31 -3.56
CA ASN A 116 9.23 14.57 -3.90
C ASN A 116 8.82 14.57 -5.37
N PHE A 117 7.78 15.35 -5.68
CA PHE A 117 7.28 15.45 -7.04
C PHE A 117 6.81 16.87 -7.35
N THR A 118 6.64 17.16 -8.64
CA THR A 118 6.20 18.49 -9.06
C THR A 118 4.68 18.55 -9.16
N GLU A 119 4.14 19.77 -9.23
CA GLU A 119 2.70 19.97 -9.33
C GLU A 119 2.12 19.17 -10.49
N THR A 120 2.90 19.04 -11.56
CA THR A 120 2.47 18.31 -12.75
C THR A 120 2.48 16.80 -12.50
N ASP A 121 3.43 16.36 -11.68
CA ASP A 121 3.54 14.94 -11.37
C ASP A 121 2.38 14.48 -10.48
N ILE A 122 2.01 15.33 -9.53
CA ILE A 122 0.91 15.01 -8.62
C ILE A 122 -0.36 14.67 -9.40
N LYS A 123 -0.50 15.25 -10.59
CA LYS A 123 -1.66 15.00 -11.43
C LYS A 123 -1.68 13.55 -11.93
N ILE A 124 -0.53 13.07 -12.37
CA ILE A 124 -0.42 11.70 -12.86
C ILE A 124 -0.49 10.70 -11.72
N MET A 125 0.26 10.98 -10.66
CA MET A 125 0.29 10.10 -9.49
C MET A 125 -1.10 9.96 -8.88
N GLU A 126 -1.75 11.10 -8.64
CA GLU A 126 -3.08 11.10 -8.05
C GLU A 126 -4.03 10.22 -8.86
N ARG A 127 -3.79 10.14 -10.17
CA ARG A 127 -4.62 9.33 -11.04
C ARG A 127 -4.37 7.84 -10.82
N VAL A 128 -3.13 7.42 -11.01
CA VAL A 128 -2.75 6.03 -10.83
C VAL A 128 -3.08 5.55 -9.42
N VAL A 129 -2.92 6.44 -8.45
CA VAL A 129 -3.20 6.11 -7.06
C VAL A 129 -4.69 5.91 -6.83
N GLU A 130 -5.48 6.87 -7.28
CA GLU A 130 -6.94 6.80 -7.13
C GLU A 130 -7.51 5.62 -7.90
N GLN A 131 -7.14 5.51 -9.18
CA GLN A 131 -7.61 4.42 -10.02
C GLN A 131 -7.21 3.07 -9.45
N MET A 132 -6.04 3.03 -8.83
CA MET A 132 -5.54 1.79 -8.24
C MET A 132 -6.44 1.32 -7.12
N CYS A 133 -7.15 2.25 -6.50
CA CYS A 133 -8.07 1.92 -5.41
C CYS A 133 -9.35 1.29 -5.94
N ILE A 134 -9.95 1.92 -6.94
CA ILE A 134 -11.17 1.42 -7.54
C ILE A 134 -10.92 0.13 -8.32
N THR A 135 -9.88 0.14 -9.14
CA THR A 135 -9.52 -1.02 -9.95
C THR A 135 -9.33 -2.26 -9.07
N GLN A 136 -9.01 -2.03 -7.80
CA GLN A 136 -8.79 -3.12 -6.86
C GLN A 136 -10.13 -3.70 -6.38
N TYR A 137 -11.16 -2.86 -6.39
CA TYR A 137 -12.48 -3.28 -5.96
C TYR A 137 -12.94 -4.54 -6.72
N GLN A 138 -12.62 -4.58 -8.00
CA GLN A 138 -12.98 -5.72 -8.84
C GLN A 138 -12.29 -6.99 -8.37
N ARG A 139 -11.03 -6.86 -7.97
CA ARG A 139 -10.25 -8.00 -7.50
C ARG A 139 -10.69 -8.42 -6.10
N GLU A 140 -10.72 -7.45 -5.18
CA GLU A 140 -11.13 -7.73 -3.80
C GLU A 140 -12.47 -8.44 -3.76
N SER A 141 -13.40 -7.99 -4.62
CA SER A 141 -14.73 -8.59 -4.67
C SER A 141 -14.66 -10.05 -5.10
N GLN A 142 -13.79 -10.33 -6.06
CA GLN A 142 -13.63 -11.70 -6.56
C GLN A 142 -13.23 -12.65 -5.44
N ALA A 143 -12.14 -12.30 -4.74
CA ALA A 143 -11.65 -13.12 -3.64
C ALA A 143 -12.60 -13.06 -2.45
N TYR A 144 -13.32 -11.95 -2.33
CA TYR A 144 -14.27 -11.77 -1.24
C TYR A 144 -15.47 -12.70 -1.40
N TYR A 145 -16.19 -12.53 -2.50
CA TYR A 145 -17.37 -13.35 -2.76
C TYR A 145 -17.04 -14.84 -2.64
N GLN A 146 -15.81 -15.19 -2.96
CA GLN A 146 -15.36 -16.57 -2.89
C GLN A 146 -16.22 -17.47 -3.77
N ARG A 147 -16.78 -16.89 -4.83
CA ARG A 147 -17.63 -17.64 -5.75
C ARG A 147 -16.98 -17.74 -7.13
N GLY A 148 -17.64 -18.46 -8.03
CA GLY A 148 -17.10 -18.63 -9.38
C GLY A 148 -17.29 -17.40 -10.23
N ALA A 149 -16.19 -16.68 -10.48
CA ALA A 149 -16.25 -15.48 -11.30
C ALA A 149 -16.25 -15.81 -12.79
N SER A 150 -15.22 -16.51 -13.24
CA SER A 150 -15.11 -16.90 -14.64
C SER A 150 -15.95 -18.14 -14.93
N SER A 12 5.59 -57.39 -73.62
CA SER A 12 6.94 -57.63 -73.14
C SER A 12 7.55 -56.36 -72.55
N GLY A 13 8.62 -56.53 -71.79
CA GLY A 13 9.28 -55.39 -71.17
C GLY A 13 10.38 -55.80 -70.22
N LEU A 14 11.53 -56.19 -70.78
CA LEU A 14 12.66 -56.62 -69.99
C LEU A 14 13.53 -55.42 -69.58
N VAL A 15 12.98 -54.57 -68.72
CA VAL A 15 13.70 -53.39 -68.26
C VAL A 15 13.86 -53.40 -66.75
N PRO A 16 14.68 -54.32 -66.23
CA PRO A 16 14.94 -54.46 -64.80
C PRO A 16 15.74 -53.29 -64.24
N ARG A 17 15.31 -52.77 -63.09
CA ARG A 17 15.99 -51.65 -62.46
C ARG A 17 16.34 -51.98 -61.01
N GLY A 18 17.46 -51.46 -60.54
CA GLY A 18 17.88 -51.71 -59.16
C GLY A 18 19.25 -51.14 -58.87
N SER A 19 19.41 -49.83 -59.07
CA SER A 19 20.68 -49.17 -58.83
C SER A 19 20.53 -47.65 -58.91
N HIS A 20 21.10 -46.95 -57.93
CA HIS A 20 21.03 -45.51 -57.88
C HIS A 20 21.97 -44.94 -56.82
N MET A 21 22.63 -43.83 -57.15
CA MET A 21 23.56 -43.20 -56.23
C MET A 21 22.97 -41.92 -55.65
N SER A 22 23.13 -41.74 -54.34
CA SER A 22 22.61 -40.55 -53.66
C SER A 22 23.33 -40.32 -52.34
N ASN A 23 23.87 -39.12 -52.17
CA ASN A 23 24.59 -38.76 -50.95
C ASN A 23 24.28 -37.34 -50.53
N LYS A 24 24.32 -37.08 -49.23
CA LYS A 24 24.05 -35.75 -48.70
C LYS A 24 24.43 -35.67 -47.22
N PRO A 25 25.73 -35.65 -46.94
CA PRO A 25 26.25 -35.57 -45.57
C PRO A 25 26.00 -34.21 -44.94
N SER A 26 25.33 -34.21 -43.79
CA SER A 26 25.02 -32.98 -43.08
C SER A 26 25.77 -32.91 -41.75
N LYS A 27 25.95 -31.69 -41.24
CA LYS A 27 26.65 -31.49 -39.98
C LYS A 27 26.12 -30.25 -39.26
N PRO A 28 24.88 -30.35 -38.75
CA PRO A 28 24.23 -29.25 -38.03
C PRO A 28 24.87 -29.00 -36.68
N LYS A 29 24.97 -27.72 -36.29
CA LYS A 29 25.55 -27.34 -35.02
C LYS A 29 24.58 -26.49 -34.20
N THR A 30 24.48 -26.79 -32.92
CA THR A 30 23.59 -26.05 -32.03
C THR A 30 24.36 -25.43 -30.87
N ASN A 31 24.17 -24.13 -30.66
CA ASN A 31 24.84 -23.43 -29.58
C ASN A 31 24.14 -22.10 -29.27
N MET A 32 23.46 -22.05 -28.12
CA MET A 32 22.76 -20.85 -27.71
C MET A 32 22.71 -20.74 -26.19
N LYS A 33 23.38 -19.72 -25.65
CA LYS A 33 23.41 -19.49 -24.22
C LYS A 33 22.27 -18.59 -23.78
N HIS A 34 21.33 -19.14 -23.03
CA HIS A 34 20.19 -18.38 -22.54
C HIS A 34 20.15 -18.36 -21.02
N VAL A 35 19.82 -17.21 -20.45
CA VAL A 35 19.75 -17.06 -19.00
C VAL A 35 19.13 -15.72 -18.62
N ALA A 36 18.33 -15.73 -17.56
CA ALA A 36 17.67 -14.51 -17.08
C ALA A 36 17.61 -14.49 -15.56
N GLY A 37 17.53 -13.28 -15.00
CA GLY A 37 17.46 -13.14 -13.56
C GLY A 37 18.33 -12.00 -13.04
N ALA A 38 17.87 -11.36 -11.97
CA ALA A 38 18.61 -10.25 -11.39
C ALA A 38 17.99 -9.81 -10.06
N ALA A 39 18.84 -9.50 -9.09
CA ALA A 39 18.38 -9.07 -7.77
C ALA A 39 18.04 -7.58 -7.77
N ALA A 40 16.76 -7.27 -7.67
CA ALA A 40 16.31 -5.89 -7.66
C ALA A 40 16.33 -5.32 -6.23
N ALA A 41 16.80 -4.09 -6.09
CA ALA A 41 16.88 -3.44 -4.80
C ALA A 41 15.49 -2.96 -4.35
N GLY A 42 14.93 -3.64 -3.35
CA GLY A 42 13.62 -3.28 -2.85
C GLY A 42 13.67 -2.74 -1.44
N ALA A 43 13.01 -1.61 -1.21
CA ALA A 43 12.98 -0.99 0.11
C ALA A 43 11.63 -0.33 0.38
N VAL A 44 10.90 -0.86 1.35
CA VAL A 44 9.59 -0.33 1.71
C VAL A 44 9.50 -0.06 3.21
N VAL A 45 8.82 1.02 3.57
CA VAL A 45 8.65 1.38 4.98
C VAL A 45 7.71 0.41 5.69
N GLY A 46 8.03 0.09 6.94
CA GLY A 46 7.20 -0.83 7.70
C GLY A 46 6.51 -0.14 8.87
N GLY A 47 6.03 1.07 8.63
CA GLY A 47 5.34 1.81 9.69
C GLY A 47 3.85 1.59 9.67
N LEU A 48 3.42 0.48 9.07
CA LEU A 48 2.00 0.16 8.98
C LEU A 48 1.73 -1.22 9.56
N GLY A 49 2.23 -2.25 8.89
CA GLY A 49 2.02 -3.62 9.34
C GLY A 49 0.56 -3.93 9.60
N GLY A 50 -0.32 -3.27 8.85
CA GLY A 50 -1.74 -3.51 9.02
C GLY A 50 -2.50 -3.45 7.71
N TYR A 51 -2.19 -2.44 6.90
CA TYR A 51 -2.86 -2.27 5.60
C TYR A 51 -2.61 -3.48 4.70
N MET A 52 -3.69 -4.13 4.30
CA MET A 52 -3.60 -5.30 3.43
C MET A 52 -3.33 -4.88 1.99
N LEU A 53 -2.07 -4.66 1.66
CA LEU A 53 -1.68 -4.26 0.31
C LEU A 53 -1.97 -5.38 -0.69
N GLY A 54 -1.98 -5.02 -1.97
CA GLY A 54 -2.23 -6.01 -3.00
C GLY A 54 -1.01 -6.85 -3.33
N SER A 55 -1.21 -7.91 -4.09
CA SER A 55 -0.12 -8.80 -4.46
C SER A 55 0.15 -8.74 -5.97
N VAL A 56 -0.87 -8.37 -6.72
CA VAL A 56 -0.75 -8.27 -8.17
C VAL A 56 0.44 -7.39 -8.57
N MET A 57 1.00 -7.66 -9.73
CA MET A 57 2.15 -6.91 -10.22
C MET A 57 2.11 -6.77 -11.75
N SER A 58 2.61 -5.66 -12.25
CA SER A 58 2.62 -5.40 -13.69
C SER A 58 1.22 -5.52 -14.27
N ARG A 59 0.21 -5.28 -13.44
CA ARG A 59 -1.18 -5.35 -13.87
C ARG A 59 -1.75 -3.96 -14.08
N PRO A 60 -2.84 -3.89 -14.88
CA PRO A 60 -3.52 -2.62 -15.17
C PRO A 60 -4.25 -2.05 -13.96
N LEU A 61 -3.96 -0.79 -13.66
CA LEU A 61 -4.59 -0.12 -12.52
C LEU A 61 -5.23 1.20 -12.94
N ILE A 62 -4.55 1.91 -13.84
CA ILE A 62 -5.05 3.19 -14.32
C ILE A 62 -5.22 3.17 -15.84
N HIS A 63 -6.29 3.80 -16.32
CA HIS A 63 -6.57 3.85 -17.75
C HIS A 63 -6.50 5.29 -18.26
N PHE A 64 -5.41 5.62 -18.95
CA PHE A 64 -5.22 6.95 -19.49
C PHE A 64 -5.87 7.08 -20.87
N GLY A 65 -5.27 6.41 -21.86
CA GLY A 65 -5.79 6.46 -23.21
C GLY A 65 -5.03 7.43 -24.09
N ASN A 66 -4.36 8.40 -23.47
CA ASN A 66 -3.59 9.38 -24.22
C ASN A 66 -2.17 8.90 -24.45
N ASP A 67 -1.37 9.70 -25.15
CA ASP A 67 0.02 9.35 -25.44
C ASP A 67 0.96 10.00 -24.44
N TYR A 68 0.69 11.25 -24.09
CA TYR A 68 1.52 11.98 -23.15
C TYR A 68 1.36 11.42 -21.74
N GLU A 69 0.10 11.29 -21.29
CA GLU A 69 -0.19 10.77 -19.96
C GLU A 69 0.28 9.33 -19.84
N ASP A 70 0.17 8.58 -20.93
CA ASP A 70 0.59 7.18 -20.94
C ASP A 70 2.10 7.05 -20.98
N ARG A 71 2.71 7.64 -22.01
CA ARG A 71 4.16 7.60 -22.16
C ARG A 71 4.86 8.05 -20.88
N TYR A 72 4.36 9.13 -20.29
CA TYR A 72 4.94 9.68 -19.07
C TYR A 72 4.78 8.70 -17.91
N TYR A 73 3.56 8.19 -17.75
CA TYR A 73 3.27 7.24 -16.67
C TYR A 73 4.21 6.04 -16.73
N ARG A 74 4.28 5.42 -17.90
CA ARG A 74 5.14 4.25 -18.10
C ARG A 74 6.61 4.64 -17.94
N GLU A 75 6.91 5.91 -18.18
CA GLU A 75 8.28 6.40 -18.08
C GLU A 75 8.67 6.59 -16.62
N ASN A 76 7.76 7.16 -15.84
CA ASN A 76 8.02 7.40 -14.42
C ASN A 76 7.62 6.20 -13.58
N MET A 77 7.26 5.10 -14.26
CA MET A 77 6.85 3.88 -13.57
C MET A 77 7.92 3.43 -12.57
N TYR A 78 9.17 3.74 -12.90
CA TYR A 78 10.28 3.35 -12.03
C TYR A 78 10.48 4.38 -10.92
N ARG A 79 10.01 5.61 -11.15
CA ARG A 79 10.14 6.67 -10.17
C ARG A 79 9.35 6.35 -8.90
N TYR A 80 8.13 5.87 -9.08
CA TYR A 80 7.27 5.52 -7.96
C TYR A 80 6.95 4.02 -7.97
N PRO A 81 6.57 3.50 -6.80
CA PRO A 81 6.22 2.08 -6.63
C PRO A 81 4.92 1.72 -7.33
N ASN A 82 4.57 0.43 -7.28
CA ASN A 82 3.35 -0.05 -7.91
C ASN A 82 2.37 -0.58 -6.87
N GLN A 83 2.89 -0.92 -5.69
CA GLN A 83 2.07 -1.43 -4.61
C GLN A 83 1.06 -0.38 -4.13
N VAL A 84 0.10 -0.82 -3.33
CA VAL A 84 -0.91 0.09 -2.80
C VAL A 84 -1.51 -0.45 -1.52
N TYR A 85 -1.84 0.45 -0.59
CA TYR A 85 -2.42 0.07 0.69
C TYR A 85 -3.94 0.23 0.66
N TYR A 86 -4.64 -0.79 1.15
CA TYR A 86 -6.09 -0.77 1.19
C TYR A 86 -6.64 -1.86 2.10
N ARG A 87 -7.94 -1.81 2.37
CA ARG A 87 -8.58 -2.80 3.22
C ARG A 87 -9.56 -3.65 2.43
N PRO A 88 -9.90 -4.83 2.97
CA PRO A 88 -10.84 -5.76 2.33
C PRO A 88 -12.27 -5.23 2.34
N VAL A 89 -13.05 -5.65 1.34
CA VAL A 89 -14.44 -5.22 1.22
C VAL A 89 -15.33 -6.00 2.19
N ASP A 90 -15.02 -5.91 3.48
CA ASP A 90 -15.79 -6.59 4.50
C ASP A 90 -16.80 -5.64 5.16
N GLN A 91 -17.75 -5.16 4.36
CA GLN A 91 -18.76 -4.24 4.86
C GLN A 91 -19.88 -4.05 3.84
N TYR A 92 -21.11 -3.98 4.32
CA TYR A 92 -22.27 -3.81 3.44
C TYR A 92 -22.12 -2.55 2.60
N SER A 93 -21.33 -1.60 3.08
CA SER A 93 -21.11 -0.35 2.38
C SER A 93 -20.52 -0.61 0.99
N ASN A 94 -20.23 0.47 0.27
CA ASN A 94 -19.65 0.36 -1.07
C ASN A 94 -18.13 0.29 -1.01
N GLN A 95 -17.50 0.28 -2.18
CA GLN A 95 -16.04 0.22 -2.26
C GLN A 95 -15.42 1.43 -1.58
N ASN A 96 -16.10 2.57 -1.65
CA ASN A 96 -15.60 3.80 -1.06
C ASN A 96 -15.20 3.57 0.40
N ASN A 97 -15.86 2.61 1.04
CA ASN A 97 -15.56 2.28 2.44
C ASN A 97 -14.06 2.09 2.65
N PHE A 98 -13.46 1.23 1.83
CA PHE A 98 -12.03 0.96 1.93
C PHE A 98 -11.24 1.82 0.95
N VAL A 99 -11.84 2.08 -0.21
CA VAL A 99 -11.19 2.90 -1.24
C VAL A 99 -10.85 4.28 -0.70
N HIS A 100 -11.71 4.79 0.18
CA HIS A 100 -11.51 6.12 0.76
C HIS A 100 -10.21 6.16 1.56
N ASP A 101 -9.94 5.10 2.31
CA ASP A 101 -8.73 5.02 3.12
C ASP A 101 -7.52 4.67 2.25
N CYS A 102 -7.78 3.99 1.14
CA CYS A 102 -6.71 3.59 0.23
C CYS A 102 -5.92 4.81 -0.24
N VAL A 103 -6.64 5.84 -0.69
CA VAL A 103 -5.99 7.07 -1.17
C VAL A 103 -5.42 7.87 -0.01
N ASN A 104 -6.08 7.79 1.14
CA ASN A 104 -5.64 8.53 2.33
C ASN A 104 -4.19 8.16 2.67
N ILE A 105 -3.89 6.86 2.64
CA ILE A 105 -2.55 6.38 2.95
C ILE A 105 -1.66 6.40 1.72
N THR A 106 -2.21 5.94 0.60
CA THR A 106 -1.47 5.90 -0.65
C THR A 106 -0.95 7.28 -1.03
N VAL A 107 -1.84 8.26 -1.02
CA VAL A 107 -1.47 9.64 -1.36
C VAL A 107 -0.29 10.10 -0.53
N LYS A 108 -0.19 9.60 0.69
CA LYS A 108 0.90 9.97 1.59
C LYS A 108 2.23 9.39 1.10
N GLN A 109 2.26 8.06 0.94
CA GLN A 109 3.47 7.39 0.47
C GLN A 109 3.92 7.94 -0.88
N HIS A 110 3.00 8.59 -1.58
CA HIS A 110 3.31 9.16 -2.88
C HIS A 110 4.03 10.51 -2.73
N THR A 111 3.93 11.08 -1.54
CA THR A 111 4.58 12.37 -1.26
C THR A 111 5.79 12.19 -0.35
N VAL A 112 5.99 10.97 0.14
CA VAL A 112 7.10 10.68 1.04
C VAL A 112 7.78 9.37 0.63
N LYS A 113 8.95 9.13 1.23
CA LYS A 113 9.71 7.91 0.93
C LYS A 113 10.22 7.93 -0.51
N GLY A 114 10.91 9.00 -0.88
CA GLY A 114 11.44 9.11 -2.22
C GLY A 114 10.62 10.04 -3.10
N GLU A 115 10.18 11.16 -2.53
CA GLU A 115 9.38 12.13 -3.27
C GLU A 115 10.24 12.92 -4.24
N ASN A 116 10.23 12.50 -5.51
CA ASN A 116 11.01 13.17 -6.54
C ASN A 116 10.22 13.26 -7.85
N PHE A 117 9.26 14.16 -7.88
CA PHE A 117 8.43 14.35 -9.07
C PHE A 117 8.32 15.83 -9.43
N THR A 118 7.46 16.13 -10.40
CA THR A 118 7.26 17.50 -10.84
C THR A 118 5.86 18.00 -10.51
N GLU A 119 5.65 19.30 -10.65
CA GLU A 119 4.34 19.90 -10.35
C GLU A 119 3.24 19.20 -11.16
N THR A 120 3.55 18.87 -12.40
CA THR A 120 2.59 18.21 -13.28
C THR A 120 2.38 16.75 -12.86
N ASP A 121 3.47 16.08 -12.53
CA ASP A 121 3.42 14.67 -12.11
C ASP A 121 2.39 14.48 -11.00
N ILE A 122 2.38 15.42 -10.05
CA ILE A 122 1.44 15.35 -8.94
C ILE A 122 0.00 15.23 -9.43
N LYS A 123 -0.26 15.79 -10.60
CA LYS A 123 -1.61 15.74 -11.19
C LYS A 123 -1.93 14.33 -11.69
N ILE A 124 -0.96 13.70 -12.34
CA ILE A 124 -1.13 12.36 -12.87
C ILE A 124 -1.13 11.33 -11.75
N MET A 125 -0.27 11.54 -10.76
CA MET A 125 -0.16 10.63 -9.63
C MET A 125 -1.52 10.44 -8.95
N GLU A 126 -2.18 11.55 -8.63
CA GLU A 126 -3.47 11.52 -7.98
C GLU A 126 -4.44 10.61 -8.74
N ARG A 127 -4.26 10.53 -10.06
CA ARG A 127 -5.11 9.70 -10.90
C ARG A 127 -4.83 8.22 -10.67
N VAL A 128 -3.58 7.83 -10.87
CA VAL A 128 -3.17 6.43 -10.69
C VAL A 128 -3.40 5.98 -9.25
N VAL A 129 -3.19 6.90 -8.31
CA VAL A 129 -3.38 6.60 -6.90
C VAL A 129 -4.78 6.06 -6.63
N GLU A 130 -5.79 6.84 -7.00
CA GLU A 130 -7.18 6.44 -6.80
C GLU A 130 -7.58 5.36 -7.81
N GLN A 131 -7.09 5.49 -9.03
CA GLN A 131 -7.41 4.53 -10.08
C GLN A 131 -7.06 3.11 -9.63
N MET A 132 -6.00 2.98 -8.84
CA MET A 132 -5.57 1.67 -8.35
C MET A 132 -6.40 1.25 -7.14
N CYS A 133 -7.04 2.22 -6.51
CA CYS A 133 -7.86 1.95 -5.33
C CYS A 133 -9.19 1.31 -5.73
N ILE A 134 -9.83 1.88 -6.75
CA ILE A 134 -11.10 1.37 -7.23
C ILE A 134 -10.92 0.06 -7.98
N THR A 135 -9.93 0.03 -8.88
CA THR A 135 -9.65 -1.16 -9.66
C THR A 135 -9.43 -2.37 -8.77
N GLN A 136 -9.03 -2.12 -7.53
CA GLN A 136 -8.78 -3.19 -6.57
C GLN A 136 -10.08 -3.79 -6.07
N TYR A 137 -11.14 -2.98 -6.05
CA TYR A 137 -12.44 -3.42 -5.59
C TYR A 137 -12.90 -4.67 -6.35
N GLN A 138 -12.73 -4.64 -7.67
CA GLN A 138 -13.12 -5.76 -8.51
C GLN A 138 -12.41 -7.05 -8.07
N ARG A 139 -11.14 -6.93 -7.71
CA ARG A 139 -10.36 -8.07 -7.27
C ARG A 139 -10.76 -8.49 -5.86
N GLU A 140 -10.65 -7.57 -4.91
CA GLU A 140 -10.99 -7.85 -3.52
C GLU A 140 -12.40 -8.42 -3.43
N SER A 141 -13.29 -7.94 -4.29
CA SER A 141 -14.67 -8.41 -4.29
C SER A 141 -14.77 -9.85 -4.76
N GLN A 142 -14.01 -10.18 -5.81
CA GLN A 142 -14.00 -11.53 -6.35
C GLN A 142 -13.65 -12.55 -5.28
N ALA A 143 -12.61 -12.25 -4.50
CA ALA A 143 -12.19 -13.16 -3.43
C ALA A 143 -13.07 -12.99 -2.20
N TYR A 144 -13.63 -11.80 -2.04
CA TYR A 144 -14.49 -11.51 -0.89
C TYR A 144 -15.57 -12.58 -0.73
N TYR A 145 -16.45 -12.67 -1.74
CA TYR A 145 -17.53 -13.64 -1.71
C TYR A 145 -16.99 -15.06 -1.84
N GLN A 146 -15.82 -15.19 -2.47
CA GLN A 146 -15.20 -16.50 -2.65
C GLN A 146 -15.00 -17.20 -1.32
N ARG A 147 -15.46 -18.44 -1.23
CA ARG A 147 -15.33 -19.22 -0.01
C ARG A 147 -14.26 -20.30 -0.16
N GLY A 148 -13.03 -19.87 -0.43
CA GLY A 148 -11.93 -20.80 -0.59
C GLY A 148 -12.14 -21.73 -1.78
N ALA A 149 -12.99 -21.32 -2.71
CA ALA A 149 -13.28 -22.11 -3.89
C ALA A 149 -12.01 -22.34 -4.72
N SER A 150 -11.75 -23.60 -5.07
CA SER A 150 -10.58 -23.94 -5.85
C SER A 150 -10.89 -23.93 -7.35
N SER A 12 -36.12 -8.90 -70.33
CA SER A 12 -35.75 -9.98 -71.24
C SER A 12 -34.78 -10.95 -70.55
N GLY A 13 -33.92 -10.41 -69.71
CA GLY A 13 -32.96 -11.24 -69.00
C GLY A 13 -31.53 -10.98 -69.45
N LEU A 14 -31.05 -9.76 -69.24
CA LEU A 14 -29.70 -9.39 -69.62
C LEU A 14 -28.84 -9.10 -68.40
N VAL A 15 -27.54 -9.24 -68.55
CA VAL A 15 -26.59 -9.01 -67.45
C VAL A 15 -25.28 -8.45 -67.97
N PRO A 16 -24.78 -7.39 -67.31
CA PRO A 16 -23.53 -6.73 -67.69
C PRO A 16 -22.31 -7.60 -67.39
N ARG A 17 -21.65 -8.07 -68.44
CA ARG A 17 -20.47 -8.91 -68.29
C ARG A 17 -19.30 -8.12 -67.70
N GLY A 18 -18.17 -8.78 -67.55
CA GLY A 18 -17.00 -8.13 -67.00
C GLY A 18 -16.71 -8.55 -65.57
N SER A 19 -15.56 -9.19 -65.36
CA SER A 19 -15.18 -9.66 -64.04
C SER A 19 -13.69 -9.38 -63.78
N HIS A 20 -13.42 -8.59 -62.76
CA HIS A 20 -12.05 -8.24 -62.40
C HIS A 20 -11.75 -8.61 -60.95
N MET A 21 -10.60 -9.25 -60.73
CA MET A 21 -10.20 -9.66 -59.39
C MET A 21 -8.75 -9.27 -59.11
N SER A 22 -8.41 -8.03 -59.42
CA SER A 22 -7.06 -7.53 -59.20
C SER A 22 -6.86 -7.07 -57.75
N ASN A 23 -5.65 -7.28 -57.23
CA ASN A 23 -5.34 -6.90 -55.86
C ASN A 23 -3.84 -7.02 -55.59
N LYS A 24 -3.35 -6.18 -54.68
CA LYS A 24 -1.93 -6.20 -54.33
C LYS A 24 -1.74 -6.59 -52.87
N PRO A 25 -1.95 -7.88 -52.57
CA PRO A 25 -1.80 -8.42 -51.22
C PRO A 25 -0.34 -8.44 -50.75
N SER A 26 0.12 -7.31 -50.23
CA SER A 26 1.50 -7.21 -49.76
C SER A 26 1.62 -6.11 -48.71
N LYS A 27 2.53 -6.31 -47.75
CA LYS A 27 2.75 -5.34 -46.69
C LYS A 27 4.14 -5.52 -46.07
N PRO A 28 4.62 -4.47 -45.38
CA PRO A 28 5.93 -4.49 -44.72
C PRO A 28 5.95 -5.42 -43.52
N LYS A 29 6.82 -6.43 -43.57
CA LYS A 29 6.95 -7.39 -42.48
C LYS A 29 7.93 -6.89 -41.43
N THR A 30 7.40 -6.37 -40.32
CA THR A 30 8.23 -5.86 -39.25
C THR A 30 7.67 -6.27 -37.88
N ASN A 31 8.46 -7.06 -37.15
CA ASN A 31 8.05 -7.53 -35.83
C ASN A 31 9.10 -7.19 -34.78
N MET A 32 9.19 -5.91 -34.43
CA MET A 32 10.16 -5.45 -33.44
C MET A 32 9.68 -5.78 -32.03
N LYS A 33 10.27 -6.82 -31.43
CA LYS A 33 9.92 -7.24 -30.09
C LYS A 33 11.16 -7.50 -29.24
N HIS A 34 11.35 -6.67 -28.22
CA HIS A 34 12.50 -6.81 -27.34
C HIS A 34 12.15 -6.38 -25.91
N VAL A 35 12.26 -7.30 -24.97
CA VAL A 35 11.95 -7.02 -23.58
C VAL A 35 13.19 -7.18 -22.69
N ALA A 36 13.43 -6.19 -21.84
CA ALA A 36 14.58 -6.21 -20.95
C ALA A 36 14.26 -5.51 -19.63
N GLY A 37 14.71 -6.11 -18.53
CA GLY A 37 14.46 -5.53 -17.23
C GLY A 37 14.72 -6.50 -16.09
N ALA A 38 14.90 -5.98 -14.89
CA ALA A 38 15.15 -6.82 -13.72
C ALA A 38 15.14 -5.99 -12.44
N ALA A 39 14.94 -6.66 -11.31
CA ALA A 39 14.91 -5.99 -10.02
C ALA A 39 15.03 -6.99 -8.87
N ALA A 40 15.38 -6.49 -7.70
CA ALA A 40 15.53 -7.34 -6.52
C ALA A 40 15.57 -6.51 -5.24
N ALA A 41 14.63 -6.77 -4.34
CA ALA A 41 14.56 -6.05 -3.07
C ALA A 41 14.05 -6.95 -1.96
N GLY A 42 14.94 -7.32 -1.04
CA GLY A 42 14.56 -8.18 0.07
C GLY A 42 14.61 -7.46 1.39
N ALA A 43 13.51 -7.51 2.13
CA ALA A 43 13.44 -6.85 3.44
C ALA A 43 12.12 -7.17 4.14
N VAL A 44 12.18 -7.32 5.46
CA VAL A 44 10.99 -7.61 6.25
C VAL A 44 10.83 -6.63 7.40
N VAL A 45 9.96 -5.65 7.23
CA VAL A 45 9.72 -4.64 8.25
C VAL A 45 8.23 -4.51 8.56
N GLY A 46 7.91 -4.20 9.81
CA GLY A 46 6.52 -4.06 10.21
C GLY A 46 5.91 -2.77 9.70
N GLY A 47 6.13 -1.69 10.44
CA GLY A 47 5.59 -0.40 10.05
C GLY A 47 4.09 -0.32 10.26
N LEU A 48 3.36 -0.04 9.18
CA LEU A 48 1.91 0.06 9.25
C LEU A 48 1.30 -1.19 9.86
N GLY A 49 1.44 -2.32 9.16
CA GLY A 49 0.90 -3.57 9.64
C GLY A 49 -0.56 -3.46 10.03
N GLY A 50 -1.43 -3.49 9.02
CA GLY A 50 -2.86 -3.40 9.27
C GLY A 50 -3.67 -3.31 8.00
N TYR A 51 -3.08 -2.73 6.96
CA TYR A 51 -3.75 -2.59 5.68
C TYR A 51 -3.38 -3.72 4.73
N MET A 52 -4.29 -4.05 3.82
CA MET A 52 -4.05 -5.11 2.85
C MET A 52 -3.33 -4.59 1.62
N LEU A 53 -2.40 -5.37 1.10
CA LEU A 53 -1.62 -4.98 -0.08
C LEU A 53 -1.90 -5.93 -1.25
N GLY A 54 -1.71 -5.43 -2.47
CA GLY A 54 -1.93 -6.25 -3.64
C GLY A 54 -0.80 -6.13 -4.64
N SER A 55 -1.16 -6.16 -5.93
CA SER A 55 -0.16 -6.07 -6.99
C SER A 55 -0.84 -6.01 -8.36
N VAL A 56 -0.04 -5.80 -9.40
CA VAL A 56 -0.55 -5.73 -10.76
C VAL A 56 -0.81 -7.12 -11.34
N MET A 57 -1.59 -7.19 -12.41
CA MET A 57 -1.90 -8.46 -13.04
C MET A 57 -1.91 -8.32 -14.56
N SER A 58 -2.56 -9.25 -15.24
CA SER A 58 -2.66 -9.23 -16.69
C SER A 58 -2.82 -7.81 -17.21
N ARG A 59 -4.00 -7.24 -16.97
CA ARG A 59 -4.30 -5.88 -17.40
C ARG A 59 -3.60 -4.86 -16.52
N PRO A 60 -3.45 -3.62 -17.03
CA PRO A 60 -2.80 -2.53 -16.30
C PRO A 60 -3.63 -2.04 -15.12
N LEU A 61 -3.03 -1.20 -14.29
CA LEU A 61 -3.72 -0.66 -13.12
C LEU A 61 -4.42 0.65 -13.46
N ILE A 62 -3.92 1.33 -14.48
CA ILE A 62 -4.50 2.61 -14.91
C ILE A 62 -4.58 2.68 -16.43
N HIS A 63 -5.78 2.96 -16.94
CA HIS A 63 -6.00 3.07 -18.38
C HIS A 63 -6.00 4.53 -18.82
N PHE A 64 -4.93 4.94 -19.48
CA PHE A 64 -4.81 6.31 -19.96
C PHE A 64 -5.39 6.45 -21.37
N GLY A 65 -4.93 5.59 -22.28
CA GLY A 65 -5.42 5.64 -23.64
C GLY A 65 -4.95 6.88 -24.37
N ASN A 66 -4.00 7.59 -23.79
CA ASN A 66 -3.46 8.81 -24.40
C ASN A 66 -2.00 8.63 -24.77
N ASP A 67 -1.42 9.66 -25.37
CA ASP A 67 -0.02 9.62 -25.78
C ASP A 67 0.86 10.32 -24.75
N TYR A 68 0.51 11.57 -24.42
CA TYR A 68 1.26 12.35 -23.46
C TYR A 68 1.12 11.77 -22.05
N GLU A 69 -0.11 11.55 -21.63
CA GLU A 69 -0.38 11.01 -20.30
C GLU A 69 0.27 9.64 -20.13
N ASP A 70 0.08 8.77 -21.12
CA ASP A 70 0.66 7.43 -21.08
C ASP A 70 2.18 7.49 -21.02
N ARG A 71 2.76 8.19 -22.00
CA ARG A 71 4.22 8.32 -22.06
C ARG A 71 4.77 8.86 -20.74
N TYR A 72 4.11 9.88 -20.21
CA TYR A 72 4.53 10.49 -18.95
C TYR A 72 4.48 9.47 -17.80
N TYR A 73 3.32 8.83 -17.65
CA TYR A 73 3.14 7.84 -16.60
C TYR A 73 4.19 6.74 -16.69
N ARG A 74 4.24 6.09 -17.85
CA ARG A 74 5.21 5.01 -18.06
C ARG A 74 6.64 5.51 -17.89
N GLU A 75 6.84 6.80 -18.12
CA GLU A 75 8.16 7.40 -17.99
C GLU A 75 8.57 7.51 -16.52
N ASN A 76 7.63 7.98 -15.69
CA ASN A 76 7.88 8.13 -14.27
C ASN A 76 7.56 6.85 -13.51
N MET A 77 7.26 5.79 -14.25
CA MET A 77 6.93 4.50 -13.65
C MET A 77 8.03 4.05 -12.70
N TYR A 78 9.28 4.33 -13.07
CA TYR A 78 10.42 3.95 -12.24
C TYR A 78 10.67 4.97 -11.15
N ARG A 79 10.17 6.20 -11.37
CA ARG A 79 10.35 7.27 -10.41
C ARG A 79 9.64 6.94 -9.09
N TYR A 80 8.40 6.47 -9.20
CA TYR A 80 7.61 6.12 -8.02
C TYR A 80 7.31 4.63 -8.00
N PRO A 81 7.00 4.11 -6.80
CA PRO A 81 6.68 2.69 -6.61
C PRO A 81 5.34 2.31 -7.22
N ASN A 82 4.89 1.09 -6.94
CA ASN A 82 3.62 0.60 -7.46
C ASN A 82 2.82 -0.10 -6.38
N GLN A 83 3.14 0.19 -5.12
CA GLN A 83 2.45 -0.41 -3.99
C GLN A 83 1.21 0.39 -3.62
N VAL A 84 0.26 -0.28 -2.97
CA VAL A 84 -0.98 0.38 -2.55
C VAL A 84 -1.61 -0.34 -1.37
N TYR A 85 -2.10 0.43 -0.40
CA TYR A 85 -2.73 -0.14 0.78
C TYR A 85 -4.25 0.05 0.75
N TYR A 86 -4.97 -1.06 0.83
CA TYR A 86 -6.44 -1.01 0.80
C TYR A 86 -7.03 -1.95 1.85
N ARG A 87 -8.33 -1.85 2.06
CA ARG A 87 -9.03 -2.68 3.03
C ARG A 87 -10.07 -3.56 2.35
N PRO A 88 -10.48 -4.64 3.04
CA PRO A 88 -11.48 -5.58 2.52
C PRO A 88 -12.87 -4.97 2.44
N VAL A 89 -13.53 -5.17 1.31
CA VAL A 89 -14.87 -4.64 1.10
C VAL A 89 -15.83 -5.12 2.19
N ASP A 90 -17.07 -4.66 2.13
CA ASP A 90 -18.08 -5.05 3.11
C ASP A 90 -19.47 -4.99 2.50
N GLN A 91 -20.43 -5.65 3.15
CA GLN A 91 -21.81 -5.68 2.67
C GLN A 91 -22.57 -4.45 3.14
N TYR A 92 -22.12 -3.85 4.24
CA TYR A 92 -22.76 -2.67 4.79
C TYR A 92 -22.60 -1.47 3.85
N SER A 93 -21.34 -1.07 3.63
CA SER A 93 -21.04 0.06 2.76
C SER A 93 -20.49 -0.41 1.42
N ASN A 94 -20.21 0.54 0.54
CA ASN A 94 -19.68 0.22 -0.78
C ASN A 94 -18.15 0.18 -0.76
N GLN A 95 -17.54 0.11 -1.94
CA GLN A 95 -16.09 0.08 -2.05
C GLN A 95 -15.46 1.29 -1.37
N ASN A 96 -16.16 2.41 -1.40
CA ASN A 96 -15.67 3.64 -0.78
C ASN A 96 -15.24 3.38 0.66
N ASN A 97 -15.88 2.41 1.30
CA ASN A 97 -15.57 2.07 2.68
C ASN A 97 -14.06 1.86 2.86
N PHE A 98 -13.44 1.20 1.90
CA PHE A 98 -12.00 0.93 1.95
C PHE A 98 -11.26 1.84 0.97
N VAL A 99 -11.89 2.13 -0.17
CA VAL A 99 -11.28 2.97 -1.19
C VAL A 99 -11.00 4.36 -0.65
N HIS A 100 -11.87 4.84 0.24
CA HIS A 100 -11.72 6.16 0.83
C HIS A 100 -10.37 6.30 1.52
N ASP A 101 -10.03 5.32 2.35
CA ASP A 101 -8.76 5.33 3.07
C ASP A 101 -7.64 4.75 2.21
N CYS A 102 -8.02 4.02 1.17
CA CYS A 102 -7.05 3.41 0.26
C CYS A 102 -6.12 4.46 -0.33
N VAL A 103 -6.71 5.56 -0.80
CA VAL A 103 -5.93 6.65 -1.39
C VAL A 103 -5.15 7.41 -0.33
N ASN A 104 -5.78 7.59 0.84
CA ASN A 104 -5.14 8.30 1.94
C ASN A 104 -3.80 7.67 2.30
N ILE A 105 -3.84 6.38 2.66
CA ILE A 105 -2.63 5.66 3.02
C ILE A 105 -1.56 5.80 1.95
N THR A 106 -1.97 5.68 0.69
CA THR A 106 -1.04 5.79 -0.43
C THR A 106 -0.40 7.17 -0.47
N VAL A 107 -1.24 8.21 -0.42
CA VAL A 107 -0.76 9.59 -0.44
C VAL A 107 0.34 9.81 0.59
N LYS A 108 0.25 9.09 1.70
CA LYS A 108 1.23 9.20 2.78
C LYS A 108 2.60 8.72 2.31
N GLN A 109 2.65 7.49 1.81
CA GLN A 109 3.90 6.91 1.33
C GLN A 109 4.36 7.61 0.05
N HIS A 110 3.41 8.19 -0.69
CA HIS A 110 3.73 8.89 -1.93
C HIS A 110 4.33 10.26 -1.64
N THR A 111 3.77 10.96 -0.67
CA THR A 111 4.25 12.28 -0.29
C THR A 111 5.33 12.19 0.78
N VAL A 112 5.74 10.97 1.10
CA VAL A 112 6.77 10.75 2.11
C VAL A 112 8.01 11.60 1.82
N LYS A 113 8.74 11.95 2.88
CA LYS A 113 9.95 12.75 2.75
C LYS A 113 11.10 11.91 2.18
N GLY A 114 11.02 11.63 0.88
CA GLY A 114 12.06 10.85 0.23
C GLY A 114 12.14 11.11 -1.26
N GLU A 115 10.99 11.26 -1.90
CA GLU A 115 10.94 11.51 -3.34
C GLU A 115 9.86 12.55 -3.67
N ASN A 116 10.30 13.79 -3.90
CA ASN A 116 9.38 14.87 -4.22
C ASN A 116 9.05 14.88 -5.71
N PHE A 117 7.92 15.50 -6.05
CA PHE A 117 7.49 15.57 -7.44
C PHE A 117 7.05 16.99 -7.80
N THR A 118 6.68 17.19 -9.06
CA THR A 118 6.24 18.50 -9.53
C THR A 118 4.72 18.62 -9.43
N GLU A 119 4.24 19.86 -9.43
CA GLU A 119 2.81 20.12 -9.35
C GLU A 119 2.05 19.37 -10.45
N THR A 120 2.70 19.21 -11.60
CA THR A 120 2.09 18.52 -12.73
C THR A 120 2.03 17.02 -12.48
N ASP A 121 3.13 16.46 -12.00
CA ASP A 121 3.21 15.03 -11.72
C ASP A 121 2.06 14.60 -10.80
N ILE A 122 1.78 15.41 -9.78
CA ILE A 122 0.72 15.11 -8.84
C ILE A 122 -0.61 14.90 -9.56
N LYS A 123 -0.77 15.56 -10.70
CA LYS A 123 -1.99 15.45 -11.48
C LYS A 123 -2.18 14.02 -11.99
N ILE A 124 -1.17 13.48 -12.65
CA ILE A 124 -1.22 12.13 -13.17
C ILE A 124 -1.11 11.10 -12.05
N MET A 125 -0.29 11.41 -11.06
CA MET A 125 -0.09 10.51 -9.92
C MET A 125 -1.42 10.26 -9.19
N GLU A 126 -2.11 11.35 -8.86
CA GLU A 126 -3.38 11.25 -8.15
C GLU A 126 -4.34 10.32 -8.89
N ARG A 127 -4.20 10.25 -10.21
CA ARG A 127 -5.05 9.39 -11.02
C ARG A 127 -4.71 7.92 -10.81
N VAL A 128 -3.46 7.56 -11.08
CA VAL A 128 -3.01 6.19 -10.92
C VAL A 128 -3.21 5.71 -9.48
N VAL A 129 -3.15 6.65 -8.54
CA VAL A 129 -3.33 6.32 -7.13
C VAL A 129 -4.72 5.77 -6.86
N GLU A 130 -5.74 6.52 -7.29
CA GLU A 130 -7.12 6.10 -7.10
C GLU A 130 -7.50 4.98 -8.07
N GLN A 131 -6.94 5.05 -9.28
CA GLN A 131 -7.23 4.05 -10.30
C GLN A 131 -6.92 2.65 -9.77
N MET A 132 -5.89 2.53 -8.95
CA MET A 132 -5.50 1.25 -8.38
C MET A 132 -6.37 0.90 -7.17
N CYS A 133 -7.01 1.92 -6.60
CA CYS A 133 -7.87 1.72 -5.44
C CYS A 133 -9.21 1.11 -5.85
N ILE A 134 -9.83 1.69 -6.86
CA ILE A 134 -11.11 1.20 -7.36
C ILE A 134 -10.95 -0.13 -8.08
N THR A 135 -9.94 -0.21 -8.94
CA THR A 135 -9.69 -1.44 -9.69
C THR A 135 -9.51 -2.63 -8.76
N GLN A 136 -9.14 -2.36 -7.52
CA GLN A 136 -8.94 -3.41 -6.53
C GLN A 136 -10.28 -3.94 -6.03
N TYR A 137 -11.30 -3.10 -6.07
CA TYR A 137 -12.64 -3.49 -5.62
C TYR A 137 -13.11 -4.74 -6.35
N GLN A 138 -12.91 -4.75 -7.67
CA GLN A 138 -13.32 -5.89 -8.48
C GLN A 138 -12.78 -7.20 -7.90
N ARG A 139 -11.50 -7.20 -7.53
CA ARG A 139 -10.86 -8.38 -6.96
C ARG A 139 -11.33 -8.62 -5.54
N GLU A 140 -11.38 -7.54 -4.75
CA GLU A 140 -11.80 -7.63 -3.36
C GLU A 140 -13.16 -8.34 -3.25
N SER A 141 -14.06 -8.03 -4.17
CA SER A 141 -15.39 -8.64 -4.16
C SER A 141 -15.31 -10.11 -4.54
N GLN A 142 -14.47 -10.41 -5.53
CA GLN A 142 -14.31 -11.80 -5.99
C GLN A 142 -13.83 -12.69 -4.85
N ALA A 143 -12.90 -12.18 -4.05
CA ALA A 143 -12.36 -12.95 -2.93
C ALA A 143 -13.28 -12.84 -1.72
N TYR A 144 -13.98 -11.72 -1.59
CA TYR A 144 -14.89 -11.51 -0.48
C TYR A 144 -16.09 -12.46 -0.56
N TYR A 145 -16.78 -12.42 -1.69
CA TYR A 145 -17.94 -13.28 -1.90
C TYR A 145 -17.61 -14.74 -1.61
N GLN A 146 -16.50 -15.22 -2.18
CA GLN A 146 -16.07 -16.59 -1.97
C GLN A 146 -14.55 -16.71 -2.08
N ARG A 147 -14.02 -17.86 -1.69
CA ARG A 147 -12.58 -18.11 -1.73
C ARG A 147 -12.09 -18.17 -3.18
N GLY A 148 -10.90 -17.65 -3.42
CA GLY A 148 -10.33 -17.66 -4.76
C GLY A 148 -8.92 -18.22 -4.78
N ALA A 149 -8.52 -18.75 -5.94
CA ALA A 149 -7.19 -19.31 -6.10
C ALA A 149 -6.26 -18.35 -6.85
N SER A 150 -6.67 -17.98 -8.06
CA SER A 150 -5.88 -17.07 -8.88
C SER A 150 -6.28 -15.62 -8.62
#